data_9R6Z
#
_entry.id   9R6Z
#
_cell.length_a   282.072
_cell.length_b   282.072
_cell.length_c   282.072
_cell.angle_alpha   90.00
_cell.angle_beta   90.00
_cell.angle_gamma   90.00
#
_symmetry.space_group_name_H-M   'P 21 3'
#
loop_
_entity.id
_entity.type
_entity.pdbx_description
1 polymer 'F420-reducing [NiFe]-hydrogenase subunit alpha'
2 polymer 'F420-reducing [NiFe]-hydrogenase subunit beta'
3 polymer 'F420-reducing [NiFe]-hydrogenase subunit gamma'
4 non-polymer 'SULFATE ION'
5 non-polymer formyl[bis(hydrocyanato-1kappaC)]ironnickel(Fe-Ni)
6 non-polymer 'FLAVIN-ADENINE DINUCLEOTIDE'
7 non-polymer GLYCEROL
8 non-polymer 'IRON/SULFUR CLUSTER'
9 water water
#
loop_
_entity_poly.entity_id
_entity_poly.type
_entity_poly.pdbx_seq_one_letter_code
_entity_poly.pdbx_strand_id
1 'polypeptide(L)'
;MGKIVEIHPTTRHEGHTKLVLKVDDEGIVEKGAYLSVTPVRGFEKFLVGKPAEFAPIAVSRFCGICPVAHATSAVEAIED
ACDITPPKDGLLLRELCGIGNKMHSHPLHQFLISPDYVPKDDSNEFIKRVQAMRRIGQYIVDAVGGEAIHSPNIKVGGMA
KQITESTKAKMYYKCKEYEKLAKEQLEYLIPIFESRTLNDGTELPEKLGYHDFGYIATHPTYGDRTKIDQDKVVEYTPFD
VYDKDVAIQSSTTVPTYNGRLMEVGPRARFSKFFDFKEKGAMALHIARAYEISVLVKRAMEILDELNVNGKTMSDEPIVG
DGEKLGLGVHEAARGHNTHQAVIDKDGNIVYYNAIVATTWNIPVISKAVEGTHYKFAEHIVRAYDPCISCATHMIIKDYD
DKIIGEKILK
;
A,D,G,J
2 'polypeptide(L)'
;MDPFGKYKTVVSARAADKTILKKCQDGGIVSAAYIYGLENGLLDGVIVADKDDKLQTTPKVATTVDEVLEAAGTKYTVCP
TISVIKSAVREYGCEKLGVVGTPCQIIATRKLMKYPIGFRHVPDKLALIVGIFCMENFPYNGMKTIIEEHCGIKMEDVAK
TDIGKGKFWVYSKWGDVKSIKLKETHPYEQQSCHVCMDYTAELADISTGSVGSPDGWSTVFIRTAQGEEFFNKMVEAGAL
EVKPIEEVKPGLGLVEKLSLTKKEKNAKEIEHRKEIGLPVPY
;
B,E,H,K
3 'polypeptide(L)'
;MVKIAHIHLCGCTGCLISLADTYEQLLDILNSVELVYALTLVDEKTEIRETDDKILIEREIPDDIDIALVEGSVCLEDEH
SMKDVFDARRKSKIVVALGACAATGGITRFCRGGQMSKPVHSSFVPIGDLIKVDLALPGCPPSPEALVNLITAALNGDTE
YLEIYAELAKKTEACGCDLLVNVINKSLCMGCGSCAASCPTRAIEMIDGKPNVLKELCIKCGACSLQCPRIRFPKLIEEI
E
;
C,F,I,L
#
loop_
_chem_comp.id
_chem_comp.type
_chem_comp.name
_chem_comp.formula
FAD non-polymer 'FLAVIN-ADENINE DINUCLEOTIDE' 'C27 H33 N9 O15 P2'
GOL non-polymer GLYCEROL 'C3 H8 O3'
NFU non-polymer formyl[bis(hydrocyanato-1kappaC)]ironnickel(Fe-Ni) 'C3 H Fe N2 Ni O'
SF4 non-polymer 'IRON/SULFUR CLUSTER' 'Fe4 S4'
SO4 non-polymer 'SULFATE ION' 'O4 S -2'
#
# COMPACT_ATOMS: atom_id res chain seq x y z
N GLY A 2 46.49 -63.12 -29.29
CA GLY A 2 46.03 -61.75 -29.15
C GLY A 2 45.74 -61.08 -30.48
N LYS A 3 44.63 -60.36 -30.54
CA LYS A 3 44.19 -59.66 -31.75
C LYS A 3 42.93 -58.88 -31.36
N ILE A 4 42.48 -58.02 -32.27
CA ILE A 4 41.27 -57.23 -32.07
C ILE A 4 40.39 -57.39 -33.30
N VAL A 5 39.11 -57.72 -33.09
CA VAL A 5 38.13 -57.83 -34.14
C VAL A 5 37.07 -56.77 -33.92
N GLU A 6 36.69 -56.07 -34.99
CA GLU A 6 35.69 -55.02 -34.93
C GLU A 6 34.67 -55.26 -36.02
N ILE A 7 33.39 -55.30 -35.66
CA ILE A 7 32.30 -55.55 -36.60
C ILE A 7 31.44 -54.30 -36.60
N HIS A 8 31.59 -53.47 -37.62
CA HIS A 8 30.87 -52.21 -37.66
C HIS A 8 30.40 -51.85 -39.07
N PRO A 9 29.10 -51.64 -39.29
CA PRO A 9 27.97 -51.78 -38.36
C PRO A 9 27.47 -53.22 -38.32
N THR A 10 26.82 -53.57 -37.21
CA THR A 10 26.21 -54.92 -37.12
C THR A 10 24.94 -54.88 -37.93
N THR A 11 24.33 -56.04 -38.19
CA THR A 11 23.22 -56.06 -39.12
C THR A 11 22.00 -56.79 -38.56
N ARG A 12 20.90 -56.64 -39.32
CA ARG A 12 19.62 -57.29 -39.04
C ARG A 12 19.14 -57.04 -37.61
N HIS A 13 19.19 -55.75 -37.25
CA HIS A 13 18.69 -55.25 -35.95
C HIS A 13 18.45 -53.77 -36.22
N GLU A 14 17.59 -53.10 -35.44
CA GLU A 14 17.27 -51.70 -35.62
C GLU A 14 18.43 -50.85 -35.15
N GLY A 15 18.83 -49.90 -35.98
CA GLY A 15 19.78 -48.88 -35.59
C GLY A 15 21.19 -49.13 -36.10
N HIS A 16 22.12 -48.38 -35.52
CA HIS A 16 23.50 -48.44 -35.96
C HIS A 16 24.39 -48.61 -34.75
N THR A 17 25.19 -49.65 -34.74
CA THR A 17 26.04 -49.96 -33.57
C THR A 17 27.41 -50.37 -33.99
N LYS A 18 28.15 -50.95 -33.05
CA LYS A 18 29.51 -51.41 -33.30
C LYS A 18 29.91 -52.45 -32.28
N LEU A 19 30.66 -53.46 -32.73
CA LEU A 19 31.23 -54.48 -31.87
C LEU A 19 32.75 -54.34 -31.87
N VAL A 20 33.34 -54.36 -30.68
CA VAL A 20 34.79 -54.31 -30.51
C VAL A 20 35.15 -55.45 -29.55
N LEU A 21 35.91 -56.41 -30.06
CA LEU A 21 36.19 -57.65 -29.33
C LEU A 21 37.69 -57.89 -29.31
N LYS A 22 38.25 -57.95 -28.10
CA LYS A 22 39.63 -58.42 -27.93
C LYS A 22 39.61 -59.95 -27.93
N VAL A 23 40.25 -60.52 -28.95
CA VAL A 23 40.18 -61.99 -29.10
C VAL A 23 41.56 -62.60 -28.88
N ASP A 24 41.61 -63.91 -28.71
CA ASP A 24 42.86 -64.66 -28.53
C ASP A 24 43.30 -65.25 -29.87
N ASP A 25 44.28 -66.16 -29.83
CA ASP A 25 44.84 -66.70 -31.10
C ASP A 25 43.93 -67.75 -31.73
N GLU A 26 42.79 -68.05 -31.10
CA GLU A 26 41.91 -69.09 -31.59
C GLU A 26 40.57 -68.57 -32.09
N GLY A 27 40.25 -67.30 -31.81
CA GLY A 27 38.97 -66.72 -32.18
C GLY A 27 38.06 -66.45 -31.00
N ILE A 28 38.43 -66.96 -29.83
CA ILE A 28 37.59 -66.79 -28.62
C ILE A 28 37.75 -65.35 -28.11
N VAL A 29 36.63 -64.68 -27.87
CA VAL A 29 36.65 -63.29 -27.35
C VAL A 29 36.93 -63.31 -25.85
N GLU A 30 37.91 -62.52 -25.44
CA GLU A 30 38.21 -62.40 -24.02
C GLU A 30 37.60 -61.17 -23.39
N LYS A 31 37.47 -60.07 -24.13
CA LYS A 31 36.84 -58.84 -23.65
C LYS A 31 35.93 -58.32 -24.75
N GLY A 32 34.65 -58.14 -24.43
CA GLY A 32 33.65 -57.73 -25.40
C GLY A 32 33.18 -56.31 -25.17
N ALA A 33 32.81 -55.63 -26.26
CA ALA A 33 32.30 -54.27 -26.17
C ALA A 33 31.25 -54.08 -27.26
N TYR A 34 30.01 -53.84 -26.87
CA TYR A 34 28.90 -53.59 -27.79
C TYR A 34 28.31 -52.23 -27.43
N LEU A 35 28.34 -51.30 -28.37
CA LEU A 35 27.97 -49.93 -28.06
C LEU A 35 27.27 -49.29 -29.26
N SER A 36 26.31 -48.43 -28.96
CA SER A 36 25.66 -47.64 -29.99
C SER A 36 26.54 -46.47 -30.41
N VAL A 37 26.54 -46.17 -31.70
CA VAL A 37 27.25 -45.03 -32.24
C VAL A 37 26.30 -44.10 -33.01
N THR A 38 25.00 -44.27 -32.76
CA THR A 38 23.97 -43.45 -33.45
C THR A 38 24.01 -42.06 -32.88
N PRO A 39 23.85 -40.99 -33.68
CA PRO A 39 23.80 -39.63 -33.14
C PRO A 39 22.65 -39.47 -32.16
N VAL A 40 22.91 -38.71 -31.10
CA VAL A 40 21.92 -38.47 -30.06
C VAL A 40 21.02 -37.31 -30.48
N ARG A 41 19.73 -37.58 -30.61
CA ARG A 41 18.78 -36.53 -30.95
C ARG A 41 18.36 -35.74 -29.72
N GLY A 42 18.40 -36.35 -28.54
CA GLY A 42 18.15 -35.62 -27.31
C GLY A 42 16.73 -35.14 -27.15
N PHE A 43 15.77 -36.06 -27.24
CA PHE A 43 14.36 -35.68 -27.07
C PHE A 43 14.11 -35.14 -25.67
N GLU A 44 14.72 -35.78 -24.66
CA GLU A 44 14.43 -35.39 -23.25
C GLU A 44 14.79 -33.92 -22.97
N LYS A 45 15.75 -33.37 -23.70
CA LYS A 45 16.19 -32.01 -23.41
C LYS A 45 15.35 -30.96 -24.13
N PHE A 46 14.82 -31.25 -25.32
CA PHE A 46 13.95 -30.28 -25.98
C PHE A 46 12.50 -30.42 -25.57
N LEU A 47 12.15 -31.43 -24.77
CA LEU A 47 10.83 -31.47 -24.18
C LEU A 47 10.69 -30.48 -23.03
N VAL A 48 11.80 -29.98 -22.49
CA VAL A 48 11.74 -29.02 -21.40
C VAL A 48 11.10 -27.74 -21.90
N GLY A 49 10.12 -27.25 -21.15
CA GLY A 49 9.38 -26.06 -21.52
C GLY A 49 8.13 -26.32 -22.32
N LYS A 50 8.06 -27.44 -23.02
CA LYS A 50 6.90 -27.74 -23.84
C LYS A 50 5.75 -28.26 -22.97
N PRO A 51 4.51 -28.09 -23.42
CA PRO A 51 3.38 -28.60 -22.64
C PRO A 51 3.42 -30.11 -22.54
N ALA A 52 2.83 -30.63 -21.46
CA ALA A 52 2.87 -32.07 -21.21
C ALA A 52 2.20 -32.86 -22.32
N GLU A 53 1.21 -32.27 -22.99
CA GLU A 53 0.50 -32.97 -24.04
C GLU A 53 1.38 -33.28 -25.24
N PHE A 54 2.50 -32.57 -25.38
CA PHE A 54 3.43 -32.80 -26.48
C PHE A 54 4.41 -33.93 -26.20
N ALA A 55 4.50 -34.40 -24.96
CA ALA A 55 5.43 -35.48 -24.65
C ALA A 55 5.10 -36.75 -25.42
N PRO A 56 3.92 -37.35 -25.29
CA PRO A 56 3.66 -38.62 -25.98
C PRO A 56 3.70 -38.51 -27.49
N ILE A 57 3.55 -37.31 -28.01
CA ILE A 57 3.63 -37.13 -29.48
C ILE A 57 5.11 -37.08 -29.90
N ALA A 58 5.96 -36.52 -29.04
CA ALA A 58 7.36 -36.40 -29.37
C ALA A 58 8.12 -37.70 -29.12
N VAL A 59 7.98 -38.28 -27.92
CA VAL A 59 8.72 -39.49 -27.60
C VAL A 59 8.27 -40.67 -28.43
N SER A 60 7.10 -40.58 -29.07
CA SER A 60 6.66 -41.68 -29.97
C SER A 60 7.71 -41.86 -31.06
N ARG A 61 8.33 -40.75 -31.46
CA ARG A 61 9.32 -40.77 -32.52
C ARG A 61 10.70 -41.24 -32.04
N PHE A 62 10.80 -41.80 -30.83
CA PHE A 62 12.01 -42.53 -30.47
C PHE A 62 12.28 -43.64 -31.48
N CYS A 63 11.25 -44.44 -31.77
CA CYS A 63 11.38 -45.61 -32.61
C CYS A 63 10.02 -45.93 -33.23
N GLY A 64 10.03 -46.29 -34.52
CA GLY A 64 8.83 -46.61 -35.25
C GLY A 64 8.38 -48.06 -35.18
N ILE A 65 9.25 -48.95 -34.69
CA ILE A 65 8.84 -50.32 -34.42
C ILE A 65 7.93 -50.36 -33.20
N CYS A 66 8.27 -49.62 -32.14
CA CYS A 66 7.58 -49.71 -30.86
C CYS A 66 7.17 -48.33 -30.35
N PRO A 67 6.61 -47.49 -31.20
CA PRO A 67 6.26 -46.14 -30.74
C PRO A 67 5.30 -46.16 -29.57
N VAL A 68 4.45 -47.19 -29.48
CA VAL A 68 3.44 -47.24 -28.42
C VAL A 68 4.11 -47.30 -27.05
N ALA A 69 5.30 -47.89 -26.96
CA ALA A 69 5.91 -48.10 -25.64
C ALA A 69 6.27 -46.77 -24.99
N HIS A 70 6.78 -45.82 -25.76
CA HIS A 70 7.18 -44.54 -25.17
C HIS A 70 6.00 -43.61 -24.94
N ALA A 71 4.97 -43.71 -25.78
CA ALA A 71 3.77 -42.90 -25.55
C ALA A 71 3.09 -43.31 -24.25
N THR A 72 3.02 -44.62 -23.98
CA THR A 72 2.37 -45.07 -22.75
C THR A 72 3.20 -44.74 -21.53
N SER A 73 4.52 -44.93 -21.61
CA SER A 73 5.37 -44.59 -20.48
C SER A 73 5.34 -43.09 -20.19
N ALA A 74 5.31 -42.28 -21.26
CA ALA A 74 5.26 -40.83 -21.07
C ALA A 74 3.98 -40.42 -20.35
N VAL A 75 2.83 -40.97 -20.76
CA VAL A 75 1.57 -40.55 -20.16
C VAL A 75 1.41 -41.14 -18.77
N GLU A 76 1.99 -42.33 -18.52
CA GLU A 76 1.95 -42.89 -17.17
C GLU A 76 2.80 -42.05 -16.22
N ALA A 77 3.91 -41.51 -16.71
CA ALA A 77 4.78 -40.68 -15.88
C ALA A 77 4.14 -39.32 -15.59
N ILE A 78 3.55 -38.69 -16.60
CA ILE A 78 2.90 -37.41 -16.40
C ILE A 78 1.68 -37.57 -15.51
N GLU A 79 0.92 -38.65 -15.71
CA GLU A 79 -0.21 -38.92 -14.82
C GLU A 79 0.25 -39.11 -13.39
N ASP A 80 1.39 -39.77 -13.20
CA ASP A 80 1.90 -40.00 -11.85
C ASP A 80 2.33 -38.68 -11.20
N ALA A 81 2.88 -37.76 -11.99
CA ALA A 81 3.32 -36.48 -11.45
C ALA A 81 2.16 -35.57 -11.08
N CYS A 82 1.01 -35.75 -11.72
CA CYS A 82 -0.14 -34.87 -11.53
C CYS A 82 -1.29 -35.53 -10.79
N ASP A 83 -1.11 -36.75 -10.30
CA ASP A 83 -2.16 -37.51 -9.62
C ASP A 83 -3.41 -37.61 -10.50
N ILE A 84 -3.22 -38.17 -11.68
CA ILE A 84 -4.31 -38.41 -12.62
C ILE A 84 -4.54 -39.91 -12.69
N THR A 85 -5.81 -40.31 -12.68
CA THR A 85 -6.20 -41.72 -12.72
C THR A 85 -7.00 -41.98 -13.98
N PRO A 86 -6.48 -42.72 -14.97
CA PRO A 86 -7.27 -43.00 -16.16
C PRO A 86 -8.40 -43.95 -15.84
N PRO A 87 -9.52 -43.88 -16.56
CA PRO A 87 -10.66 -44.74 -16.24
C PRO A 87 -10.38 -46.21 -16.53
N LYS A 88 -11.28 -47.06 -16.02
CA LYS A 88 -11.15 -48.51 -16.16
C LYS A 88 -10.98 -48.93 -17.61
N ASP A 89 -11.85 -48.43 -18.50
CA ASP A 89 -11.86 -48.88 -19.89
C ASP A 89 -10.81 -48.18 -20.72
N GLY A 90 -10.38 -46.98 -20.33
CA GLY A 90 -9.24 -46.36 -20.99
C GLY A 90 -7.95 -47.09 -20.69
N LEU A 91 -7.80 -47.60 -19.47
CA LEU A 91 -6.57 -48.36 -19.14
C LEU A 91 -6.61 -49.70 -19.88
N LEU A 92 -7.79 -50.31 -19.98
CA LEU A 92 -7.86 -51.56 -20.74
C LEU A 92 -7.47 -51.34 -22.19
N LEU A 93 -7.92 -50.22 -22.79
CA LEU A 93 -7.56 -49.93 -24.17
C LEU A 93 -6.08 -49.63 -24.31
N ARG A 94 -5.49 -48.98 -23.31
CA ARG A 94 -4.07 -48.65 -23.40
C ARG A 94 -3.21 -49.91 -23.30
N GLU A 95 -3.63 -50.87 -22.47
CA GLU A 95 -2.91 -52.15 -22.42
C GLU A 95 -3.10 -52.92 -23.72
N LEU A 96 -4.32 -52.90 -24.27
CA LEU A 96 -4.58 -53.57 -25.53
C LEU A 96 -3.75 -52.97 -26.66
N CYS A 97 -3.47 -51.66 -26.58
CA CYS A 97 -2.67 -51.02 -27.62
C CYS A 97 -1.21 -51.43 -27.52
N GLY A 98 -0.66 -51.44 -26.31
CA GLY A 98 0.71 -51.87 -26.13
C GLY A 98 0.91 -53.34 -26.48
N ILE A 99 -0.11 -54.16 -26.28
CA ILE A 99 -0.02 -55.56 -26.69
C ILE A 99 0.02 -55.66 -28.20
N GLY A 100 -0.98 -55.07 -28.87
CA GLY A 100 -1.01 -55.10 -30.33
C GLY A 100 0.33 -54.73 -30.95
N ASN A 101 1.04 -53.79 -30.32
CA ASN A 101 2.35 -53.39 -30.84
C ASN A 101 3.36 -54.52 -30.70
N LYS A 102 3.39 -55.18 -29.53
CA LYS A 102 4.27 -56.32 -29.35
C LYS A 102 3.87 -57.48 -30.26
N MET A 103 2.59 -57.56 -30.60
CA MET A 103 2.11 -58.63 -31.47
C MET A 103 2.65 -58.50 -32.88
N HIS A 104 3.26 -57.36 -33.17
CA HIS A 104 3.87 -57.12 -34.51
C HIS A 104 5.40 -57.15 -34.38
N SER A 105 5.93 -56.72 -33.24
CA SER A 105 7.38 -56.65 -33.09
C SER A 105 8.00 -58.04 -32.99
N HIS A 106 7.45 -58.90 -32.14
CA HIS A 106 8.03 -60.23 -31.96
C HIS A 106 8.04 -61.03 -33.26
N PRO A 107 6.97 -61.09 -34.04
CA PRO A 107 7.09 -61.73 -35.36
C PRO A 107 8.06 -61.02 -36.27
N LEU A 108 8.14 -59.69 -36.17
CA LEU A 108 9.10 -58.95 -37.00
C LEU A 108 10.52 -59.37 -36.70
N HIS A 109 10.86 -59.56 -35.42
CA HIS A 109 12.23 -59.93 -35.08
C HIS A 109 12.55 -61.33 -35.55
N GLN A 110 11.57 -62.25 -35.48
CA GLN A 110 11.77 -63.59 -36.01
C GLN A 110 11.99 -63.55 -37.52
N PHE A 111 11.47 -62.53 -38.19
CA PHE A 111 11.76 -62.34 -39.61
C PHE A 111 13.14 -61.76 -39.85
N LEU A 112 13.68 -61.03 -38.86
CA LEU A 112 15.02 -60.40 -39.00
C LEU A 112 16.10 -61.48 -38.79
N ILE A 113 15.85 -62.44 -37.89
CA ILE A 113 16.83 -63.49 -37.62
C ILE A 113 16.63 -64.70 -38.54
N SER A 114 15.59 -64.69 -39.37
CA SER A 114 15.27 -65.88 -40.14
C SER A 114 16.38 -66.32 -41.10
N PRO A 115 17.21 -65.43 -41.66
CA PRO A 115 18.28 -65.92 -42.55
C PRO A 115 19.27 -66.86 -41.87
N ASP A 116 19.37 -66.85 -40.54
CA ASP A 116 20.30 -67.74 -39.85
C ASP A 116 19.68 -69.08 -39.47
N TYR A 117 18.37 -69.12 -39.20
CA TYR A 117 17.75 -70.29 -38.62
C TYR A 117 16.75 -70.99 -39.53
N VAL A 118 16.05 -70.27 -40.39
CA VAL A 118 15.00 -70.86 -41.23
C VAL A 118 15.60 -71.29 -42.56
N PRO A 119 15.41 -72.54 -42.98
CA PRO A 119 15.98 -72.98 -44.25
C PRO A 119 15.40 -72.21 -45.43
N LYS A 120 16.12 -72.26 -46.55
CA LYS A 120 15.72 -71.49 -47.72
C LYS A 120 14.38 -71.97 -48.28
N ASP A 121 14.17 -73.29 -48.28
CA ASP A 121 12.94 -73.85 -48.85
C ASP A 121 11.72 -73.45 -48.06
N ASP A 122 11.87 -73.07 -46.80
CA ASP A 122 10.76 -72.65 -45.95
C ASP A 122 10.69 -71.14 -45.76
N SER A 123 11.61 -70.38 -46.36
CA SER A 123 11.67 -68.96 -46.11
C SER A 123 10.41 -68.25 -46.59
N ASN A 124 9.86 -68.67 -47.74
CA ASN A 124 8.71 -67.96 -48.29
C ASN A 124 7.47 -68.13 -47.41
N GLU A 125 7.15 -69.37 -47.03
CA GLU A 125 5.99 -69.58 -46.17
C GLU A 125 6.21 -68.97 -44.79
N PHE A 126 7.47 -68.88 -44.36
CA PHE A 126 7.78 -68.32 -43.06
C PHE A 126 7.46 -66.83 -43.01
N ILE A 127 7.97 -66.08 -44.01
CA ILE A 127 7.72 -64.64 -44.04
C ILE A 127 6.24 -64.36 -44.28
N LYS A 128 5.58 -65.19 -45.08
CA LYS A 128 4.16 -64.99 -45.32
C LYS A 128 3.36 -65.05 -44.02
N ARG A 129 3.74 -65.97 -43.13
CA ARG A 129 3.06 -66.05 -41.83
C ARG A 129 3.40 -64.86 -40.96
N VAL A 130 4.69 -64.52 -40.86
CA VAL A 130 5.10 -63.36 -40.07
C VAL A 130 4.34 -62.12 -40.52
N GLN A 131 4.10 -62.00 -41.81
CA GLN A 131 3.42 -60.81 -42.31
C GLN A 131 1.93 -60.87 -42.00
N ALA A 132 1.36 -62.06 -42.00
CA ALA A 132 -0.05 -62.19 -41.66
C ALA A 132 -0.29 -61.92 -40.18
N MET A 133 0.68 -62.26 -39.33
CA MET A 133 0.55 -61.98 -37.90
C MET A 133 0.76 -60.50 -37.62
N ARG A 134 1.77 -59.88 -38.26
CA ARG A 134 1.99 -58.46 -38.08
C ARG A 134 0.81 -57.65 -38.60
N ARG A 135 0.11 -58.14 -39.62
CA ARG A 135 -1.06 -57.41 -40.12
C ARG A 135 -2.13 -57.31 -39.05
N ILE A 136 -2.33 -58.38 -38.28
CA ILE A 136 -3.30 -58.36 -37.19
C ILE A 136 -2.83 -57.42 -36.08
N GLY A 137 -1.57 -57.56 -35.67
CA GLY A 137 -1.07 -56.72 -34.60
C GLY A 137 -1.18 -55.25 -34.92
N GLN A 138 -0.82 -54.88 -36.15
CA GLN A 138 -0.87 -53.45 -36.55
C GLN A 138 -2.33 -52.99 -36.66
N TYR A 139 -3.23 -53.89 -37.06
CA TYR A 139 -4.64 -53.52 -37.10
C TYR A 139 -5.15 -53.12 -35.72
N ILE A 140 -4.57 -53.68 -34.66
CA ILE A 140 -5.02 -53.38 -33.31
C ILE A 140 -4.52 -52.01 -32.87
N VAL A 141 -3.25 -51.70 -33.12
CA VAL A 141 -2.75 -50.39 -32.72
C VAL A 141 -3.41 -49.30 -33.55
N ASP A 142 -3.84 -49.62 -34.77
CA ASP A 142 -4.55 -48.65 -35.59
C ASP A 142 -5.96 -48.42 -35.06
N ALA A 143 -6.65 -49.49 -34.67
CA ALA A 143 -8.03 -49.37 -34.23
C ALA A 143 -8.13 -48.65 -32.89
N VAL A 144 -7.19 -48.95 -31.99
CA VAL A 144 -7.23 -48.38 -30.63
C VAL A 144 -6.41 -47.09 -30.56
N GLY A 145 -5.18 -47.12 -31.09
CA GLY A 145 -4.31 -45.97 -30.99
C GLY A 145 -4.56 -44.88 -32.00
N GLY A 146 -5.30 -45.18 -33.07
CA GLY A 146 -5.61 -44.19 -34.08
C GLY A 146 -4.64 -44.13 -35.25
N GLU A 147 -3.42 -44.65 -35.08
CA GLU A 147 -2.46 -44.78 -36.17
C GLU A 147 -1.61 -46.02 -35.88
N ALA A 148 -1.16 -46.68 -36.94
CA ALA A 148 -0.35 -47.89 -36.73
C ALA A 148 1.04 -47.54 -36.23
N ILE A 149 1.67 -46.58 -36.90
CA ILE A 149 3.01 -46.08 -36.46
C ILE A 149 2.78 -44.71 -35.84
N HIS A 150 3.07 -44.56 -34.55
CA HIS A 150 2.87 -43.32 -33.80
C HIS A 150 1.38 -43.08 -33.57
N SER A 151 0.86 -43.58 -32.45
CA SER A 151 -0.57 -43.53 -32.17
C SER A 151 -0.91 -42.24 -31.43
N PRO A 152 -1.72 -41.35 -32.01
CA PRO A 152 -2.04 -40.09 -31.31
C PRO A 152 -3.06 -40.23 -30.20
N ASN A 153 -3.82 -41.33 -30.15
CA ASN A 153 -4.85 -41.47 -29.14
C ASN A 153 -4.28 -41.73 -27.75
N ILE A 154 -3.02 -42.14 -27.64
CA ILE A 154 -2.42 -42.35 -26.33
C ILE A 154 -2.15 -40.99 -25.70
N LYS A 155 -2.97 -40.61 -24.73
CA LYS A 155 -2.92 -39.26 -24.16
C LYS A 155 -2.88 -39.31 -22.64
N VAL A 156 -2.39 -38.21 -22.07
CA VAL A 156 -2.43 -38.03 -20.62
C VAL A 156 -3.88 -38.03 -20.16
N GLY A 157 -4.25 -39.00 -19.33
CA GLY A 157 -5.60 -39.15 -18.83
C GLY A 157 -6.27 -40.45 -19.24
N GLY A 158 -5.77 -41.11 -20.27
CA GLY A 158 -6.34 -42.36 -20.72
C GLY A 158 -6.10 -42.64 -22.19
N MET A 159 -7.16 -42.95 -22.92
CA MET A 159 -7.12 -43.13 -24.36
C MET A 159 -8.19 -42.25 -24.99
N ALA A 160 -7.85 -41.62 -26.12
CA ALA A 160 -8.68 -40.55 -26.65
C ALA A 160 -10.05 -41.05 -27.10
N LYS A 161 -10.08 -42.17 -27.81
CA LYS A 161 -11.34 -42.64 -28.38
C LYS A 161 -11.78 -44.03 -27.96
N GLN A 162 -13.06 -44.34 -28.13
CA GLN A 162 -13.56 -45.68 -27.83
C GLN A 162 -13.69 -46.44 -29.13
N ILE A 163 -13.87 -47.75 -29.04
CA ILE A 163 -14.10 -48.55 -30.23
C ILE A 163 -15.54 -49.03 -30.22
N THR A 164 -16.04 -49.51 -31.35
CA THR A 164 -17.42 -49.94 -31.44
C THR A 164 -17.53 -51.43 -31.09
N GLU A 165 -18.77 -51.87 -30.84
CA GLU A 165 -18.99 -53.30 -30.64
C GLU A 165 -18.53 -54.10 -31.85
N SER A 166 -18.72 -53.54 -33.05
CA SER A 166 -18.26 -54.20 -34.26
C SER A 166 -16.74 -54.28 -34.29
N THR A 167 -16.05 -53.19 -33.95
CA THR A 167 -14.58 -53.23 -33.89
C THR A 167 -14.12 -54.26 -32.86
N LYS A 168 -14.83 -54.37 -31.74
CA LYS A 168 -14.45 -55.32 -30.70
C LYS A 168 -14.58 -56.74 -31.19
N ALA A 169 -15.65 -57.05 -31.93
CA ALA A 169 -15.86 -58.40 -32.44
C ALA A 169 -14.84 -58.76 -33.50
N LYS A 170 -14.61 -57.85 -34.45
CA LYS A 170 -13.64 -58.12 -35.50
C LYS A 170 -12.24 -58.29 -34.94
N MET A 171 -11.92 -57.56 -33.88
CA MET A 171 -10.62 -57.73 -33.22
C MET A 171 -10.53 -59.11 -32.57
N TYR A 172 -11.59 -59.53 -31.88
CA TYR A 172 -11.53 -60.80 -31.16
C TYR A 172 -11.24 -61.96 -32.10
N TYR A 173 -11.94 -62.00 -33.24
CA TYR A 173 -11.76 -63.11 -34.17
C TYR A 173 -10.47 -62.98 -34.98
N LYS A 174 -9.94 -61.78 -35.14
CA LYS A 174 -8.59 -61.65 -35.69
C LYS A 174 -7.54 -62.15 -34.70
N CYS A 175 -7.80 -61.97 -33.39
CA CYS A 175 -6.89 -62.55 -32.40
C CYS A 175 -6.95 -64.07 -32.41
N LYS A 176 -8.11 -64.65 -32.71
CA LYS A 176 -8.21 -66.10 -32.81
C LYS A 176 -7.46 -66.63 -34.03
N GLU A 177 -7.38 -65.83 -35.10
CA GLU A 177 -6.51 -66.19 -36.22
C GLU A 177 -5.05 -66.06 -35.83
N TYR A 178 -4.69 -64.94 -35.19
CA TYR A 178 -3.32 -64.73 -34.73
C TYR A 178 -2.88 -65.80 -33.75
N GLU A 179 -3.81 -66.34 -32.96
CA GLU A 179 -3.46 -67.40 -32.03
C GLU A 179 -3.16 -68.69 -32.77
N LYS A 180 -3.96 -69.02 -33.78
CA LYS A 180 -3.70 -70.23 -34.58
C LYS A 180 -2.36 -70.12 -35.30
N LEU A 181 -2.07 -68.96 -35.88
CA LEU A 181 -0.81 -68.77 -36.59
C LEU A 181 0.37 -68.81 -35.62
N ALA A 182 0.20 -68.22 -34.43
CA ALA A 182 1.30 -68.22 -33.47
C ALA A 182 1.63 -69.63 -32.99
N LYS A 183 0.64 -70.51 -32.94
CA LYS A 183 0.90 -71.91 -32.58
C LYS A 183 1.75 -72.59 -33.65
N GLU A 184 1.40 -72.39 -34.93
CA GLU A 184 2.22 -72.94 -36.01
C GLU A 184 3.65 -72.43 -35.92
N GLN A 185 3.80 -71.10 -35.82
CA GLN A 185 5.12 -70.50 -35.70
C GLN A 185 5.89 -71.08 -34.53
N LEU A 186 5.20 -71.30 -33.39
CA LEU A 186 5.87 -71.81 -32.20
C LEU A 186 6.40 -73.22 -32.43
N GLU A 187 5.50 -74.15 -32.79
CA GLU A 187 5.90 -75.52 -33.03
C GLU A 187 6.84 -75.65 -34.23
N TYR A 188 7.15 -74.52 -34.86
CA TYR A 188 8.12 -74.54 -36.00
C TYR A 188 9.48 -74.03 -35.52
N LEU A 189 9.51 -72.96 -34.73
CA LEU A 189 10.81 -72.35 -34.35
C LEU A 189 11.43 -73.04 -33.12
N ILE A 190 10.61 -73.48 -32.16
CA ILE A 190 11.16 -74.05 -30.93
C ILE A 190 12.10 -75.22 -31.21
N PRO A 191 11.75 -76.21 -32.04
CA PRO A 191 12.71 -77.29 -32.30
C PRO A 191 14.00 -76.81 -32.94
N ILE A 192 13.91 -75.76 -33.76
CA ILE A 192 15.14 -75.20 -34.40
C ILE A 192 16.00 -74.57 -33.30
N PHE A 193 15.37 -73.89 -32.33
CA PHE A 193 16.11 -73.21 -31.28
C PHE A 193 16.75 -74.21 -30.32
N GLU A 194 16.02 -75.28 -30.00
CA GLU A 194 16.57 -76.29 -29.09
C GLU A 194 17.66 -77.12 -29.75
N SER A 195 17.66 -77.21 -31.09
CA SER A 195 18.68 -77.96 -31.80
C SER A 195 20.01 -77.23 -31.83
N ARG A 196 20.06 -75.97 -31.39
CA ARG A 196 21.29 -75.19 -31.25
C ARG A 196 22.05 -75.03 -32.57
N THR A 197 21.48 -75.46 -33.70
CA THR A 197 22.16 -75.43 -34.98
C THR A 197 21.54 -74.40 -35.91
N LEU A 198 22.38 -73.83 -36.78
CA LEU A 198 21.92 -72.89 -37.77
C LEU A 198 21.44 -73.64 -39.01
N ASN A 199 20.94 -72.90 -40.00
CA ASN A 199 20.44 -73.52 -41.21
C ASN A 199 21.55 -73.95 -42.17
N ASP A 200 22.78 -73.48 -41.96
CA ASP A 200 23.93 -73.94 -42.74
C ASP A 200 24.64 -75.12 -42.07
N GLY A 201 24.22 -75.52 -40.87
CA GLY A 201 24.70 -76.73 -40.24
C GLY A 201 25.58 -76.53 -39.02
N THR A 202 26.17 -75.35 -38.87
CA THR A 202 27.12 -75.14 -37.77
C THR A 202 26.40 -75.15 -36.43
N GLU A 203 26.94 -75.91 -35.48
CA GLU A 203 26.35 -76.07 -34.16
C GLU A 203 26.93 -75.01 -33.22
N LEU A 204 26.03 -74.21 -32.63
CA LEU A 204 26.46 -73.18 -31.71
C LEU A 204 26.91 -73.78 -30.38
N PRO A 205 27.78 -73.09 -29.63
CA PRO A 205 28.23 -73.63 -28.35
C PRO A 205 27.10 -73.75 -27.34
N GLU A 206 27.31 -74.62 -26.35
CA GLU A 206 26.28 -74.89 -25.36
C GLU A 206 26.04 -73.69 -24.45
N LYS A 207 27.11 -72.99 -24.07
CA LYS A 207 27.02 -71.85 -23.17
C LYS A 207 27.15 -70.53 -23.94
N LEU A 208 26.56 -70.49 -25.14
CA LEU A 208 26.57 -69.28 -25.95
C LEU A 208 25.60 -68.26 -25.36
N GLY A 209 26.13 -67.11 -24.97
CA GLY A 209 25.30 -66.04 -24.44
C GLY A 209 25.17 -65.99 -22.94
N TYR A 210 25.92 -66.82 -22.22
CA TYR A 210 25.82 -66.83 -20.77
C TYR A 210 26.39 -65.55 -20.17
N HIS A 211 25.68 -65.00 -19.19
CA HIS A 211 26.14 -63.86 -18.41
C HIS A 211 25.64 -64.02 -16.98
N ASP A 212 26.21 -63.23 -16.08
CA ASP A 212 25.95 -63.35 -14.65
C ASP A 212 25.16 -62.16 -14.11
N PHE A 213 24.16 -61.70 -14.86
CA PHE A 213 23.40 -60.51 -14.51
C PHE A 213 21.93 -60.87 -14.33
N GLY A 214 21.24 -60.11 -13.48
CA GLY A 214 19.86 -60.38 -13.15
C GLY A 214 18.90 -59.84 -14.18
N TYR A 215 17.62 -59.77 -13.79
CA TYR A 215 16.56 -59.35 -14.69
C TYR A 215 15.69 -58.29 -14.03
N ILE A 216 15.06 -57.45 -14.88
CA ILE A 216 14.07 -56.48 -14.43
C ILE A 216 12.82 -56.68 -15.27
N ALA A 217 11.70 -56.93 -14.60
CA ALA A 217 10.41 -57.07 -15.28
C ALA A 217 9.33 -56.74 -14.28
N THR A 218 8.49 -55.76 -14.62
CA THR A 218 7.49 -55.21 -13.71
C THR A 218 6.10 -55.79 -13.92
N HIS A 219 5.79 -56.30 -15.11
CA HIS A 219 4.48 -56.87 -15.42
C HIS A 219 4.66 -57.82 -16.59
N PRO A 220 3.84 -58.89 -16.76
CA PRO A 220 3.95 -59.72 -17.94
C PRO A 220 3.37 -59.15 -19.24
N THR A 221 2.56 -58.08 -19.18
CA THR A 221 1.89 -57.58 -20.41
C THR A 221 1.82 -56.07 -20.43
N TYR A 222 1.87 -55.40 -19.28
CA TYR A 222 1.72 -53.92 -19.26
C TYR A 222 2.82 -53.30 -18.42
N GLY A 223 2.52 -52.92 -17.18
CA GLY A 223 3.51 -52.27 -16.35
C GLY A 223 2.96 -52.03 -14.96
N ASP A 224 3.87 -51.87 -14.00
CA ASP A 224 3.47 -51.69 -12.60
C ASP A 224 4.57 -50.95 -11.87
N ARG A 225 4.43 -49.62 -11.77
CA ARG A 225 5.47 -48.80 -11.16
C ARG A 225 5.77 -49.18 -9.72
N THR A 226 4.89 -49.90 -9.04
CA THR A 226 5.13 -50.24 -7.64
C THR A 226 6.09 -51.43 -7.49
N LYS A 227 6.39 -52.15 -8.57
CA LYS A 227 7.29 -53.30 -8.50
C LYS A 227 8.75 -52.90 -8.64
N ILE A 228 9.07 -51.61 -8.56
CA ILE A 228 10.44 -51.12 -8.70
C ILE A 228 10.60 -49.87 -7.86
N ASP A 229 11.82 -49.66 -7.37
CA ASP A 229 12.19 -48.45 -6.62
C ASP A 229 13.22 -47.71 -7.45
N GLN A 230 12.78 -46.65 -8.11
CA GLN A 230 13.67 -45.88 -8.98
C GLN A 230 14.89 -45.35 -8.25
N ASP A 231 14.73 -45.02 -6.97
CA ASP A 231 15.87 -44.53 -6.21
C ASP A 231 17.06 -45.48 -6.34
N LYS A 232 16.79 -46.76 -6.60
CA LYS A 232 17.83 -47.78 -6.79
C LYS A 232 18.28 -47.92 -8.23
N VAL A 233 17.69 -47.16 -9.15
CA VAL A 233 18.16 -47.10 -10.53
C VAL A 233 19.17 -45.97 -10.65
N VAL A 234 20.35 -46.26 -11.19
CA VAL A 234 21.43 -45.30 -11.32
C VAL A 234 22.05 -45.44 -12.70
N GLU A 235 22.12 -44.35 -13.44
CA GLU A 235 22.76 -44.34 -14.76
C GLU A 235 24.20 -43.89 -14.60
N TYR A 236 25.14 -44.75 -15.00
CA TYR A 236 26.56 -44.44 -14.99
C TYR A 236 27.04 -44.12 -16.40
N THR A 237 28.30 -43.67 -16.50
CA THR A 237 28.87 -43.28 -17.78
C THR A 237 29.45 -44.49 -18.51
N PRO A 238 29.66 -44.38 -19.82
CA PRO A 238 30.29 -45.49 -20.55
C PRO A 238 31.69 -45.80 -20.05
N PHE A 239 32.33 -44.90 -19.31
CA PHE A 239 33.64 -45.18 -18.74
C PHE A 239 33.59 -46.24 -17.65
N ASP A 240 32.40 -46.60 -17.17
CA ASP A 240 32.25 -47.62 -16.15
C ASP A 240 32.22 -49.04 -16.72
N VAL A 241 32.10 -49.19 -18.03
CA VAL A 241 32.05 -50.53 -18.63
C VAL A 241 33.00 -50.69 -19.80
N TYR A 242 33.48 -49.62 -20.44
CA TYR A 242 34.39 -49.73 -21.58
C TYR A 242 35.73 -49.11 -21.24
N ASP A 243 36.75 -49.50 -22.01
CA ASP A 243 38.03 -48.81 -21.95
C ASP A 243 37.87 -47.39 -22.47
N LYS A 244 38.84 -46.54 -22.17
CA LYS A 244 38.70 -45.12 -22.47
C LYS A 244 38.44 -44.88 -23.97
N ASP A 245 39.29 -45.45 -24.82
CA ASP A 245 39.19 -45.18 -26.29
C ASP A 245 37.81 -45.57 -26.84
N VAL A 246 37.20 -46.61 -26.28
CA VAL A 246 35.90 -47.11 -26.83
C VAL A 246 34.74 -46.39 -26.12
N ALA A 247 34.92 -46.07 -24.83
CA ALA A 247 33.83 -45.47 -24.07
C ALA A 247 33.40 -44.14 -24.66
N ILE A 248 34.34 -43.40 -25.25
CA ILE A 248 34.03 -42.05 -25.81
C ILE A 248 33.15 -42.22 -27.07
N GLN A 249 33.04 -43.44 -27.59
CA GLN A 249 32.19 -43.67 -28.75
C GLN A 249 30.75 -44.00 -28.38
N SER A 250 30.48 -44.37 -27.15
CA SER A 250 29.14 -44.77 -26.77
C SER A 250 28.20 -43.57 -26.74
N SER A 251 26.98 -43.77 -27.25
CA SER A 251 25.95 -42.73 -27.28
C SER A 251 24.91 -42.90 -26.18
N THR A 252 25.00 -43.97 -25.39
CA THR A 252 24.01 -44.29 -24.37
C THR A 252 24.65 -44.23 -22.99
N THR A 253 23.80 -44.23 -21.97
CA THR A 253 24.23 -44.34 -20.59
C THR A 253 24.22 -45.81 -20.17
N VAL A 254 24.67 -46.08 -18.95
CA VAL A 254 24.75 -47.49 -18.47
C VAL A 254 23.84 -47.64 -17.25
N PRO A 255 22.57 -48.08 -17.41
CA PRO A 255 21.63 -48.19 -16.30
C PRO A 255 21.94 -49.36 -15.40
N THR A 256 21.76 -49.16 -14.09
CA THR A 256 22.00 -50.20 -13.11
C THR A 256 20.86 -50.20 -12.09
N TYR A 257 20.64 -51.35 -11.47
CA TYR A 257 19.68 -51.48 -10.40
C TYR A 257 20.38 -52.12 -9.21
N ASN A 258 20.28 -51.47 -8.04
CA ASN A 258 20.99 -51.91 -6.85
C ASN A 258 22.49 -52.04 -7.12
N GLY A 259 23.00 -51.24 -8.07
CA GLY A 259 24.42 -51.21 -8.35
C GLY A 259 24.93 -52.22 -9.35
N ARG A 260 24.03 -52.92 -10.06
CA ARG A 260 24.44 -53.94 -11.02
C ARG A 260 23.72 -53.75 -12.35
N LEU A 261 24.31 -54.33 -13.39
CA LEU A 261 23.68 -54.38 -14.69
C LEU A 261 22.52 -55.36 -14.65
N MET A 262 21.51 -55.10 -15.50
CA MET A 262 20.30 -55.96 -15.46
C MET A 262 19.72 -56.18 -16.87
N GLU A 263 19.54 -57.44 -17.26
CA GLU A 263 18.93 -57.79 -18.53
C GLU A 263 17.44 -57.49 -18.48
N VAL A 264 16.91 -57.11 -19.65
CA VAL A 264 15.46 -56.78 -19.75
C VAL A 264 14.93 -57.38 -21.06
N GLY A 265 13.65 -57.73 -21.08
CA GLY A 265 13.01 -58.28 -22.25
C GLY A 265 12.18 -59.53 -21.96
N PRO A 266 11.89 -60.30 -23.01
CA PRO A 266 11.04 -61.49 -22.81
C PRO A 266 11.58 -62.47 -21.78
N ARG A 267 12.88 -62.77 -21.81
CA ARG A 267 13.41 -63.70 -20.83
C ARG A 267 13.31 -63.13 -19.42
N ALA A 268 13.51 -61.81 -19.28
CA ALA A 268 13.36 -61.19 -17.97
C ALA A 268 11.94 -61.36 -17.44
N ARG A 269 10.94 -61.24 -18.33
CA ARG A 269 9.55 -61.38 -17.89
C ARG A 269 9.23 -62.83 -17.54
N PHE A 270 9.53 -63.75 -18.46
CA PHE A 270 9.28 -65.17 -18.19
C PHE A 270 10.02 -65.66 -16.96
N SER A 271 11.09 -64.97 -16.58
CA SER A 271 11.76 -65.26 -15.32
C SER A 271 10.90 -64.84 -14.14
N LYS A 272 10.52 -63.55 -14.09
CA LYS A 272 9.82 -63.02 -12.93
C LYS A 272 8.42 -63.60 -12.75
N PHE A 273 7.82 -64.19 -13.78
CA PHE A 273 6.42 -64.58 -13.69
C PHE A 273 6.17 -66.05 -14.02
N PHE A 274 6.95 -66.63 -14.92
CA PHE A 274 6.75 -68.02 -15.34
C PHE A 274 7.91 -68.93 -14.94
N ASP A 275 8.80 -68.46 -14.06
CA ASP A 275 9.88 -69.29 -13.50
C ASP A 275 10.74 -69.90 -14.61
N PHE A 276 11.05 -69.10 -15.62
CA PHE A 276 11.89 -69.50 -16.74
C PHE A 276 13.31 -69.02 -16.45
N LYS A 277 14.20 -69.94 -16.08
CA LYS A 277 15.51 -69.59 -15.56
C LYS A 277 16.66 -70.02 -16.46
N GLU A 278 16.40 -70.28 -17.74
CA GLU A 278 17.43 -70.78 -18.64
C GLU A 278 18.30 -69.64 -19.14
N LYS A 279 19.62 -69.83 -19.08
CA LYS A 279 20.58 -68.84 -19.55
C LYS A 279 20.94 -69.10 -21.01
N GLY A 280 21.50 -68.09 -21.64
CA GLY A 280 22.02 -68.20 -22.99
C GLY A 280 21.17 -67.43 -24.00
N ALA A 281 21.67 -67.41 -25.24
CA ALA A 281 21.02 -66.68 -26.31
C ALA A 281 19.85 -67.44 -26.90
N MET A 282 19.97 -68.78 -27.00
CA MET A 282 18.87 -69.56 -27.55
C MET A 282 17.65 -69.52 -26.64
N ALA A 283 17.87 -69.52 -25.32
CA ALA A 283 16.74 -69.40 -24.39
C ALA A 283 16.06 -68.05 -24.51
N LEU A 284 16.83 -67.00 -24.80
CA LEU A 284 16.24 -65.66 -24.99
C LEU A 284 15.25 -65.75 -26.17
N HIS A 285 15.67 -66.33 -27.29
CA HIS A 285 14.76 -66.49 -28.42
C HIS A 285 13.54 -67.31 -28.02
N ILE A 286 13.74 -68.36 -27.23
CA ILE A 286 12.64 -69.25 -26.85
C ILE A 286 11.60 -68.50 -26.04
N ALA A 287 12.05 -67.67 -25.11
CA ALA A 287 11.11 -66.91 -24.28
C ALA A 287 10.32 -65.92 -25.13
N ARG A 288 10.96 -65.33 -26.14
CA ARG A 288 10.25 -64.39 -27.00
C ARG A 288 9.17 -65.08 -27.81
N ALA A 289 9.36 -66.36 -28.15
CA ALA A 289 8.34 -67.08 -28.91
C ALA A 289 7.21 -67.57 -28.02
N TYR A 290 7.55 -68.01 -26.81
CA TYR A 290 6.51 -68.45 -25.84
C TYR A 290 5.65 -67.25 -25.45
N GLU A 291 6.18 -66.04 -25.59
CA GLU A 291 5.44 -64.86 -25.18
C GLU A 291 4.36 -64.48 -26.18
N ILE A 292 4.56 -64.86 -27.45
CA ILE A 292 3.57 -64.48 -28.50
C ILE A 292 2.21 -65.12 -28.14
N SER A 293 2.22 -66.27 -27.43
CA SER A 293 0.98 -66.89 -26.99
C SER A 293 0.32 -66.04 -25.90
N VAL A 294 1.09 -65.64 -24.89
CA VAL A 294 0.49 -64.95 -23.75
C VAL A 294 -0.08 -63.60 -24.19
N LEU A 295 0.56 -62.97 -25.17
CA LEU A 295 0.12 -61.64 -25.60
C LEU A 295 -1.27 -61.71 -26.23
N VAL A 296 -1.50 -62.66 -27.14
CA VAL A 296 -2.79 -62.73 -27.80
C VAL A 296 -3.86 -63.26 -26.85
N LYS A 297 -3.49 -64.14 -25.93
CA LYS A 297 -4.45 -64.59 -24.93
C LYS A 297 -4.85 -63.45 -24.01
N ARG A 298 -3.91 -62.56 -23.69
CA ARG A 298 -4.22 -61.41 -22.85
C ARG A 298 -5.11 -60.43 -23.59
N ALA A 299 -4.89 -60.26 -24.89
CA ALA A 299 -5.73 -59.36 -25.68
C ALA A 299 -7.18 -59.85 -25.69
N MET A 300 -7.38 -61.15 -25.92
CA MET A 300 -8.73 -61.70 -25.93
C MET A 300 -9.38 -61.60 -24.56
N GLU A 301 -8.59 -61.56 -23.49
CA GLU A 301 -9.14 -61.34 -22.16
C GLU A 301 -9.53 -59.88 -21.94
N ILE A 302 -8.77 -58.95 -22.52
CA ILE A 302 -9.12 -57.53 -22.40
C ILE A 302 -10.41 -57.24 -23.15
N LEU A 303 -10.61 -57.88 -24.30
CA LEU A 303 -11.79 -57.60 -25.11
C LEU A 303 -13.06 -58.09 -24.42
N ASP A 304 -12.99 -59.23 -23.73
CA ASP A 304 -14.17 -59.69 -22.99
C ASP A 304 -14.51 -58.75 -21.86
N GLU A 305 -13.51 -58.19 -21.19
CA GLU A 305 -13.75 -57.31 -20.05
C GLU A 305 -14.16 -55.91 -20.48
N LEU A 306 -13.72 -55.47 -21.65
CA LEU A 306 -13.87 -54.08 -22.05
C LEU A 306 -15.35 -53.73 -22.27
N ASN A 307 -15.75 -52.58 -21.75
CA ASN A 307 -17.02 -51.96 -22.08
C ASN A 307 -16.76 -50.88 -23.12
N VAL A 308 -17.31 -51.06 -24.32
CA VAL A 308 -17.03 -50.14 -25.42
C VAL A 308 -17.71 -48.79 -25.25
N ASN A 309 -18.60 -48.65 -24.27
CA ASN A 309 -19.24 -47.37 -23.97
C ASN A 309 -18.70 -46.73 -22.71
N GLY A 310 -17.70 -47.33 -22.07
CA GLY A 310 -17.15 -46.75 -20.86
C GLY A 310 -16.30 -45.53 -21.13
N LYS A 311 -16.12 -44.74 -20.09
CA LYS A 311 -15.26 -43.57 -20.16
C LYS A 311 -13.81 -44.00 -20.38
N THR A 312 -13.10 -43.25 -21.22
CA THR A 312 -11.73 -43.58 -21.58
C THR A 312 -10.72 -42.49 -21.24
N MET A 313 -11.15 -41.23 -21.15
CA MET A 313 -10.28 -40.13 -20.77
C MET A 313 -10.70 -39.60 -19.41
N SER A 314 -9.73 -39.20 -18.60
CA SER A 314 -10.01 -38.63 -17.29
C SER A 314 -10.12 -37.12 -17.39
N ASP A 315 -11.12 -36.55 -16.71
CA ASP A 315 -11.32 -35.12 -16.70
C ASP A 315 -10.35 -34.39 -15.77
N GLU A 316 -9.58 -35.13 -14.97
CA GLU A 316 -8.66 -34.49 -14.03
C GLU A 316 -7.68 -33.60 -14.78
N PRO A 317 -7.37 -32.41 -14.25
CA PRO A 317 -6.51 -31.48 -14.99
C PRO A 317 -5.04 -31.91 -14.92
N ILE A 318 -4.27 -31.39 -15.89
CA ILE A 318 -2.85 -31.70 -16.00
C ILE A 318 -2.06 -30.60 -15.31
N VAL A 319 -1.98 -30.67 -13.99
CA VAL A 319 -1.29 -29.68 -13.18
C VAL A 319 -0.42 -30.40 -12.18
N GLY A 320 0.85 -29.99 -12.08
CA GLY A 320 1.78 -30.55 -11.14
C GLY A 320 2.30 -29.49 -10.18
N ASP A 321 3.05 -29.95 -9.19
CA ASP A 321 3.62 -29.09 -8.17
C ASP A 321 5.02 -28.58 -8.52
N GLY A 322 5.54 -28.96 -9.68
CA GLY A 322 6.87 -28.55 -10.07
C GLY A 322 7.99 -29.26 -9.36
N GLU A 323 7.69 -30.28 -8.55
CA GLU A 323 8.70 -30.95 -7.76
C GLU A 323 8.62 -32.47 -7.90
N LYS A 324 7.40 -33.03 -7.80
CA LYS A 324 7.26 -34.48 -7.82
C LYS A 324 7.78 -35.07 -9.12
N LEU A 325 8.58 -36.12 -8.98
CA LEU A 325 9.14 -36.79 -10.14
C LEU A 325 8.27 -37.97 -10.52
N GLY A 326 7.35 -37.75 -11.43
CA GLY A 326 6.48 -38.81 -11.88
C GLY A 326 7.27 -39.97 -12.50
N LEU A 327 6.69 -41.16 -12.39
CA LEU A 327 7.32 -42.39 -12.85
C LEU A 327 6.37 -43.12 -13.78
N GLY A 328 6.86 -43.53 -14.94
CA GLY A 328 6.09 -44.34 -15.85
C GLY A 328 6.91 -45.51 -16.34
N VAL A 329 6.38 -46.72 -16.20
CA VAL A 329 7.06 -47.94 -16.65
C VAL A 329 6.13 -48.72 -17.57
N HIS A 330 6.70 -49.30 -18.60
CA HIS A 330 5.95 -50.14 -19.54
C HIS A 330 6.87 -51.22 -20.06
N GLU A 331 6.31 -52.42 -20.21
CA GLU A 331 7.07 -53.56 -20.76
C GLU A 331 6.97 -53.49 -22.27
N ALA A 332 7.87 -52.73 -22.89
CA ALA A 332 7.99 -52.72 -24.33
C ALA A 332 8.29 -54.13 -24.84
N ALA A 333 8.21 -54.29 -26.16
CA ALA A 333 8.52 -55.60 -26.74
C ALA A 333 9.90 -56.07 -26.28
N ARG A 334 10.86 -55.15 -26.24
CA ARG A 334 12.23 -55.47 -25.83
C ARG A 334 12.47 -55.29 -24.34
N GLY A 335 11.44 -54.91 -23.59
CA GLY A 335 11.46 -55.04 -22.14
C GLY A 335 11.22 -53.73 -21.43
N HIS A 336 11.55 -53.75 -20.12
CA HIS A 336 11.27 -52.65 -19.20
C HIS A 336 11.69 -51.30 -19.76
N ASN A 337 10.73 -50.37 -19.81
CA ASN A 337 10.93 -49.05 -20.41
C ASN A 337 10.42 -47.99 -19.45
N THR A 338 11.31 -47.09 -19.02
CA THR A 338 10.99 -46.09 -18.02
C THR A 338 11.01 -44.69 -18.62
N HIS A 339 10.03 -43.87 -18.22
CA HIS A 339 10.01 -42.45 -18.51
C HIS A 339 9.74 -41.70 -17.21
N GLN A 340 10.28 -40.48 -17.12
CA GLN A 340 10.21 -39.69 -15.91
C GLN A 340 9.91 -38.24 -16.26
N ALA A 341 9.01 -37.62 -15.51
CA ALA A 341 8.59 -36.25 -15.83
C ALA A 341 8.22 -35.49 -14.56
N VAL A 342 8.51 -34.19 -14.57
CA VAL A 342 8.08 -33.25 -13.54
C VAL A 342 7.25 -32.18 -14.23
N ILE A 343 6.07 -31.90 -13.69
CA ILE A 343 5.12 -30.98 -14.31
C ILE A 343 4.82 -29.85 -13.34
N ASP A 344 4.82 -28.62 -13.85
CA ASP A 344 4.53 -27.45 -13.03
C ASP A 344 3.03 -27.15 -13.04
N LYS A 345 2.63 -26.08 -12.34
CA LYS A 345 1.22 -25.75 -12.21
C LYS A 345 0.58 -25.34 -13.53
N ASP A 346 1.36 -24.97 -14.52
CA ASP A 346 0.83 -24.58 -15.82
C ASP A 346 0.63 -25.76 -16.75
N GLY A 347 1.17 -26.92 -16.41
CA GLY A 347 1.09 -28.07 -17.28
C GLY A 347 2.27 -28.24 -18.21
N ASN A 348 3.37 -27.54 -17.97
CA ASN A 348 4.56 -27.63 -18.80
C ASN A 348 5.59 -28.54 -18.16
N ILE A 349 6.55 -28.96 -18.97
CA ILE A 349 7.56 -29.94 -18.56
C ILE A 349 8.73 -29.20 -17.93
N VAL A 350 9.04 -29.53 -16.69
CA VAL A 350 10.19 -28.96 -15.99
C VAL A 350 11.43 -29.83 -16.15
N TYR A 351 11.26 -31.14 -16.04
CA TYR A 351 12.36 -32.10 -16.18
C TYR A 351 11.84 -33.35 -16.84
N TYR A 352 12.64 -33.92 -17.75
CA TYR A 352 12.25 -35.12 -18.45
C TYR A 352 13.46 -36.04 -18.59
N ASN A 353 13.19 -37.35 -18.53
CA ASN A 353 14.23 -38.36 -18.63
C ASN A 353 13.59 -39.67 -19.09
N ALA A 354 14.44 -40.58 -19.55
CA ALA A 354 13.96 -41.84 -20.12
C ALA A 354 15.08 -42.86 -20.10
N ILE A 355 14.76 -44.07 -19.67
CA ILE A 355 15.69 -45.19 -19.59
C ILE A 355 15.07 -46.32 -20.38
N VAL A 356 15.46 -46.46 -21.65
CA VAL A 356 14.79 -47.34 -22.61
C VAL A 356 15.35 -48.75 -22.50
N ALA A 357 14.63 -49.72 -23.09
CA ALA A 357 14.91 -51.13 -22.83
C ALA A 357 16.32 -51.53 -23.23
N THR A 358 16.65 -51.31 -24.51
CA THR A 358 17.96 -51.77 -25.02
C THR A 358 19.09 -51.09 -24.26
N THR A 359 18.86 -49.93 -23.64
CA THR A 359 19.88 -49.29 -22.84
C THR A 359 20.34 -50.22 -21.71
N TRP A 360 19.39 -50.98 -21.14
CA TRP A 360 19.76 -51.97 -20.14
C TRP A 360 20.59 -53.09 -20.74
N ASN A 361 20.22 -53.57 -21.93
CA ASN A 361 20.81 -54.77 -22.48
C ASN A 361 22.16 -54.53 -23.15
N ILE A 362 22.44 -53.31 -23.60
CA ILE A 362 23.70 -53.07 -24.31
C ILE A 362 24.90 -53.52 -23.48
N PRO A 363 25.08 -53.07 -22.24
CA PRO A 363 26.25 -53.52 -21.47
C PRO A 363 26.18 -54.98 -21.05
N VAL A 364 24.97 -55.58 -21.04
CA VAL A 364 24.85 -57.01 -20.78
C VAL A 364 25.34 -57.81 -21.97
N ILE A 365 25.06 -57.34 -23.19
CA ILE A 365 25.53 -58.01 -24.39
C ILE A 365 27.06 -57.98 -24.44
N SER A 366 27.66 -56.85 -24.02
CA SER A 366 29.11 -56.73 -24.05
C SER A 366 29.79 -57.83 -23.25
N LYS A 367 29.17 -58.26 -22.15
CA LYS A 367 29.73 -59.34 -21.33
C LYS A 367 29.30 -60.72 -21.79
N ALA A 368 28.16 -60.83 -22.49
CA ALA A 368 27.68 -62.13 -22.91
C ALA A 368 28.47 -62.68 -24.09
N VAL A 369 29.00 -61.81 -24.95
CA VAL A 369 29.74 -62.28 -26.12
C VAL A 369 31.06 -62.92 -25.69
N GLU A 370 31.61 -62.51 -24.55
CA GLU A 370 32.86 -63.09 -24.08
C GLU A 370 32.68 -64.58 -23.79
N GLY A 371 33.69 -65.37 -24.15
CA GLY A 371 33.72 -66.79 -23.88
C GLY A 371 33.60 -67.66 -25.11
N THR A 372 33.08 -67.13 -26.21
CA THR A 372 32.86 -67.89 -27.43
C THR A 372 33.60 -67.25 -28.60
N HIS A 373 33.56 -67.90 -29.75
CA HIS A 373 34.23 -67.40 -30.94
C HIS A 373 33.57 -66.10 -31.40
N TYR A 374 34.33 -65.25 -32.10
CA TYR A 374 33.78 -63.93 -32.52
C TYR A 374 32.69 -64.14 -33.58
N LYS A 375 32.78 -65.22 -34.36
CA LYS A 375 31.78 -65.50 -35.39
C LYS A 375 30.45 -65.93 -34.80
N PHE A 376 30.31 -65.92 -33.47
CA PHE A 376 29.04 -66.11 -32.80
C PHE A 376 28.54 -64.85 -32.12
N ALA A 377 29.35 -63.79 -32.08
CA ALA A 377 28.99 -62.61 -31.30
C ALA A 377 27.74 -61.94 -31.83
N GLU A 378 27.58 -61.93 -33.16
CA GLU A 378 26.41 -61.24 -33.76
C GLU A 378 25.13 -62.04 -33.48
N HIS A 379 25.23 -63.37 -33.40
CA HIS A 379 24.06 -64.17 -33.07
C HIS A 379 23.57 -63.87 -31.66
N ILE A 380 24.51 -63.64 -30.73
CA ILE A 380 24.13 -63.27 -29.38
C ILE A 380 23.48 -61.88 -29.36
N VAL A 381 24.03 -60.94 -30.13
CA VAL A 381 23.43 -59.62 -30.22
C VAL A 381 21.98 -59.72 -30.67
N ARG A 382 21.74 -60.46 -31.75
CA ARG A 382 20.39 -60.53 -32.32
C ARG A 382 19.41 -61.24 -31.40
N ALA A 383 19.87 -62.10 -30.50
CA ALA A 383 18.95 -62.72 -29.56
C ALA A 383 18.28 -61.66 -28.69
N TYR A 384 18.96 -60.56 -28.42
CA TYR A 384 18.42 -59.50 -27.57
C TYR A 384 17.54 -58.51 -28.30
N ASP A 385 17.28 -58.73 -29.60
CA ASP A 385 16.35 -57.90 -30.36
C ASP A 385 16.65 -56.41 -30.13
N PRO A 386 17.91 -55.99 -30.29
CA PRO A 386 18.27 -54.64 -29.88
C PRO A 386 17.63 -53.59 -30.77
N CYS A 387 17.11 -52.53 -30.14
CA CYS A 387 16.54 -51.38 -30.81
C CYS A 387 17.40 -50.18 -30.42
N ILE A 388 18.32 -49.79 -31.27
CA ILE A 388 19.26 -48.74 -30.89
C ILE A 388 18.64 -47.37 -30.94
N SER A 389 17.94 -47.05 -32.01
CA SER A 389 17.24 -45.77 -32.01
C SER A 389 16.47 -45.58 -30.71
N CYS A 390 15.84 -46.65 -30.21
CA CYS A 390 15.28 -46.61 -28.87
C CYS A 390 16.35 -46.25 -27.85
N ALA A 391 17.43 -47.04 -27.80
CA ALA A 391 18.40 -46.91 -26.71
C ALA A 391 19.03 -45.52 -26.67
N THR A 392 19.18 -44.88 -27.83
CA THR A 392 19.92 -43.60 -27.87
C THR A 392 18.98 -42.41 -27.72
N HIS A 393 17.84 -42.43 -28.42
CA HIS A 393 16.90 -41.31 -28.42
C HIS A 393 17.60 -39.96 -28.27
N MET B 1 -14.99 -25.01 -73.91
CA MET B 1 -14.40 -25.95 -72.91
C MET B 1 -15.45 -26.95 -72.42
N ASP B 2 -14.98 -28.06 -71.87
CA ASP B 2 -15.89 -29.11 -71.42
C ASP B 2 -16.86 -28.54 -70.39
N PRO B 3 -18.18 -28.73 -70.57
CA PRO B 3 -19.12 -28.20 -69.57
C PRO B 3 -19.23 -29.06 -68.32
N PHE B 4 -19.50 -30.36 -68.45
CA PHE B 4 -19.78 -31.20 -67.29
C PHE B 4 -18.69 -32.22 -66.99
N GLY B 5 -17.53 -32.11 -67.62
CA GLY B 5 -16.57 -33.18 -67.46
C GLY B 5 -17.10 -34.46 -68.08
N LYS B 6 -16.52 -35.58 -67.66
CA LYS B 6 -16.89 -36.90 -68.17
C LYS B 6 -17.99 -37.50 -67.29
N TYR B 7 -18.92 -38.19 -67.95
CA TYR B 7 -19.99 -38.90 -67.25
C TYR B 7 -20.50 -40.02 -68.15
N LYS B 8 -21.23 -40.94 -67.54
CA LYS B 8 -21.85 -42.05 -68.27
C LYS B 8 -23.25 -41.70 -68.74
N THR B 9 -24.10 -41.22 -67.84
CA THR B 9 -25.48 -40.90 -68.21
C THR B 9 -26.06 -39.79 -67.33
N VAL B 10 -27.01 -39.04 -67.88
CA VAL B 10 -27.66 -37.94 -67.10
C VAL B 10 -29.16 -38.23 -67.06
N VAL B 11 -29.78 -38.22 -65.88
CA VAL B 11 -31.20 -38.44 -65.69
C VAL B 11 -31.74 -37.37 -64.75
N SER B 12 -33.06 -37.32 -64.67
CA SER B 12 -33.79 -36.59 -63.64
C SER B 12 -34.44 -37.61 -62.71
N ALA B 13 -34.21 -37.48 -61.42
CA ALA B 13 -34.68 -38.51 -60.49
C ALA B 13 -35.09 -37.89 -59.18
N ARG B 14 -35.85 -38.68 -58.41
CA ARG B 14 -36.22 -38.32 -57.05
C ARG B 14 -36.38 -39.61 -56.25
N ALA B 15 -36.36 -39.47 -54.94
CA ALA B 15 -36.48 -40.63 -54.08
C ALA B 15 -37.92 -41.17 -54.10
N ALA B 16 -38.04 -42.49 -53.95
CA ALA B 16 -39.35 -43.11 -53.92
C ALA B 16 -39.97 -43.00 -52.52
N ASP B 17 -39.15 -43.11 -51.48
CA ASP B 17 -39.63 -42.96 -50.12
C ASP B 17 -40.15 -41.55 -49.90
N LYS B 18 -41.44 -41.44 -49.58
CA LYS B 18 -42.05 -40.12 -49.45
C LYS B 18 -41.55 -39.39 -48.20
N THR B 19 -41.20 -40.13 -47.15
CA THR B 19 -40.66 -39.47 -45.95
C THR B 19 -39.45 -38.66 -46.36
N ILE B 20 -38.55 -39.27 -47.13
CA ILE B 20 -37.32 -38.56 -47.50
C ILE B 20 -37.65 -37.25 -48.19
N LEU B 21 -38.64 -37.27 -49.09
CA LEU B 21 -38.99 -36.05 -49.83
C LEU B 21 -39.48 -34.96 -48.90
N LYS B 22 -40.09 -35.31 -47.77
CA LYS B 22 -40.62 -34.31 -46.86
C LYS B 22 -39.51 -33.52 -46.18
N LYS B 23 -38.31 -34.09 -46.06
CA LYS B 23 -37.21 -33.45 -45.37
C LYS B 23 -36.08 -32.98 -46.28
N CYS B 24 -36.00 -33.49 -47.50
CA CYS B 24 -34.85 -33.23 -48.35
C CYS B 24 -34.98 -31.86 -49.01
N GLN B 25 -33.92 -31.48 -49.73
CA GLN B 25 -33.87 -30.19 -50.40
C GLN B 25 -34.57 -30.23 -51.75
N ASP B 26 -34.17 -31.18 -52.60
CA ASP B 26 -34.77 -31.30 -53.91
C ASP B 26 -35.36 -32.69 -54.13
N GLY B 27 -34.65 -33.55 -54.86
CA GLY B 27 -35.18 -34.85 -55.13
C GLY B 27 -34.86 -35.87 -54.06
N GLY B 28 -33.98 -35.52 -53.13
CA GLY B 28 -33.62 -36.47 -52.07
C GLY B 28 -32.69 -37.57 -52.54
N ILE B 29 -31.76 -37.25 -53.45
CA ILE B 29 -30.88 -38.26 -54.00
C ILE B 29 -29.80 -38.64 -52.99
N VAL B 30 -29.20 -37.64 -52.32
CA VAL B 30 -28.13 -37.95 -51.38
C VAL B 30 -28.66 -38.77 -50.22
N SER B 31 -29.81 -38.40 -49.67
CA SER B 31 -30.39 -39.16 -48.58
C SER B 31 -30.86 -40.54 -49.03
N ALA B 32 -31.35 -40.65 -50.27
CA ALA B 32 -31.85 -41.93 -50.75
C ALA B 32 -30.71 -42.89 -51.05
N ALA B 33 -29.57 -42.38 -51.50
CA ALA B 33 -28.40 -43.24 -51.70
C ALA B 33 -27.82 -43.68 -50.36
N TYR B 34 -27.83 -42.79 -49.38
CA TYR B 34 -27.28 -43.12 -48.07
C TYR B 34 -28.15 -44.15 -47.34
N ILE B 35 -29.46 -43.96 -47.42
CA ILE B 35 -30.40 -44.89 -46.71
C ILE B 35 -30.33 -46.28 -47.35
N TYR B 36 -30.03 -46.37 -48.64
CA TYR B 36 -30.04 -47.67 -49.33
C TYR B 36 -28.77 -48.45 -49.04
N GLY B 37 -27.61 -47.80 -49.11
CA GLY B 37 -26.39 -48.46 -48.68
C GLY B 37 -26.47 -48.93 -47.24
N LEU B 38 -26.99 -48.07 -46.35
CA LEU B 38 -27.08 -48.43 -44.95
C LEU B 38 -27.98 -49.64 -44.74
N GLU B 39 -29.12 -49.67 -45.42
CA GLU B 39 -30.12 -50.71 -45.16
C GLU B 39 -29.88 -51.99 -45.96
N ASN B 40 -29.08 -51.93 -47.02
CA ASN B 40 -28.80 -53.10 -47.85
C ASN B 40 -27.32 -53.45 -47.84
N GLY B 41 -26.61 -53.07 -46.77
CA GLY B 41 -25.25 -53.52 -46.58
C GLY B 41 -24.28 -53.08 -47.66
N LEU B 42 -24.53 -51.95 -48.33
CA LEU B 42 -23.54 -51.35 -49.21
C LEU B 42 -22.79 -50.21 -48.55
N LEU B 43 -23.24 -49.73 -47.39
CA LEU B 43 -22.55 -48.69 -46.64
C LEU B 43 -22.79 -48.95 -45.15
N ASP B 44 -21.73 -48.81 -44.36
CA ASP B 44 -21.83 -48.90 -42.91
C ASP B 44 -21.63 -47.56 -42.22
N GLY B 45 -21.42 -46.49 -42.98
CA GLY B 45 -21.30 -45.16 -42.45
C GLY B 45 -21.32 -44.14 -43.56
N VAL B 46 -21.90 -42.98 -43.33
CA VAL B 46 -22.01 -41.92 -44.33
C VAL B 46 -21.62 -40.60 -43.68
N ILE B 47 -20.89 -39.77 -44.41
CA ILE B 47 -20.50 -38.45 -43.92
C ILE B 47 -21.59 -37.46 -44.28
N VAL B 48 -22.02 -36.67 -43.31
CA VAL B 48 -23.11 -35.73 -43.49
C VAL B 48 -22.71 -34.39 -42.89
N ALA B 49 -23.55 -33.39 -43.13
CA ALA B 49 -23.39 -32.05 -42.59
C ALA B 49 -24.66 -31.72 -41.82
N ASP B 50 -24.55 -31.67 -40.50
CA ASP B 50 -25.68 -31.42 -39.63
C ASP B 50 -25.74 -29.94 -39.25
N LYS B 51 -26.86 -29.56 -38.64
CA LYS B 51 -27.09 -28.18 -38.20
C LYS B 51 -27.66 -28.19 -36.79
N ASP B 52 -27.49 -27.08 -36.10
CA ASP B 52 -28.11 -26.88 -34.81
C ASP B 52 -29.31 -25.94 -34.96
N ASP B 53 -29.83 -25.45 -33.83
CA ASP B 53 -31.00 -24.59 -33.88
C ASP B 53 -30.73 -23.26 -34.58
N LYS B 54 -29.46 -22.85 -34.72
CA LYS B 54 -29.11 -21.59 -35.35
C LYS B 54 -28.47 -21.77 -36.73
N LEU B 55 -28.60 -22.97 -37.30
CA LEU B 55 -28.08 -23.23 -38.66
C LEU B 55 -26.56 -23.37 -38.75
N GLN B 56 -25.88 -23.49 -37.61
CA GLN B 56 -24.45 -23.71 -37.61
C GLN B 56 -24.15 -25.17 -37.94
N THR B 57 -23.19 -25.39 -38.84
CA THR B 57 -22.96 -26.71 -39.41
C THR B 57 -21.89 -27.48 -38.65
N THR B 58 -22.01 -28.80 -38.71
CA THR B 58 -21.06 -29.70 -38.05
C THR B 58 -20.91 -30.97 -38.86
N PRO B 59 -19.73 -31.26 -39.43
CA PRO B 59 -19.55 -32.53 -40.13
C PRO B 59 -19.56 -33.71 -39.17
N LYS B 60 -20.25 -34.77 -39.57
CA LYS B 60 -20.52 -35.87 -38.67
C LYS B 60 -20.55 -37.17 -39.46
N VAL B 61 -20.19 -38.26 -38.80
CA VAL B 61 -20.26 -39.60 -39.38
C VAL B 61 -21.54 -40.25 -38.87
N ALA B 62 -22.51 -40.40 -39.76
CA ALA B 62 -23.78 -41.05 -39.45
C ALA B 62 -23.70 -42.54 -39.74
N THR B 63 -24.54 -43.30 -39.01
CA THR B 63 -24.64 -44.74 -39.22
C THR B 63 -26.07 -45.27 -39.17
N THR B 64 -27.04 -44.38 -38.93
CA THR B 64 -28.47 -44.77 -38.90
C THR B 64 -29.23 -43.92 -39.89
N VAL B 65 -30.38 -44.40 -40.36
CA VAL B 65 -31.20 -43.63 -41.33
C VAL B 65 -31.70 -42.33 -40.69
N ASP B 66 -32.04 -42.38 -39.41
CA ASP B 66 -32.56 -41.18 -38.77
C ASP B 66 -31.50 -40.09 -38.72
N GLU B 67 -30.22 -40.52 -38.58
CA GLU B 67 -29.08 -39.57 -38.62
C GLU B 67 -29.05 -38.95 -40.03
N VAL B 68 -29.37 -39.75 -41.06
CA VAL B 68 -29.35 -39.27 -42.44
C VAL B 68 -30.49 -38.29 -42.69
N LEU B 69 -31.68 -38.60 -42.16
CA LEU B 69 -32.83 -37.74 -42.39
C LEU B 69 -32.67 -36.39 -41.72
N GLU B 70 -32.04 -36.37 -40.54
CA GLU B 70 -31.83 -35.10 -39.80
C GLU B 70 -30.87 -34.21 -40.59
N ALA B 71 -29.89 -34.81 -41.25
CA ALA B 71 -28.90 -34.06 -42.02
C ALA B 71 -29.40 -33.70 -43.42
N ALA B 72 -30.62 -34.10 -43.77
CA ALA B 72 -31.15 -33.76 -45.07
C ALA B 72 -31.39 -32.25 -45.17
N GLY B 73 -31.31 -31.74 -46.38
CA GLY B 73 -31.48 -30.32 -46.62
C GLY B 73 -30.14 -29.61 -46.79
N THR B 74 -30.18 -28.51 -47.53
CA THR B 74 -28.97 -27.74 -47.82
C THR B 74 -28.74 -26.70 -46.73
N LYS B 75 -27.49 -26.60 -46.27
CA LYS B 75 -27.02 -25.49 -45.47
C LYS B 75 -26.05 -24.72 -46.35
N TYR B 76 -26.43 -23.50 -46.75
CA TYR B 76 -25.61 -22.70 -47.64
C TYR B 76 -24.50 -21.97 -46.86
N THR B 77 -23.70 -22.78 -46.18
CA THR B 77 -22.55 -22.29 -45.44
C THR B 77 -21.48 -23.38 -45.46
N VAL B 78 -20.24 -22.97 -45.17
CA VAL B 78 -19.12 -23.90 -45.32
C VAL B 78 -19.16 -24.94 -44.21
N CYS B 79 -19.03 -26.20 -44.58
CA CYS B 79 -18.98 -27.31 -43.64
C CYS B 79 -17.92 -28.32 -44.07
N PRO B 80 -16.79 -28.44 -43.35
CA PRO B 80 -15.72 -29.33 -43.82
C PRO B 80 -16.06 -30.81 -43.67
N THR B 81 -16.73 -31.38 -44.68
CA THR B 81 -17.14 -32.77 -44.58
C THR B 81 -15.96 -33.72 -44.60
N ILE B 82 -14.86 -33.33 -45.25
CA ILE B 82 -13.73 -34.24 -45.40
C ILE B 82 -12.88 -34.31 -44.13
N SER B 83 -13.04 -33.36 -43.20
CA SER B 83 -12.23 -33.37 -41.99
C SER B 83 -12.52 -34.58 -41.11
N VAL B 84 -13.59 -35.31 -41.35
CA VAL B 84 -13.97 -36.47 -40.55
C VAL B 84 -13.73 -37.77 -41.31
N ILE B 85 -13.11 -37.72 -42.48
CA ILE B 85 -13.01 -38.91 -43.32
C ILE B 85 -12.10 -39.95 -42.68
N LYS B 86 -11.00 -39.51 -42.05
CA LYS B 86 -10.14 -40.46 -41.37
C LYS B 86 -10.80 -40.96 -40.09
N SER B 87 -11.44 -40.06 -39.35
CA SER B 87 -12.22 -40.48 -38.19
C SER B 87 -13.20 -41.57 -38.55
N ALA B 88 -13.80 -41.49 -39.73
CA ALA B 88 -14.85 -42.43 -40.12
C ALA B 88 -14.31 -43.86 -40.20
N VAL B 89 -13.10 -44.02 -40.75
CA VAL B 89 -12.52 -45.36 -40.90
C VAL B 89 -11.61 -45.73 -39.74
N ARG B 90 -11.47 -44.87 -38.73
CA ARG B 90 -10.66 -45.16 -37.56
C ARG B 90 -11.39 -45.65 -36.33
N GLU B 91 -12.02 -44.75 -35.58
CA GLU B 91 -12.68 -45.13 -34.34
C GLU B 91 -14.06 -45.64 -34.73
N TYR B 92 -14.70 -44.99 -35.71
CA TYR B 92 -16.00 -45.45 -36.17
C TYR B 92 -15.92 -46.82 -36.84
N GLY B 93 -14.75 -47.18 -37.38
CA GLY B 93 -14.56 -48.52 -37.90
C GLY B 93 -15.32 -48.82 -39.18
N CYS B 94 -15.57 -47.81 -40.00
CA CYS B 94 -16.27 -48.02 -41.26
C CYS B 94 -15.35 -48.67 -42.29
N GLU B 95 -15.97 -49.42 -43.20
CA GLU B 95 -15.26 -50.04 -44.31
C GLU B 95 -15.93 -49.80 -45.65
N LYS B 96 -17.18 -49.35 -45.65
CA LYS B 96 -17.91 -48.98 -46.86
C LYS B 96 -18.48 -47.60 -46.55
N LEU B 97 -17.67 -46.58 -46.77
CA LEU B 97 -17.95 -45.23 -46.32
C LEU B 97 -18.54 -44.40 -47.44
N GLY B 98 -19.62 -43.68 -47.14
CA GLY B 98 -20.21 -42.74 -48.07
C GLY B 98 -19.71 -41.34 -47.77
N VAL B 99 -19.40 -40.61 -48.84
CA VAL B 99 -18.84 -39.26 -48.74
C VAL B 99 -19.75 -38.33 -49.52
N VAL B 100 -19.99 -37.15 -48.97
CA VAL B 100 -20.72 -36.10 -49.67
C VAL B 100 -19.95 -34.80 -49.51
N GLY B 101 -19.94 -33.98 -50.56
CA GLY B 101 -19.26 -32.72 -50.50
C GLY B 101 -19.50 -31.90 -51.74
N THR B 102 -19.30 -30.60 -51.61
CA THR B 102 -19.34 -29.71 -52.76
C THR B 102 -18.20 -30.09 -53.70
N PRO B 103 -18.21 -29.61 -54.95
CA PRO B 103 -17.13 -30.00 -55.88
C PRO B 103 -15.74 -29.92 -55.26
N CYS B 104 -15.41 -28.81 -54.61
CA CYS B 104 -14.06 -28.67 -54.05
C CYS B 104 -13.78 -29.77 -53.04
N GLN B 105 -14.78 -30.19 -52.28
CA GLN B 105 -14.58 -31.28 -51.32
C GLN B 105 -14.40 -32.61 -52.03
N ILE B 106 -15.01 -32.79 -53.21
CA ILE B 106 -14.80 -34.01 -53.99
C ILE B 106 -13.41 -34.01 -54.61
N ILE B 107 -12.92 -32.83 -54.96
CA ILE B 107 -11.56 -32.74 -55.50
C ILE B 107 -10.58 -33.12 -54.40
N ALA B 108 -10.82 -32.65 -53.18
CA ALA B 108 -9.94 -32.98 -52.07
C ALA B 108 -9.93 -34.47 -51.78
N THR B 109 -11.03 -35.18 -52.09
CA THR B 109 -11.07 -36.61 -51.87
C THR B 109 -10.27 -37.35 -52.93
N ARG B 110 -10.33 -36.91 -54.18
CA ARG B 110 -9.54 -37.55 -55.22
C ARG B 110 -8.04 -37.29 -55.01
N LYS B 111 -7.69 -36.06 -54.65
CA LYS B 111 -6.32 -35.78 -54.23
C LYS B 111 -5.91 -36.69 -53.08
N LEU B 112 -6.81 -36.83 -52.11
CA LEU B 112 -6.54 -37.71 -50.96
C LEU B 112 -6.20 -39.13 -51.42
N MET B 113 -6.92 -39.61 -52.42
CA MET B 113 -6.73 -40.99 -52.85
C MET B 113 -5.47 -41.19 -53.69
N LYS B 114 -5.20 -40.28 -54.61
CA LYS B 114 -4.06 -40.46 -55.50
C LYS B 114 -2.76 -40.40 -54.72
N TYR B 115 -2.65 -39.47 -53.76
CA TYR B 115 -1.45 -39.28 -52.96
C TYR B 115 -1.85 -39.39 -51.49
N PRO B 116 -2.02 -40.61 -50.97
CA PRO B 116 -2.53 -40.82 -49.62
C PRO B 116 -1.45 -40.78 -48.54
N ILE B 117 -0.65 -39.71 -48.54
CA ILE B 117 0.51 -39.66 -47.64
C ILE B 117 0.07 -39.86 -46.20
N GLY B 118 -0.84 -39.02 -45.72
CA GLY B 118 -1.33 -39.14 -44.38
C GLY B 118 -2.73 -39.73 -44.31
N PHE B 119 -2.98 -40.77 -45.09
CA PHE B 119 -4.30 -41.38 -45.20
C PHE B 119 -4.18 -42.89 -45.29
N ARG B 120 -3.40 -43.49 -44.39
CA ARG B 120 -3.31 -44.94 -44.35
C ARG B 120 -4.68 -45.56 -44.08
N HIS B 121 -5.02 -46.57 -44.86
CA HIS B 121 -6.26 -47.34 -44.75
C HIS B 121 -7.51 -46.56 -45.11
N VAL B 122 -7.38 -45.40 -45.74
CA VAL B 122 -8.56 -44.57 -45.99
C VAL B 122 -9.08 -44.73 -47.41
N PRO B 123 -8.24 -44.63 -48.45
CA PRO B 123 -8.78 -44.68 -49.82
C PRO B 123 -9.59 -45.92 -50.12
N ASP B 124 -9.08 -47.10 -49.73
CA ASP B 124 -9.71 -48.39 -50.09
C ASP B 124 -11.11 -48.58 -49.49
N LYS B 125 -11.54 -47.73 -48.57
CA LYS B 125 -12.81 -47.92 -47.90
C LYS B 125 -13.87 -46.92 -48.34
N LEU B 126 -13.60 -46.13 -49.38
CA LEU B 126 -14.55 -45.13 -49.87
C LEU B 126 -15.46 -45.80 -50.89
N ALA B 127 -16.67 -46.13 -50.45
CA ALA B 127 -17.58 -46.94 -51.26
C ALA B 127 -18.47 -46.12 -52.18
N LEU B 128 -18.81 -44.88 -51.81
CA LEU B 128 -19.64 -44.03 -52.67
C LEU B 128 -19.28 -42.58 -52.42
N ILE B 129 -18.85 -41.89 -53.48
CA ILE B 129 -18.50 -40.48 -53.42
C ILE B 129 -19.60 -39.73 -54.14
N VAL B 130 -20.48 -39.08 -53.37
CA VAL B 130 -21.59 -38.30 -53.90
C VAL B 130 -21.19 -36.83 -53.83
N GLY B 131 -21.36 -36.12 -54.93
CA GLY B 131 -21.12 -34.69 -54.98
C GLY B 131 -22.39 -33.94 -55.30
N ILE B 132 -22.54 -32.76 -54.70
CA ILE B 132 -23.67 -31.88 -54.94
C ILE B 132 -23.18 -30.68 -55.72
N PHE B 133 -24.01 -30.18 -56.64
CA PHE B 133 -23.65 -29.00 -57.40
C PHE B 133 -23.40 -27.83 -56.46
N CYS B 134 -22.61 -26.85 -56.91
CA CYS B 134 -22.34 -25.68 -56.12
C CYS B 134 -21.88 -24.55 -57.02
N MET B 135 -22.42 -23.35 -56.80
CA MET B 135 -21.98 -22.13 -57.46
C MET B 135 -21.13 -21.26 -56.54
N GLU B 136 -21.58 -21.05 -55.31
CA GLU B 136 -20.87 -20.24 -54.32
C GLU B 136 -21.18 -20.81 -52.94
N ASN B 137 -20.34 -20.46 -51.97
CA ASN B 137 -20.58 -20.79 -50.58
C ASN B 137 -20.34 -19.55 -49.72
N PHE B 138 -20.64 -19.66 -48.42
CA PHE B 138 -20.68 -18.52 -47.53
C PHE B 138 -20.11 -18.83 -46.16
N PRO B 139 -19.39 -17.91 -45.55
CA PRO B 139 -19.12 -18.03 -44.11
C PRO B 139 -20.41 -17.90 -43.33
N TYR B 140 -20.45 -18.53 -42.16
CA TYR B 140 -21.70 -18.55 -41.39
C TYR B 140 -22.21 -17.14 -41.15
N ASN B 141 -21.33 -16.25 -40.65
CA ASN B 141 -21.75 -14.88 -40.38
C ASN B 141 -22.19 -14.18 -41.66
N GLY B 142 -21.67 -14.61 -42.81
CA GLY B 142 -22.13 -14.06 -44.07
C GLY B 142 -23.57 -14.43 -44.38
N MET B 143 -23.92 -15.68 -44.13
CA MET B 143 -25.30 -16.11 -44.34
C MET B 143 -26.22 -15.51 -43.28
N LYS B 144 -25.69 -15.33 -42.08
CA LYS B 144 -26.50 -14.79 -40.98
C LYS B 144 -26.97 -13.38 -41.30
N THR B 145 -26.09 -12.57 -41.91
CA THR B 145 -26.52 -11.22 -42.31
C THR B 145 -27.59 -11.36 -43.37
N ILE B 146 -27.39 -12.28 -44.32
CA ILE B 146 -28.34 -12.42 -45.42
C ILE B 146 -29.73 -12.78 -44.89
N ILE B 147 -29.80 -13.69 -43.92
CA ILE B 147 -31.08 -14.16 -43.44
C ILE B 147 -31.71 -13.17 -42.47
N GLU B 148 -30.95 -12.74 -41.47
CA GLU B 148 -31.52 -11.95 -40.39
C GLU B 148 -31.65 -10.47 -40.76
N GLU B 149 -30.72 -9.92 -41.54
CA GLU B 149 -30.75 -8.50 -41.86
C GLU B 149 -31.34 -8.20 -43.23
N HIS B 150 -31.15 -9.08 -44.22
CA HIS B 150 -31.69 -8.84 -45.55
C HIS B 150 -33.05 -9.50 -45.76
N CYS B 151 -33.30 -10.62 -45.11
CA CYS B 151 -34.61 -11.28 -45.19
C CYS B 151 -35.46 -11.08 -43.95
N GLY B 152 -34.87 -10.58 -42.85
CA GLY B 152 -35.64 -10.23 -41.68
C GLY B 152 -36.20 -11.41 -40.90
N ILE B 153 -35.48 -12.53 -40.89
CA ILE B 153 -35.91 -13.73 -40.18
C ILE B 153 -34.75 -14.20 -39.31
N LYS B 154 -35.05 -14.50 -38.05
CA LYS B 154 -34.03 -15.00 -37.14
C LYS B 154 -33.58 -16.40 -37.56
N MET B 155 -32.32 -16.71 -37.28
CA MET B 155 -31.78 -18.04 -37.60
C MET B 155 -32.61 -19.13 -36.94
N GLU B 156 -33.00 -18.93 -35.68
CA GLU B 156 -33.72 -19.94 -34.94
C GLU B 156 -35.12 -20.21 -35.50
N ASP B 157 -35.61 -19.36 -36.41
CA ASP B 157 -36.92 -19.55 -37.02
C ASP B 157 -36.82 -20.02 -38.48
N VAL B 158 -35.64 -20.41 -38.93
CA VAL B 158 -35.46 -20.87 -40.30
C VAL B 158 -35.73 -22.36 -40.37
N ALA B 159 -36.62 -22.75 -41.28
CA ALA B 159 -36.96 -24.15 -41.53
C ALA B 159 -36.30 -24.70 -42.77
N LYS B 160 -36.02 -23.85 -43.76
CA LYS B 160 -35.40 -24.28 -45.00
C LYS B 160 -35.01 -23.05 -45.81
N THR B 161 -33.85 -23.11 -46.46
CA THR B 161 -33.41 -22.08 -47.38
C THR B 161 -33.19 -22.72 -48.75
N ASP B 162 -33.45 -21.95 -49.81
CA ASP B 162 -33.30 -22.45 -51.16
C ASP B 162 -32.86 -21.32 -52.08
N ILE B 163 -32.02 -21.64 -53.06
CA ILE B 163 -31.61 -20.62 -54.06
C ILE B 163 -32.24 -21.00 -55.40
N GLY B 164 -32.92 -20.06 -56.05
CA GLY B 164 -33.56 -20.33 -57.35
C GLY B 164 -34.30 -19.11 -57.88
N LYS B 165 -34.42 -19.00 -59.20
CA LYS B 165 -35.17 -17.88 -59.83
C LYS B 165 -34.51 -16.55 -59.48
N GLY B 166 -33.18 -16.46 -59.60
CA GLY B 166 -32.48 -15.20 -59.33
C GLY B 166 -32.83 -14.68 -57.96
N LYS B 167 -33.33 -15.56 -57.10
CA LYS B 167 -33.74 -15.17 -55.76
C LYS B 167 -33.26 -16.18 -54.72
N PHE B 168 -32.91 -15.67 -53.55
CA PHE B 168 -32.61 -16.49 -52.40
C PHE B 168 -33.82 -16.51 -51.47
N TRP B 169 -34.18 -17.69 -50.99
CA TRP B 169 -35.44 -17.92 -50.29
C TRP B 169 -35.21 -18.37 -48.87
N VAL B 170 -36.07 -17.92 -47.96
CA VAL B 170 -36.04 -18.32 -46.55
C VAL B 170 -37.45 -18.73 -46.18
N TYR B 171 -37.61 -19.97 -45.72
CA TYR B 171 -38.88 -20.51 -45.27
C TYR B 171 -38.85 -20.61 -43.75
N SER B 172 -39.89 -20.12 -43.10
CA SER B 172 -39.92 -19.97 -41.65
C SER B 172 -40.66 -21.12 -40.99
N LYS B 173 -40.31 -21.38 -39.72
CA LYS B 173 -41.02 -22.38 -38.93
C LYS B 173 -42.51 -22.09 -38.86
N TRP B 174 -42.89 -20.82 -39.01
CA TRP B 174 -44.25 -20.37 -38.75
C TRP B 174 -45.03 -20.10 -40.04
N GLY B 175 -44.61 -20.69 -41.15
CA GLY B 175 -45.32 -20.56 -42.41
C GLY B 175 -44.86 -19.43 -43.30
N ASP B 176 -44.08 -18.48 -42.77
CA ASP B 176 -43.67 -17.32 -43.56
C ASP B 176 -42.67 -17.73 -44.63
N VAL B 177 -42.64 -16.96 -45.72
CA VAL B 177 -41.68 -17.14 -46.80
C VAL B 177 -41.18 -15.77 -47.22
N LYS B 178 -39.87 -15.67 -47.45
CA LYS B 178 -39.26 -14.41 -47.88
C LYS B 178 -38.18 -14.69 -48.90
N SER B 179 -38.12 -13.86 -49.94
CA SER B 179 -37.11 -14.00 -50.98
C SER B 179 -36.51 -12.63 -51.29
N ILE B 180 -35.21 -12.62 -51.57
CA ILE B 180 -34.50 -11.41 -51.97
C ILE B 180 -33.78 -11.70 -53.28
N LYS B 181 -33.48 -10.62 -54.01
CA LYS B 181 -32.75 -10.78 -55.26
C LYS B 181 -31.35 -11.32 -55.00
N LEU B 182 -30.91 -12.27 -55.84
CA LEU B 182 -29.66 -12.97 -55.60
C LEU B 182 -28.45 -12.05 -55.62
N LYS B 183 -28.59 -10.82 -56.11
CA LYS B 183 -27.42 -9.95 -56.20
C LYS B 183 -27.16 -9.23 -54.89
N GLU B 184 -28.08 -9.33 -53.92
CA GLU B 184 -27.88 -8.72 -52.58
C GLU B 184 -27.03 -9.67 -51.72
N THR B 185 -26.78 -10.90 -52.18
CA THR B 185 -26.00 -11.86 -51.43
C THR B 185 -24.54 -11.92 -51.85
N HIS B 186 -24.19 -11.36 -53.00
CA HIS B 186 -22.82 -11.50 -53.53
C HIS B 186 -21.74 -11.06 -52.56
N PRO B 187 -21.78 -9.85 -51.99
CA PRO B 187 -20.65 -9.41 -51.15
C PRO B 187 -20.37 -10.31 -49.96
N TYR B 188 -21.23 -11.28 -49.65
CA TYR B 188 -21.10 -12.12 -48.48
C TYR B 188 -20.51 -13.50 -48.78
N GLU B 189 -20.08 -13.74 -50.01
CA GLU B 189 -19.64 -15.07 -50.40
C GLU B 189 -18.16 -15.27 -50.15
N GLN B 190 -17.80 -16.50 -49.83
CA GLN B 190 -16.40 -16.89 -49.67
C GLN B 190 -15.62 -16.58 -50.94
N GLN B 191 -14.67 -15.64 -50.83
CA GLN B 191 -13.94 -15.19 -52.05
C GLN B 191 -13.07 -16.31 -52.65
N SER B 192 -12.66 -17.30 -51.87
CA SER B 192 -11.87 -18.37 -52.46
C SER B 192 -12.67 -19.21 -53.43
N CYS B 193 -13.99 -19.03 -53.49
CA CYS B 193 -14.82 -19.67 -54.50
C CYS B 193 -14.69 -19.02 -55.87
N HIS B 194 -14.01 -17.89 -55.97
CA HIS B 194 -13.89 -17.18 -57.22
C HIS B 194 -12.80 -17.75 -58.13
N VAL B 195 -12.10 -18.79 -57.70
CA VAL B 195 -11.15 -19.51 -58.54
C VAL B 195 -11.58 -20.95 -58.78
N CYS B 196 -12.81 -21.29 -58.39
CA CYS B 196 -13.31 -22.65 -58.49
C CYS B 196 -13.81 -22.93 -59.90
N MET B 197 -13.27 -23.97 -60.52
CA MET B 197 -13.57 -24.29 -61.91
C MET B 197 -14.44 -25.53 -62.05
N ASP B 198 -15.27 -25.82 -61.05
CA ASP B 198 -16.07 -27.03 -61.02
C ASP B 198 -17.45 -26.70 -60.47
N TYR B 199 -18.48 -26.86 -61.31
CA TYR B 199 -19.86 -26.58 -60.91
C TYR B 199 -20.70 -27.82 -60.66
N THR B 200 -20.50 -28.89 -61.44
CA THR B 200 -21.30 -30.09 -61.34
C THR B 200 -20.59 -31.21 -60.58
N ALA B 201 -19.61 -30.89 -59.76
CA ALA B 201 -18.85 -31.88 -59.00
C ALA B 201 -18.38 -33.01 -59.92
N GLU B 202 -17.57 -32.62 -60.91
CA GLU B 202 -17.27 -33.50 -62.04
C GLU B 202 -16.47 -34.73 -61.64
N LEU B 203 -15.90 -34.78 -60.44
CA LEU B 203 -15.04 -35.88 -60.03
C LEU B 203 -15.74 -36.88 -59.10
N ALA B 204 -17.06 -36.84 -59.01
CA ALA B 204 -17.78 -37.71 -58.09
C ALA B 204 -18.24 -38.99 -58.79
N ASP B 205 -18.55 -40.01 -57.97
CA ASP B 205 -19.24 -41.18 -58.50
C ASP B 205 -20.62 -40.80 -59.02
N ILE B 206 -21.34 -40.00 -58.25
CA ILE B 206 -22.67 -39.51 -58.62
C ILE B 206 -22.73 -38.04 -58.22
N SER B 207 -23.24 -37.20 -59.12
CA SER B 207 -23.44 -35.78 -58.85
C SER B 207 -24.93 -35.48 -58.93
N THR B 208 -25.37 -34.56 -58.07
CA THR B 208 -26.81 -34.23 -58.02
C THR B 208 -26.98 -32.77 -57.74
N GLY B 209 -28.09 -32.20 -58.20
CA GLY B 209 -28.43 -30.81 -57.96
C GLY B 209 -29.86 -30.55 -58.39
N SER B 210 -30.25 -29.27 -58.29
CA SER B 210 -31.65 -28.90 -58.59
C SER B 210 -31.77 -28.24 -59.97
N VAL B 211 -30.70 -27.59 -60.45
CA VAL B 211 -30.78 -26.89 -61.73
C VAL B 211 -30.95 -27.89 -62.86
N GLY B 212 -31.89 -27.61 -63.77
CA GLY B 212 -32.20 -28.49 -64.87
C GLY B 212 -33.42 -29.35 -64.64
N SER B 213 -33.73 -29.68 -63.40
CA SER B 213 -34.91 -30.44 -63.05
C SER B 213 -35.94 -29.53 -62.37
N PRO B 214 -37.21 -29.92 -62.39
CA PRO B 214 -38.23 -29.10 -61.72
C PRO B 214 -38.18 -29.22 -60.20
N ASP B 215 -39.03 -28.48 -59.51
CA ASP B 215 -39.08 -28.58 -58.05
C ASP B 215 -39.41 -30.01 -57.65
N GLY B 216 -38.72 -30.50 -56.60
CA GLY B 216 -38.90 -31.85 -56.13
C GLY B 216 -38.09 -32.90 -56.86
N TRP B 217 -37.41 -32.53 -57.95
CA TRP B 217 -36.60 -33.44 -58.74
C TRP B 217 -35.15 -32.94 -58.79
N SER B 218 -34.24 -33.88 -59.04
CA SER B 218 -32.81 -33.60 -59.08
C SER B 218 -32.24 -34.07 -60.40
N THR B 219 -31.33 -33.25 -60.94
CA THR B 219 -30.58 -33.67 -62.13
C THR B 219 -29.37 -34.38 -61.56
N VAL B 220 -29.14 -35.61 -62.04
CA VAL B 220 -28.07 -36.47 -61.47
C VAL B 220 -27.12 -37.00 -62.54
N PHE B 221 -25.83 -36.71 -62.47
CA PHE B 221 -24.91 -37.27 -63.44
C PHE B 221 -24.32 -38.53 -62.88
N ILE B 222 -24.35 -39.64 -63.62
CA ILE B 222 -23.67 -40.85 -63.16
C ILE B 222 -22.33 -40.79 -63.82
N ARG B 223 -21.25 -41.05 -63.09
CA ARG B 223 -19.95 -40.84 -63.72
C ARG B 223 -19.11 -42.11 -63.75
N THR B 224 -18.80 -42.67 -62.57
CA THR B 224 -17.88 -43.83 -62.52
C THR B 224 -18.63 -45.14 -62.46
N ALA B 225 -17.91 -46.25 -62.62
CA ALA B 225 -18.52 -47.56 -62.49
C ALA B 225 -19.08 -47.78 -61.10
N GLN B 226 -18.35 -47.36 -60.06
CA GLN B 226 -18.83 -47.52 -58.69
C GLN B 226 -20.19 -46.85 -58.52
N GLY B 227 -20.33 -45.62 -58.99
CA GLY B 227 -21.61 -44.94 -58.93
C GLY B 227 -22.66 -45.56 -59.84
N GLU B 228 -22.22 -46.19 -60.93
CA GLU B 228 -23.17 -46.83 -61.83
C GLU B 228 -23.79 -48.07 -61.19
N GLU B 229 -22.96 -48.93 -60.59
CA GLU B 229 -23.48 -50.11 -59.92
C GLU B 229 -24.46 -49.71 -58.82
N PHE B 230 -24.06 -48.76 -57.98
CA PHE B 230 -24.91 -48.32 -56.89
C PHE B 230 -26.25 -47.88 -57.46
N PHE B 231 -26.25 -46.86 -58.31
CA PHE B 231 -27.48 -46.34 -58.87
C PHE B 231 -28.37 -47.42 -59.47
N ASN B 232 -27.79 -48.36 -60.21
CA ASN B 232 -28.59 -49.39 -60.87
C ASN B 232 -29.22 -50.34 -59.88
N LYS B 233 -28.50 -50.66 -58.79
CA LYS B 233 -29.14 -51.41 -57.71
C LYS B 233 -30.32 -50.65 -57.14
N MET B 234 -30.23 -49.32 -57.09
CA MET B 234 -31.29 -48.52 -56.49
C MET B 234 -32.55 -48.56 -57.33
N VAL B 235 -32.43 -48.26 -58.63
CA VAL B 235 -33.60 -48.24 -59.50
C VAL B 235 -34.21 -49.63 -59.61
N GLU B 236 -33.38 -50.67 -59.61
CA GLU B 236 -33.91 -52.03 -59.67
C GLU B 236 -34.72 -52.34 -58.41
N ALA B 237 -34.27 -51.85 -57.25
CA ALA B 237 -35.01 -52.01 -56.01
C ALA B 237 -36.18 -51.05 -55.89
N GLY B 238 -36.40 -50.19 -56.88
CA GLY B 238 -37.49 -49.24 -56.83
C GLY B 238 -37.27 -48.07 -55.89
N ALA B 239 -36.02 -47.80 -55.53
CA ALA B 239 -35.73 -46.71 -54.61
C ALA B 239 -35.87 -45.34 -55.26
N LEU B 240 -35.92 -45.26 -56.60
CA LEU B 240 -35.93 -43.98 -57.29
C LEU B 240 -36.99 -43.97 -58.39
N GLU B 241 -37.51 -42.77 -58.66
CA GLU B 241 -38.27 -42.46 -59.86
C GLU B 241 -37.32 -41.75 -60.83
N VAL B 242 -37.19 -42.30 -62.03
CA VAL B 242 -36.27 -41.78 -63.03
C VAL B 242 -37.05 -41.40 -64.28
N LYS B 243 -36.75 -40.20 -64.80
CA LYS B 243 -37.22 -39.71 -66.09
C LYS B 243 -36.01 -39.21 -66.89
N PRO B 244 -35.93 -39.53 -68.17
CA PRO B 244 -34.76 -39.06 -68.95
C PRO B 244 -34.71 -37.54 -69.01
N ILE B 245 -33.53 -36.98 -68.77
CA ILE B 245 -33.39 -35.48 -68.73
C ILE B 245 -33.86 -34.86 -70.06
N GLU B 246 -33.99 -35.66 -71.12
CA GLU B 246 -34.34 -35.11 -72.46
C GLU B 246 -35.81 -34.69 -72.48
N GLU B 247 -36.60 -35.13 -71.49
CA GLU B 247 -38.06 -34.82 -71.51
C GLU B 247 -38.38 -33.72 -70.48
N VAL B 248 -37.81 -33.80 -69.28
CA VAL B 248 -38.19 -32.82 -68.22
C VAL B 248 -37.64 -31.43 -68.56
N LYS B 249 -38.34 -30.37 -68.14
CA LYS B 249 -37.87 -28.98 -68.40
C LYS B 249 -37.54 -28.36 -67.02
N PRO B 250 -36.57 -27.43 -66.91
CA PRO B 250 -35.99 -26.72 -68.06
C PRO B 250 -35.06 -27.59 -68.92
N GLY B 251 -34.27 -28.47 -68.31
CA GLY B 251 -33.48 -29.43 -69.04
C GLY B 251 -31.99 -29.19 -68.85
N LEU B 252 -31.20 -29.98 -69.59
CA LEU B 252 -29.76 -29.98 -69.44
C LEU B 252 -29.13 -28.69 -69.94
N GLY B 253 -29.80 -27.98 -70.85
CA GLY B 253 -29.22 -26.75 -71.37
C GLY B 253 -28.99 -25.71 -70.29
N LEU B 254 -29.88 -25.65 -69.30
CA LEU B 254 -29.69 -24.70 -68.21
C LEU B 254 -28.45 -25.04 -67.39
N VAL B 255 -28.18 -26.33 -67.24
CA VAL B 255 -26.99 -26.74 -66.53
C VAL B 255 -25.77 -26.29 -67.31
N GLU B 256 -25.77 -26.55 -68.60
CA GLU B 256 -24.63 -26.16 -69.43
C GLU B 256 -24.41 -24.65 -69.37
N LYS B 257 -25.49 -23.88 -69.46
CA LYS B 257 -25.39 -22.43 -69.34
C LYS B 257 -24.61 -22.05 -68.09
N LEU B 258 -25.15 -22.42 -66.92
CA LEU B 258 -24.53 -22.03 -65.66
C LEU B 258 -23.13 -22.59 -65.51
N SER B 259 -22.91 -23.83 -65.94
CA SER B 259 -21.59 -24.44 -65.76
C SER B 259 -20.53 -23.66 -66.52
N LEU B 260 -20.84 -23.21 -67.73
CA LEU B 260 -19.90 -22.42 -68.52
C LEU B 260 -19.80 -20.98 -68.01
N THR B 261 -20.89 -20.43 -67.45
CA THR B 261 -20.82 -19.08 -66.89
C THR B 261 -19.85 -19.05 -65.72
N LYS B 262 -19.92 -20.05 -64.85
CA LYS B 262 -18.98 -20.13 -63.73
C LYS B 262 -17.55 -20.28 -64.22
N LYS B 263 -17.33 -21.17 -65.19
CA LYS B 263 -15.97 -21.43 -65.63
C LYS B 263 -15.38 -20.24 -66.36
N GLU B 264 -16.18 -19.54 -67.17
CA GLU B 264 -15.67 -18.37 -67.88
C GLU B 264 -15.36 -17.24 -66.92
N LYS B 265 -16.19 -17.04 -65.90
CA LYS B 265 -15.95 -15.97 -64.95
C LYS B 265 -14.70 -16.26 -64.13
N ASN B 266 -14.73 -17.33 -63.34
CA ASN B 266 -13.61 -17.63 -62.45
C ASN B 266 -12.31 -17.88 -63.21
N ALA B 267 -12.39 -18.23 -64.49
CA ALA B 267 -11.18 -18.31 -65.29
C ALA B 267 -10.49 -16.95 -65.36
N LYS B 268 -11.27 -15.89 -65.59
CA LYS B 268 -10.69 -14.55 -65.60
C LYS B 268 -10.04 -14.22 -64.25
N GLU B 269 -10.66 -14.63 -63.14
CA GLU B 269 -10.07 -14.34 -61.84
C GLU B 269 -8.74 -15.05 -61.66
N ILE B 270 -8.63 -16.29 -62.16
CA ILE B 270 -7.36 -17.00 -62.04
C ILE B 270 -6.28 -16.27 -62.82
N GLU B 271 -6.59 -15.82 -64.03
CA GLU B 271 -5.60 -15.06 -64.80
C GLU B 271 -5.30 -13.72 -64.16
N HIS B 272 -6.31 -13.10 -63.55
CA HIS B 272 -6.07 -11.84 -62.84
C HIS B 272 -5.08 -12.05 -61.70
N ARG B 273 -5.26 -13.12 -60.92
CA ARG B 273 -4.33 -13.40 -59.83
C ARG B 273 -2.93 -13.65 -60.34
N LYS B 274 -2.79 -14.51 -61.35
CA LYS B 274 -1.49 -14.75 -61.96
C LYS B 274 -0.84 -13.44 -62.38
N GLU B 275 -1.63 -12.51 -62.91
CA GLU B 275 -1.10 -11.25 -63.40
C GLU B 275 -0.46 -10.44 -62.28
N ILE B 276 -1.19 -10.25 -61.16
CA ILE B 276 -0.70 -9.42 -60.06
C ILE B 276 0.21 -10.16 -59.12
N GLY B 277 0.52 -11.44 -59.38
CA GLY B 277 1.52 -12.16 -58.62
C GLY B 277 1.01 -13.09 -57.55
N LEU B 278 -0.28 -13.39 -57.54
CA LEU B 278 -0.84 -14.25 -56.50
C LEU B 278 -0.87 -15.71 -56.95
N PRO B 279 -0.68 -16.65 -56.02
CA PRO B 279 -0.61 -18.07 -56.38
C PRO B 279 -1.97 -18.64 -56.74
N VAL B 280 -1.96 -19.60 -57.65
CA VAL B 280 -3.16 -20.36 -57.99
C VAL B 280 -2.81 -21.84 -57.98
N PRO B 281 -3.80 -22.71 -57.87
CA PRO B 281 -3.53 -24.15 -57.90
C PRO B 281 -3.16 -24.60 -59.31
N TYR B 282 -2.32 -25.63 -59.38
CA TYR B 282 -1.85 -26.14 -60.66
C TYR B 282 -1.41 -27.60 -60.54
N VAL C 2 15.59 -53.88 -61.00
CA VAL C 2 16.59 -52.93 -60.53
C VAL C 2 16.88 -53.20 -59.06
N LYS C 3 17.95 -52.61 -58.55
CA LYS C 3 18.42 -52.85 -57.19
C LYS C 3 18.20 -51.61 -56.34
N ILE C 4 17.50 -51.81 -55.22
CA ILE C 4 17.16 -50.68 -54.33
C ILE C 4 17.93 -50.82 -53.01
N ALA C 5 18.14 -49.69 -52.34
CA ALA C 5 18.86 -49.65 -51.07
C ALA C 5 18.08 -48.83 -50.06
N HIS C 6 18.08 -49.28 -48.81
CA HIS C 6 17.50 -48.53 -47.70
C HIS C 6 18.62 -48.02 -46.81
N ILE C 7 18.82 -46.70 -46.88
CA ILE C 7 19.85 -46.04 -46.03
C ILE C 7 19.13 -45.47 -44.81
N HIS C 8 19.69 -45.66 -43.62
CA HIS C 8 19.08 -45.18 -42.38
C HIS C 8 20.04 -44.24 -41.68
N LEU C 9 19.67 -42.97 -41.63
CA LEU C 9 20.46 -41.93 -40.96
C LEU C 9 19.85 -41.66 -39.60
N CYS C 10 19.56 -40.42 -39.21
CA CYS C 10 19.03 -40.10 -37.89
C CYS C 10 17.50 -40.14 -37.93
N GLY C 11 17.00 -41.36 -38.10
CA GLY C 11 15.56 -41.60 -38.12
C GLY C 11 15.13 -42.53 -37.01
N CYS C 12 13.90 -43.02 -37.11
CA CYS C 12 13.35 -43.96 -36.10
C CYS C 12 12.94 -45.26 -36.80
N THR C 13 13.29 -45.42 -38.08
CA THR C 13 12.99 -46.65 -38.85
C THR C 13 11.52 -46.72 -39.21
N GLY C 14 10.67 -45.95 -38.55
CA GLY C 14 9.21 -46.01 -38.78
C GLY C 14 8.86 -46.08 -40.25
N CYS C 15 9.49 -45.26 -41.08
CA CYS C 15 9.10 -45.23 -42.52
C CYS C 15 9.42 -46.60 -43.13
N LEU C 16 10.52 -47.22 -42.69
CA LEU C 16 10.80 -48.58 -43.18
C LEU C 16 9.70 -49.55 -42.79
N ILE C 17 9.20 -49.44 -41.55
CA ILE C 17 8.13 -50.33 -41.12
C ILE C 17 6.84 -50.01 -41.86
N SER C 18 6.67 -48.75 -42.30
CA SER C 18 5.53 -48.43 -43.15
C SER C 18 5.65 -49.12 -44.49
N LEU C 19 6.87 -49.23 -45.02
CA LEU C 19 7.10 -50.04 -46.21
C LEU C 19 6.89 -51.52 -45.92
N ALA C 20 7.17 -51.96 -44.68
CA ALA C 20 6.90 -53.34 -44.32
C ALA C 20 5.41 -53.64 -44.27
N ASP C 21 4.62 -52.60 -43.96
CA ASP C 21 3.15 -52.81 -43.79
C ASP C 21 2.49 -52.89 -45.16
N THR C 22 3.27 -53.17 -46.21
CA THR C 22 2.67 -53.38 -47.55
C THR C 22 2.32 -54.85 -47.67
N TYR C 23 2.86 -55.67 -46.77
CA TYR C 23 2.53 -57.12 -46.75
C TYR C 23 2.47 -57.67 -48.17
N GLU C 24 1.26 -57.97 -48.64
CA GLU C 24 1.11 -58.52 -49.98
C GLU C 24 1.76 -57.77 -51.13
N GLN C 25 1.69 -56.43 -51.09
CA GLN C 25 2.43 -55.64 -52.09
C GLN C 25 3.91 -55.95 -51.94
N LEU C 26 4.45 -55.81 -50.72
CA LEU C 26 5.87 -56.04 -50.48
C LEU C 26 6.38 -57.31 -51.13
N LEU C 27 5.56 -58.36 -51.10
CA LEU C 27 5.95 -59.64 -51.75
C LEU C 27 6.17 -59.37 -53.24
N ASP C 28 5.22 -58.65 -53.87
CA ASP C 28 5.32 -58.38 -55.29
C ASP C 28 6.50 -57.48 -55.62
N ILE C 29 6.88 -56.58 -54.70
CA ILE C 29 8.00 -55.68 -54.97
C ILE C 29 9.31 -56.45 -54.88
N LEU C 30 9.51 -57.20 -53.79
CA LEU C 30 10.76 -57.91 -53.59
C LEU C 30 11.04 -58.91 -54.71
N ASN C 31 10.00 -59.39 -55.39
CA ASN C 31 10.21 -60.26 -56.54
C ASN C 31 10.65 -59.48 -57.77
N SER C 32 10.20 -58.22 -57.89
CA SER C 32 10.51 -57.42 -59.10
C SER C 32 11.90 -56.78 -58.98
N VAL C 33 12.32 -56.40 -57.78
CA VAL C 33 13.60 -55.72 -57.59
C VAL C 33 14.50 -56.57 -56.70
N GLU C 34 15.66 -56.01 -56.32
CA GLU C 34 16.62 -56.73 -55.50
C GLU C 34 17.17 -55.79 -54.44
N LEU C 35 17.16 -56.25 -53.18
CA LEU C 35 17.63 -55.45 -52.06
C LEU C 35 19.14 -55.62 -51.95
N VAL C 36 19.89 -54.58 -52.26
CA VAL C 36 21.35 -54.68 -52.22
C VAL C 36 21.90 -54.12 -50.92
N TYR C 37 21.28 -53.09 -50.39
CA TYR C 37 21.72 -52.54 -49.11
C TYR C 37 20.52 -52.31 -48.21
N ALA C 38 20.71 -52.61 -46.93
CA ALA C 38 19.73 -52.35 -45.88
C ALA C 38 20.28 -52.96 -44.60
N LEU C 39 20.92 -52.15 -43.75
CA LEU C 39 21.55 -52.72 -42.57
C LEU C 39 20.57 -53.47 -41.70
N THR C 40 19.31 -53.03 -41.67
CA THR C 40 18.30 -53.67 -40.83
C THR C 40 17.78 -54.98 -41.41
N LEU C 41 18.10 -55.29 -42.68
CA LEU C 41 17.50 -56.50 -43.31
C LEU C 41 18.57 -57.45 -43.89
N VAL C 42 19.63 -56.93 -44.50
CA VAL C 42 20.61 -57.77 -45.19
C VAL C 42 22.00 -57.47 -44.66
N ASP C 43 22.88 -58.47 -44.76
CA ASP C 43 24.25 -58.39 -44.25
C ASP C 43 25.23 -57.82 -45.26
N GLU C 44 24.81 -56.88 -46.09
CA GLU C 44 25.67 -56.32 -47.13
C GLU C 44 26.07 -54.90 -46.78
N LYS C 45 27.25 -54.47 -47.23
CA LYS C 45 28.19 -55.28 -48.01
C LYS C 45 29.44 -55.59 -47.19
N THR C 46 29.63 -56.86 -46.87
CA THR C 46 30.71 -57.24 -45.97
C THR C 46 32.06 -57.13 -46.67
N GLU C 47 33.00 -56.46 -45.98
CA GLU C 47 34.37 -56.29 -46.50
C GLU C 47 35.33 -56.42 -45.30
N ILE C 48 36.24 -57.39 -45.36
CA ILE C 48 37.14 -57.67 -44.19
C ILE C 48 38.62 -57.39 -44.56
N ARG C 49 39.28 -56.51 -43.82
CA ARG C 49 40.70 -56.24 -44.01
C ARG C 49 41.43 -56.55 -42.71
N GLU C 50 42.46 -57.38 -42.82
CA GLU C 50 43.16 -57.92 -41.66
C GLU C 50 44.61 -57.48 -41.68
N THR C 51 45.05 -56.84 -40.59
CA THR C 51 46.43 -56.45 -40.37
C THR C 51 47.04 -57.38 -39.33
N ASP C 52 48.27 -57.06 -38.91
CA ASP C 52 48.94 -57.89 -37.91
C ASP C 52 48.21 -57.86 -36.57
N ASP C 53 47.49 -56.79 -36.28
CA ASP C 53 46.86 -56.60 -34.98
C ASP C 53 45.34 -56.55 -35.00
N LYS C 54 44.72 -56.28 -36.15
CA LYS C 54 43.29 -56.00 -36.18
C LYS C 54 42.61 -56.71 -37.34
N ILE C 55 41.38 -57.15 -37.11
CA ILE C 55 40.49 -57.71 -38.13
C ILE C 55 39.29 -56.78 -38.20
N LEU C 56 39.12 -56.10 -39.33
CA LEU C 56 38.07 -55.11 -39.50
C LEU C 56 37.00 -55.66 -40.44
N ILE C 57 35.87 -56.08 -39.86
CA ILE C 57 34.70 -56.52 -40.62
C ILE C 57 33.74 -55.34 -40.69
N GLU C 58 33.40 -54.91 -41.91
CA GLU C 58 32.57 -53.73 -42.11
C GLU C 58 31.57 -53.97 -43.23
N ARG C 59 30.34 -53.50 -43.02
CA ARG C 59 29.29 -53.53 -44.02
C ARG C 59 29.14 -52.13 -44.62
N GLU C 60 29.37 -52.01 -45.92
CA GLU C 60 29.37 -50.71 -46.59
C GLU C 60 28.30 -50.66 -47.67
N ILE C 61 27.96 -49.43 -48.05
CA ILE C 61 26.91 -49.21 -49.08
C ILE C 61 27.49 -49.61 -50.43
N PRO C 62 26.87 -50.58 -51.11
CA PRO C 62 27.44 -51.06 -52.38
C PRO C 62 27.36 -50.05 -53.49
N ASP C 63 28.01 -50.35 -54.61
CA ASP C 63 28.05 -49.46 -55.75
C ASP C 63 26.93 -49.77 -56.75
N ASP C 64 26.57 -48.75 -57.53
CA ASP C 64 25.56 -48.87 -58.58
C ASP C 64 24.18 -49.23 -58.02
N ILE C 65 23.73 -48.44 -57.05
CA ILE C 65 22.35 -48.52 -56.59
C ILE C 65 21.49 -47.74 -57.57
N ASP C 66 20.28 -48.24 -57.83
CA ASP C 66 19.39 -47.61 -58.78
C ASP C 66 18.44 -46.62 -58.11
N ILE C 67 17.79 -47.03 -57.03
CA ILE C 67 16.90 -46.14 -56.27
C ILE C 67 17.19 -46.34 -54.79
N ALA C 68 17.53 -45.26 -54.09
CA ALA C 68 17.98 -45.30 -52.71
C ALA C 68 16.96 -44.57 -51.85
N LEU C 69 16.27 -45.32 -50.99
CA LEU C 69 15.34 -44.75 -50.01
C LEU C 69 16.14 -44.34 -48.78
N VAL C 70 16.33 -43.03 -48.60
CA VAL C 70 17.09 -42.50 -47.48
C VAL C 70 16.12 -42.02 -46.42
N GLU C 71 16.29 -42.55 -45.21
CA GLU C 71 15.35 -42.23 -44.11
C GLU C 71 16.10 -41.53 -42.97
N GLY C 72 15.53 -40.45 -42.45
CA GLY C 72 16.12 -39.72 -41.35
C GLY C 72 16.96 -38.53 -41.81
N SER C 73 17.29 -37.69 -40.84
CA SER C 73 18.07 -36.49 -41.09
C SER C 73 19.56 -36.77 -40.86
N VAL C 74 20.39 -35.74 -41.06
CA VAL C 74 21.84 -35.84 -40.94
C VAL C 74 22.29 -35.02 -39.75
N CYS C 75 23.15 -35.59 -38.92
CA CYS C 75 23.75 -34.87 -37.80
C CYS C 75 25.08 -34.27 -38.27
N LEU C 76 25.17 -32.95 -38.25
CA LEU C 76 26.37 -32.27 -38.73
C LEU C 76 27.56 -32.43 -37.81
N GLU C 77 27.36 -32.97 -36.60
CA GLU C 77 28.43 -33.17 -35.64
C GLU C 77 28.92 -34.60 -35.58
N ASP C 78 28.31 -35.51 -36.35
CA ASP C 78 28.73 -36.90 -36.42
C ASP C 78 29.39 -37.13 -37.78
N GLU C 79 30.68 -37.52 -37.76
CA GLU C 79 31.38 -37.72 -39.02
C GLU C 79 30.76 -38.84 -39.84
N HIS C 80 30.36 -39.93 -39.17
CA HIS C 80 29.79 -41.09 -39.89
C HIS C 80 28.49 -40.68 -40.60
N SER C 81 27.58 -40.00 -39.91
CA SER C 81 26.29 -39.68 -40.50
C SER C 81 26.46 -38.84 -41.77
N MET C 82 27.42 -37.91 -41.78
CA MET C 82 27.65 -37.11 -42.97
C MET C 82 28.40 -37.88 -44.04
N LYS C 83 29.27 -38.81 -43.66
CA LYS C 83 29.91 -39.67 -44.65
C LYS C 83 28.86 -40.47 -45.41
N ASP C 84 27.83 -40.96 -44.71
CA ASP C 84 26.87 -41.85 -45.33
C ASP C 84 25.90 -41.11 -46.26
N VAL C 85 25.65 -39.83 -46.02
CA VAL C 85 24.72 -39.11 -46.88
C VAL C 85 25.37 -38.76 -48.21
N PHE C 86 26.66 -38.41 -48.18
CA PHE C 86 27.39 -38.19 -49.43
C PHE C 86 27.73 -39.50 -50.12
N ASP C 87 27.94 -40.55 -49.33
CA ASP C 87 28.20 -41.84 -49.92
C ASP C 87 26.95 -42.32 -50.62
N ALA C 88 25.80 -42.13 -49.99
CA ALA C 88 24.55 -42.52 -50.60
C ALA C 88 24.36 -41.81 -51.94
N ARG C 89 24.50 -40.49 -51.95
CA ARG C 89 24.43 -39.74 -53.20
C ARG C 89 25.38 -40.30 -54.25
N ARG C 90 26.58 -40.65 -53.83
CA ARG C 90 27.57 -41.14 -54.76
C ARG C 90 27.20 -42.39 -55.47
N LYS C 91 26.82 -43.41 -54.72
CA LYS C 91 26.58 -44.69 -55.33
C LYS C 91 25.14 -44.97 -55.66
N SER C 92 24.39 -43.91 -55.93
CA SER C 92 22.99 -44.09 -56.21
C SER C 92 22.56 -43.15 -57.30
N LYS C 93 21.67 -43.64 -58.15
CA LYS C 93 21.18 -42.80 -59.20
C LYS C 93 20.07 -41.95 -58.67
N ILE C 94 19.03 -42.58 -58.17
CA ILE C 94 17.86 -41.81 -57.71
C ILE C 94 17.88 -41.81 -56.19
N VAL C 95 17.92 -40.61 -55.60
CA VAL C 95 17.87 -40.43 -54.15
C VAL C 95 16.45 -40.03 -53.77
N VAL C 96 15.87 -40.74 -52.81
CA VAL C 96 14.48 -40.53 -52.39
C VAL C 96 14.48 -40.18 -50.92
N ALA C 97 14.17 -38.92 -50.61
CA ALA C 97 14.00 -38.48 -49.22
C ALA C 97 12.76 -39.15 -48.66
N LEU C 98 12.96 -40.19 -47.86
CA LEU C 98 11.86 -40.97 -47.30
C LEU C 98 11.49 -40.43 -45.92
N GLY C 99 10.34 -39.77 -45.84
CA GLY C 99 9.85 -39.26 -44.58
C GLY C 99 10.25 -37.81 -44.32
N ALA C 100 9.57 -37.21 -43.36
CA ALA C 100 9.82 -35.81 -43.03
C ALA C 100 11.20 -35.59 -42.44
N CYS C 101 11.75 -36.60 -41.76
CA CYS C 101 13.10 -36.44 -41.21
C CYS C 101 14.12 -36.21 -42.32
N ALA C 102 14.02 -36.99 -43.40
CA ALA C 102 14.96 -36.82 -44.51
C ALA C 102 14.55 -35.71 -45.45
N ALA C 103 13.25 -35.42 -45.53
CA ALA C 103 12.77 -34.45 -46.52
C ALA C 103 12.93 -33.01 -46.03
N THR C 104 12.49 -32.73 -44.81
CA THR C 104 12.48 -31.36 -44.30
C THR C 104 12.99 -31.24 -42.87
N GLY C 105 13.49 -32.31 -42.27
CA GLY C 105 13.92 -32.25 -40.89
C GLY C 105 12.92 -32.89 -39.95
N GLY C 106 11.68 -32.44 -40.00
CA GLY C 106 10.65 -33.09 -39.19
C GLY C 106 10.88 -32.87 -37.70
N ILE C 107 10.73 -33.95 -36.93
CA ILE C 107 10.82 -33.85 -35.49
C ILE C 107 12.22 -33.41 -35.06
N THR C 108 13.25 -33.75 -35.85
CA THR C 108 14.61 -33.41 -35.46
C THR C 108 14.91 -31.92 -35.61
N ARG C 109 13.98 -31.14 -36.16
CA ARG C 109 14.17 -29.70 -36.17
C ARG C 109 14.20 -29.13 -34.75
N PHE C 110 13.51 -29.78 -33.82
CA PHE C 110 13.49 -29.33 -32.44
C PHE C 110 14.77 -29.66 -31.69
N CYS C 111 15.69 -30.41 -32.29
CA CYS C 111 16.91 -30.80 -31.61
C CYS C 111 17.76 -29.58 -31.27
N ARG C 112 18.40 -29.62 -30.11
CA ARG C 112 19.33 -28.52 -29.75
C ARG C 112 20.45 -29.08 -28.87
N GLY C 113 20.45 -30.40 -28.64
CA GLY C 113 21.53 -31.03 -27.86
C GLY C 113 21.44 -30.72 -26.38
N GLY C 114 22.57 -30.68 -25.68
CA GLY C 114 22.57 -30.46 -24.25
C GLY C 114 22.30 -31.75 -23.51
N GLN C 115 22.39 -32.87 -24.19
CA GLN C 115 22.13 -34.14 -23.56
C GLN C 115 23.25 -35.09 -23.73
N MET C 116 23.68 -35.75 -22.66
CA MET C 116 24.69 -36.79 -22.80
C MET C 116 24.10 -37.94 -23.63
N SER C 117 24.91 -38.77 -24.21
CA SER C 117 26.31 -38.72 -24.01
C SER C 117 27.01 -38.06 -25.19
N LYS C 118 26.28 -37.42 -26.08
CA LYS C 118 26.95 -36.70 -27.14
C LYS C 118 26.55 -35.25 -27.10
N PRO C 119 26.96 -34.54 -26.04
CA PRO C 119 26.54 -33.14 -25.89
C PRO C 119 26.76 -32.34 -27.16
N VAL C 120 27.82 -32.65 -27.90
CA VAL C 120 28.15 -31.88 -29.13
C VAL C 120 27.00 -31.99 -30.14
N HIS C 121 26.32 -33.14 -30.18
CA HIS C 121 25.23 -33.32 -31.13
C HIS C 121 24.11 -32.32 -30.87
N SER C 122 23.78 -31.52 -31.88
CA SER C 122 22.73 -30.49 -31.72
C SER C 122 22.26 -29.93 -33.08
N SER C 123 22.80 -30.39 -34.19
CA SER C 123 22.48 -29.84 -35.50
C SER C 123 22.02 -30.97 -36.41
N PHE C 124 20.75 -30.94 -36.80
CA PHE C 124 20.17 -31.94 -37.69
C PHE C 124 19.50 -31.24 -38.85
N VAL C 125 19.86 -31.62 -40.06
CA VAL C 125 19.32 -31.00 -41.27
C VAL C 125 18.72 -32.10 -42.13
N PRO C 126 17.78 -31.76 -43.01
CA PRO C 126 17.34 -32.72 -44.03
C PRO C 126 18.48 -33.02 -44.99
N ILE C 127 18.38 -34.19 -45.64
CA ILE C 127 19.40 -34.59 -46.60
C ILE C 127 19.47 -33.62 -47.77
N GLY C 128 18.41 -32.84 -47.98
CA GLY C 128 18.39 -31.90 -49.10
C GLY C 128 19.34 -30.73 -48.94
N ASP C 129 19.74 -30.42 -47.71
CA ASP C 129 20.70 -29.35 -47.48
C ASP C 129 22.13 -29.77 -47.78
N LEU C 130 22.37 -31.04 -48.07
CA LEU C 130 23.70 -31.54 -48.35
C LEU C 130 23.86 -32.14 -49.74
N ILE C 131 22.89 -32.95 -50.18
CA ILE C 131 23.00 -33.67 -51.44
C ILE C 131 21.78 -33.36 -52.29
N LYS C 132 21.95 -33.55 -53.60
CA LYS C 132 20.83 -33.46 -54.52
C LYS C 132 19.81 -34.54 -54.18
N VAL C 133 18.56 -34.13 -54.02
CA VAL C 133 17.44 -35.05 -53.82
C VAL C 133 16.60 -35.02 -55.08
N ASP C 134 16.15 -36.21 -55.51
CA ASP C 134 15.39 -36.38 -56.74
C ASP C 134 13.90 -36.55 -56.49
N LEU C 135 13.52 -37.26 -55.42
CA LEU C 135 12.14 -37.38 -54.99
C LEU C 135 12.07 -37.24 -53.48
N ALA C 136 10.94 -36.74 -52.99
CA ALA C 136 10.74 -36.55 -51.56
C ALA C 136 9.33 -36.99 -51.20
N LEU C 137 9.24 -37.74 -50.10
CA LEU C 137 7.95 -38.16 -49.54
C LEU C 137 7.78 -37.51 -48.17
N PRO C 138 6.73 -36.71 -47.96
CA PRO C 138 6.48 -36.17 -46.62
C PRO C 138 5.77 -37.18 -45.74
N GLY C 139 5.36 -36.77 -44.55
CA GLY C 139 4.66 -37.65 -43.66
C GLY C 139 5.57 -38.24 -42.58
N CYS C 140 4.96 -38.67 -41.48
CA CYS C 140 5.68 -39.15 -40.32
C CYS C 140 4.95 -40.35 -39.73
N PRO C 141 4.97 -41.49 -40.43
CA PRO C 141 5.59 -41.75 -41.74
C PRO C 141 4.59 -41.66 -42.89
N PRO C 142 5.05 -41.49 -44.12
CA PRO C 142 4.15 -41.63 -45.26
C PRO C 142 3.50 -43.01 -45.25
N SER C 143 2.25 -43.07 -45.70
CA SER C 143 1.49 -44.30 -45.59
C SER C 143 2.09 -45.41 -46.45
N PRO C 144 1.71 -46.67 -46.20
CA PRO C 144 2.12 -47.74 -47.11
C PRO C 144 1.51 -47.59 -48.50
N GLU C 145 0.30 -47.04 -48.60
CA GLU C 145 -0.33 -46.89 -49.91
C GLU C 145 0.43 -45.88 -50.77
N ALA C 146 0.93 -44.81 -50.16
CA ALA C 146 1.71 -43.84 -50.90
C ALA C 146 3.11 -44.35 -51.24
N LEU C 147 3.60 -45.33 -50.49
CA LEU C 147 4.91 -45.89 -50.78
C LEU C 147 4.87 -46.81 -51.99
N VAL C 148 3.80 -47.61 -52.11
CA VAL C 148 3.69 -48.49 -53.27
C VAL C 148 3.40 -47.68 -54.52
N ASN C 149 2.78 -46.50 -54.38
CA ASN C 149 2.54 -45.66 -55.55
C ASN C 149 3.84 -45.04 -56.05
N LEU C 150 4.71 -44.60 -55.13
CA LEU C 150 6.00 -44.04 -55.54
C LEU C 150 6.90 -45.11 -56.15
N ILE C 151 6.89 -46.31 -55.57
CA ILE C 151 7.74 -47.39 -56.09
C ILE C 151 7.23 -47.86 -57.45
N THR C 152 5.92 -48.12 -57.55
CA THR C 152 5.35 -48.53 -58.83
C THR C 152 5.67 -47.51 -59.92
N ALA C 153 5.51 -46.22 -59.60
CA ALA C 153 5.72 -45.18 -60.59
C ALA C 153 7.19 -45.01 -60.93
N ALA C 154 8.09 -45.24 -59.96
CA ALA C 154 9.51 -45.12 -60.24
C ALA C 154 9.97 -46.20 -61.21
N LEU C 155 9.48 -47.43 -61.03
CA LEU C 155 9.85 -48.52 -61.93
C LEU C 155 9.23 -48.31 -63.31
N ASN C 156 7.94 -47.94 -63.36
CA ASN C 156 7.23 -47.79 -64.62
C ASN C 156 7.61 -46.53 -65.38
N GLY C 157 8.38 -45.63 -64.77
CA GLY C 157 8.71 -44.38 -65.43
C GLY C 157 7.56 -43.40 -65.50
N ASP C 158 6.63 -43.46 -64.55
CA ASP C 158 5.51 -42.53 -64.48
C ASP C 158 6.02 -41.21 -63.92
N THR C 159 6.54 -40.38 -64.83
CA THR C 159 7.07 -39.07 -64.41
C THR C 159 5.95 -38.10 -64.07
N GLU C 160 4.79 -38.25 -64.70
CA GLU C 160 3.68 -37.35 -64.43
C GLU C 160 3.20 -37.50 -62.99
N TYR C 161 3.10 -38.73 -62.49
CA TYR C 161 2.68 -38.94 -61.11
C TYR C 161 3.73 -38.41 -60.14
N LEU C 162 5.00 -38.74 -60.38
CA LEU C 162 6.07 -38.39 -59.44
C LEU C 162 6.45 -36.92 -59.46
N GLU C 163 5.82 -36.10 -60.31
CA GLU C 163 6.25 -34.72 -60.42
C GLU C 163 6.01 -33.94 -59.13
N ILE C 164 4.93 -34.25 -58.41
CA ILE C 164 4.66 -33.55 -57.16
C ILE C 164 5.76 -33.82 -56.15
N TYR C 165 6.31 -35.04 -56.15
CA TYR C 165 7.39 -35.37 -55.23
C TYR C 165 8.74 -34.88 -55.73
N ALA C 166 8.91 -34.74 -57.05
CA ALA C 166 10.13 -34.17 -57.59
C ALA C 166 10.24 -32.70 -57.21
N GLU C 167 9.15 -31.95 -57.43
CA GLU C 167 9.12 -30.55 -57.02
C GLU C 167 9.33 -30.41 -55.52
N LEU C 168 8.79 -31.35 -54.74
CA LEU C 168 8.94 -31.29 -53.29
C LEU C 168 10.39 -31.48 -52.87
N ALA C 169 11.19 -32.16 -53.71
CA ALA C 169 12.58 -32.41 -53.37
C ALA C 169 13.46 -31.17 -53.44
N LYS C 170 12.96 -30.07 -53.99
CA LYS C 170 13.71 -28.82 -54.03
C LYS C 170 13.53 -27.99 -52.77
N LYS C 171 12.43 -28.18 -52.06
CA LYS C 171 12.11 -27.41 -50.86
C LYS C 171 12.51 -28.24 -49.63
N THR C 172 13.19 -27.59 -48.68
CA THR C 172 13.74 -28.28 -47.53
C THR C 172 13.14 -27.79 -46.20
N GLU C 173 11.99 -27.12 -46.23
CA GLU C 173 11.38 -26.59 -45.02
C GLU C 173 9.87 -26.79 -45.06
N ALA C 174 9.35 -27.54 -44.09
CA ALA C 174 7.92 -27.80 -43.96
C ALA C 174 7.46 -27.44 -42.55
N CYS C 175 6.15 -27.26 -42.40
CA CYS C 175 5.57 -26.74 -41.17
C CYS C 175 4.04 -26.73 -41.34
N GLY C 176 3.34 -26.69 -40.20
CA GLY C 176 1.90 -26.53 -40.25
C GLY C 176 1.49 -25.19 -40.81
N CYS C 177 2.32 -24.16 -40.59
CA CYS C 177 1.97 -22.78 -41.03
C CYS C 177 1.90 -22.72 -42.56
N ASP C 178 2.34 -23.78 -43.25
CA ASP C 178 2.36 -23.76 -44.74
C ASP C 178 0.94 -23.49 -45.25
N LEU C 179 -0.07 -24.08 -44.60
CA LEU C 179 -1.48 -23.84 -45.01
C LEU C 179 -1.81 -22.35 -44.84
N LEU C 180 -1.41 -21.76 -43.71
CA LEU C 180 -1.76 -20.34 -43.46
C LEU C 180 -1.06 -19.42 -44.47
N VAL C 181 0.26 -19.56 -44.62
CA VAL C 181 1.04 -18.64 -45.51
C VAL C 181 0.65 -18.83 -46.99
N ASN C 182 0.34 -20.05 -47.41
CA ASN C 182 0.09 -20.26 -48.83
C ASN C 182 -1.38 -20.33 -49.21
N VAL C 183 -2.28 -20.64 -48.26
CA VAL C 183 -3.67 -20.93 -48.59
C VAL C 183 -4.63 -19.95 -47.91
N ILE C 184 -4.48 -19.77 -46.60
CA ILE C 184 -5.42 -18.91 -45.87
C ILE C 184 -5.15 -17.44 -46.17
N ASN C 185 -3.87 -17.05 -46.19
CA ASN C 185 -3.54 -15.61 -46.38
C ASN C 185 -3.69 -15.23 -47.85
N LYS C 186 -3.65 -16.24 -48.74
CA LYS C 186 -3.74 -15.99 -50.17
C LYS C 186 -5.13 -16.25 -50.73
N SER C 187 -6.15 -16.20 -49.87
CA SER C 187 -7.54 -16.25 -50.31
C SER C 187 -7.82 -17.46 -51.19
N LEU C 188 -7.19 -18.59 -50.85
CA LEU C 188 -7.37 -19.84 -51.59
C LEU C 188 -8.11 -20.91 -50.80
N CYS C 189 -8.18 -20.80 -49.48
CA CYS C 189 -8.73 -21.87 -48.65
C CYS C 189 -10.25 -21.85 -48.71
N MET C 190 -10.83 -23.00 -49.07
CA MET C 190 -12.31 -23.07 -49.24
C MET C 190 -12.97 -23.89 -48.11
N GLY C 191 -12.16 -24.42 -47.18
CA GLY C 191 -12.74 -25.13 -46.05
C GLY C 191 -13.20 -26.55 -46.30
N CYS C 192 -12.42 -27.33 -47.06
CA CYS C 192 -12.78 -28.73 -47.27
C CYS C 192 -12.51 -29.57 -46.02
N GLY C 193 -11.44 -29.25 -45.29
CA GLY C 193 -11.08 -29.98 -44.10
C GLY C 193 -10.21 -31.18 -44.32
N SER C 194 -9.80 -31.46 -45.57
CA SER C 194 -8.99 -32.64 -45.82
C SER C 194 -7.62 -32.53 -45.18
N CYS C 195 -7.07 -31.32 -45.08
CA CYS C 195 -5.79 -31.14 -44.40
C CYS C 195 -5.87 -31.59 -42.94
N ALA C 196 -6.99 -31.29 -42.28
CA ALA C 196 -7.16 -31.74 -40.90
C ALA C 196 -7.19 -33.26 -40.83
N ALA C 197 -7.76 -33.92 -41.84
CA ALA C 197 -7.86 -35.37 -41.83
C ALA C 197 -6.52 -36.06 -42.04
N SER C 198 -5.52 -35.35 -42.58
CA SER C 198 -4.24 -35.97 -42.89
C SER C 198 -3.27 -35.97 -41.72
N CYS C 199 -3.47 -35.09 -40.74
CA CYS C 199 -2.45 -34.85 -39.74
C CYS C 199 -2.25 -36.08 -38.85
N PRO C 200 -1.01 -36.55 -38.70
CA PRO C 200 -0.78 -37.73 -37.84
C PRO C 200 -0.86 -37.42 -36.35
N THR C 201 -0.77 -36.15 -35.96
CA THR C 201 -0.83 -35.76 -34.55
C THR C 201 -2.12 -35.04 -34.19
N ARG C 202 -3.06 -34.94 -35.13
CA ARG C 202 -4.37 -34.28 -34.87
C ARG C 202 -4.13 -32.83 -34.41
N ALA C 203 -3.06 -32.19 -34.89
CA ALA C 203 -2.77 -30.80 -34.56
C ALA C 203 -3.64 -29.82 -35.32
N ILE C 204 -4.38 -30.26 -36.33
CA ILE C 204 -5.24 -29.36 -37.10
C ILE C 204 -6.68 -29.53 -36.62
N GLU C 205 -7.38 -28.41 -36.50
CA GLU C 205 -8.75 -28.38 -36.00
C GLU C 205 -9.53 -27.36 -36.81
N MET C 206 -10.59 -27.81 -37.46
CA MET C 206 -11.42 -26.92 -38.27
C MET C 206 -12.24 -26.01 -37.36
N ILE C 207 -12.09 -24.69 -37.54
CA ILE C 207 -12.89 -23.70 -36.86
C ILE C 207 -13.24 -22.60 -37.86
N ASP C 208 -14.49 -22.17 -37.87
CA ASP C 208 -14.96 -21.16 -38.82
C ASP C 208 -14.69 -21.59 -40.27
N GLY C 209 -14.76 -22.89 -40.54
CA GLY C 209 -14.50 -23.37 -41.87
C GLY C 209 -13.07 -23.19 -42.36
N LYS C 210 -12.13 -23.01 -41.44
CA LYS C 210 -10.72 -22.81 -41.76
C LYS C 210 -9.89 -23.67 -40.81
N PRO C 211 -8.76 -24.19 -41.28
CA PRO C 211 -7.90 -24.98 -40.39
C PRO C 211 -7.20 -24.08 -39.37
N ASN C 212 -7.15 -24.57 -38.13
CA ASN C 212 -6.47 -23.90 -37.04
C ASN C 212 -5.41 -24.84 -36.50
N VAL C 213 -4.15 -24.44 -36.61
CA VAL C 213 -3.02 -25.30 -36.25
C VAL C 213 -2.66 -25.07 -34.79
N LEU C 214 -2.68 -26.15 -34.01
CA LEU C 214 -2.18 -26.12 -32.64
C LEU C 214 -0.68 -26.27 -32.71
N LYS C 215 0.04 -25.15 -32.63
CA LYS C 215 1.46 -25.15 -32.97
C LYS C 215 2.27 -26.02 -32.02
N GLU C 216 1.88 -26.11 -30.76
CA GLU C 216 2.62 -26.94 -29.81
C GLU C 216 2.36 -28.44 -29.99
N LEU C 217 1.72 -28.81 -31.10
CA LEU C 217 1.47 -30.24 -31.39
C LEU C 217 1.96 -30.60 -32.81
N CYS C 218 2.35 -29.60 -33.60
CA CYS C 218 2.83 -29.84 -34.95
C CYS C 218 4.28 -30.32 -34.93
N ILE C 219 4.55 -31.42 -35.62
CA ILE C 219 5.90 -31.98 -35.73
C ILE C 219 6.48 -31.75 -37.12
N LYS C 220 5.88 -30.85 -37.90
CA LYS C 220 6.47 -30.35 -39.15
C LYS C 220 6.69 -31.48 -40.17
N CYS C 221 5.69 -32.35 -40.32
CA CYS C 221 5.82 -33.49 -41.22
C CYS C 221 5.42 -33.17 -42.65
N GLY C 222 4.71 -32.07 -42.89
CA GLY C 222 4.33 -31.67 -44.22
C GLY C 222 3.25 -32.50 -44.88
N ALA C 223 2.54 -33.34 -44.12
CA ALA C 223 1.49 -34.16 -44.72
C ALA C 223 0.29 -33.31 -45.11
N CYS C 224 0.05 -32.20 -44.39
CA CYS C 224 -1.13 -31.38 -44.68
C CYS C 224 -0.92 -30.52 -45.91
N SER C 225 0.20 -29.81 -45.99
CA SER C 225 0.46 -28.98 -47.16
C SER C 225 0.54 -29.83 -48.43
N LEU C 226 1.02 -31.08 -48.30
CA LEU C 226 1.00 -31.99 -49.43
C LEU C 226 -0.42 -32.25 -49.89
N GLN C 227 -1.36 -32.40 -48.96
CA GLN C 227 -2.72 -32.79 -49.30
C GLN C 227 -3.53 -31.65 -49.87
N CYS C 228 -3.31 -30.41 -49.41
CA CYS C 228 -4.14 -29.28 -49.78
C CYS C 228 -4.33 -29.21 -51.30
N PRO C 229 -5.56 -29.39 -51.80
CA PRO C 229 -5.78 -29.35 -53.25
C PRO C 229 -5.69 -27.94 -53.84
N ARG C 230 -5.56 -26.91 -53.01
CA ARG C 230 -5.38 -25.55 -53.47
C ARG C 230 -3.91 -25.14 -53.58
N ILE C 231 -3.00 -25.98 -53.11
CA ILE C 231 -1.57 -25.76 -53.32
C ILE C 231 -1.20 -26.43 -54.64
N ARG C 232 -1.40 -27.74 -54.71
CA ARG C 232 -1.10 -28.51 -55.90
C ARG C 232 -2.29 -29.39 -56.24
N PHE C 233 -2.76 -29.28 -57.49
CA PHE C 233 -3.85 -30.10 -57.99
C PHE C 233 -3.51 -30.48 -59.42
N PRO C 234 -2.62 -31.44 -59.61
CA PRO C 234 -2.18 -31.79 -60.97
C PRO C 234 -3.29 -32.48 -61.76
N LYS C 235 -3.13 -32.45 -63.08
CA LYS C 235 -4.22 -32.79 -63.98
C LYS C 235 -4.59 -34.26 -63.90
N LEU C 236 -3.58 -35.11 -63.62
CA LEU C 236 -3.81 -36.58 -63.61
C LEU C 236 -4.92 -36.94 -62.62
N ILE C 237 -5.01 -36.24 -61.50
CA ILE C 237 -6.00 -36.59 -60.48
C ILE C 237 -7.40 -36.56 -61.08
N GLU C 238 -7.62 -35.73 -62.10
CA GLU C 238 -8.92 -35.61 -62.72
C GLU C 238 -9.28 -36.78 -63.62
N GLU C 239 -8.36 -37.72 -63.84
CA GLU C 239 -8.62 -38.89 -64.67
C GLU C 239 -8.96 -40.05 -63.74
N ILE C 240 -10.26 -40.38 -63.65
CA ILE C 240 -10.75 -41.45 -62.77
C ILE C 240 -11.71 -42.36 -63.52
N GLU C 241 -11.65 -43.67 -63.27
CA GLU C 241 -12.51 -44.66 -63.92
C GLU C 241 -13.57 -45.18 -62.95
N GLY D 2 -31.39 20.13 -51.99
CA GLY D 2 -30.57 19.21 -51.19
C GLY D 2 -29.42 18.63 -52.00
N LYS D 3 -28.49 17.94 -51.34
CA LYS D 3 -27.31 17.36 -52.04
C LYS D 3 -26.61 16.34 -51.14
N ILE D 4 -25.72 15.54 -51.71
CA ILE D 4 -24.95 14.58 -50.93
C ILE D 4 -23.50 15.03 -50.90
N VAL D 5 -22.89 14.99 -49.73
CA VAL D 5 -21.47 15.25 -49.56
C VAL D 5 -20.84 14.00 -48.97
N GLU D 6 -19.65 13.65 -49.46
CA GLU D 6 -18.93 12.48 -48.98
C GLU D 6 -17.47 12.83 -48.82
N ILE D 7 -16.95 12.71 -47.60
CA ILE D 7 -15.56 13.04 -47.29
C ILE D 7 -14.84 11.75 -46.97
N HIS D 8 -14.00 11.30 -47.89
CA HIS D 8 -13.34 10.00 -47.76
C HIS D 8 -11.92 10.05 -48.33
N PRO D 9 -10.90 9.69 -47.56
CA PRO D 9 -10.91 9.37 -46.11
C PRO D 9 -10.84 10.65 -45.29
N THR D 10 -11.37 10.67 -44.07
CA THR D 10 -11.19 11.80 -43.19
C THR D 10 -9.81 11.74 -42.57
N THR D 11 -9.29 12.91 -42.18
CA THR D 11 -7.88 13.08 -41.91
C THR D 11 -7.59 13.48 -40.48
N ARG D 12 -6.30 13.39 -40.15
CA ARG D 12 -5.73 13.78 -38.85
C ARG D 12 -6.48 13.15 -37.69
N HIS D 13 -6.71 11.85 -37.83
CA HIS D 13 -6.99 10.95 -36.72
C HIS D 13 -6.40 9.60 -37.12
N GLU D 14 -6.55 8.62 -36.23
CA GLU D 14 -5.94 7.29 -36.48
C GLU D 14 -6.90 6.37 -37.25
N GLY D 15 -6.52 5.98 -38.47
CA GLY D 15 -7.28 4.99 -39.20
C GLY D 15 -7.91 5.52 -40.47
N HIS D 16 -8.94 4.80 -40.92
CA HIS D 16 -9.51 4.96 -42.26
C HIS D 16 -11.03 4.93 -42.14
N THR D 17 -11.68 6.08 -42.36
CA THR D 17 -13.12 6.20 -42.24
C THR D 17 -13.68 7.01 -43.40
N LYS D 18 -14.99 7.23 -43.35
CA LYS D 18 -15.71 7.91 -44.42
C LYS D 18 -16.92 8.62 -43.82
N LEU D 19 -17.15 9.85 -44.27
CA LEU D 19 -18.34 10.61 -43.93
C LEU D 19 -19.30 10.60 -45.12
N VAL D 20 -20.58 10.45 -44.83
CA VAL D 20 -21.64 10.49 -45.84
C VAL D 20 -22.76 11.34 -45.27
N LEU D 21 -22.96 12.53 -45.83
CA LEU D 21 -23.83 13.55 -45.28
C LEU D 21 -24.88 13.93 -46.30
N LYS D 22 -26.15 13.81 -45.92
CA LYS D 22 -27.23 14.40 -46.69
C LYS D 22 -27.34 15.87 -46.28
N VAL D 23 -27.10 16.76 -47.26
CA VAL D 23 -27.09 18.20 -46.92
C VAL D 23 -28.20 18.90 -47.71
N ASP D 24 -28.63 20.05 -47.23
CA ASP D 24 -29.65 20.87 -47.90
C ASP D 24 -28.96 21.81 -48.90
N ASP D 25 -29.69 22.72 -49.54
CA ASP D 25 -29.03 23.56 -50.58
C ASP D 25 -28.12 24.61 -49.93
N GLU D 26 -28.11 24.72 -48.60
CA GLU D 26 -27.34 25.79 -47.92
C GLU D 26 -26.06 25.23 -47.26
N GLY D 27 -25.89 23.91 -47.27
CA GLY D 27 -24.72 23.30 -46.66
C GLY D 27 -24.98 22.63 -45.33
N ILE D 28 -26.11 22.89 -44.70
CA ILE D 28 -26.40 22.32 -43.39
C ILE D 28 -26.69 20.82 -43.53
N VAL D 29 -26.16 20.04 -42.60
CA VAL D 29 -26.32 18.59 -42.62
C VAL D 29 -27.67 18.23 -42.05
N GLU D 30 -28.41 17.40 -42.77
CA GLU D 30 -29.70 16.87 -42.37
C GLU D 30 -29.62 15.42 -41.87
N LYS D 31 -28.87 14.57 -42.57
CA LYS D 31 -28.60 13.21 -42.12
C LYS D 31 -27.10 12.95 -42.19
N GLY D 32 -26.52 12.47 -41.09
CA GLY D 32 -25.10 12.23 -41.00
C GLY D 32 -24.78 10.76 -40.87
N ALA D 33 -23.61 10.36 -41.40
CA ALA D 33 -23.18 8.97 -41.35
C ALA D 33 -21.66 8.95 -41.31
N TYR D 34 -21.08 8.69 -40.14
CA TYR D 34 -19.66 8.47 -39.96
C TYR D 34 -19.45 6.99 -39.72
N LEU D 35 -18.50 6.39 -40.44
CA LEU D 35 -18.37 4.95 -40.37
C LEU D 35 -16.95 4.53 -40.72
N SER D 36 -16.57 3.36 -40.20
CA SER D 36 -15.28 2.77 -40.50
C SER D 36 -15.37 1.91 -41.75
N VAL D 37 -14.35 2.01 -42.60
CA VAL D 37 -14.17 1.15 -43.75
C VAL D 37 -12.84 0.41 -43.70
N THR D 38 -12.16 0.44 -42.56
CA THR D 38 -10.92 -0.32 -42.39
C THR D 38 -11.22 -1.81 -42.53
N PRO D 39 -10.36 -2.58 -43.19
CA PRO D 39 -10.57 -4.04 -43.21
C PRO D 39 -10.48 -4.62 -41.81
N VAL D 40 -11.34 -5.60 -41.56
CA VAL D 40 -11.44 -6.23 -40.24
C VAL D 40 -10.40 -7.35 -40.17
N ARG D 41 -9.52 -7.28 -39.17
CA ARG D 41 -8.52 -8.32 -38.99
C ARG D 41 -9.07 -9.52 -38.23
N GLY D 42 -10.02 -9.30 -37.34
CA GLY D 42 -10.69 -10.40 -36.66
C GLY D 42 -9.85 -11.04 -35.57
N PHE D 43 -9.44 -10.23 -34.60
CA PHE D 43 -8.57 -10.73 -33.54
C PHE D 43 -9.29 -11.73 -32.66
N GLU D 44 -10.43 -11.29 -32.10
CA GLU D 44 -11.20 -12.13 -31.14
C GLU D 44 -11.46 -13.54 -31.71
N LYS D 45 -11.59 -13.67 -33.04
CA LYS D 45 -11.96 -14.96 -33.59
C LYS D 45 -10.77 -15.90 -33.77
N PHE D 46 -9.56 -15.38 -33.94
CA PHE D 46 -8.39 -16.26 -34.00
C PHE D 46 -7.73 -16.43 -32.65
N LEU D 47 -8.22 -15.75 -31.60
CA LEU D 47 -7.78 -16.05 -30.25
C LEU D 47 -8.42 -17.33 -29.71
N VAL D 48 -9.54 -17.76 -30.28
CA VAL D 48 -10.19 -18.98 -29.81
C VAL D 48 -9.28 -20.17 -30.06
N GLY D 49 -9.01 -20.93 -28.99
CA GLY D 49 -8.10 -22.04 -29.02
C GLY D 49 -6.72 -21.70 -28.48
N LYS D 50 -6.30 -20.45 -28.61
CA LYS D 50 -4.99 -20.05 -28.14
C LYS D 50 -4.98 -19.99 -26.61
N PRO D 51 -3.82 -20.19 -25.99
CA PRO D 51 -3.76 -20.08 -24.54
C PRO D 51 -4.03 -18.66 -24.07
N ALA D 52 -4.54 -18.56 -22.84
CA ALA D 52 -4.92 -17.26 -22.30
C ALA D 52 -3.76 -16.28 -22.28
N GLU D 53 -2.54 -16.78 -22.09
CA GLU D 53 -1.38 -15.89 -22.02
C GLU D 53 -1.17 -15.14 -23.33
N PHE D 54 -1.63 -15.71 -24.45
CA PHE D 54 -1.45 -15.07 -25.76
C PHE D 54 -2.43 -13.92 -26.00
N ALA D 55 -3.46 -13.77 -25.16
CA ALA D 55 -4.45 -12.72 -25.42
C ALA D 55 -3.85 -11.34 -25.27
N PRO D 56 -3.26 -10.95 -24.14
CA PRO D 56 -2.73 -9.59 -24.01
C PRO D 56 -1.65 -9.27 -25.03
N ILE D 57 -0.92 -10.27 -25.51
CA ILE D 57 0.07 -10.04 -26.55
C ILE D 57 -0.61 -9.67 -27.86
N ALA D 58 -1.59 -10.48 -28.27
CA ALA D 58 -2.23 -10.25 -29.56
C ALA D 58 -3.06 -8.97 -29.55
N VAL D 59 -3.94 -8.80 -28.57
CA VAL D 59 -4.84 -7.64 -28.56
C VAL D 59 -4.10 -6.33 -28.42
N SER D 60 -2.82 -6.36 -28.02
CA SER D 60 -2.03 -5.13 -28.01
C SER D 60 -1.90 -4.56 -29.42
N ARG D 61 -1.81 -5.43 -30.42
CA ARG D 61 -1.68 -5.03 -31.81
C ARG D 61 -2.99 -4.56 -32.43
N PHE D 62 -4.06 -4.41 -31.64
CA PHE D 62 -5.20 -3.64 -32.08
C PHE D 62 -4.77 -2.27 -32.60
N CYS D 63 -3.92 -1.59 -31.82
CA CYS D 63 -3.60 -0.20 -32.04
C CYS D 63 -2.29 0.12 -31.31
N GLY D 64 -1.43 0.88 -31.97
CA GLY D 64 -0.16 1.27 -31.39
C GLY D 64 -0.14 2.58 -30.65
N ILE D 65 -1.25 3.33 -30.69
CA ILE D 65 -1.37 4.54 -29.91
C ILE D 65 -1.73 4.21 -28.46
N CYS D 66 -2.55 3.19 -28.26
CA CYS D 66 -3.03 2.86 -26.91
C CYS D 66 -2.93 1.37 -26.60
N PRO D 67 -1.92 0.68 -27.11
CA PRO D 67 -1.87 -0.77 -26.86
C PRO D 67 -2.09 -1.18 -25.43
N VAL D 68 -1.72 -0.32 -24.48
CA VAL D 68 -1.86 -0.66 -23.06
C VAL D 68 -3.32 -0.95 -22.72
N ALA D 69 -4.25 -0.21 -23.31
CA ALA D 69 -5.65 -0.34 -22.90
C ALA D 69 -6.22 -1.72 -23.18
N HIS D 70 -5.77 -2.38 -24.25
CA HIS D 70 -6.31 -3.69 -24.59
C HIS D 70 -5.63 -4.80 -23.81
N ALA D 71 -4.32 -4.69 -23.62
CA ALA D 71 -3.64 -5.62 -22.74
C ALA D 71 -4.26 -5.60 -21.34
N THR D 72 -4.61 -4.41 -20.85
CA THR D 72 -5.20 -4.31 -19.52
C THR D 72 -6.59 -4.94 -19.49
N SER D 73 -7.45 -4.59 -20.43
CA SER D 73 -8.79 -5.16 -20.45
C SER D 73 -8.75 -6.68 -20.65
N ALA D 74 -7.79 -7.16 -21.43
CA ALA D 74 -7.69 -8.61 -21.69
C ALA D 74 -7.35 -9.36 -20.41
N VAL D 75 -6.34 -8.90 -19.68
CA VAL D 75 -5.93 -9.62 -18.47
C VAL D 75 -6.97 -9.46 -17.38
N GLU D 76 -7.67 -8.31 -17.34
CA GLU D 76 -8.75 -8.13 -16.39
C GLU D 76 -9.90 -9.09 -16.69
N ALA D 77 -10.17 -9.31 -17.98
CA ALA D 77 -11.26 -10.21 -18.36
C ALA D 77 -10.92 -11.66 -18.03
N ILE D 78 -9.69 -12.07 -18.31
CA ILE D 78 -9.28 -13.44 -18.03
C ILE D 78 -9.21 -13.67 -16.52
N GLU D 79 -8.64 -12.72 -15.79
CA GLU D 79 -8.60 -12.83 -14.33
C GLU D 79 -9.99 -12.97 -13.76
N ASP D 80 -10.97 -12.25 -14.31
CA ASP D 80 -12.32 -12.33 -13.80
C ASP D 80 -12.91 -13.71 -14.06
N ALA D 81 -12.61 -14.30 -15.23
CA ALA D 81 -13.13 -15.62 -15.55
C ALA D 81 -12.50 -16.69 -14.68
N CYS D 82 -11.21 -16.53 -14.36
CA CYS D 82 -10.47 -17.50 -13.55
C CYS D 82 -10.45 -17.16 -12.07
N ASP D 83 -11.06 -16.04 -11.67
CA ASP D 83 -11.10 -15.62 -10.27
C ASP D 83 -9.69 -15.49 -9.71
N ILE D 84 -8.88 -14.70 -10.42
CA ILE D 84 -7.52 -14.35 -10.01
C ILE D 84 -7.52 -12.93 -9.50
N THR D 85 -6.75 -12.68 -8.44
CA THR D 85 -6.64 -11.35 -7.85
C THR D 85 -5.19 -10.89 -7.92
N PRO D 86 -4.86 -9.89 -8.73
CA PRO D 86 -3.47 -9.42 -8.77
C PRO D 86 -3.13 -8.70 -7.48
N PRO D 87 -1.85 -8.72 -7.07
CA PRO D 87 -1.49 -8.13 -5.78
C PRO D 87 -1.56 -6.61 -5.77
N LYS D 88 -1.53 -6.04 -4.57
CA LYS D 88 -1.68 -4.57 -4.44
C LYS D 88 -0.68 -3.83 -5.34
N ASP D 89 0.60 -4.21 -5.29
CA ASP D 89 1.57 -3.42 -6.03
C ASP D 89 1.57 -3.75 -7.52
N GLY D 90 1.15 -4.96 -7.88
CA GLY D 90 1.03 -5.28 -9.31
C GLY D 90 -0.07 -4.44 -9.92
N LEU D 91 -1.18 -4.25 -9.20
CA LEU D 91 -2.31 -3.42 -9.70
C LEU D 91 -1.87 -1.95 -9.80
N LEU D 92 -1.22 -1.45 -8.75
CA LEU D 92 -0.72 -0.05 -8.77
C LEU D 92 0.13 0.15 -10.03
N LEU D 93 1.05 -0.79 -10.29
CA LEU D 93 1.90 -0.69 -11.47
C LEU D 93 1.10 -0.76 -12.75
N ARG D 94 0.03 -1.58 -12.77
CA ARG D 94 -0.78 -1.69 -13.99
C ARG D 94 -1.50 -0.39 -14.28
N GLU D 95 -2.11 0.23 -13.26
CA GLU D 95 -2.77 1.52 -13.48
C GLU D 95 -1.76 2.58 -13.89
N LEU D 96 -0.59 2.60 -13.26
CA LEU D 96 0.45 3.55 -13.64
C LEU D 96 0.84 3.38 -15.10
N CYS D 97 0.83 2.15 -15.60
CA CYS D 97 1.17 1.91 -17.00
C CYS D 97 0.10 2.47 -17.93
N GLY D 98 -1.17 2.24 -17.61
CA GLY D 98 -2.24 2.78 -18.41
C GLY D 98 -2.33 4.29 -18.35
N ILE D 99 -1.89 4.88 -17.23
CA ILE D 99 -1.83 6.33 -17.15
C ILE D 99 -0.70 6.85 -18.04
N GLY D 100 0.47 6.23 -17.97
CA GLY D 100 1.58 6.65 -18.81
C GLY D 100 1.24 6.64 -20.29
N ASN D 101 0.41 5.68 -20.70
CA ASN D 101 -0.03 5.64 -22.13
C ASN D 101 -0.86 6.88 -22.42
N LYS D 102 -1.89 7.13 -21.60
CA LYS D 102 -2.76 8.27 -21.85
C LYS D 102 -2.01 9.59 -21.75
N MET D 103 -0.97 9.65 -20.93
CA MET D 103 -0.18 10.88 -20.82
C MET D 103 0.50 11.22 -22.13
N HIS D 104 0.69 10.23 -23.00
CA HIS D 104 1.23 10.46 -24.32
C HIS D 104 0.15 10.58 -25.38
N SER D 105 -1.00 9.93 -25.19
CA SER D 105 -2.05 9.98 -26.18
C SER D 105 -2.67 11.37 -26.26
N HIS D 106 -3.04 11.95 -25.11
CA HIS D 106 -3.73 13.24 -25.14
C HIS D 106 -2.87 14.33 -25.76
N PRO D 107 -1.62 14.54 -25.35
CA PRO D 107 -0.78 15.51 -26.08
C PRO D 107 -0.65 15.18 -27.55
N LEU D 108 -0.63 13.90 -27.91
CA LEU D 108 -0.56 13.52 -29.32
C LEU D 108 -1.78 14.03 -30.07
N HIS D 109 -2.97 13.85 -29.49
CA HIS D 109 -4.18 14.30 -30.17
C HIS D 109 -4.19 15.81 -30.31
N GLN D 110 -3.75 16.53 -29.27
CA GLN D 110 -3.65 17.99 -29.38
C GLN D 110 -2.66 18.39 -30.47
N PHE D 111 -1.71 17.51 -30.79
CA PHE D 111 -0.82 17.77 -31.92
C PHE D 111 -1.51 17.48 -33.25
N LEU D 112 -2.45 16.53 -33.25
CA LEU D 112 -3.16 16.14 -34.49
C LEU D 112 -4.13 17.27 -34.90
N ILE D 113 -4.81 17.87 -33.92
CA ILE D 113 -5.75 18.94 -34.21
C ILE D 113 -5.10 20.31 -34.29
N SER D 114 -3.80 20.39 -34.01
CA SER D 114 -3.16 21.69 -33.94
C SER D 114 -3.24 22.49 -35.24
N PRO D 115 -3.27 21.88 -36.44
CA PRO D 115 -3.41 22.68 -37.65
C PRO D 115 -4.66 23.55 -37.69
N ASP D 116 -5.70 23.23 -36.91
CA ASP D 116 -6.91 24.05 -36.93
C ASP D 116 -6.91 25.16 -35.90
N TYR D 117 -6.25 24.96 -34.74
CA TYR D 117 -6.42 25.84 -33.61
C TYR D 117 -5.17 26.60 -33.19
N VAL D 118 -3.99 26.05 -33.49
CA VAL D 118 -2.72 26.70 -33.04
C VAL D 118 -2.14 27.53 -34.19
N PRO D 119 -1.94 28.86 -34.04
CA PRO D 119 -1.40 29.68 -35.12
C PRO D 119 -0.01 29.22 -35.53
N LYS D 120 0.37 29.63 -36.75
CA LYS D 120 1.63 29.17 -37.32
C LYS D 120 2.82 29.65 -36.50
N ASP D 121 2.73 30.88 -35.98
CA ASP D 121 3.85 31.44 -35.23
C ASP D 121 4.09 30.69 -33.93
N ASP D 122 3.06 30.08 -33.35
CA ASP D 122 3.19 29.28 -32.15
C ASP D 122 3.35 27.79 -32.45
N SER D 123 3.39 27.41 -33.73
CA SER D 123 3.36 25.99 -34.07
C SER D 123 4.59 25.27 -33.54
N ASN D 124 5.77 25.87 -33.71
CA ASN D 124 7.00 25.16 -33.33
C ASN D 124 7.06 24.92 -31.83
N GLU D 125 6.90 25.96 -31.02
CA GLU D 125 6.96 25.77 -29.57
C GLU D 125 5.88 24.82 -29.09
N PHE D 126 4.74 24.78 -29.78
CA PHE D 126 3.65 23.90 -29.38
C PHE D 126 4.02 22.44 -29.57
N ILE D 127 4.60 22.10 -30.73
CA ILE D 127 4.96 20.71 -30.99
C ILE D 127 6.09 20.27 -30.07
N LYS D 128 7.01 21.17 -29.76
CA LYS D 128 8.12 20.81 -28.87
C LYS D 128 7.59 20.52 -27.47
N ARG D 129 6.60 21.27 -27.01
CA ARG D 129 5.98 20.96 -25.73
C ARG D 129 5.23 19.64 -25.79
N VAL D 130 4.56 19.37 -26.92
CA VAL D 130 3.85 18.09 -27.06
C VAL D 130 4.83 16.94 -26.96
N GLN D 131 5.88 16.97 -27.78
CA GLN D 131 6.85 15.84 -27.79
C GLN D 131 7.53 15.73 -26.43
N ALA D 132 7.66 16.85 -25.70
CA ALA D 132 8.26 16.80 -24.37
C ALA D 132 7.36 16.08 -23.39
N MET D 133 6.06 16.31 -23.48
CA MET D 133 5.12 15.60 -22.63
C MET D 133 5.02 14.13 -23.03
N ARG D 134 4.97 13.85 -24.34
CA ARG D 134 4.87 12.47 -24.80
C ARG D 134 6.09 11.67 -24.40
N ARG D 135 7.26 12.30 -24.42
CA ARG D 135 8.47 11.57 -24.06
C ARG D 135 8.35 11.03 -22.65
N ILE D 136 7.85 11.85 -21.73
CA ILE D 136 7.69 11.40 -20.36
C ILE D 136 6.72 10.22 -20.34
N GLY D 137 5.52 10.43 -20.89
CA GLY D 137 4.53 9.36 -20.92
C GLY D 137 5.06 8.04 -21.44
N GLN D 138 5.75 8.07 -22.58
CA GLN D 138 6.34 6.85 -23.16
C GLN D 138 7.44 6.29 -22.27
N TYR D 139 8.13 7.15 -21.52
CA TYR D 139 9.11 6.67 -20.57
C TYR D 139 8.45 5.80 -19.51
N ILE D 140 7.28 6.23 -19.02
CA ILE D 140 6.60 5.49 -17.96
C ILE D 140 6.15 4.14 -18.49
N VAL D 141 5.55 4.10 -19.68
CA VAL D 141 5.09 2.83 -20.23
C VAL D 141 6.27 1.88 -20.44
N ASP D 142 7.41 2.41 -20.88
CA ASP D 142 8.58 1.56 -21.07
C ASP D 142 9.06 0.99 -19.74
N ALA D 143 9.12 1.83 -18.70
CA ALA D 143 9.69 1.40 -17.43
C ALA D 143 8.83 0.34 -16.74
N VAL D 144 7.52 0.50 -16.79
CA VAL D 144 6.62 -0.41 -16.09
C VAL D 144 6.21 -1.58 -16.97
N GLY D 145 5.87 -1.30 -18.23
CA GLY D 145 5.37 -2.29 -19.15
C GLY D 145 6.40 -3.08 -19.91
N GLY D 146 7.66 -2.65 -19.92
CA GLY D 146 8.71 -3.35 -20.61
C GLY D 146 8.97 -2.88 -22.03
N GLU D 147 7.97 -2.28 -22.68
CA GLU D 147 8.13 -1.67 -23.98
C GLU D 147 7.19 -0.47 -24.05
N ALA D 148 7.57 0.54 -24.83
CA ALA D 148 6.73 1.71 -24.99
C ALA D 148 5.48 1.38 -25.81
N ILE D 149 5.66 0.70 -26.94
CA ILE D 149 4.57 0.34 -27.85
C ILE D 149 4.39 -1.18 -27.77
N HIS D 150 3.27 -1.61 -27.19
CA HIS D 150 2.98 -3.01 -26.89
C HIS D 150 3.83 -3.49 -25.73
N SER D 151 3.25 -3.48 -24.52
CA SER D 151 4.00 -3.75 -23.31
C SER D 151 3.85 -5.21 -22.93
N PRO D 152 4.93 -6.01 -22.91
CA PRO D 152 4.78 -7.43 -22.59
C PRO D 152 4.58 -7.72 -21.11
N ASN D 153 4.84 -6.76 -20.22
CA ASN D 153 4.74 -7.02 -18.79
C ASN D 153 3.32 -7.07 -18.27
N ILE D 154 2.37 -6.50 -19.01
CA ILE D 154 0.95 -6.59 -18.64
C ILE D 154 0.52 -8.04 -18.85
N LYS D 155 0.40 -8.80 -17.76
CA LYS D 155 0.14 -10.23 -17.83
C LYS D 155 -0.99 -10.60 -16.90
N VAL D 156 -1.66 -11.70 -17.24
CA VAL D 156 -2.68 -12.26 -16.36
C VAL D 156 -2.05 -12.59 -15.02
N GLY D 157 -2.54 -11.96 -13.96
CA GLY D 157 -1.99 -12.09 -12.62
C GLY D 157 -1.43 -10.81 -12.06
N GLY D 158 -1.20 -9.79 -12.88
CA GLY D 158 -0.64 -8.54 -12.40
C GLY D 158 0.32 -7.90 -13.39
N MET D 159 1.53 -7.63 -12.93
CA MET D 159 2.60 -7.09 -13.77
C MET D 159 3.83 -7.98 -13.62
N ALA D 160 4.54 -8.17 -14.72
CA ALA D 160 5.61 -9.17 -14.73
C ALA D 160 6.78 -8.75 -13.83
N LYS D 161 7.15 -7.48 -13.85
CA LYS D 161 8.35 -7.00 -13.18
C LYS D 161 8.02 -5.81 -12.28
N GLN D 162 8.91 -5.57 -11.33
CA GLN D 162 8.84 -4.43 -10.44
C GLN D 162 9.97 -3.46 -10.76
N ILE D 163 9.72 -2.17 -10.51
CA ILE D 163 10.71 -1.15 -10.79
C ILE D 163 11.63 -1.03 -9.58
N THR D 164 12.72 -0.27 -9.72
CA THR D 164 13.65 -0.05 -8.62
C THR D 164 13.31 1.27 -7.92
N GLU D 165 13.85 1.42 -6.71
CA GLU D 165 13.65 2.67 -5.98
C GLU D 165 14.15 3.86 -6.79
N SER D 166 15.23 3.67 -7.56
CA SER D 166 15.76 4.76 -8.38
C SER D 166 14.85 5.08 -9.56
N THR D 167 14.31 4.04 -10.22
CA THR D 167 13.35 4.29 -11.29
C THR D 167 12.15 5.07 -10.78
N LYS D 168 11.59 4.63 -9.65
CA LYS D 168 10.45 5.31 -9.04
C LYS D 168 10.79 6.77 -8.75
N ALA D 169 12.03 7.04 -8.35
CA ALA D 169 12.42 8.42 -8.04
C ALA D 169 12.38 9.29 -9.27
N LYS D 170 13.16 8.95 -10.30
CA LYS D 170 13.23 9.81 -11.48
C LYS D 170 11.93 9.78 -12.28
N MET D 171 11.03 8.87 -11.95
CA MET D 171 9.72 8.88 -12.58
C MET D 171 8.89 9.95 -11.90
N TYR D 172 9.01 10.05 -10.58
CA TYR D 172 8.28 11.08 -9.84
C TYR D 172 8.66 12.47 -10.34
N TYR D 173 9.96 12.71 -10.50
CA TYR D 173 10.43 14.03 -10.92
C TYR D 173 10.21 14.29 -12.39
N LYS D 174 10.11 13.23 -13.21
CA LYS D 174 9.61 13.41 -14.58
C LYS D 174 8.13 13.76 -14.58
N CYS D 175 7.36 13.25 -13.62
CA CYS D 175 5.96 13.61 -13.54
C CYS D 175 5.78 15.05 -13.10
N LYS D 176 6.68 15.56 -12.24
CA LYS D 176 6.61 16.97 -11.87
C LYS D 176 6.85 17.86 -13.07
N GLU D 177 7.86 17.52 -13.89
CA GLU D 177 8.09 18.24 -15.15
C GLU D 177 6.83 18.19 -16.01
N TYR D 178 6.26 16.98 -16.17
CA TYR D 178 5.07 16.83 -17.00
C TYR D 178 3.93 17.68 -16.48
N GLU D 179 3.81 17.80 -15.15
CA GLU D 179 2.76 18.64 -14.57
C GLU D 179 2.98 20.10 -14.92
N LYS D 180 4.25 20.53 -14.97
CA LYS D 180 4.54 21.92 -15.30
C LYS D 180 4.27 22.21 -16.77
N LEU D 181 4.59 21.26 -17.65
CA LEU D 181 4.27 21.42 -19.07
C LEU D 181 2.77 21.36 -19.30
N ALA D 182 2.05 20.58 -18.49
CA ALA D 182 0.61 20.44 -18.69
C ALA D 182 -0.12 21.74 -18.34
N LYS D 183 0.30 22.40 -17.25
CA LYS D 183 -0.28 23.70 -16.94
C LYS D 183 0.03 24.71 -18.04
N GLU D 184 1.25 24.66 -18.59
CA GLU D 184 1.59 25.54 -19.70
C GLU D 184 0.68 25.30 -20.89
N GLN D 185 0.49 24.02 -21.25
CA GLN D 185 -0.34 23.67 -22.40
C GLN D 185 -1.80 24.03 -22.16
N LEU D 186 -2.26 23.86 -20.91
CA LEU D 186 -3.67 24.16 -20.56
C LEU D 186 -3.93 25.66 -20.75
N GLU D 187 -3.15 26.51 -20.07
CA GLU D 187 -3.34 27.95 -20.16
C GLU D 187 -3.29 28.46 -21.58
N TYR D 188 -2.81 27.62 -22.51
CA TYR D 188 -2.70 28.04 -23.93
C TYR D 188 -3.91 27.59 -24.74
N LEU D 189 -4.29 26.31 -24.64
CA LEU D 189 -5.39 25.77 -25.49
C LEU D 189 -6.78 26.17 -24.95
N ILE D 190 -6.98 26.10 -23.63
CA ILE D 190 -8.33 26.39 -23.03
C ILE D 190 -8.93 27.65 -23.67
N PRO D 191 -8.23 28.81 -23.71
CA PRO D 191 -8.81 30.06 -24.24
C PRO D 191 -9.14 29.96 -25.72
N ILE D 192 -8.39 29.14 -26.47
CA ILE D 192 -8.68 28.96 -27.89
C ILE D 192 -9.96 28.15 -28.07
N PHE D 193 -10.14 27.10 -27.27
CA PHE D 193 -11.36 26.31 -27.36
C PHE D 193 -12.57 27.15 -26.93
N GLU D 194 -12.42 27.92 -25.85
CA GLU D 194 -13.52 28.75 -25.39
C GLU D 194 -13.86 29.85 -26.37
N SER D 195 -12.90 30.28 -27.21
CA SER D 195 -13.19 31.32 -28.18
C SER D 195 -14.01 30.81 -29.37
N ARG D 196 -14.03 29.50 -29.60
CA ARG D 196 -14.84 28.86 -30.63
C ARG D 196 -14.36 29.13 -32.04
N THR D 197 -13.23 29.80 -32.23
CA THR D 197 -12.77 30.19 -33.55
C THR D 197 -11.46 29.48 -33.90
N LEU D 198 -11.33 29.11 -35.17
CA LEU D 198 -10.12 28.49 -35.68
C LEU D 198 -9.03 29.55 -35.87
N ASN D 199 -7.82 29.07 -36.15
CA ASN D 199 -6.69 29.97 -36.30
C ASN D 199 -6.76 30.81 -37.56
N ASP D 200 -7.70 30.55 -38.46
CA ASP D 200 -7.90 31.36 -39.66
C ASP D 200 -9.04 32.36 -39.50
N GLY D 201 -9.61 32.48 -38.31
CA GLY D 201 -10.66 33.44 -38.03
C GLY D 201 -12.06 32.88 -38.09
N THR D 202 -12.24 31.66 -38.60
CA THR D 202 -13.57 31.09 -38.76
C THR D 202 -14.20 30.83 -37.39
N GLU D 203 -15.29 31.52 -37.10
CA GLU D 203 -16.03 31.25 -35.87
C GLU D 203 -16.94 30.05 -36.09
N LEU D 204 -16.92 29.13 -35.14
CA LEU D 204 -17.71 27.91 -35.22
C LEU D 204 -19.07 28.12 -34.57
N PRO D 205 -20.09 27.37 -35.00
CA PRO D 205 -21.41 27.52 -34.38
C PRO D 205 -21.38 27.16 -32.90
N GLU D 206 -22.24 27.84 -32.13
CA GLU D 206 -22.32 27.59 -30.70
C GLU D 206 -22.73 26.15 -30.40
N LYS D 207 -23.72 25.64 -31.12
CA LYS D 207 -24.25 24.29 -30.89
C LYS D 207 -23.58 23.25 -31.79
N LEU D 208 -22.32 23.48 -32.15
CA LEU D 208 -21.59 22.52 -32.98
C LEU D 208 -21.35 21.23 -32.21
N GLY D 209 -21.74 20.11 -32.80
CA GLY D 209 -21.49 18.82 -32.19
C GLY D 209 -22.48 18.39 -31.14
N TYR D 210 -23.61 19.07 -31.00
CA TYR D 210 -24.61 18.71 -30.01
C TYR D 210 -25.26 17.37 -30.38
N HIS D 211 -25.52 16.55 -29.36
CA HIS D 211 -26.26 15.31 -29.53
C HIS D 211 -27.04 15.04 -28.25
N ASP D 212 -27.91 14.03 -28.29
CA ASP D 212 -28.83 13.72 -27.21
C ASP D 212 -28.59 12.33 -26.63
N PHE D 213 -27.32 11.97 -26.42
CA PHE D 213 -26.97 10.66 -25.91
C PHE D 213 -26.20 10.80 -24.60
N GLY D 214 -26.23 9.72 -23.81
CA GLY D 214 -25.61 9.70 -22.50
C GLY D 214 -24.14 9.37 -22.54
N TYR D 215 -23.61 8.94 -21.39
CA TYR D 215 -22.19 8.68 -21.21
C TYR D 215 -21.99 7.36 -20.48
N ILE D 216 -20.83 6.75 -20.72
CA ILE D 216 -20.38 5.57 -19.98
C ILE D 216 -18.97 5.83 -19.49
N ALA D 217 -18.76 5.63 -18.20
CA ALA D 217 -17.44 5.78 -17.59
C ALA D 217 -17.46 5.09 -16.24
N THR D 218 -16.50 4.19 -16.00
CA THR D 218 -16.47 3.40 -14.78
C THR D 218 -15.46 3.90 -13.76
N HIS D 219 -14.52 4.77 -14.16
CA HIS D 219 -13.47 5.23 -13.26
C HIS D 219 -12.83 6.48 -13.86
N PRO D 220 -12.26 7.35 -13.04
CA PRO D 220 -11.57 8.52 -13.60
C PRO D 220 -10.21 8.22 -14.20
N THR D 221 -9.52 7.18 -13.71
CA THR D 221 -8.16 6.90 -14.14
C THR D 221 -7.88 5.44 -14.50
N TYR D 222 -8.71 4.49 -14.08
CA TYR D 222 -8.42 3.08 -14.31
C TYR D 222 -9.63 2.34 -14.88
N GLY D 223 -10.41 1.68 -14.02
CA GLY D 223 -11.57 0.94 -14.48
C GLY D 223 -12.22 0.18 -13.34
N ASP D 224 -13.55 0.02 -13.39
CA ASP D 224 -14.28 -0.62 -12.30
C ASP D 224 -15.45 -1.38 -12.92
N ARG D 225 -15.29 -2.71 -13.06
CA ARG D 225 -16.30 -3.52 -13.75
C ARG D 225 -17.63 -3.58 -13.01
N THR D 226 -17.68 -3.18 -11.73
CA THR D 226 -18.93 -3.19 -10.99
C THR D 226 -19.79 -1.96 -11.26
N LYS D 227 -19.28 -0.99 -12.00
CA LYS D 227 -20.03 0.21 -12.33
C LYS D 227 -20.79 0.09 -13.64
N ILE D 228 -20.90 -1.13 -14.18
CA ILE D 228 -21.64 -1.39 -15.42
C ILE D 228 -22.28 -2.77 -15.30
N ASP D 229 -23.33 -2.97 -16.06
CA ASP D 229 -24.01 -4.26 -16.14
C ASP D 229 -23.93 -4.71 -17.60
N GLN D 230 -23.00 -5.59 -17.92
CA GLN D 230 -22.82 -5.97 -19.31
C GLN D 230 -24.07 -6.60 -19.91
N ASP D 231 -24.87 -7.24 -19.07
CA ASP D 231 -26.12 -7.80 -19.61
C ASP D 231 -26.91 -6.74 -20.36
N LYS D 232 -26.76 -5.48 -19.98
CA LYS D 232 -27.46 -4.38 -20.64
C LYS D 232 -26.70 -3.82 -21.83
N VAL D 233 -25.45 -4.22 -22.03
CA VAL D 233 -24.72 -3.85 -23.25
C VAL D 233 -25.13 -4.80 -24.37
N VAL D 234 -25.57 -4.24 -25.48
CA VAL D 234 -26.04 -5.01 -26.63
C VAL D 234 -25.42 -4.40 -27.88
N GLU D 235 -24.87 -5.25 -28.74
CA GLU D 235 -24.31 -4.82 -30.02
C GLU D 235 -25.32 -5.11 -31.13
N TYR D 236 -25.76 -4.06 -31.82
CA TYR D 236 -26.63 -4.20 -32.98
C TYR D 236 -25.81 -4.06 -34.26
N THR D 237 -26.45 -4.34 -35.40
CA THR D 237 -25.76 -4.29 -36.68
C THR D 237 -25.82 -2.89 -37.27
N PRO D 238 -24.99 -2.59 -38.26
CA PRO D 238 -25.03 -1.25 -38.86
C PRO D 238 -26.38 -0.89 -39.45
N PHE D 239 -27.21 -1.87 -39.83
CA PHE D 239 -28.52 -1.59 -40.38
C PHE D 239 -29.44 -0.90 -39.39
N ASP D 240 -29.05 -0.83 -38.11
CA ASP D 240 -29.87 -0.18 -37.09
C ASP D 240 -29.67 1.32 -37.04
N VAL D 241 -28.59 1.83 -37.64
CA VAL D 241 -28.24 3.25 -37.54
C VAL D 241 -27.96 3.89 -38.88
N TYR D 242 -27.74 3.12 -39.93
CA TYR D 242 -27.45 3.66 -41.25
C TYR D 242 -28.50 3.18 -42.25
N ASP D 243 -28.54 3.86 -43.39
CA ASP D 243 -29.32 3.35 -44.50
C ASP D 243 -28.65 2.11 -45.08
N LYS D 244 -29.36 1.43 -45.97
CA LYS D 244 -28.96 0.09 -46.38
C LYS D 244 -27.66 0.12 -47.17
N ASP D 245 -27.54 1.10 -48.09
CA ASP D 245 -26.40 1.16 -48.99
C ASP D 245 -25.12 1.63 -48.30
N VAL D 246 -25.25 2.34 -47.16
CA VAL D 246 -24.06 2.78 -46.37
C VAL D 246 -23.80 1.74 -45.27
N ALA D 247 -24.85 1.09 -44.79
CA ALA D 247 -24.68 0.17 -43.67
C ALA D 247 -23.82 -1.02 -44.04
N ILE D 248 -23.92 -1.48 -45.28
CA ILE D 248 -23.12 -2.60 -45.75
C ILE D 248 -21.67 -2.21 -45.98
N GLN D 249 -21.32 -0.95 -45.71
CA GLN D 249 -19.94 -0.49 -45.77
C GLN D 249 -19.25 -0.44 -44.42
N SER D 250 -20.02 -0.40 -43.32
CA SER D 250 -19.43 -0.26 -42.01
C SER D 250 -18.73 -1.54 -41.60
N SER D 251 -17.58 -1.38 -40.94
CA SER D 251 -16.77 -2.49 -40.47
C SER D 251 -16.99 -2.81 -38.99
N THR D 252 -17.74 -1.97 -38.29
CA THR D 252 -17.91 -2.10 -36.84
C THR D 252 -19.35 -2.47 -36.50
N THR D 253 -19.56 -2.79 -35.23
CA THR D 253 -20.88 -3.03 -34.67
C THR D 253 -21.39 -1.75 -34.02
N VAL D 254 -22.60 -1.83 -33.47
CA VAL D 254 -23.27 -0.67 -32.90
C VAL D 254 -23.58 -0.94 -31.42
N PRO D 255 -22.66 -0.60 -30.48
CA PRO D 255 -22.86 -0.87 -29.08
C PRO D 255 -23.89 0.04 -28.43
N THR D 256 -24.75 -0.52 -27.58
CA THR D 256 -25.76 0.25 -26.87
C THR D 256 -25.76 -0.16 -25.41
N TYR D 257 -26.24 0.76 -24.56
CA TYR D 257 -26.42 0.49 -23.14
C TYR D 257 -27.85 0.89 -22.76
N ASN D 258 -28.60 -0.06 -22.21
CA ASN D 258 -30.01 0.15 -21.89
C ASN D 258 -30.83 0.55 -23.10
N GLY D 259 -30.36 0.19 -24.30
CA GLY D 259 -31.09 0.41 -25.51
C GLY D 259 -30.72 1.67 -26.27
N ARG D 260 -29.75 2.45 -25.78
CA ARG D 260 -29.38 3.70 -26.42
C ARG D 260 -27.89 3.76 -26.68
N LEU D 261 -27.52 4.49 -27.74
CA LEU D 261 -26.12 4.81 -27.99
C LEU D 261 -25.57 5.65 -26.84
N MET D 262 -24.27 5.51 -26.61
CA MET D 262 -23.65 6.24 -25.49
C MET D 262 -22.24 6.71 -25.87
N GLU D 263 -21.90 7.94 -25.48
CA GLU D 263 -20.57 8.50 -25.69
C GLU D 263 -19.61 8.02 -24.61
N VAL D 264 -18.35 7.84 -25.00
CA VAL D 264 -17.28 7.50 -24.08
C VAL D 264 -16.12 8.47 -24.31
N GLY D 265 -15.21 8.52 -23.36
CA GLY D 265 -14.04 9.35 -23.47
C GLY D 265 -13.92 10.38 -22.35
N PRO D 266 -13.04 11.37 -22.54
CA PRO D 266 -12.79 12.33 -21.45
C PRO D 266 -14.03 13.05 -20.96
N ARG D 267 -14.91 13.49 -21.87
CA ARG D 267 -16.12 14.17 -21.43
C ARG D 267 -17.06 13.22 -20.69
N ALA D 268 -17.07 11.95 -21.08
CA ALA D 268 -17.90 10.97 -20.38
C ALA D 268 -17.41 10.79 -18.95
N ARG D 269 -16.09 10.81 -18.75
CA ARG D 269 -15.54 10.65 -17.40
C ARG D 269 -15.73 11.92 -16.58
N PHE D 270 -15.48 13.09 -17.18
CA PHE D 270 -15.66 14.34 -16.46
C PHE D 270 -17.13 14.55 -16.12
N SER D 271 -18.03 13.97 -16.89
CA SER D 271 -19.48 14.09 -16.56
C SER D 271 -19.85 13.20 -15.36
N LYS D 272 -19.13 12.10 -15.17
CA LYS D 272 -19.52 11.13 -14.11
C LYS D 272 -18.69 11.33 -12.83
N PHE D 273 -17.61 12.12 -12.89
CA PHE D 273 -16.73 12.24 -11.70
C PHE D 273 -16.50 13.71 -11.34
N PHE D 274 -16.70 14.63 -12.28
CA PHE D 274 -16.43 16.04 -12.03
C PHE D 274 -17.59 16.93 -12.46
N ASP D 275 -18.78 16.36 -12.61
CA ASP D 275 -20.01 17.11 -12.85
C ASP D 275 -19.88 18.06 -14.05
N PHE D 276 -19.15 17.62 -15.06
CA PHE D 276 -18.94 18.37 -16.29
C PHE D 276 -20.04 18.00 -17.27
N LYS D 277 -20.94 18.95 -17.56
CA LYS D 277 -22.14 18.66 -18.33
C LYS D 277 -22.28 19.54 -19.57
N GLU D 278 -21.18 20.07 -20.09
CA GLU D 278 -21.25 20.94 -21.25
C GLU D 278 -21.31 20.12 -22.52
N LYS D 279 -22.24 20.47 -23.40
CA LYS D 279 -22.39 19.75 -24.66
C LYS D 279 -21.58 20.43 -25.77
N GLY D 280 -21.37 19.69 -26.84
CA GLY D 280 -20.73 20.21 -28.03
C GLY D 280 -19.33 19.65 -28.22
N ALA D 281 -18.75 19.99 -29.38
CA ALA D 281 -17.45 19.47 -29.75
C ALA D 281 -16.31 20.22 -29.05
N MET D 282 -16.51 21.50 -28.75
CA MET D 282 -15.47 22.24 -28.04
C MET D 282 -15.34 21.76 -26.60
N ALA D 283 -16.46 21.43 -25.95
CA ALA D 283 -16.41 20.94 -24.58
C ALA D 283 -15.65 19.63 -24.49
N LEU D 284 -15.71 18.81 -25.54
CA LEU D 284 -14.96 17.57 -25.54
C LEU D 284 -13.47 17.86 -25.47
N HIS D 285 -13.00 18.74 -26.34
CA HIS D 285 -11.59 19.11 -26.32
C HIS D 285 -11.19 19.67 -24.96
N ILE D 286 -12.06 20.48 -24.35
CA ILE D 286 -11.73 21.10 -23.07
C ILE D 286 -11.60 20.04 -21.98
N ALA D 287 -12.51 19.07 -21.96
CA ALA D 287 -12.41 18.00 -20.97
C ALA D 287 -11.10 17.24 -21.14
N ARG D 288 -10.73 16.93 -22.38
CA ARG D 288 -9.49 16.19 -22.63
C ARG D 288 -8.28 16.96 -22.11
N ALA D 289 -8.27 18.28 -22.26
CA ALA D 289 -7.15 19.07 -21.75
C ALA D 289 -7.16 19.08 -20.23
N TYR D 290 -8.33 19.26 -19.61
CA TYR D 290 -8.42 19.23 -18.15
C TYR D 290 -7.97 17.89 -17.59
N GLU D 291 -8.12 16.82 -18.36
CA GLU D 291 -7.81 15.49 -17.85
C GLU D 291 -6.31 15.25 -17.74
N ILE D 292 -5.51 15.94 -18.57
CA ILE D 292 -4.07 15.75 -18.49
C ILE D 292 -3.57 16.03 -17.09
N SER D 293 -4.19 16.98 -16.39
CA SER D 293 -3.77 17.28 -15.03
C SER D 293 -4.10 16.14 -14.07
N VAL D 294 -5.30 15.54 -14.19
CA VAL D 294 -5.67 14.49 -13.25
C VAL D 294 -4.87 13.22 -13.50
N LEU D 295 -4.35 13.04 -14.72
CA LEU D 295 -3.55 11.85 -14.99
C LEU D 295 -2.21 11.91 -14.27
N VAL D 296 -1.50 13.03 -14.39
CA VAL D 296 -0.17 13.14 -13.78
C VAL D 296 -0.27 13.22 -12.27
N LYS D 297 -1.30 13.89 -11.74
CA LYS D 297 -1.48 13.91 -10.30
C LYS D 297 -1.73 12.50 -9.76
N ARG D 298 -2.51 11.71 -10.49
CA ARG D 298 -2.79 10.34 -10.07
C ARG D 298 -1.54 9.49 -10.10
N ALA D 299 -0.69 9.68 -11.13
CA ALA D 299 0.54 8.91 -11.22
C ALA D 299 1.45 9.20 -10.03
N MET D 300 1.60 10.47 -9.67
CA MET D 300 2.44 10.81 -8.53
C MET D 300 1.88 10.25 -7.23
N GLU D 301 0.56 10.09 -7.13
CA GLU D 301 -0.02 9.46 -5.95
C GLU D 301 0.26 7.96 -5.95
N ILE D 302 0.23 7.32 -7.12
CA ILE D 302 0.55 5.91 -7.20
C ILE D 302 1.99 5.65 -6.77
N LEU D 303 2.90 6.55 -7.15
CA LEU D 303 4.31 6.34 -6.83
C LEU D 303 4.55 6.45 -5.33
N ASP D 304 3.81 7.34 -4.65
CA ASP D 304 3.96 7.46 -3.21
C ASP D 304 3.39 6.25 -2.48
N GLU D 305 2.34 5.64 -3.03
CA GLU D 305 1.73 4.48 -2.38
C GLU D 305 2.48 3.20 -2.69
N LEU D 306 3.14 3.14 -3.85
CA LEU D 306 3.74 1.90 -4.32
C LEU D 306 4.87 1.44 -3.41
N ASN D 307 4.96 0.12 -3.22
CA ASN D 307 6.10 -0.51 -2.58
C ASN D 307 6.86 -1.25 -3.68
N VAL D 308 8.07 -0.78 -3.98
CA VAL D 308 8.82 -1.32 -5.10
C VAL D 308 9.34 -2.73 -4.83
N ASN D 309 9.17 -3.24 -3.62
CA ASN D 309 9.54 -4.61 -3.28
C ASN D 309 8.32 -5.51 -3.10
N GLY D 310 7.13 -4.98 -3.36
CA GLY D 310 5.94 -5.78 -3.19
C GLY D 310 5.72 -6.73 -4.35
N LYS D 311 5.06 -7.85 -4.03
CA LYS D 311 4.72 -8.83 -5.05
C LYS D 311 3.86 -8.21 -6.13
N THR D 312 4.17 -8.51 -7.39
CA THR D 312 3.46 -7.96 -8.53
C THR D 312 2.73 -8.99 -9.37
N MET D 313 3.01 -10.29 -9.20
CA MET D 313 2.34 -11.35 -9.94
C MET D 313 1.67 -12.31 -8.97
N SER D 314 0.41 -12.64 -9.26
CA SER D 314 -0.32 -13.59 -8.45
C SER D 314 0.10 -15.02 -8.79
N ASP D 315 0.15 -15.86 -7.76
CA ASP D 315 0.44 -17.27 -7.96
C ASP D 315 -0.76 -18.07 -8.41
N GLU D 316 -1.96 -17.50 -8.34
CA GLU D 316 -3.17 -18.24 -8.67
C GLU D 316 -3.08 -18.76 -10.10
N PRO D 317 -3.59 -19.96 -10.39
CA PRO D 317 -3.43 -20.53 -11.72
C PRO D 317 -4.51 -20.06 -12.68
N ILE D 318 -4.13 -19.96 -13.96
CA ILE D 318 -5.07 -19.59 -15.02
C ILE D 318 -5.87 -20.83 -15.41
N VAL D 319 -7.01 -21.02 -14.75
CA VAL D 319 -7.94 -22.08 -15.06
C VAL D 319 -9.35 -21.51 -14.99
N GLY D 320 -10.24 -22.02 -15.85
CA GLY D 320 -11.61 -21.59 -15.87
C GLY D 320 -12.56 -22.79 -15.94
N ASP D 321 -13.84 -22.49 -15.77
CA ASP D 321 -14.89 -23.50 -15.83
C ASP D 321 -15.45 -23.68 -17.23
N GLY D 322 -14.96 -22.91 -18.21
CA GLY D 322 -15.45 -23.03 -19.56
C GLY D 322 -16.83 -22.46 -19.77
N GLU D 323 -17.27 -21.60 -18.85
CA GLU D 323 -18.62 -21.04 -18.94
C GLU D 323 -18.63 -19.57 -18.56
N LYS D 324 -18.09 -19.28 -17.39
CA LYS D 324 -18.16 -17.91 -16.89
C LYS D 324 -17.57 -16.90 -17.87
N LEU D 325 -18.38 -15.90 -18.23
CA LEU D 325 -17.97 -14.87 -19.18
C LEU D 325 -17.30 -13.75 -18.40
N GLY D 326 -15.97 -13.80 -18.31
CA GLY D 326 -15.25 -12.77 -17.60
C GLY D 326 -15.37 -11.41 -18.24
N LEU D 327 -15.30 -10.39 -17.40
CA LEU D 327 -15.46 -9.00 -17.82
C LEU D 327 -14.24 -8.20 -17.41
N GLY D 328 -13.66 -7.47 -18.35
CA GLY D 328 -12.56 -6.59 -18.05
C GLY D 328 -12.78 -5.23 -18.71
N VAL D 329 -12.84 -4.17 -17.92
CA VAL D 329 -13.04 -2.83 -18.45
C VAL D 329 -11.83 -1.97 -18.10
N HIS D 330 -11.62 -0.95 -18.93
CA HIS D 330 -10.52 -0.01 -18.72
C HIS D 330 -10.87 1.28 -19.44
N GLU D 331 -10.78 2.40 -18.73
CA GLU D 331 -10.94 3.70 -19.37
C GLU D 331 -9.70 4.00 -20.21
N ALA D 332 -9.75 3.65 -21.50
CA ALA D 332 -8.70 4.06 -22.42
C ALA D 332 -8.72 5.57 -22.58
N ALA D 333 -7.71 6.11 -23.25
CA ALA D 333 -7.65 7.54 -23.47
C ALA D 333 -8.94 8.01 -24.13
N ARG D 334 -9.42 7.22 -25.09
CA ARG D 334 -10.62 7.58 -25.81
C ARG D 334 -11.90 7.12 -25.10
N GLY D 335 -11.77 6.35 -24.04
CA GLY D 335 -12.93 5.96 -23.29
C GLY D 335 -13.14 4.53 -22.87
N HIS D 336 -14.31 4.25 -22.32
CA HIS D 336 -14.61 2.90 -21.88
C HIS D 336 -14.18 1.84 -22.87
N ASN D 337 -13.46 0.84 -22.41
CA ASN D 337 -12.96 -0.21 -23.29
C ASN D 337 -13.17 -1.56 -22.63
N THR D 338 -13.87 -2.47 -23.32
CA THR D 338 -14.32 -3.72 -22.73
C THR D 338 -13.77 -4.91 -23.50
N HIS D 339 -13.27 -5.91 -22.76
CA HIS D 339 -12.93 -7.21 -23.30
C HIS D 339 -13.66 -8.27 -22.49
N GLN D 340 -13.96 -9.39 -23.14
CA GLN D 340 -14.67 -10.50 -22.51
C GLN D 340 -13.98 -11.80 -22.86
N ALA D 341 -13.90 -12.72 -21.89
CA ALA D 341 -13.13 -13.93 -22.07
C ALA D 341 -13.75 -15.09 -21.30
N VAL D 342 -13.81 -16.25 -21.95
CA VAL D 342 -14.17 -17.51 -21.31
C VAL D 342 -12.95 -18.41 -21.40
N ILE D 343 -12.58 -19.03 -20.30
CA ILE D 343 -11.38 -19.86 -20.23
C ILE D 343 -11.78 -21.25 -19.74
N ASP D 344 -11.21 -22.27 -20.36
CA ASP D 344 -11.53 -23.64 -19.98
C ASP D 344 -10.54 -24.11 -18.90
N LYS D 345 -10.71 -25.38 -18.48
CA LYS D 345 -9.89 -25.93 -17.42
C LYS D 345 -8.41 -25.97 -17.77
N ASP D 346 -8.07 -26.01 -19.06
CA ASP D 346 -6.69 -26.11 -19.51
C ASP D 346 -6.01 -24.75 -19.66
N GLY D 347 -6.71 -23.66 -19.40
CA GLY D 347 -6.13 -22.34 -19.54
C GLY D 347 -6.17 -21.78 -20.93
N ASN D 348 -7.09 -22.25 -21.78
CA ASN D 348 -7.21 -21.81 -23.16
C ASN D 348 -8.50 -21.02 -23.35
N ILE D 349 -8.54 -20.26 -24.45
CA ILE D 349 -9.63 -19.34 -24.71
C ILE D 349 -10.75 -20.07 -25.43
N VAL D 350 -11.93 -20.07 -24.82
CA VAL D 350 -13.12 -20.68 -25.42
C VAL D 350 -13.93 -19.67 -26.21
N TYR D 351 -14.10 -18.47 -25.67
CA TYR D 351 -14.83 -17.39 -26.34
C TYR D 351 -14.16 -16.06 -26.01
N TYR D 352 -14.09 -15.18 -27.00
CA TYR D 352 -13.46 -13.88 -26.82
C TYR D 352 -14.23 -12.81 -27.60
N ASN D 353 -14.30 -11.61 -27.03
CA ASN D 353 -15.01 -10.51 -27.64
C ASN D 353 -14.43 -9.20 -27.13
N ALA D 354 -14.64 -8.13 -27.91
CA ALA D 354 -14.12 -6.82 -27.52
C ALA D 354 -15.04 -5.73 -28.03
N ILE D 355 -15.40 -4.80 -27.14
CA ILE D 355 -16.20 -3.62 -27.49
C ILE D 355 -15.33 -2.42 -27.18
N VAL D 356 -14.74 -1.83 -28.22
CA VAL D 356 -13.70 -0.82 -28.07
C VAL D 356 -14.34 0.56 -27.94
N ALA D 357 -13.55 1.51 -27.41
CA ALA D 357 -14.07 2.81 -27.04
C ALA D 357 -14.68 3.54 -28.24
N THR D 358 -13.89 3.72 -29.31
CA THR D 358 -14.39 4.46 -30.46
C THR D 358 -15.58 3.79 -31.11
N THR D 359 -15.74 2.47 -30.93
CA THR D 359 -16.93 1.82 -31.46
C THR D 359 -18.20 2.43 -30.89
N TRP D 360 -18.17 2.79 -29.60
CA TRP D 360 -19.31 3.49 -29.00
C TRP D 360 -19.51 4.86 -29.66
N ASN D 361 -18.41 5.56 -29.95
CA ASN D 361 -18.49 6.95 -30.37
C ASN D 361 -18.84 7.12 -31.85
N ILE D 362 -18.60 6.12 -32.68
CA ILE D 362 -18.87 6.27 -34.12
C ILE D 362 -20.33 6.61 -34.38
N PRO D 363 -21.30 5.83 -33.91
CA PRO D 363 -22.71 6.18 -34.18
C PRO D 363 -23.14 7.46 -33.50
N VAL D 364 -22.45 7.90 -32.44
CA VAL D 364 -22.77 9.18 -31.82
C VAL D 364 -22.32 10.33 -32.72
N ILE D 365 -21.12 10.21 -33.30
CA ILE D 365 -20.62 11.24 -34.21
C ILE D 365 -21.56 11.38 -35.40
N SER D 366 -22.14 10.28 -35.87
CA SER D 366 -23.03 10.34 -37.02
C SER D 366 -24.18 11.31 -36.78
N LYS D 367 -24.70 11.36 -35.56
CA LYS D 367 -25.78 12.28 -35.22
C LYS D 367 -25.28 13.67 -34.85
N ALA D 368 -24.06 13.78 -34.33
CA ALA D 368 -23.56 15.06 -33.87
C ALA D 368 -23.25 16.00 -35.03
N VAL D 369 -22.87 15.46 -36.19
CA VAL D 369 -22.56 16.31 -37.33
C VAL D 369 -23.82 16.93 -37.91
N GLU D 370 -24.99 16.39 -37.61
CA GLU D 370 -26.24 16.98 -38.07
C GLU D 370 -26.48 18.31 -37.37
N GLY D 371 -27.06 19.25 -38.10
CA GLY D 371 -27.41 20.56 -37.59
C GLY D 371 -26.48 21.68 -38.05
N THR D 372 -25.24 21.35 -38.40
CA THR D 372 -24.25 22.34 -38.79
C THR D 372 -23.81 22.13 -40.23
N HIS D 373 -23.16 23.16 -40.76
CA HIS D 373 -22.64 23.10 -42.12
C HIS D 373 -21.65 21.95 -42.27
N TYR D 374 -21.59 21.38 -43.47
CA TYR D 374 -20.80 20.16 -43.67
C TYR D 374 -19.31 20.43 -43.58
N LYS D 375 -18.88 21.66 -43.88
CA LYS D 375 -17.47 22.03 -43.73
C LYS D 375 -17.04 22.15 -42.27
N PHE D 376 -17.91 21.81 -41.33
CA PHE D 376 -17.56 21.70 -39.92
C PHE D 376 -17.58 20.25 -39.45
N ALA D 377 -17.97 19.31 -40.31
CA ALA D 377 -18.17 17.94 -39.87
C ALA D 377 -16.89 17.34 -39.33
N GLU D 378 -15.77 17.54 -40.03
CA GLU D 378 -14.52 16.94 -39.59
C GLU D 378 -14.03 17.54 -38.28
N HIS D 379 -14.40 18.78 -37.98
CA HIS D 379 -14.03 19.36 -36.69
C HIS D 379 -14.73 18.64 -35.54
N ILE D 380 -15.99 18.24 -35.76
CA ILE D 380 -16.69 17.43 -34.77
C ILE D 380 -16.04 16.05 -34.66
N VAL D 381 -15.71 15.43 -35.79
CA VAL D 381 -15.12 14.10 -35.77
C VAL D 381 -13.85 14.09 -34.94
N ARG D 382 -12.93 15.02 -35.21
CA ARG D 382 -11.67 15.05 -34.49
C ARG D 382 -11.84 15.36 -33.01
N ALA D 383 -12.93 16.03 -32.63
CA ALA D 383 -13.16 16.29 -31.21
C ALA D 383 -13.24 14.99 -30.42
N TYR D 384 -13.64 13.90 -31.06
CA TYR D 384 -13.81 12.61 -30.40
C TYR D 384 -12.55 11.75 -30.41
N ASP D 385 -11.43 12.28 -30.93
CA ASP D 385 -10.16 11.58 -30.94
C ASP D 385 -10.34 10.14 -31.47
N PRO D 386 -10.99 9.98 -32.62
CA PRO D 386 -11.35 8.62 -33.06
C PRO D 386 -10.12 7.81 -33.40
N CYS D 387 -10.10 6.57 -32.92
CA CYS D 387 -9.07 5.60 -33.28
C CYS D 387 -9.79 4.43 -33.93
N ILE D 388 -9.61 4.31 -35.24
CA ILE D 388 -10.37 3.31 -35.98
C ILE D 388 -9.75 1.92 -35.93
N SER D 389 -8.43 1.81 -36.14
CA SER D 389 -7.86 0.48 -35.95
C SER D 389 -8.34 -0.13 -34.64
N CYS D 390 -8.56 0.71 -33.63
CA CYS D 390 -9.17 0.23 -32.39
C CYS D 390 -10.61 -0.19 -32.61
N ALA D 391 -11.42 0.71 -33.15
CA ALA D 391 -12.85 0.44 -33.25
C ALA D 391 -13.14 -0.76 -34.14
N THR D 392 -12.26 -1.05 -35.09
CA THR D 392 -12.47 -2.14 -36.03
C THR D 392 -11.85 -3.45 -35.53
N HIS D 393 -10.57 -3.41 -35.15
CA HIS D 393 -9.81 -4.58 -34.73
C HIS D 393 -10.20 -5.86 -35.48
N MET E 1 47.19 -12.00 -42.53
CA MET E 1 45.92 -11.31 -42.13
C MET E 1 46.08 -10.63 -40.78
N ASP E 2 45.30 -9.57 -40.57
CA ASP E 2 45.40 -8.79 -39.35
C ASP E 2 45.29 -9.72 -38.14
N PRO E 3 46.18 -9.66 -37.12
CA PRO E 3 46.02 -10.47 -35.93
C PRO E 3 44.99 -9.95 -34.91
N PHE E 4 45.12 -8.70 -34.44
CA PHE E 4 44.22 -8.18 -33.38
C PHE E 4 43.37 -7.03 -33.92
N GLY E 5 43.17 -6.97 -35.24
CA GLY E 5 42.35 -5.90 -35.84
C GLY E 5 42.86 -4.53 -35.44
N LYS E 6 41.96 -3.65 -35.00
CA LYS E 6 42.35 -2.25 -34.68
C LYS E 6 42.40 -2.02 -33.17
N TYR E 7 43.45 -1.36 -32.69
CA TYR E 7 43.59 -1.03 -31.28
C TYR E 7 44.50 0.19 -31.13
N LYS E 8 44.37 0.86 -29.99
CA LYS E 8 45.19 2.02 -29.67
C LYS E 8 46.48 1.64 -28.96
N THR E 9 46.35 0.81 -27.92
CA THR E 9 47.50 0.37 -27.13
C THR E 9 47.30 -1.04 -26.62
N VAL E 10 48.38 -1.69 -26.22
CA VAL E 10 48.31 -3.01 -25.61
C VAL E 10 49.30 -3.07 -24.46
N VAL E 11 48.79 -3.49 -23.30
CA VAL E 11 49.65 -3.53 -22.10
C VAL E 11 49.39 -4.81 -21.31
N SER E 12 50.22 -5.06 -20.32
CA SER E 12 50.09 -6.21 -19.42
C SER E 12 49.75 -5.67 -18.04
N ALA E 13 48.49 -5.83 -17.61
CA ALA E 13 47.99 -5.15 -16.43
C ALA E 13 47.46 -6.15 -15.40
N ARG E 14 47.26 -5.63 -14.19
CA ARG E 14 46.79 -6.40 -13.03
C ARG E 14 46.08 -5.43 -12.09
N ALA E 15 45.01 -5.89 -11.47
CA ALA E 15 44.28 -5.07 -10.51
C ALA E 15 45.13 -4.80 -9.28
N ALA E 16 44.93 -3.62 -8.69
CA ALA E 16 45.67 -3.22 -7.50
C ALA E 16 45.01 -3.70 -6.21
N ASP E 17 43.68 -3.79 -6.19
CA ASP E 17 42.95 -4.22 -4.99
C ASP E 17 43.20 -5.71 -4.77
N LYS E 18 43.91 -6.05 -3.70
CA LYS E 18 44.37 -7.43 -3.51
C LYS E 18 43.24 -8.43 -3.28
N THR E 19 42.08 -7.94 -2.84
CA THR E 19 40.92 -8.85 -2.65
C THR E 19 40.48 -9.37 -4.00
N ILE E 20 40.58 -8.55 -5.04
CA ILE E 20 40.13 -8.95 -6.37
C ILE E 20 41.02 -10.06 -6.92
N LEU E 21 42.30 -10.02 -6.58
CA LEU E 21 43.23 -11.02 -7.10
C LEU E 21 42.96 -12.39 -6.49
N LYS E 22 42.47 -12.40 -5.26
CA LYS E 22 42.21 -13.66 -4.57
C LYS E 22 41.08 -14.45 -5.23
N LYS E 23 40.18 -13.79 -5.96
CA LYS E 23 39.02 -14.45 -6.54
C LYS E 23 39.00 -14.44 -8.06
N CYS E 24 39.82 -13.63 -8.71
CA CYS E 24 39.75 -13.51 -10.17
C CYS E 24 40.49 -14.66 -10.84
N GLN E 25 40.39 -14.70 -12.16
CA GLN E 25 41.01 -15.76 -12.96
C GLN E 25 42.47 -15.45 -13.25
N ASP E 26 42.72 -14.29 -13.88
CA ASP E 26 44.07 -13.91 -14.27
C ASP E 26 44.51 -12.63 -13.60
N GLY E 27 44.39 -11.47 -14.25
CA GLY E 27 44.80 -10.21 -13.68
C GLY E 27 43.69 -9.48 -12.97
N GLY E 28 42.44 -9.91 -13.16
CA GLY E 28 41.32 -9.23 -12.53
C GLY E 28 40.91 -7.96 -13.22
N ILE E 29 41.12 -7.87 -14.54
CA ILE E 29 40.80 -6.65 -15.26
C ILE E 29 39.30 -6.45 -15.33
N VAL E 30 38.55 -7.52 -15.61
CA VAL E 30 37.10 -7.39 -15.72
C VAL E 30 36.50 -6.93 -14.40
N SER E 31 36.95 -7.52 -13.28
CA SER E 31 36.40 -7.14 -11.99
C SER E 31 36.87 -5.76 -11.56
N ALA E 32 38.12 -5.40 -11.88
CA ALA E 32 38.62 -4.10 -11.49
C ALA E 32 37.89 -2.99 -12.24
N ALA E 33 37.65 -3.18 -13.53
CA ALA E 33 36.92 -2.19 -14.31
C ALA E 33 35.49 -2.06 -13.82
N TYR E 34 34.83 -3.19 -13.59
CA TYR E 34 33.46 -3.17 -13.09
C TYR E 34 33.38 -2.44 -11.75
N ILE E 35 34.25 -2.82 -10.80
CA ILE E 35 34.17 -2.26 -9.45
C ILE E 35 34.50 -0.78 -9.47
N TYR E 36 35.54 -0.38 -10.22
CA TYR E 36 35.89 1.03 -10.28
C TYR E 36 34.73 1.84 -10.87
N GLY E 37 34.09 1.32 -11.92
CA GLY E 37 32.97 2.04 -12.51
C GLY E 37 31.81 2.20 -11.54
N LEU E 38 31.45 1.12 -10.84
CA LEU E 38 30.33 1.19 -9.91
C LEU E 38 30.62 2.16 -8.78
N GLU E 39 31.84 2.15 -8.26
CA GLU E 39 32.17 2.97 -7.10
C GLU E 39 32.31 4.44 -7.45
N ASN E 40 32.74 4.75 -8.68
CA ASN E 40 33.00 6.12 -9.08
C ASN E 40 31.95 6.66 -10.05
N GLY E 41 30.76 6.07 -10.07
CA GLY E 41 29.67 6.61 -10.85
C GLY E 41 29.87 6.61 -12.35
N LEU E 42 30.61 5.65 -12.89
CA LEU E 42 30.71 5.52 -14.34
C LEU E 42 29.76 4.45 -14.80
N LEU E 43 29.53 3.47 -13.94
CA LEU E 43 28.60 2.39 -14.26
C LEU E 43 27.58 2.29 -13.12
N ASP E 44 26.35 1.92 -13.48
CA ASP E 44 25.34 1.60 -12.48
C ASP E 44 24.84 0.17 -12.57
N GLY E 45 25.22 -0.57 -13.62
CA GLY E 45 24.96 -2.00 -13.68
C GLY E 45 26.02 -2.64 -14.56
N VAL E 46 26.28 -3.92 -14.30
CA VAL E 46 27.28 -4.68 -15.06
C VAL E 46 26.74 -6.07 -15.30
N ILE E 47 26.95 -6.59 -16.50
CA ILE E 47 26.54 -7.95 -16.85
C ILE E 47 27.65 -8.91 -16.43
N VAL E 48 27.28 -9.96 -15.68
CA VAL E 48 28.23 -10.94 -15.19
C VAL E 48 27.68 -12.32 -15.49
N ALA E 49 28.56 -13.31 -15.42
CA ALA E 49 28.21 -14.71 -15.59
C ALA E 49 28.49 -15.40 -14.25
N ASP E 50 27.40 -15.80 -13.59
CA ASP E 50 27.54 -16.43 -12.25
C ASP E 50 27.56 -17.95 -12.40
N LYS E 51 27.71 -18.65 -11.30
CA LYS E 51 27.76 -20.10 -11.25
C LYS E 51 27.13 -20.58 -9.96
N ASP E 52 26.55 -21.78 -10.00
CA ASP E 52 26.02 -22.41 -8.80
C ASP E 52 27.03 -23.42 -8.28
N ASP E 53 26.60 -24.24 -7.32
CA ASP E 53 27.51 -25.24 -6.69
C ASP E 53 27.99 -26.25 -7.73
N LYS E 54 27.23 -26.47 -8.80
CA LYS E 54 27.58 -27.44 -9.82
C LYS E 54 28.24 -26.82 -11.04
N LEU E 55 28.50 -25.52 -11.01
CA LEU E 55 29.17 -24.74 -12.08
C LEU E 55 28.24 -24.44 -13.26
N GLN E 56 26.93 -24.60 -13.10
CA GLN E 56 26.01 -24.20 -14.16
C GLN E 56 25.89 -22.67 -14.19
N THR E 57 26.09 -22.09 -15.36
CA THR E 57 26.20 -20.64 -15.49
C THR E 57 24.84 -19.99 -15.64
N THR E 58 24.74 -18.75 -15.16
CA THR E 58 23.53 -17.95 -15.27
C THR E 58 23.89 -16.49 -15.54
N PRO E 59 23.46 -15.93 -16.67
CA PRO E 59 23.72 -14.50 -16.91
C PRO E 59 22.88 -13.64 -15.97
N LYS E 60 23.48 -12.57 -15.48
CA LYS E 60 22.88 -11.79 -14.40
C LYS E 60 23.33 -10.34 -14.48
N VAL E 61 22.41 -9.43 -14.15
CA VAL E 61 22.72 -8.01 -14.03
C VAL E 61 23.12 -7.75 -12.58
N ALA E 62 24.39 -7.42 -12.39
CA ALA E 62 24.94 -7.12 -11.07
C ALA E 62 25.01 -5.61 -10.87
N THR E 63 24.82 -5.20 -9.61
CA THR E 63 24.82 -3.78 -9.26
C THR E 63 25.63 -3.45 -8.01
N THR E 64 26.17 -4.45 -7.31
CA THR E 64 27.03 -4.24 -6.16
C THR E 64 28.40 -4.84 -6.45
N VAL E 65 29.37 -4.49 -5.60
CA VAL E 65 30.75 -5.01 -5.76
C VAL E 65 30.76 -6.51 -5.43
N ASP E 66 30.00 -6.92 -4.42
CA ASP E 66 30.03 -8.32 -4.01
C ASP E 66 29.46 -9.21 -5.11
N GLU E 67 28.43 -8.75 -5.81
CA GLU E 67 27.92 -9.50 -6.97
C GLU E 67 29.03 -9.69 -8.01
N VAL E 68 29.89 -8.67 -8.16
CA VAL E 68 30.98 -8.76 -9.14
C VAL E 68 32.01 -9.78 -8.69
N LEU E 69 32.39 -9.74 -7.41
CA LEU E 69 33.44 -10.63 -6.92
C LEU E 69 33.00 -12.10 -6.96
N GLU E 70 31.71 -12.36 -6.70
CA GLU E 70 31.21 -13.72 -6.77
C GLU E 70 31.19 -14.23 -8.21
N ALA E 71 31.04 -13.32 -9.17
CA ALA E 71 31.05 -13.69 -10.58
C ALA E 71 32.45 -13.69 -11.19
N ALA E 72 33.47 -13.40 -10.39
CA ALA E 72 34.84 -13.44 -10.89
C ALA E 72 35.28 -14.88 -11.13
N GLY E 73 36.15 -15.06 -12.12
CA GLY E 73 36.61 -16.37 -12.51
C GLY E 73 35.98 -16.82 -13.82
N THR E 74 36.67 -17.74 -14.48
CA THR E 74 36.25 -18.24 -15.79
C THR E 74 35.45 -19.53 -15.62
N LYS E 75 34.26 -19.55 -16.22
CA LYS E 75 33.47 -20.77 -16.41
C LYS E 75 33.61 -21.12 -17.88
N TYR E 76 34.30 -22.22 -18.17
CA TYR E 76 34.56 -22.61 -19.55
C TYR E 76 33.36 -23.35 -20.13
N THR E 77 32.18 -22.75 -20.01
CA THR E 77 30.96 -23.26 -20.63
C THR E 77 30.18 -22.06 -21.15
N VAL E 78 29.24 -22.34 -22.05
CA VAL E 78 28.47 -21.25 -22.71
C VAL E 78 27.54 -20.56 -21.70
N CYS E 79 27.54 -19.23 -21.73
CA CYS E 79 26.64 -18.45 -20.90
C CYS E 79 26.14 -17.25 -21.69
N PRO E 80 24.84 -17.18 -22.01
CA PRO E 80 24.35 -16.08 -22.87
C PRO E 80 24.24 -14.74 -22.16
N THR E 81 25.37 -14.04 -22.06
CA THR E 81 25.41 -12.79 -21.31
C THR E 81 24.56 -11.71 -21.97
N ILE E 82 24.44 -11.74 -23.31
CA ILE E 82 23.69 -10.70 -24.00
C ILE E 82 22.19 -10.86 -23.85
N SER E 83 21.72 -12.02 -23.38
CA SER E 83 20.28 -12.24 -23.25
C SER E 83 19.65 -11.31 -22.21
N VAL E 84 20.44 -10.75 -21.30
CA VAL E 84 19.92 -9.87 -20.25
C VAL E 84 20.20 -8.40 -20.55
N ILE E 85 20.70 -8.08 -21.74
CA ILE E 85 21.12 -6.71 -22.02
C ILE E 85 19.91 -5.77 -22.03
N LYS E 86 18.77 -6.25 -22.54
CA LYS E 86 17.58 -5.42 -22.50
C LYS E 86 17.07 -5.34 -21.06
N SER E 87 16.99 -6.49 -20.38
CA SER E 87 16.59 -6.49 -18.98
C SER E 87 17.35 -5.47 -18.14
N ALA E 88 18.62 -5.23 -18.44
CA ALA E 88 19.42 -4.32 -17.63
C ALA E 88 18.94 -2.89 -17.77
N VAL E 89 18.58 -2.47 -18.98
CA VAL E 89 18.15 -1.07 -19.23
C VAL E 89 16.64 -0.94 -18.98
N ARG E 90 15.96 -2.07 -18.73
CA ARG E 90 14.49 -2.04 -18.53
C ARG E 90 14.16 -2.11 -17.04
N GLU E 91 14.01 -3.32 -16.49
CA GLU E 91 13.59 -3.47 -15.08
C GLU E 91 14.68 -2.91 -14.14
N TYR E 92 15.96 -3.16 -14.44
CA TYR E 92 17.06 -2.74 -13.52
C TYR E 92 17.23 -1.23 -13.60
N GLY E 93 16.77 -0.60 -14.68
CA GLY E 93 16.84 0.86 -14.79
C GLY E 93 18.26 1.37 -14.89
N CYS E 94 19.12 0.67 -15.63
CA CYS E 94 20.50 1.12 -15.82
C CYS E 94 20.59 2.10 -16.97
N GLU E 95 21.47 3.10 -16.79
CA GLU E 95 21.79 4.07 -17.83
C GLU E 95 23.27 4.15 -18.15
N LYS E 96 24.13 3.45 -17.40
CA LYS E 96 25.56 3.37 -17.67
C LYS E 96 25.95 1.91 -17.47
N LEU E 97 25.79 1.11 -18.53
CA LEU E 97 25.84 -0.34 -18.42
C LEU E 97 27.21 -0.86 -18.85
N GLY E 98 27.76 -1.77 -18.05
CA GLY E 98 28.94 -2.52 -18.45
C GLY E 98 28.50 -3.91 -18.91
N VAL E 99 29.12 -4.39 -19.97
CA VAL E 99 28.79 -5.68 -20.57
C VAL E 99 30.08 -6.44 -20.81
N VAL E 100 30.06 -7.74 -20.55
CA VAL E 100 31.21 -8.61 -20.78
C VAL E 100 30.76 -9.83 -21.58
N GLY E 101 31.66 -10.35 -22.40
CA GLY E 101 31.35 -11.53 -23.18
C GLY E 101 32.55 -11.95 -24.00
N THR E 102 32.45 -13.16 -24.52
CA THR E 102 33.44 -13.68 -25.44
C THR E 102 33.38 -12.92 -26.76
N PRO E 103 34.41 -13.04 -27.62
CA PRO E 103 34.40 -12.28 -28.87
C PRO E 103 33.09 -12.36 -29.63
N CYS E 104 32.50 -13.54 -29.70
CA CYS E 104 31.27 -13.73 -30.45
C CYS E 104 30.11 -12.96 -29.83
N GLN E 105 30.11 -12.82 -28.50
CA GLN E 105 29.10 -12.01 -27.83
C GLN E 105 29.37 -10.52 -27.97
N ILE E 106 30.62 -10.11 -28.14
CA ILE E 106 30.92 -8.71 -28.43
C ILE E 106 30.49 -8.36 -29.84
N ILE E 107 30.63 -9.31 -30.77
CA ILE E 107 30.09 -9.13 -32.12
C ILE E 107 28.59 -8.89 -32.05
N ALA E 108 27.88 -9.76 -31.33
CA ALA E 108 26.45 -9.60 -31.18
C ALA E 108 26.09 -8.23 -30.63
N THR E 109 26.94 -7.65 -29.79
CA THR E 109 26.63 -6.35 -29.22
C THR E 109 26.74 -5.24 -30.26
N ARG E 110 27.78 -5.27 -31.10
CA ARG E 110 27.90 -4.22 -32.10
C ARG E 110 26.81 -4.33 -33.17
N LYS E 111 26.52 -5.56 -33.62
CA LYS E 111 25.37 -5.76 -34.49
C LYS E 111 24.11 -5.20 -33.84
N LEU E 112 23.96 -5.43 -32.53
CA LEU E 112 22.81 -4.91 -31.79
C LEU E 112 22.73 -3.40 -31.87
N MET E 113 23.88 -2.72 -31.82
CA MET E 113 23.90 -1.27 -31.83
C MET E 113 23.79 -0.70 -33.24
N LYS E 114 24.18 -1.45 -34.26
CA LYS E 114 24.12 -0.91 -35.62
C LYS E 114 22.73 -1.04 -36.21
N TYR E 115 22.06 -2.16 -35.96
CA TYR E 115 20.69 -2.38 -36.43
C TYR E 115 19.85 -2.70 -35.20
N PRO E 116 19.50 -1.68 -34.39
CA PRO E 116 18.78 -1.90 -33.13
C PRO E 116 17.28 -2.07 -33.29
N ILE E 117 16.88 -2.94 -34.23
CA ILE E 117 15.46 -3.14 -34.53
C ILE E 117 14.68 -3.43 -33.26
N GLY E 118 15.11 -4.43 -32.50
CA GLY E 118 14.41 -4.79 -31.28
C GLY E 118 15.15 -4.37 -30.03
N PHE E 119 15.81 -3.22 -30.08
CA PHE E 119 16.63 -2.75 -28.97
C PHE E 119 16.43 -1.26 -28.76
N ARG E 120 15.17 -0.86 -28.61
CA ARG E 120 14.84 0.54 -28.30
C ARG E 120 15.40 0.92 -26.94
N HIS E 121 16.11 2.04 -26.89
CA HIS E 121 16.73 2.62 -25.70
C HIS E 121 17.93 1.83 -25.17
N VAL E 122 18.48 0.91 -25.95
CA VAL E 122 19.53 0.04 -25.40
C VAL E 122 20.93 0.52 -25.80
N PRO E 123 21.20 0.80 -27.07
CA PRO E 123 22.60 1.09 -27.44
C PRO E 123 23.21 2.26 -26.71
N ASP E 124 22.49 3.38 -26.59
CA ASP E 124 23.05 4.59 -26.03
C ASP E 124 23.38 4.46 -24.54
N LYS E 125 23.08 3.33 -23.94
CA LYS E 125 23.32 3.14 -22.49
C LYS E 125 24.47 2.19 -22.22
N LEU E 126 25.14 1.72 -23.27
CA LEU E 126 26.27 0.81 -23.11
C LEU E 126 27.52 1.65 -22.87
N ALA E 127 27.95 1.72 -21.61
CA ALA E 127 29.04 2.59 -21.20
C ALA E 127 30.42 1.94 -21.29
N LEU E 128 30.52 0.63 -21.12
CA LEU E 128 31.80 -0.06 -21.25
C LEU E 128 31.57 -1.48 -21.74
N ILE E 129 32.15 -1.80 -22.88
CA ILE E 129 32.00 -3.11 -23.51
C ILE E 129 33.35 -3.81 -23.40
N VAL E 130 33.42 -4.81 -22.53
CA VAL E 130 34.64 -5.56 -22.24
C VAL E 130 34.53 -6.93 -22.89
N GLY E 131 35.53 -7.26 -23.68
CA GLY E 131 35.64 -8.59 -24.29
C GLY E 131 36.78 -9.35 -23.65
N ILE E 132 36.60 -10.66 -23.49
CA ILE E 132 37.66 -11.54 -23.01
C ILE E 132 38.11 -12.42 -24.16
N PHE E 133 39.39 -12.77 -24.16
CA PHE E 133 39.91 -13.67 -25.18
C PHE E 133 39.16 -15.00 -25.09
N CYS E 134 39.07 -15.69 -26.22
CA CYS E 134 38.41 -17.00 -26.26
C CYS E 134 38.98 -17.82 -27.40
N MET E 135 39.37 -19.06 -27.09
CA MET E 135 39.79 -20.00 -28.12
C MET E 135 38.59 -20.85 -28.57
N GLU E 136 38.01 -21.55 -27.60
CA GLU E 136 36.84 -22.40 -27.86
C GLU E 136 35.93 -22.39 -26.64
N ASN E 137 34.72 -22.90 -26.76
CA ASN E 137 33.79 -23.03 -25.65
C ASN E 137 33.17 -24.42 -25.68
N PHE E 138 32.38 -24.73 -24.64
CA PHE E 138 31.88 -26.07 -24.42
C PHE E 138 30.44 -26.02 -23.93
N PRO E 139 29.63 -27.02 -24.28
CA PRO E 139 28.36 -27.22 -23.57
C PRO E 139 28.62 -27.70 -22.14
N TYR E 140 27.64 -27.48 -21.27
CA TYR E 140 27.84 -27.82 -19.87
C TYR E 140 28.17 -29.29 -19.71
N ASN E 141 27.37 -30.17 -20.33
CA ASN E 141 27.64 -31.61 -20.22
C ASN E 141 29.00 -31.95 -20.82
N GLY E 142 29.46 -31.17 -21.80
CA GLY E 142 30.80 -31.38 -22.31
C GLY E 142 31.86 -31.16 -21.25
N MET E 143 31.77 -30.05 -20.52
CA MET E 143 32.72 -29.83 -19.46
C MET E 143 32.52 -30.82 -18.31
N LYS E 144 31.27 -31.20 -18.06
CA LYS E 144 31.02 -32.10 -16.94
C LYS E 144 31.71 -33.44 -17.15
N THR E 145 31.77 -33.90 -18.40
CA THR E 145 32.51 -35.15 -18.67
C THR E 145 33.98 -34.87 -18.49
N ILE E 146 34.47 -33.77 -19.05
CA ILE E 146 35.90 -33.48 -18.97
C ILE E 146 36.34 -33.45 -17.51
N ILE E 147 35.56 -32.80 -16.65
CA ILE E 147 35.95 -32.63 -15.25
C ILE E 147 35.74 -33.92 -14.48
N GLU E 148 34.55 -34.51 -14.57
CA GLU E 148 34.19 -35.62 -13.70
C GLU E 148 34.71 -36.96 -14.21
N GLU E 149 34.85 -37.13 -15.53
CA GLU E 149 35.26 -38.41 -16.08
C GLU E 149 36.70 -38.45 -16.56
N HIS E 150 37.24 -37.33 -17.04
CA HIS E 150 38.64 -37.27 -17.45
C HIS E 150 39.58 -36.76 -16.37
N CYS E 151 39.11 -35.83 -15.52
CA CYS E 151 39.90 -35.35 -14.40
C CYS E 151 39.56 -36.04 -13.09
N GLY E 152 38.40 -36.68 -13.00
CA GLY E 152 38.05 -37.44 -11.82
C GLY E 152 37.68 -36.60 -10.61
N ILE E 153 37.10 -35.43 -10.84
CA ILE E 153 36.71 -34.52 -9.77
C ILE E 153 35.25 -34.15 -9.97
N LYS E 154 34.45 -34.31 -8.92
CA LYS E 154 33.05 -33.95 -8.99
C LYS E 154 32.89 -32.44 -9.14
N MET E 155 31.85 -32.04 -9.86
CA MET E 155 31.61 -30.63 -10.12
C MET E 155 31.48 -29.85 -8.81
N GLU E 156 30.83 -30.43 -7.82
CA GLU E 156 30.60 -29.74 -6.56
C GLU E 156 31.91 -29.46 -5.83
N ASP E 157 32.99 -30.17 -6.17
CA ASP E 157 34.27 -30.01 -5.53
C ASP E 157 35.24 -29.14 -6.32
N VAL E 158 34.78 -28.50 -7.40
CA VAL E 158 35.64 -27.67 -8.22
C VAL E 158 35.64 -26.25 -7.67
N ALA E 159 36.85 -25.72 -7.43
CA ALA E 159 37.05 -24.35 -6.98
C ALA E 159 37.46 -23.43 -8.12
N LYS E 160 38.27 -23.91 -9.05
CA LYS E 160 38.76 -23.07 -10.15
C LYS E 160 39.19 -23.96 -11.29
N THR E 161 39.00 -23.49 -12.51
CA THR E 161 39.50 -24.15 -13.71
C THR E 161 40.28 -23.14 -14.53
N ASP E 162 41.28 -23.64 -15.27
CA ASP E 162 42.17 -22.78 -16.02
C ASP E 162 42.73 -23.57 -17.20
N ILE E 163 42.99 -22.86 -18.30
CA ILE E 163 43.67 -23.43 -19.46
C ILE E 163 45.03 -22.74 -19.59
N GLY E 164 46.08 -23.53 -19.67
CA GLY E 164 47.41 -22.99 -19.81
C GLY E 164 48.49 -24.06 -19.91
N LYS E 165 49.60 -23.74 -20.56
CA LYS E 165 50.70 -24.69 -20.70
C LYS E 165 50.26 -25.97 -21.41
N GLY E 166 49.30 -25.86 -22.32
CA GLY E 166 48.82 -27.00 -23.07
C GLY E 166 48.00 -27.99 -22.28
N LYS E 167 47.63 -27.67 -21.05
CA LYS E 167 46.85 -28.57 -20.21
C LYS E 167 45.58 -27.89 -19.74
N PHE E 168 44.62 -28.71 -19.34
CA PHE E 168 43.40 -28.24 -18.68
C PHE E 168 43.52 -28.53 -17.19
N TRP E 169 43.35 -27.49 -16.37
CA TRP E 169 43.59 -27.56 -14.94
C TRP E 169 42.27 -27.56 -14.19
N VAL E 170 42.19 -28.40 -13.16
CA VAL E 170 41.04 -28.44 -12.26
C VAL E 170 41.60 -28.33 -10.84
N TYR E 171 41.21 -27.26 -10.15
CA TYR E 171 41.61 -27.02 -8.78
C TYR E 171 40.46 -27.35 -7.87
N SER E 172 40.72 -28.18 -6.86
CA SER E 172 39.67 -28.69 -5.99
C SER E 172 39.54 -27.83 -4.73
N LYS E 173 38.35 -27.87 -4.14
CA LYS E 173 38.12 -27.20 -2.88
C LYS E 173 39.09 -27.68 -1.80
N TRP E 174 39.53 -28.95 -1.91
CA TRP E 174 40.30 -29.61 -0.86
C TRP E 174 41.79 -29.63 -1.17
N GLY E 175 42.28 -28.70 -1.99
CA GLY E 175 43.69 -28.57 -2.27
C GLY E 175 44.20 -29.38 -3.44
N ASP E 176 43.43 -30.34 -3.92
CA ASP E 176 43.88 -31.19 -5.02
C ASP E 176 43.98 -30.38 -6.30
N VAL E 177 44.90 -30.79 -7.18
CA VAL E 177 45.03 -30.22 -8.51
C VAL E 177 45.19 -31.38 -9.49
N LYS E 178 44.36 -31.40 -10.52
CA LYS E 178 44.41 -32.40 -11.57
C LYS E 178 44.56 -31.72 -12.92
N SER E 179 45.41 -32.28 -13.78
CA SER E 179 45.65 -31.73 -15.10
C SER E 179 45.56 -32.84 -16.14
N ILE E 180 45.01 -32.50 -17.30
CA ILE E 180 44.94 -33.40 -18.44
C ILE E 180 45.50 -32.68 -19.66
N LYS E 181 45.75 -33.44 -20.71
CA LYS E 181 46.22 -32.85 -21.96
C LYS E 181 45.06 -32.23 -22.72
N LEU E 182 45.30 -31.05 -23.30
CA LEU E 182 44.22 -30.28 -23.97
C LEU E 182 43.66 -30.99 -25.20
N LYS E 183 44.36 -32.00 -25.74
CA LYS E 183 43.88 -32.58 -26.99
C LYS E 183 42.66 -33.47 -26.78
N GLU E 184 42.52 -34.08 -25.60
CA GLU E 184 41.38 -34.94 -25.33
C GLU E 184 40.16 -34.16 -24.86
N THR E 185 40.26 -32.84 -24.74
CA THR E 185 39.09 -31.99 -24.56
C THR E 185 38.45 -31.61 -25.88
N HIS E 186 39.14 -31.84 -27.00
CA HIS E 186 38.61 -31.43 -28.30
C HIS E 186 37.24 -32.03 -28.61
N PRO E 187 36.98 -33.33 -28.40
CA PRO E 187 35.68 -33.89 -28.83
C PRO E 187 34.47 -33.30 -28.10
N TYR E 188 34.66 -32.46 -27.09
CA TYR E 188 33.55 -31.99 -26.26
C TYR E 188 33.16 -30.55 -26.50
N GLU E 189 33.76 -29.88 -27.49
CA GLU E 189 33.57 -28.45 -27.64
C GLU E 189 32.41 -28.15 -28.59
N GLN E 190 31.78 -26.99 -28.35
CA GLN E 190 30.74 -26.50 -29.22
C GLN E 190 31.25 -26.40 -30.65
N GLN E 191 30.69 -27.17 -31.54
CA GLN E 191 31.21 -27.18 -32.89
C GLN E 191 31.09 -25.83 -33.56
N SER E 192 30.05 -25.10 -33.23
CA SER E 192 29.86 -23.82 -33.91
C SER E 192 31.01 -22.85 -33.63
N CYS E 193 31.89 -23.17 -32.70
CA CYS E 193 33.10 -22.38 -32.50
C CYS E 193 34.13 -22.62 -33.60
N HIS E 194 33.88 -23.55 -34.52
CA HIS E 194 34.79 -23.83 -35.62
C HIS E 194 34.63 -22.85 -36.77
N VAL E 195 33.71 -21.89 -36.67
CA VAL E 195 33.56 -20.83 -37.67
C VAL E 195 34.03 -19.49 -37.14
N CYS E 196 34.29 -19.37 -35.84
CA CYS E 196 34.63 -18.09 -35.24
C CYS E 196 35.94 -17.54 -35.79
N MET E 197 35.97 -16.26 -36.11
CA MET E 197 37.19 -15.65 -36.62
C MET E 197 37.62 -14.48 -35.75
N ASP E 198 37.44 -14.61 -34.45
CA ASP E 198 37.81 -13.55 -33.51
C ASP E 198 38.37 -14.18 -32.25
N TYR E 199 39.67 -13.99 -32.00
CA TYR E 199 40.33 -14.55 -30.83
C TYR E 199 40.53 -13.55 -29.70
N THR E 200 40.85 -12.30 -30.03
CA THR E 200 41.15 -11.30 -29.03
C THR E 200 39.97 -10.35 -28.76
N ALA E 201 38.76 -10.71 -29.20
CA ALA E 201 37.58 -9.87 -29.03
C ALA E 201 37.80 -8.48 -29.61
N GLU E 202 37.94 -8.46 -30.93
CA GLU E 202 38.47 -7.29 -31.62
C GLU E 202 37.50 -6.11 -31.67
N LEU E 203 36.22 -6.33 -31.43
CA LEU E 203 35.23 -5.27 -31.51
C LEU E 203 34.88 -4.67 -30.15
N ALA E 204 35.68 -4.94 -29.12
CA ALA E 204 35.38 -4.47 -27.78
C ALA E 204 36.05 -3.12 -27.49
N ASP E 205 35.53 -2.44 -26.47
CA ASP E 205 36.20 -1.24 -25.97
C ASP E 205 37.52 -1.61 -25.32
N ILE E 206 37.50 -2.68 -24.53
CA ILE E 206 38.70 -3.16 -23.87
C ILE E 206 38.69 -4.68 -23.92
N SER E 207 39.81 -5.30 -24.29
CA SER E 207 39.91 -6.75 -24.38
C SER E 207 41.00 -7.23 -23.44
N THR E 208 40.72 -8.32 -22.73
CA THR E 208 41.68 -8.85 -21.74
C THR E 208 41.82 -10.33 -21.92
N GLY E 209 42.96 -10.88 -21.51
CA GLY E 209 43.22 -12.31 -21.62
C GLY E 209 44.43 -12.70 -20.79
N SER E 210 44.67 -14.01 -20.74
CA SER E 210 45.82 -14.53 -20.01
C SER E 210 47.05 -14.72 -20.89
N VAL E 211 46.87 -15.12 -22.16
CA VAL E 211 48.00 -15.45 -23.00
C VAL E 211 48.81 -14.19 -23.29
N GLY E 212 50.14 -14.33 -23.31
CA GLY E 212 51.05 -13.23 -23.48
C GLY E 212 51.55 -12.62 -22.20
N SER E 213 50.78 -12.74 -21.11
CA SER E 213 51.19 -12.25 -19.82
C SER E 213 51.45 -13.42 -18.87
N PRO E 214 52.29 -13.23 -17.84
CA PRO E 214 52.55 -14.33 -16.89
C PRO E 214 51.40 -14.58 -15.95
N ASP E 215 51.54 -15.58 -15.09
CA ASP E 215 50.48 -15.89 -14.15
C ASP E 215 50.12 -14.68 -13.31
N GLY E 216 48.83 -14.49 -13.08
CA GLY E 216 48.37 -13.37 -12.28
C GLY E 216 48.27 -12.06 -13.00
N TRP E 217 48.59 -12.02 -14.29
CA TRP E 217 48.50 -10.81 -15.10
C TRP E 217 47.67 -11.09 -16.34
N SER E 218 47.26 -10.02 -17.01
CA SER E 218 46.46 -10.11 -18.22
C SER E 218 47.06 -9.24 -19.31
N THR E 219 46.80 -9.62 -20.56
CA THR E 219 47.16 -8.82 -21.72
C THR E 219 45.94 -8.03 -22.16
N VAL E 220 46.03 -6.71 -22.07
CA VAL E 220 44.88 -5.82 -22.23
C VAL E 220 45.07 -4.99 -23.48
N PHE E 221 44.07 -5.00 -24.36
CA PHE E 221 44.11 -4.14 -25.52
C PHE E 221 43.16 -2.99 -25.26
N ILE E 222 43.62 -1.77 -25.47
CA ILE E 222 42.72 -0.63 -25.34
C ILE E 222 42.36 -0.30 -26.76
N ARG E 223 41.08 -0.42 -27.11
CA ARG E 223 40.73 -0.25 -28.51
C ARG E 223 40.04 1.08 -28.80
N THR E 224 38.83 1.25 -28.27
CA THR E 224 38.07 2.46 -28.61
C THR E 224 38.26 3.61 -27.66
N ALA E 225 37.75 4.78 -28.05
CA ALA E 225 37.86 5.94 -27.18
C ALA E 225 37.17 5.70 -25.84
N GLN E 226 35.98 5.10 -25.86
CA GLN E 226 35.25 4.85 -24.62
C GLN E 226 36.06 3.97 -23.68
N GLY E 227 36.79 2.99 -24.24
CA GLY E 227 37.63 2.16 -23.41
C GLY E 227 38.90 2.87 -22.95
N GLU E 228 39.37 3.84 -23.74
CA GLU E 228 40.59 4.54 -23.38
C GLU E 228 40.35 5.53 -22.24
N GLU E 229 39.18 6.18 -22.22
CA GLU E 229 38.86 7.09 -21.13
C GLU E 229 38.61 6.33 -19.83
N PHE E 230 37.98 5.16 -19.93
CA PHE E 230 37.73 4.36 -18.74
C PHE E 230 39.02 3.79 -18.17
N PHE E 231 39.91 3.33 -19.05
CA PHE E 231 41.20 2.83 -18.60
C PHE E 231 42.02 3.95 -17.97
N ASN E 232 42.15 5.08 -18.67
CA ASN E 232 43.00 6.16 -18.17
C ASN E 232 42.53 6.65 -16.81
N LYS E 233 41.21 6.70 -16.58
CA LYS E 233 40.71 7.05 -15.26
C LYS E 233 41.16 6.03 -14.23
N MET E 234 41.22 4.76 -14.62
CA MET E 234 41.58 3.72 -13.62
C MET E 234 43.04 3.90 -13.21
N VAL E 235 43.94 4.08 -14.19
CA VAL E 235 45.35 4.16 -13.82
C VAL E 235 45.66 5.44 -13.07
N GLU E 236 44.96 6.54 -13.41
CA GLU E 236 45.19 7.78 -12.66
C GLU E 236 44.73 7.65 -11.22
N ALA E 237 43.66 6.88 -10.98
CA ALA E 237 43.23 6.58 -9.62
C ALA E 237 43.99 5.43 -8.99
N GLY E 238 44.93 4.82 -9.72
CA GLY E 238 45.75 3.78 -9.15
C GLY E 238 45.08 2.43 -9.01
N ALA E 239 44.02 2.18 -9.76
CA ALA E 239 43.33 0.90 -9.68
C ALA E 239 44.04 -0.22 -10.43
N LEU E 240 45.08 0.09 -11.21
CA LEU E 240 45.74 -0.90 -12.03
C LEU E 240 47.25 -0.69 -12.00
N GLU E 241 47.98 -1.79 -12.17
CA GLU E 241 49.42 -1.79 -12.34
C GLU E 241 49.70 -2.20 -13.78
N VAL E 242 50.22 -1.25 -14.59
CA VAL E 242 50.40 -1.46 -16.07
C VAL E 242 51.87 -1.53 -16.47
N LYS E 243 52.34 -2.70 -16.93
CA LYS E 243 53.69 -2.87 -17.43
C LYS E 243 53.66 -3.11 -18.94
N PRO E 244 54.53 -2.45 -19.71
CA PRO E 244 54.44 -2.56 -21.17
C PRO E 244 54.63 -3.99 -21.64
N ILE E 245 53.75 -4.43 -22.55
CA ILE E 245 53.78 -5.81 -23.03
C ILE E 245 55.14 -6.16 -23.59
N GLU E 246 55.88 -5.16 -24.11
CA GLU E 246 57.19 -5.45 -24.69
C GLU E 246 58.18 -5.93 -23.64
N GLU E 247 58.01 -5.47 -22.40
CA GLU E 247 58.89 -5.79 -21.29
C GLU E 247 58.39 -6.96 -20.45
N VAL E 248 57.46 -7.75 -21.00
CA VAL E 248 56.89 -8.89 -20.28
C VAL E 248 56.97 -10.12 -21.17
N LYS E 249 57.09 -11.28 -20.54
CA LYS E 249 57.10 -12.56 -21.23
C LYS E 249 55.89 -13.38 -20.75
N PRO E 250 55.39 -14.33 -21.58
CA PRO E 250 55.86 -14.78 -22.90
C PRO E 250 55.88 -13.70 -23.98
N GLY E 251 54.91 -12.79 -24.00
CA GLY E 251 54.96 -11.64 -24.88
C GLY E 251 53.85 -11.63 -25.91
N LEU E 252 53.78 -10.51 -26.63
CA LEU E 252 52.78 -10.31 -27.68
C LEU E 252 52.88 -11.38 -28.75
N GLY E 253 54.08 -11.87 -29.04
CA GLY E 253 54.25 -12.85 -30.10
C GLY E 253 53.39 -14.08 -29.93
N LEU E 254 53.18 -14.52 -28.69
CA LEU E 254 52.31 -15.67 -28.44
C LEU E 254 50.86 -15.34 -28.73
N VAL E 255 50.46 -14.12 -28.40
CA VAL E 255 49.07 -13.67 -28.71
C VAL E 255 48.91 -13.65 -30.23
N GLU E 256 49.95 -13.24 -30.97
CA GLU E 256 49.89 -13.27 -32.44
C GLU E 256 49.83 -14.70 -32.95
N LYS E 257 50.65 -15.58 -32.40
CA LYS E 257 50.68 -16.97 -32.86
C LYS E 257 49.29 -17.59 -32.75
N LEU E 258 48.77 -17.68 -31.53
CA LEU E 258 47.49 -18.35 -31.31
C LEU E 258 46.36 -17.67 -32.08
N SER E 259 46.42 -16.36 -32.25
CA SER E 259 45.36 -15.66 -32.98
C SER E 259 45.32 -16.09 -34.44
N LEU E 260 46.48 -16.12 -35.10
CA LEU E 260 46.51 -16.55 -36.50
C LEU E 260 46.25 -18.04 -36.64
N THR E 261 46.60 -18.84 -35.62
CA THR E 261 46.29 -20.26 -35.68
C THR E 261 44.79 -20.48 -35.69
N LYS E 262 44.04 -19.69 -34.91
CA LYS E 262 42.60 -19.79 -34.90
C LYS E 262 42.00 -19.37 -36.24
N LYS E 263 42.38 -18.18 -36.72
CA LYS E 263 41.82 -17.67 -37.96
C LYS E 263 42.10 -18.61 -39.13
N GLU E 264 43.30 -19.19 -39.16
CA GLU E 264 43.68 -20.05 -40.27
C GLU E 264 42.93 -21.39 -40.22
N LYS E 265 42.78 -21.96 -39.02
CA LYS E 265 42.12 -23.26 -38.91
C LYS E 265 40.62 -23.15 -39.19
N ASN E 266 39.95 -22.18 -38.55
CA ASN E 266 38.52 -22.05 -38.75
C ASN E 266 38.18 -21.52 -40.14
N ALA E 267 39.12 -20.86 -40.82
CA ALA E 267 38.87 -20.43 -42.19
C ALA E 267 38.64 -21.62 -43.10
N LYS E 268 39.41 -22.70 -42.90
CA LYS E 268 39.24 -23.88 -43.72
C LYS E 268 37.88 -24.51 -43.48
N GLU E 269 37.38 -24.44 -42.24
CA GLU E 269 36.02 -24.90 -41.96
C GLU E 269 34.99 -24.05 -42.69
N ILE E 270 35.25 -22.75 -42.78
CA ILE E 270 34.32 -21.88 -43.49
C ILE E 270 34.28 -22.25 -44.97
N GLU E 271 35.44 -22.42 -45.59
CA GLU E 271 35.48 -22.81 -46.99
C GLU E 271 34.96 -24.22 -47.20
N HIS E 272 35.06 -25.07 -46.18
CA HIS E 272 34.52 -26.42 -46.26
C HIS E 272 33.00 -26.38 -46.27
N ARG E 273 32.40 -25.58 -45.38
CA ARG E 273 30.95 -25.41 -45.39
C ARG E 273 30.50 -24.83 -46.73
N LYS E 274 31.11 -23.72 -47.14
CA LYS E 274 30.78 -23.14 -48.45
C LYS E 274 30.81 -24.19 -49.54
N GLU E 275 31.81 -25.08 -49.50
CA GLU E 275 31.98 -26.04 -50.58
C GLU E 275 30.84 -27.05 -50.62
N ILE E 276 30.42 -27.58 -49.47
CA ILE E 276 29.39 -28.61 -49.44
C ILE E 276 27.98 -28.02 -49.40
N GLY E 277 27.84 -26.70 -49.35
CA GLY E 277 26.54 -26.05 -49.41
C GLY E 277 25.99 -25.56 -48.09
N LEU E 278 26.81 -25.49 -47.06
CA LEU E 278 26.34 -25.06 -45.74
C LEU E 278 26.37 -23.55 -45.62
N PRO E 279 25.39 -22.96 -44.93
CA PRO E 279 25.38 -21.51 -44.73
C PRO E 279 26.45 -21.04 -43.78
N VAL E 280 27.02 -19.86 -44.06
CA VAL E 280 27.98 -19.25 -43.12
C VAL E 280 27.76 -17.74 -43.16
N PRO E 281 27.99 -17.04 -42.04
CA PRO E 281 27.73 -15.61 -41.96
C PRO E 281 28.47 -14.83 -43.03
N TYR E 282 27.92 -13.66 -43.36
CA TYR E 282 28.51 -12.80 -44.38
C TYR E 282 28.02 -11.36 -44.23
N VAL F 2 13.36 13.89 -50.96
CA VAL F 2 12.98 15.03 -50.14
C VAL F 2 11.46 15.09 -50.00
N LYS F 3 10.77 14.13 -50.60
CA LYS F 3 9.31 14.01 -50.48
C LYS F 3 9.01 12.64 -49.90
N ILE F 4 8.52 12.64 -48.66
CA ILE F 4 8.25 11.33 -48.01
C ILE F 4 6.74 11.20 -47.76
N ALA F 5 6.26 9.97 -47.67
CA ALA F 5 4.84 9.68 -47.51
C ALA F 5 4.67 8.51 -46.57
N HIS F 6 3.66 8.59 -45.71
CA HIS F 6 3.31 7.51 -44.80
C HIS F 6 2.01 6.88 -45.29
N ILE F 7 2.12 5.67 -45.84
CA ILE F 7 0.96 4.89 -46.24
C ILE F 7 0.59 3.98 -45.08
N HIS F 8 -0.71 3.91 -44.77
CA HIS F 8 -1.22 3.07 -43.69
C HIS F 8 -2.26 2.12 -44.26
N LEU F 9 -1.92 0.84 -44.30
CA LEU F 9 -2.80 -0.22 -44.78
C LEU F 9 -3.40 -0.94 -43.59
N CYS F 10 -3.36 -2.27 -43.52
CA CYS F 10 -3.90 -3.03 -42.40
C CYS F 10 -2.85 -3.14 -41.29
N GLY F 11 -2.65 -2.01 -40.61
CA GLY F 11 -1.73 -1.94 -39.50
C GLY F 11 -2.41 -1.42 -38.25
N CYS F 12 -1.62 -0.92 -37.30
CA CYS F 12 -2.15 -0.41 -36.05
C CYS F 12 -1.69 1.01 -35.73
N THR F 13 -0.83 1.60 -36.56
CA THR F 13 -0.19 2.91 -36.40
C THR F 13 0.97 2.83 -35.40
N GLY F 14 1.24 1.67 -34.81
CA GLY F 14 2.34 1.57 -33.86
C GLY F 14 3.67 1.93 -34.47
N CYS F 15 3.90 1.52 -35.71
CA CYS F 15 5.15 1.88 -36.38
C CYS F 15 5.25 3.38 -36.58
N LEU F 16 4.15 4.03 -36.96
CA LEU F 16 4.17 5.50 -37.09
C LEU F 16 4.47 6.16 -35.75
N ILE F 17 3.93 5.62 -34.65
CA ILE F 17 4.20 6.20 -33.34
C ILE F 17 5.68 6.05 -33.00
N SER F 18 6.27 4.91 -33.34
CA SER F 18 7.70 4.74 -33.12
C SER F 18 8.50 5.79 -33.86
N LEU F 19 8.08 6.13 -35.07
CA LEU F 19 8.69 7.25 -35.78
C LEU F 19 8.51 8.54 -35.00
N ALA F 20 7.32 8.77 -34.45
CA ALA F 20 7.10 9.96 -33.65
C ALA F 20 7.93 9.98 -32.39
N ASP F 21 8.37 8.82 -31.91
CA ASP F 21 9.19 8.73 -30.70
C ASP F 21 10.66 9.05 -30.97
N THR F 22 10.97 9.68 -32.10
CA THR F 22 12.26 10.34 -32.32
C THR F 22 12.09 11.84 -32.08
N TYR F 23 11.43 12.15 -30.96
CA TYR F 23 11.06 13.55 -30.64
C TYR F 23 12.02 14.58 -31.19
N GLU F 24 13.27 14.57 -30.73
CA GLU F 24 14.18 15.64 -31.13
C GLU F 24 14.56 15.54 -32.60
N GLN F 25 14.79 14.32 -33.08
CA GLN F 25 15.19 14.09 -34.47
C GLN F 25 14.02 14.21 -35.44
N LEU F 26 12.80 14.29 -34.90
CA LEU F 26 11.60 14.47 -35.76
C LEU F 26 11.64 15.89 -36.34
N LEU F 27 11.91 16.89 -35.48
CA LEU F 27 11.98 18.29 -35.96
C LEU F 27 13.20 18.46 -36.88
N ASP F 28 14.24 17.64 -36.72
CA ASP F 28 15.38 17.72 -37.64
C ASP F 28 15.09 17.04 -38.96
N ILE F 29 14.22 16.03 -38.95
CA ILE F 29 13.88 15.31 -40.18
C ILE F 29 12.84 16.06 -40.99
N LEU F 30 11.93 16.77 -40.31
CA LEU F 30 10.83 17.43 -41.05
C LEU F 30 11.32 18.72 -41.72
N ASN F 31 12.55 19.16 -41.40
CA ASN F 31 13.10 20.32 -42.10
C ASN F 31 13.91 19.86 -43.30
N SER F 32 14.57 18.71 -43.20
CA SER F 32 15.35 18.20 -44.32
C SER F 32 14.50 17.54 -45.40
N VAL F 33 13.32 17.04 -44.98
CA VAL F 33 12.39 16.38 -45.93
C VAL F 33 10.99 16.98 -45.77
N GLU F 34 10.30 17.18 -46.88
CA GLU F 34 8.91 17.63 -46.84
C GLU F 34 7.98 16.42 -46.93
N LEU F 35 7.08 16.31 -45.95
CA LEU F 35 6.07 15.26 -45.96
C LEU F 35 4.92 15.67 -46.88
N VAL F 36 4.56 14.78 -47.81
CA VAL F 36 3.57 15.09 -48.83
C VAL F 36 2.29 14.29 -48.68
N TYR F 37 2.29 13.22 -47.88
CA TYR F 37 1.10 12.41 -47.70
C TYR F 37 1.21 11.66 -46.38
N ALA F 38 0.15 11.71 -45.59
CA ALA F 38 0.06 10.98 -44.33
C ALA F 38 -1.31 11.30 -43.76
N LEU F 39 -2.29 10.42 -44.00
CA LEU F 39 -3.68 10.72 -43.57
C LEU F 39 -3.73 11.13 -42.09
N THR F 40 -2.94 10.48 -41.24
CA THR F 40 -2.99 10.77 -39.81
C THR F 40 -2.42 12.14 -39.45
N LEU F 41 -1.62 12.74 -40.33
CA LEU F 41 -0.89 13.96 -40.02
C LEU F 41 -1.28 15.16 -40.87
N VAL F 42 -1.53 14.97 -42.17
CA VAL F 42 -1.74 16.06 -43.11
C VAL F 42 -2.96 15.79 -43.97
N ASP F 43 -3.63 16.86 -44.39
CA ASP F 43 -4.84 16.77 -45.21
C ASP F 43 -4.51 16.70 -46.70
N GLU F 44 -3.61 15.82 -47.09
CA GLU F 44 -3.23 15.69 -48.48
C GLU F 44 -3.60 14.31 -49.00
N LYS F 45 -4.02 14.22 -50.26
CA LYS F 45 -4.10 15.34 -51.21
C LYS F 45 -5.56 15.56 -51.63
N THR F 46 -6.11 16.72 -51.29
CA THR F 46 -7.55 16.93 -51.38
C THR F 46 -7.96 17.34 -52.79
N GLU F 47 -8.93 16.63 -53.34
CA GLU F 47 -9.58 16.99 -54.59
C GLU F 47 -11.09 16.87 -54.40
N ILE F 48 -11.81 17.89 -54.84
CA ILE F 48 -13.27 17.95 -54.73
C ILE F 48 -13.85 17.73 -56.12
N ARG F 49 -14.91 16.93 -56.19
CA ARG F 49 -15.64 16.68 -57.43
C ARG F 49 -17.11 16.99 -57.17
N GLU F 50 -17.65 17.98 -57.86
CA GLU F 50 -19.02 18.42 -57.64
C GLU F 50 -19.83 18.22 -58.91
N THR F 51 -20.85 17.38 -58.82
CA THR F 51 -21.86 17.25 -59.85
C THR F 51 -23.13 17.97 -59.38
N ASP F 52 -24.23 17.73 -60.09
CA ASP F 52 -25.50 18.35 -59.72
C ASP F 52 -26.15 17.68 -58.50
N ASP F 53 -25.67 16.50 -58.11
CA ASP F 53 -26.27 15.78 -57.00
C ASP F 53 -25.28 15.27 -55.94
N LYS F 54 -23.98 15.44 -56.17
CA LYS F 54 -22.99 15.00 -55.20
C LYS F 54 -21.86 16.01 -55.08
N ILE F 55 -21.21 15.99 -53.92
CA ILE F 55 -19.99 16.75 -53.66
C ILE F 55 -19.04 15.78 -52.98
N LEU F 56 -18.03 15.32 -53.74
CA LEU F 56 -17.11 14.28 -53.27
C LEU F 56 -15.78 14.93 -52.92
N ILE F 57 -15.42 14.87 -51.64
CA ILE F 57 -14.16 15.40 -51.14
C ILE F 57 -13.26 14.20 -50.84
N GLU F 58 -12.27 13.98 -51.69
CA GLU F 58 -11.40 12.81 -51.63
C GLU F 58 -9.98 13.22 -51.26
N ARG F 59 -9.30 12.34 -50.53
CA ARG F 59 -7.88 12.50 -50.21
C ARG F 59 -7.13 11.33 -50.86
N GLU F 60 -6.36 11.64 -51.90
CA GLU F 60 -5.64 10.63 -52.67
C GLU F 60 -4.14 10.79 -52.50
N ILE F 61 -3.42 9.73 -52.86
CA ILE F 61 -1.96 9.73 -52.71
C ILE F 61 -1.36 10.58 -53.83
N PRO F 62 -0.49 11.53 -53.53
CA PRO F 62 0.04 12.41 -54.58
C PRO F 62 1.08 11.68 -55.42
N ASP F 63 1.52 12.36 -56.47
CA ASP F 63 2.58 11.85 -57.33
C ASP F 63 3.93 12.36 -56.87
N ASP F 64 4.99 11.81 -57.47
CA ASP F 64 6.37 12.21 -57.19
C ASP F 64 6.70 12.10 -55.71
N ILE F 65 6.46 10.90 -55.15
CA ILE F 65 6.91 10.57 -53.81
C ILE F 65 8.28 9.91 -53.94
N ASP F 66 9.25 10.42 -53.18
CA ASP F 66 10.61 9.87 -53.25
C ASP F 66 10.75 8.63 -52.39
N ILE F 67 10.35 8.75 -51.11
CA ILE F 67 10.41 7.59 -50.16
C ILE F 67 9.00 7.40 -49.57
N ALA F 68 8.51 6.17 -49.53
CA ALA F 68 7.18 5.86 -49.02
C ALA F 68 7.32 4.82 -47.92
N LEU F 69 7.02 5.21 -46.69
CA LEU F 69 6.99 4.30 -45.55
C LEU F 69 5.61 3.66 -45.50
N VAL F 70 5.54 2.38 -45.89
CA VAL F 70 4.28 1.64 -45.99
C VAL F 70 4.15 0.74 -44.77
N GLU F 71 3.09 0.98 -44.00
CA GLU F 71 2.89 0.21 -42.75
C GLU F 71 1.61 -0.62 -42.83
N GLY F 72 1.69 -1.88 -42.40
CA GLY F 72 0.55 -2.76 -42.40
C GLY F 72 0.49 -3.64 -43.64
N SER F 73 -0.26 -4.74 -43.50
CA SER F 73 -0.43 -5.71 -44.57
C SER F 73 -1.57 -5.31 -45.50
N VAL F 74 -1.83 -6.16 -46.50
CA VAL F 74 -2.85 -5.91 -47.52
C VAL F 74 -3.95 -6.94 -47.35
N CYS F 75 -5.19 -6.47 -47.26
CA CYS F 75 -6.35 -7.36 -47.18
C CYS F 75 -6.85 -7.66 -48.58
N LEU F 76 -6.78 -8.94 -48.99
CA LEU F 76 -7.12 -9.33 -50.38
C LEU F 76 -8.64 -9.25 -50.65
N GLU F 77 -9.46 -9.13 -49.62
CA GLU F 77 -10.90 -9.04 -49.82
C GLU F 77 -11.42 -7.61 -49.74
N ASP F 78 -10.54 -6.62 -49.68
CA ASP F 78 -10.92 -5.21 -49.61
C ASP F 78 -10.33 -4.52 -50.83
N GLU F 79 -11.19 -4.06 -51.74
CA GLU F 79 -10.70 -3.42 -52.95
C GLU F 79 -9.84 -2.20 -52.63
N HIS F 80 -10.24 -1.41 -51.64
CA HIS F 80 -9.47 -0.16 -51.35
C HIS F 80 -8.06 -0.51 -50.88
N SER F 81 -7.96 -1.49 -49.97
CA SER F 81 -6.65 -1.88 -49.40
C SER F 81 -5.69 -2.25 -50.53
N MET F 82 -6.17 -2.98 -51.53
CA MET F 82 -5.35 -3.43 -52.65
C MET F 82 -5.07 -2.31 -53.64
N LYS F 83 -5.99 -1.37 -53.79
CA LYS F 83 -5.76 -0.24 -54.67
C LYS F 83 -4.68 0.66 -54.12
N ASP F 84 -4.58 0.76 -52.81
CA ASP F 84 -3.63 1.68 -52.20
C ASP F 84 -2.21 1.13 -52.19
N VAL F 85 -2.04 -0.20 -52.19
CA VAL F 85 -0.68 -0.75 -52.23
C VAL F 85 -0.12 -0.63 -53.64
N PHE F 86 -0.95 -0.85 -54.66
CA PHE F 86 -0.50 -0.64 -56.03
C PHE F 86 -0.34 0.84 -56.34
N ASP F 87 -1.17 1.70 -55.73
CA ASP F 87 -1.07 3.13 -55.98
C ASP F 87 0.20 3.70 -55.33
N ALA F 88 0.52 3.24 -54.12
CA ALA F 88 1.74 3.69 -53.46
C ALA F 88 2.97 3.28 -54.26
N ARG F 89 2.98 2.04 -54.78
CA ARG F 89 4.09 1.62 -55.61
C ARG F 89 4.17 2.43 -56.89
N ARG F 90 3.01 2.75 -57.50
CA ARG F 90 3.02 3.49 -58.75
C ARG F 90 3.63 4.88 -58.59
N LYS F 91 3.47 5.49 -57.41
CA LYS F 91 3.78 6.89 -57.22
C LYS F 91 4.98 7.13 -56.31
N SER F 92 5.78 6.10 -56.02
CA SER F 92 6.93 6.23 -55.15
C SER F 92 8.14 5.59 -55.80
N LYS F 93 9.28 6.29 -55.74
CA LYS F 93 10.52 5.73 -56.27
C LYS F 93 11.11 4.69 -55.33
N ILE F 94 10.93 4.87 -54.02
CA ILE F 94 11.40 3.93 -53.01
C ILE F 94 10.21 3.65 -52.10
N VAL F 95 9.86 2.39 -51.94
CA VAL F 95 8.85 1.97 -50.97
C VAL F 95 9.56 1.13 -49.92
N VAL F 96 9.19 1.34 -48.66
CA VAL F 96 9.81 0.69 -47.52
C VAL F 96 8.72 -0.05 -46.76
N ALA F 97 8.92 -1.35 -46.55
CA ALA F 97 8.00 -2.16 -45.77
C ALA F 97 8.25 -1.88 -44.29
N LEU F 98 7.53 -0.91 -43.75
CA LEU F 98 7.75 -0.44 -42.39
C LEU F 98 7.02 -1.34 -41.39
N GLY F 99 7.78 -2.14 -40.66
CA GLY F 99 7.20 -3.03 -39.67
C GLY F 99 6.93 -4.42 -40.22
N ALA F 100 6.71 -5.35 -39.29
CA ALA F 100 6.51 -6.74 -39.68
C ALA F 100 5.21 -6.96 -40.45
N CYS F 101 4.19 -6.14 -40.19
CA CYS F 101 2.93 -6.30 -40.91
C CYS F 101 3.14 -6.12 -42.41
N ALA F 102 3.80 -5.04 -42.81
CA ALA F 102 4.06 -4.80 -44.22
C ALA F 102 5.15 -5.72 -44.76
N ALA F 103 6.13 -6.08 -43.93
CA ALA F 103 7.29 -6.81 -44.42
C ALA F 103 7.00 -8.30 -44.57
N THR F 104 6.50 -8.94 -43.51
CA THR F 104 6.32 -10.38 -43.49
C THR F 104 4.93 -10.83 -43.07
N GLY F 105 4.00 -9.91 -42.84
CA GLY F 105 2.67 -10.27 -42.37
C GLY F 105 2.49 -10.02 -40.88
N GLY F 106 3.41 -10.53 -40.06
CA GLY F 106 3.36 -10.22 -38.64
C GLY F 106 2.16 -10.84 -37.98
N ILE F 107 1.51 -10.06 -37.11
CA ILE F 107 0.38 -10.58 -36.35
C ILE F 107 -0.78 -10.93 -37.26
N THR F 108 -0.93 -10.22 -38.38
CA THR F 108 -2.05 -10.47 -39.28
C THR F 108 -1.98 -11.83 -39.96
N ARG F 109 -0.84 -12.53 -39.88
CA ARG F 109 -0.77 -13.88 -40.40
C ARG F 109 -1.81 -14.79 -39.74
N PHE F 110 -2.18 -14.49 -38.49
CA PHE F 110 -3.13 -15.30 -37.74
C PHE F 110 -4.59 -15.03 -38.12
N CYS F 111 -4.85 -14.09 -39.02
CA CYS F 111 -6.23 -13.76 -39.37
C CYS F 111 -6.85 -14.88 -40.19
N ARG F 112 -8.13 -15.17 -39.91
CA ARG F 112 -8.84 -16.19 -40.67
C ARG F 112 -10.33 -15.90 -40.79
N GLY F 113 -10.75 -14.71 -40.37
CA GLY F 113 -12.17 -14.31 -40.57
C GLY F 113 -13.09 -14.88 -39.53
N GLY F 114 -14.39 -14.89 -39.79
CA GLY F 114 -15.36 -15.36 -38.84
C GLY F 114 -15.85 -14.20 -38.05
N GLN F 115 -15.28 -13.05 -38.28
CA GLN F 115 -15.63 -11.91 -37.49
C GLN F 115 -16.35 -10.90 -38.28
N MET F 116 -17.58 -10.62 -37.91
CA MET F 116 -18.29 -9.56 -38.58
C MET F 116 -17.66 -8.27 -38.06
N SER F 117 -17.91 -7.14 -38.73
CA SER F 117 -18.96 -7.02 -39.72
C SER F 117 -18.49 -7.28 -41.16
N LYS F 118 -17.26 -7.70 -41.35
CA LYS F 118 -16.77 -8.08 -42.66
C LYS F 118 -16.47 -9.56 -42.65
N PRO F 119 -17.51 -10.39 -42.67
CA PRO F 119 -17.27 -11.82 -42.54
C PRO F 119 -16.37 -12.39 -43.62
N VAL F 120 -16.14 -11.66 -44.70
CA VAL F 120 -15.35 -12.22 -45.84
C VAL F 120 -13.86 -11.86 -45.69
N HIS F 121 -13.53 -10.95 -44.78
CA HIS F 121 -12.16 -10.51 -44.61
C HIS F 121 -11.39 -11.58 -43.84
N SER F 122 -10.42 -12.22 -44.49
CA SER F 122 -9.70 -13.31 -43.85
C SER F 122 -8.31 -13.54 -44.44
N SER F 123 -7.97 -12.82 -45.50
CA SER F 123 -6.70 -12.99 -46.20
C SER F 123 -5.88 -11.71 -46.08
N PHE F 124 -4.72 -11.81 -45.46
CA PHE F 124 -3.83 -10.67 -45.25
C PHE F 124 -2.41 -11.08 -45.62
N VAL F 125 -1.77 -10.31 -46.49
CA VAL F 125 -0.46 -10.66 -47.00
C VAL F 125 0.49 -9.47 -46.87
N PRO F 126 1.80 -9.71 -46.71
CA PRO F 126 2.73 -8.58 -46.73
C PRO F 126 2.77 -7.94 -48.11
N ILE F 127 3.11 -6.65 -48.13
CA ILE F 127 3.01 -5.89 -49.38
C ILE F 127 3.92 -6.47 -50.46
N GLY F 128 5.00 -7.15 -50.06
CA GLY F 128 5.91 -7.73 -51.02
C GLY F 128 5.29 -8.79 -51.90
N ASP F 129 4.22 -9.44 -51.43
CA ASP F 129 3.56 -10.46 -52.23
C ASP F 129 2.85 -9.88 -53.45
N LEU F 130 2.63 -8.57 -53.47
CA LEU F 130 1.92 -7.95 -54.59
C LEU F 130 2.75 -6.94 -55.36
N ILE F 131 3.57 -6.16 -54.66
CA ILE F 131 4.42 -5.17 -55.30
C ILE F 131 5.87 -5.45 -54.97
N LYS F 132 6.76 -5.01 -55.85
CA LYS F 132 8.19 -5.00 -55.54
C LYS F 132 8.43 -4.00 -54.42
N VAL F 133 9.22 -4.39 -53.42
CA VAL F 133 9.56 -3.52 -52.30
C VAL F 133 11.08 -3.38 -52.28
N ASP F 134 11.55 -2.18 -51.93
CA ASP F 134 12.95 -1.81 -52.04
C ASP F 134 13.73 -1.99 -50.74
N LEU F 135 13.10 -1.71 -49.60
CA LEU F 135 13.69 -1.94 -48.29
C LEU F 135 12.62 -2.52 -47.38
N ALA F 136 13.07 -3.24 -46.36
CA ALA F 136 12.15 -3.82 -45.39
C ALA F 136 12.69 -3.62 -43.98
N LEU F 137 11.81 -3.25 -43.05
CA LEU F 137 12.21 -3.05 -41.66
C LEU F 137 11.36 -3.94 -40.75
N PRO F 138 11.97 -4.98 -40.17
CA PRO F 138 11.21 -5.90 -39.32
C PRO F 138 10.88 -5.28 -37.97
N GLY F 139 10.37 -6.09 -37.05
CA GLY F 139 10.03 -5.62 -35.72
C GLY F 139 8.58 -5.22 -35.61
N CYS F 140 8.08 -5.24 -34.37
CA CYS F 140 6.68 -4.95 -34.08
C CYS F 140 6.60 -4.08 -32.82
N PRO F 141 7.00 -2.81 -32.94
CA PRO F 141 7.57 -2.11 -34.10
C PRO F 141 9.09 -2.04 -34.10
N PRO F 142 9.73 -1.79 -35.24
CA PRO F 142 11.16 -1.45 -35.21
C PRO F 142 11.38 -0.23 -34.34
N SER F 143 12.54 -0.19 -33.71
CA SER F 143 12.82 0.86 -32.74
C SER F 143 12.92 2.22 -33.42
N PRO F 144 12.73 3.30 -32.67
CA PRO F 144 13.02 4.63 -33.24
C PRO F 144 14.47 4.79 -33.68
N GLU F 145 15.40 4.17 -32.95
CA GLU F 145 16.80 4.27 -33.33
C GLU F 145 17.05 3.66 -34.70
N ALA F 146 16.56 2.43 -34.91
CA ALA F 146 16.73 1.77 -36.20
C ALA F 146 15.99 2.49 -37.31
N LEU F 147 14.99 3.29 -36.96
CA LEU F 147 14.27 4.05 -37.99
C LEU F 147 15.10 5.24 -38.42
N VAL F 148 15.57 6.03 -37.46
CA VAL F 148 16.44 7.15 -37.80
C VAL F 148 17.59 6.69 -38.68
N ASN F 149 18.15 5.51 -38.37
CA ASN F 149 19.25 4.99 -39.17
C ASN F 149 18.82 4.73 -40.61
N LEU F 150 17.63 4.18 -40.80
CA LEU F 150 17.15 3.92 -42.16
C LEU F 150 16.98 5.23 -42.93
N ILE F 151 16.37 6.23 -42.30
CA ILE F 151 16.09 7.48 -42.99
C ILE F 151 17.39 8.23 -43.28
N THR F 152 18.30 8.28 -42.31
CA THR F 152 19.59 8.94 -42.53
C THR F 152 20.32 8.28 -43.68
N ALA F 153 20.35 6.94 -43.71
CA ALA F 153 21.07 6.24 -44.77
C ALA F 153 20.37 6.37 -46.11
N ALA F 154 19.05 6.51 -46.12
CA ALA F 154 18.33 6.68 -47.37
C ALA F 154 18.58 8.05 -47.98
N LEU F 155 18.75 9.08 -47.15
CA LEU F 155 18.97 10.42 -47.65
C LEU F 155 20.44 10.66 -48.01
N ASN F 156 21.36 9.97 -47.36
CA ASN F 156 22.79 10.09 -47.65
C ASN F 156 23.26 9.12 -48.72
N GLY F 157 22.40 8.21 -49.18
CA GLY F 157 22.82 7.21 -50.13
C GLY F 157 23.79 6.20 -49.57
N ASP F 158 23.65 5.85 -48.28
CA ASP F 158 24.50 4.86 -47.63
C ASP F 158 23.97 3.48 -47.97
N THR F 159 24.24 3.04 -49.20
CA THR F 159 23.74 1.75 -49.64
C THR F 159 24.35 0.60 -48.84
N GLU F 160 25.61 0.74 -48.43
CA GLU F 160 26.26 -0.31 -47.65
C GLU F 160 25.47 -0.63 -46.39
N TYR F 161 24.99 0.40 -45.68
CA TYR F 161 24.19 0.17 -44.49
C TYR F 161 22.85 -0.46 -44.84
N LEU F 162 22.17 0.08 -45.83
CA LEU F 162 20.81 -0.36 -46.16
C LEU F 162 20.76 -1.71 -46.85
N GLU F 163 21.91 -2.32 -47.16
CA GLU F 163 21.90 -3.58 -47.90
C GLU F 163 21.16 -4.67 -47.13
N ILE F 164 21.33 -4.72 -45.80
CA ILE F 164 20.72 -5.79 -45.02
C ILE F 164 19.19 -5.68 -45.06
N TYR F 165 18.66 -4.47 -45.24
CA TYR F 165 17.23 -4.27 -45.36
C TYR F 165 16.74 -4.47 -46.79
N ALA F 166 17.56 -4.14 -47.79
CA ALA F 166 17.20 -4.41 -49.17
C ALA F 166 17.14 -5.91 -49.43
N GLU F 167 18.06 -6.66 -48.81
CA GLU F 167 18.02 -8.11 -48.92
C GLU F 167 16.77 -8.67 -48.26
N LEU F 168 16.41 -8.13 -47.09
CA LEU F 168 15.19 -8.58 -46.43
C LEU F 168 13.96 -8.34 -47.30
N ALA F 169 13.99 -7.27 -48.10
CA ALA F 169 12.84 -6.93 -48.95
C ALA F 169 12.51 -8.03 -49.95
N LYS F 170 13.43 -8.97 -50.20
CA LYS F 170 13.17 -10.05 -51.15
C LYS F 170 12.44 -11.23 -50.50
N LYS F 171 12.48 -11.35 -49.18
CA LYS F 171 11.78 -12.39 -48.45
C LYS F 171 10.60 -11.75 -47.71
N THR F 172 9.44 -12.39 -47.79
CA THR F 172 8.22 -11.88 -47.18
C THR F 172 7.69 -12.84 -46.11
N GLU F 173 8.58 -13.65 -45.53
CA GLU F 173 8.19 -14.66 -44.55
C GLU F 173 9.16 -14.62 -43.38
N ALA F 174 8.66 -14.34 -42.18
CA ALA F 174 9.46 -14.36 -40.97
C ALA F 174 8.78 -15.23 -39.92
N CYS F 175 9.56 -15.59 -38.89
CA CYS F 175 9.10 -16.50 -37.86
C CYS F 175 10.17 -16.60 -36.78
N GLY F 176 9.75 -17.07 -35.61
CA GLY F 176 10.71 -17.43 -34.58
C GLY F 176 11.51 -18.66 -34.94
N CYS F 177 10.97 -19.52 -35.81
CA CYS F 177 11.65 -20.74 -36.21
C CYS F 177 12.77 -20.50 -37.21
N ASP F 178 12.93 -19.28 -37.71
CA ASP F 178 14.10 -18.99 -38.54
C ASP F 178 15.39 -19.20 -37.76
N LEU F 179 15.36 -18.92 -36.45
CA LEU F 179 16.55 -19.13 -35.63
C LEU F 179 16.94 -20.60 -35.59
N LEU F 180 15.94 -21.50 -35.54
CA LEU F 180 16.25 -22.92 -35.50
C LEU F 180 16.71 -23.40 -36.87
N VAL F 181 15.88 -23.18 -37.90
CA VAL F 181 16.18 -23.72 -39.26
C VAL F 181 17.48 -23.17 -39.87
N ASN F 182 17.97 -22.04 -39.39
CA ASN F 182 19.12 -21.40 -40.01
C ASN F 182 20.35 -21.30 -39.13
N VAL F 183 20.20 -21.38 -37.80
CA VAL F 183 21.31 -21.15 -36.89
C VAL F 183 21.57 -22.36 -36.00
N ILE F 184 20.52 -22.94 -35.42
CA ILE F 184 20.71 -24.11 -34.56
C ILE F 184 20.93 -25.36 -35.40
N ASN F 185 20.10 -25.55 -36.44
CA ASN F 185 20.20 -26.80 -37.24
C ASN F 185 21.45 -26.78 -38.12
N LYS F 186 21.96 -25.59 -38.45
CA LYS F 186 23.11 -25.48 -39.34
C LYS F 186 24.42 -25.32 -38.57
N SER F 187 24.43 -25.63 -37.27
CA SER F 187 25.65 -25.64 -36.46
C SER F 187 26.35 -24.28 -36.49
N LEU F 188 25.56 -23.21 -36.31
CA LEU F 188 26.08 -21.86 -36.25
C LEU F 188 25.83 -21.15 -34.92
N CYS F 189 24.83 -21.57 -34.15
CA CYS F 189 24.47 -20.85 -32.93
C CYS F 189 25.53 -21.05 -31.86
N MET F 190 26.08 -19.94 -31.37
CA MET F 190 27.08 -20.02 -30.32
C MET F 190 26.49 -19.73 -28.95
N GLY F 191 25.24 -19.29 -28.89
CA GLY F 191 24.59 -19.05 -27.61
C GLY F 191 24.83 -17.68 -26.98
N CYS F 192 24.87 -16.62 -27.78
CA CYS F 192 25.07 -15.30 -27.21
C CYS F 192 23.84 -14.81 -26.47
N GLY F 193 22.65 -15.17 -26.93
CA GLY F 193 21.42 -14.73 -26.33
C GLY F 193 20.91 -13.39 -26.82
N SER F 194 21.57 -12.77 -27.80
CA SER F 194 21.11 -11.48 -28.29
C SER F 194 19.71 -11.57 -28.91
N CYS F 195 19.38 -12.72 -29.51
CA CYS F 195 18.05 -12.91 -30.06
C CYS F 195 16.99 -12.85 -28.97
N ALA F 196 17.22 -13.53 -27.84
CA ALA F 196 16.26 -13.46 -26.75
C ALA F 196 16.07 -12.04 -26.27
N ALA F 197 17.13 -11.22 -26.32
CA ALA F 197 17.05 -9.83 -25.89
C ALA F 197 16.39 -8.92 -26.91
N SER F 198 16.19 -9.39 -28.15
CA SER F 198 15.53 -8.57 -29.15
C SER F 198 14.01 -8.78 -29.19
N CYS F 199 13.53 -9.85 -28.57
CA CYS F 199 12.15 -10.25 -28.79
C CYS F 199 11.19 -9.28 -28.11
N PRO F 200 10.16 -8.80 -28.81
CA PRO F 200 9.20 -7.89 -28.18
C PRO F 200 8.16 -8.58 -27.32
N THR F 201 7.90 -9.88 -27.53
CA THR F 201 6.91 -10.61 -26.75
C THR F 201 7.56 -11.53 -25.72
N ARG F 202 8.88 -11.42 -25.54
CA ARG F 202 9.60 -12.28 -24.57
C ARG F 202 9.28 -13.75 -24.88
N ALA F 203 9.24 -14.12 -26.16
CA ALA F 203 8.95 -15.48 -26.58
C ALA F 203 10.18 -16.37 -26.61
N ILE F 204 11.38 -15.80 -26.56
CA ILE F 204 12.62 -16.59 -26.64
C ILE F 204 13.22 -16.71 -25.25
N GLU F 205 13.63 -17.93 -24.90
CA GLU F 205 14.10 -18.26 -23.55
C GLU F 205 15.34 -19.14 -23.71
N MET F 206 16.45 -18.72 -23.10
CA MET F 206 17.72 -19.41 -23.30
C MET F 206 17.81 -20.65 -22.41
N ILE F 207 17.92 -21.81 -23.04
CA ILE F 207 18.02 -23.09 -22.34
C ILE F 207 19.15 -23.91 -22.98
N ASP F 208 20.09 -24.37 -22.16
CA ASP F 208 21.25 -25.12 -22.62
C ASP F 208 22.10 -24.31 -23.61
N GLY F 209 22.11 -22.98 -23.45
CA GLY F 209 22.87 -22.15 -24.36
C GLY F 209 22.31 -22.08 -25.76
N LYS F 210 21.05 -22.46 -25.96
CA LYS F 210 20.39 -22.42 -27.25
C LYS F 210 19.02 -21.79 -27.09
N PRO F 211 18.61 -20.92 -28.01
CA PRO F 211 17.30 -20.28 -27.88
C PRO F 211 16.18 -21.29 -28.01
N ASN F 212 15.22 -21.21 -27.08
CA ASN F 212 14.00 -22.01 -27.11
C ASN F 212 12.85 -21.05 -27.39
N VAL F 213 12.16 -21.26 -28.50
CA VAL F 213 11.06 -20.38 -28.90
C VAL F 213 9.77 -20.91 -28.30
N LEU F 214 9.01 -20.02 -27.67
CA LEU F 214 7.68 -20.34 -27.15
C LEU F 214 6.69 -20.05 -28.28
N LYS F 215 6.32 -21.09 -29.04
CA LYS F 215 5.65 -20.88 -30.31
C LYS F 215 4.30 -20.19 -30.16
N GLU F 216 3.58 -20.44 -29.08
CA GLU F 216 2.28 -19.80 -28.88
C GLU F 216 2.40 -18.36 -28.38
N LEU F 217 3.62 -17.82 -28.37
CA LEU F 217 3.82 -16.41 -27.96
C LEU F 217 4.52 -15.61 -29.09
N CYS F 218 5.01 -16.28 -30.14
CA CYS F 218 5.69 -15.60 -31.23
C CYS F 218 4.68 -14.97 -32.18
N ILE F 219 4.92 -13.70 -32.53
CA ILE F 219 4.07 -12.97 -33.46
C ILE F 219 4.74 -12.77 -34.81
N LYS F 220 5.87 -13.45 -35.06
CA LYS F 220 6.49 -13.49 -36.37
C LYS F 220 6.97 -12.11 -36.83
N CYS F 221 7.62 -11.39 -35.91
CA CYS F 221 8.06 -10.04 -36.21
C CYS F 221 9.43 -9.98 -36.88
N GLY F 222 10.20 -11.07 -36.83
CA GLY F 222 11.48 -11.11 -37.50
C GLY F 222 12.61 -10.36 -36.83
N ALA F 223 12.42 -9.89 -35.59
CA ALA F 223 13.47 -9.12 -34.93
C ALA F 223 14.64 -10.00 -34.50
N CYS F 224 14.38 -11.26 -34.15
CA CYS F 224 15.43 -12.13 -33.65
C CYS F 224 16.34 -12.62 -34.77
N SER F 225 15.76 -13.04 -35.90
CA SER F 225 16.57 -13.46 -37.03
C SER F 225 17.36 -12.29 -37.60
N LEU F 226 16.79 -11.08 -37.56
CA LEU F 226 17.51 -9.90 -38.01
C LEU F 226 18.74 -9.65 -37.14
N GLN F 227 18.61 -9.91 -35.84
CA GLN F 227 19.70 -9.61 -34.90
C GLN F 227 20.81 -10.64 -34.95
N CYS F 228 20.48 -11.91 -35.20
CA CYS F 228 21.45 -13.00 -35.11
C CYS F 228 22.70 -12.66 -35.92
N PRO F 229 23.85 -12.46 -35.26
CA PRO F 229 25.07 -12.16 -36.02
C PRO F 229 25.65 -13.35 -36.75
N ARG F 230 25.05 -14.54 -36.58
CA ARG F 230 25.52 -15.75 -37.31
C ARG F 230 24.73 -15.89 -38.62
N ILE F 231 23.70 -15.07 -38.83
CA ILE F 231 22.97 -15.06 -40.08
C ILE F 231 23.60 -14.01 -40.99
N ARG F 232 23.60 -12.76 -40.53
CA ARG F 232 24.15 -11.65 -41.30
C ARG F 232 25.06 -10.81 -40.41
N PHE F 233 26.32 -10.69 -40.82
CA PHE F 233 27.27 -9.84 -40.07
C PHE F 233 28.09 -9.07 -41.09
N PRO F 234 27.53 -8.00 -41.71
CA PRO F 234 28.26 -7.22 -42.70
C PRO F 234 29.50 -6.60 -42.10
N LYS F 235 30.52 -6.42 -42.95
CA LYS F 235 31.81 -5.92 -42.49
C LYS F 235 31.73 -4.48 -41.99
N LEU F 236 30.71 -3.73 -42.39
CA LEU F 236 30.61 -2.33 -41.94
C LEU F 236 30.47 -2.24 -40.43
N ILE F 237 29.89 -3.28 -39.81
CA ILE F 237 29.74 -3.30 -38.35
C ILE F 237 31.10 -3.29 -37.66
N GLU F 238 32.13 -3.78 -38.35
CA GLU F 238 33.45 -3.94 -37.75
C GLU F 238 34.22 -2.63 -37.63
N GLU F 239 33.68 -1.51 -38.11
CA GLU F 239 34.35 -0.23 -38.03
C GLU F 239 33.79 0.57 -36.84
N ILE F 240 34.66 0.86 -35.90
CA ILE F 240 34.24 1.62 -34.74
C ILE F 240 35.14 2.82 -34.56
N GLU F 241 34.95 3.54 -33.46
CA GLU F 241 35.73 4.73 -33.16
C GLU F 241 36.11 4.75 -31.69
N GLY G 2 -3.06 12.01 90.72
CA GLY G 2 -4.12 12.74 90.04
C GLY G 2 -3.63 14.03 89.42
N LYS G 3 -3.01 13.92 88.24
CA LYS G 3 -2.54 15.14 87.51
C LYS G 3 -2.46 14.83 86.01
N ILE G 4 -2.60 15.84 85.14
CA ILE G 4 -2.48 15.65 83.69
C ILE G 4 -1.13 16.19 83.25
N VAL G 5 -0.49 15.47 82.34
CA VAL G 5 0.76 15.90 81.72
C VAL G 5 0.54 15.89 80.21
N GLU G 6 0.90 16.98 79.54
CA GLU G 6 0.71 17.11 78.10
C GLU G 6 2.02 17.55 77.48
N ILE G 7 2.54 16.75 76.55
CA ILE G 7 3.81 17.02 75.86
C ILE G 7 3.47 17.40 74.43
N HIS G 8 3.65 18.67 74.08
CA HIS G 8 3.24 19.15 72.77
C HIS G 8 4.20 20.20 72.22
N PRO G 9 4.82 19.97 71.05
CA PRO G 9 4.80 18.77 70.21
C PRO G 9 5.88 17.80 70.65
N THR G 10 5.71 16.50 70.44
CA THR G 10 6.80 15.55 70.66
C THR G 10 7.80 15.65 69.51
N THR G 11 9.05 15.28 69.80
CA THR G 11 10.17 15.66 68.94
C THR G 11 10.88 14.45 68.36
N ARG G 12 11.88 14.75 67.52
CA ARG G 12 12.72 13.79 66.83
C ARG G 12 11.92 12.61 66.28
N HIS G 13 10.90 12.98 65.49
CA HIS G 13 10.21 12.08 64.58
C HIS G 13 9.54 12.97 63.54
N GLU G 14 8.91 12.35 62.55
CA GLU G 14 8.31 13.11 61.46
C GLU G 14 6.92 13.58 61.85
N GLY G 15 6.68 14.87 61.73
CA GLY G 15 5.34 15.41 61.82
C GLY G 15 5.09 16.15 63.12
N HIS G 16 3.81 16.42 63.36
CA HIS G 16 3.34 17.27 64.45
C HIS G 16 2.29 16.50 65.24
N THR G 17 2.62 16.14 66.48
CA THR G 17 1.69 15.34 67.28
C THR G 17 1.54 15.89 68.69
N LYS G 18 0.99 15.10 69.58
CA LYS G 18 0.76 15.52 70.96
C LYS G 18 0.56 14.30 71.85
N LEU G 19 1.04 14.40 73.09
CA LEU G 19 0.82 13.40 74.12
C LEU G 19 -0.04 14.01 75.23
N VAL G 20 -1.09 13.29 75.62
CA VAL G 20 -1.94 13.68 76.74
C VAL G 20 -2.00 12.49 77.68
N LEU G 21 -1.45 12.65 78.88
CA LEU G 21 -1.30 11.55 79.84
C LEU G 21 -1.98 11.95 81.14
N LYS G 22 -2.90 11.11 81.60
CA LYS G 22 -3.39 11.20 82.97
C LYS G 22 -2.44 10.40 83.85
N VAL G 23 -1.83 11.10 84.80
CA VAL G 23 -0.80 10.44 85.64
C VAL G 23 -1.24 10.45 87.09
N ASP G 24 -0.60 9.62 87.89
CA ASP G 24 -0.84 9.56 89.34
C ASP G 24 0.10 10.54 90.04
N ASP G 25 0.12 10.52 91.37
CA ASP G 25 0.94 11.54 92.10
C ASP G 25 2.42 11.18 92.05
N GLU G 26 2.78 10.05 91.42
CA GLU G 26 4.20 9.60 91.42
C GLU G 26 4.84 9.74 90.03
N GLY G 27 4.05 10.07 89.01
CA GLY G 27 4.56 10.20 87.66
C GLY G 27 4.14 9.09 86.72
N ILE G 28 3.60 8.01 87.28
CA ILE G 28 3.20 6.83 86.47
C ILE G 28 1.96 7.18 85.63
N VAL G 29 1.98 6.83 84.35
CA VAL G 29 0.85 7.10 83.46
C VAL G 29 -0.26 6.09 83.74
N GLU G 30 -1.43 6.60 84.08
CA GLU G 30 -2.62 5.76 84.25
C GLU G 30 -3.38 5.59 82.94
N LYS G 31 -3.68 6.69 82.25
CA LYS G 31 -4.32 6.69 80.94
C LYS G 31 -3.44 7.47 79.97
N GLY G 32 -3.18 6.90 78.80
CA GLY G 32 -2.32 7.51 77.81
C GLY G 32 -3.07 7.84 76.54
N ALA G 33 -2.65 8.94 75.90
CA ALA G 33 -3.24 9.39 74.64
C ALA G 33 -2.14 9.96 73.77
N TYR G 34 -1.97 9.38 72.58
CA TYR G 34 -1.03 9.88 71.57
C TYR G 34 -1.83 10.12 70.31
N LEU G 35 -1.82 11.37 69.83
CA LEU G 35 -2.71 11.75 68.74
C LEU G 35 -2.07 12.79 67.84
N SER G 36 -2.24 12.61 66.53
CA SER G 36 -1.83 13.61 65.56
C SER G 36 -2.75 14.83 65.64
N VAL G 37 -2.16 16.01 65.41
CA VAL G 37 -2.90 17.26 65.35
C VAL G 37 -2.51 18.01 64.08
N THR G 38 -1.81 17.33 63.18
CA THR G 38 -1.43 17.93 61.91
C THR G 38 -2.67 18.20 61.07
N PRO G 39 -2.73 19.33 60.35
CA PRO G 39 -3.89 19.59 59.50
C PRO G 39 -4.02 18.55 58.39
N VAL G 40 -5.26 18.14 58.14
CA VAL G 40 -5.54 17.11 57.14
C VAL G 40 -5.60 17.75 55.76
N ARG G 41 -4.72 17.29 54.87
CA ARG G 41 -4.71 17.81 53.51
C ARG G 41 -5.79 17.18 52.64
N GLY G 42 -6.16 15.94 52.92
CA GLY G 42 -7.31 15.33 52.26
C GLY G 42 -7.04 14.92 50.84
N PHE G 43 -5.92 14.23 50.61
CA PHE G 43 -5.58 13.74 49.29
C PHE G 43 -6.69 12.86 48.72
N GLU G 44 -7.02 11.79 49.46
CA GLU G 44 -8.01 10.80 48.97
C GLU G 44 -9.28 11.49 48.45
N LYS G 45 -9.63 12.66 48.99
CA LYS G 45 -10.88 13.28 48.60
C LYS G 45 -10.76 14.14 47.35
N PHE G 46 -9.58 14.69 47.05
CA PHE G 46 -9.43 15.42 45.81
C PHE G 46 -8.93 14.54 44.67
N LEU G 47 -8.70 13.25 44.93
CA LEU G 47 -8.36 12.33 43.86
C LEU G 47 -9.58 11.91 43.06
N VAL G 48 -10.77 11.91 43.67
CA VAL G 48 -11.97 11.48 42.97
C VAL G 48 -12.21 12.41 41.77
N GLY G 49 -12.34 11.81 40.59
CA GLY G 49 -12.51 12.53 39.36
C GLY G 49 -11.27 12.59 38.50
N LYS G 50 -10.10 12.52 39.16
CA LYS G 50 -8.81 12.61 38.44
C LYS G 50 -8.51 11.26 37.78
N PRO G 51 -7.72 11.22 36.69
CA PRO G 51 -7.34 9.96 36.05
C PRO G 51 -6.45 9.12 36.94
N ALA G 52 -6.50 7.80 36.73
CA ALA G 52 -5.79 6.88 37.62
C ALA G 52 -4.29 7.14 37.61
N GLU G 53 -3.74 7.55 36.46
CA GLU G 53 -2.31 7.79 36.37
C GLU G 53 -1.84 8.85 37.36
N PHE G 54 -2.72 9.74 37.80
CA PHE G 54 -2.36 10.81 38.72
C PHE G 54 -2.21 10.32 40.15
N ALA G 55 -2.82 9.19 40.50
CA ALA G 55 -2.83 8.74 41.89
C ALA G 55 -1.42 8.54 42.45
N PRO G 56 -0.54 7.75 41.82
CA PRO G 56 0.80 7.55 42.41
C PRO G 56 1.64 8.82 42.44
N ILE G 57 1.34 9.79 41.59
CA ILE G 57 2.02 11.08 41.67
C ILE G 57 1.59 11.83 42.94
N ALA G 58 0.29 11.84 43.21
CA ALA G 58 -0.23 12.67 44.29
C ALA G 58 -0.04 12.04 45.66
N VAL G 59 -0.35 10.74 45.79
CA VAL G 59 -0.22 10.08 47.07
C VAL G 59 1.24 9.97 47.50
N SER G 60 2.18 10.09 46.56
CA SER G 60 3.60 10.09 46.92
C SER G 60 3.93 11.27 47.81
N ARG G 61 3.20 12.38 47.67
CA ARG G 61 3.40 13.56 48.50
C ARG G 61 2.72 13.45 49.87
N PHE G 62 2.23 12.26 50.25
CA PHE G 62 1.88 12.03 51.65
C PHE G 62 3.08 12.34 52.54
N CYS G 63 4.26 11.89 52.13
CA CYS G 63 5.44 11.93 52.97
C CYS G 63 6.70 11.75 52.13
N GLY G 64 7.71 12.57 52.39
CA GLY G 64 8.97 12.50 51.68
C GLY G 64 9.98 11.52 52.21
N ILE G 65 9.75 10.97 53.40
CA ILE G 65 10.59 9.89 53.90
C ILE G 65 10.25 8.58 53.20
N CYS G 66 8.95 8.28 53.04
CA CYS G 66 8.50 6.99 52.49
C CYS G 66 7.54 7.19 51.33
N PRO G 67 7.91 8.00 50.33
CA PRO G 67 6.99 8.21 49.20
C PRO G 67 6.83 6.98 48.33
N VAL G 68 7.85 6.12 48.24
CA VAL G 68 7.74 4.90 47.42
C VAL G 68 6.63 4.01 47.96
N ALA G 69 6.37 4.06 49.26
CA ALA G 69 5.39 3.16 49.85
C ALA G 69 3.98 3.45 49.34
N HIS G 70 3.67 4.71 49.08
CA HIS G 70 2.31 5.08 48.67
C HIS G 70 2.12 4.95 47.17
N ALA G 71 3.12 5.31 46.37
CA ALA G 71 3.01 5.06 44.94
C ALA G 71 2.82 3.57 44.68
N THR G 72 3.55 2.73 45.41
CA THR G 72 3.44 1.28 45.22
C THR G 72 2.05 0.79 45.58
N SER G 73 1.53 1.19 46.75
CA SER G 73 0.20 0.76 47.13
C SER G 73 -0.86 1.34 46.21
N ALA G 74 -0.63 2.56 45.70
CA ALA G 74 -1.61 3.17 44.81
C ALA G 74 -1.72 2.37 43.51
N VAL G 75 -0.58 2.15 42.84
CA VAL G 75 -0.62 1.39 41.60
C VAL G 75 -1.18 0.01 41.89
N GLU G 76 -0.64 -0.67 42.90
CA GLU G 76 -1.14 -2.01 43.24
C GLU G 76 -2.65 -2.05 43.41
N ALA G 77 -3.24 -0.99 43.99
CA ALA G 77 -4.69 -0.97 44.19
C ALA G 77 -5.43 -0.74 42.87
N ILE G 78 -4.91 0.15 42.03
CA ILE G 78 -5.53 0.41 40.74
C ILE G 78 -5.43 -0.83 39.84
N GLU G 79 -4.28 -1.49 39.86
CA GLU G 79 -4.11 -2.70 39.07
C GLU G 79 -5.11 -3.77 39.51
N ASP G 80 -5.31 -3.92 40.82
CA ASP G 80 -6.26 -4.90 41.32
C ASP G 80 -7.67 -4.60 40.82
N ALA G 81 -8.03 -3.31 40.76
CA ALA G 81 -9.37 -2.93 40.34
C ALA G 81 -9.59 -3.13 38.86
N CYS G 82 -8.53 -3.09 38.06
CA CYS G 82 -8.62 -3.22 36.61
C CYS G 82 -8.13 -4.56 36.09
N ASP G 83 -7.71 -5.46 36.98
CA ASP G 83 -7.23 -6.82 36.57
C ASP G 83 -5.96 -6.69 35.71
N ILE G 84 -5.06 -5.78 36.06
CA ILE G 84 -3.79 -5.61 35.38
C ILE G 84 -2.74 -6.45 36.10
N THR G 85 -1.89 -7.12 35.33
CA THR G 85 -0.81 -7.95 35.87
C THR G 85 0.52 -7.40 35.40
N PRO G 86 1.35 -6.83 36.28
CA PRO G 86 2.63 -6.28 35.82
C PRO G 86 3.58 -7.40 35.42
N PRO G 87 4.53 -7.12 34.53
CA PRO G 87 5.46 -8.18 34.10
C PRO G 87 6.46 -8.54 35.20
N LYS G 88 7.11 -9.69 34.98
CA LYS G 88 8.02 -10.24 35.98
C LYS G 88 9.07 -9.22 36.40
N ASP G 89 9.78 -8.65 35.43
CA ASP G 89 10.90 -7.76 35.75
C ASP G 89 10.43 -6.37 36.18
N GLY G 90 9.22 -5.96 35.77
CA GLY G 90 8.65 -4.74 36.32
C GLY G 90 8.30 -4.89 37.79
N LEU G 91 7.85 -6.09 38.16
CA LEU G 91 7.50 -6.34 39.58
C LEU G 91 8.78 -6.39 40.42
N LEU G 92 9.83 -7.01 39.86
CA LEU G 92 11.09 -7.06 40.59
C LEU G 92 11.66 -5.67 40.81
N LEU G 93 11.62 -4.82 39.78
CA LEU G 93 12.13 -3.46 39.93
C LEU G 93 11.32 -2.68 40.97
N ARG G 94 10.02 -2.90 41.01
CA ARG G 94 9.16 -2.11 41.93
C ARG G 94 9.49 -2.50 43.38
N GLU G 95 9.62 -3.79 43.66
CA GLU G 95 9.99 -4.19 45.01
C GLU G 95 11.38 -3.67 45.35
N LEU G 96 12.32 -3.78 44.42
CA LEU G 96 13.65 -3.25 44.64
C LEU G 96 13.61 -1.76 44.97
N CYS G 97 12.72 -1.02 44.32
CA CYS G 97 12.58 0.40 44.62
C CYS G 97 12.09 0.60 46.04
N GLY G 98 11.19 -0.27 46.50
CA GLY G 98 10.71 -0.15 47.87
C GLY G 98 11.77 -0.51 48.89
N ILE G 99 12.60 -1.50 48.58
CA ILE G 99 13.67 -1.89 49.50
C ILE G 99 14.71 -0.77 49.59
N GLY G 100 14.97 -0.08 48.49
CA GLY G 100 15.90 1.02 48.54
C GLY G 100 15.41 2.14 49.43
N ASN G 101 14.10 2.39 49.43
CA ASN G 101 13.53 3.42 50.29
C ASN G 101 13.64 3.04 51.76
N LYS G 102 13.34 1.78 52.09
CA LYS G 102 13.51 1.32 53.46
C LYS G 102 14.98 1.22 53.85
N MET G 103 15.88 1.07 52.87
CA MET G 103 17.31 1.06 53.17
C MET G 103 17.80 2.44 53.59
N HIS G 104 17.05 3.49 53.27
CA HIS G 104 17.38 4.83 53.74
C HIS G 104 16.58 5.22 54.98
N SER G 105 15.38 4.67 55.15
CA SER G 105 14.52 5.08 56.26
C SER G 105 15.02 4.54 57.59
N HIS G 106 15.30 3.24 57.67
CA HIS G 106 15.75 2.67 58.93
C HIS G 106 17.00 3.37 59.44
N PRO G 107 18.11 3.43 58.69
CA PRO G 107 19.26 4.22 59.19
C PRO G 107 18.91 5.65 59.57
N LEU G 108 18.00 6.29 58.83
CA LEU G 108 17.61 7.66 59.17
C LEU G 108 16.98 7.69 60.55
N HIS G 109 16.11 6.73 60.85
CA HIS G 109 15.46 6.73 62.16
C HIS G 109 16.48 6.51 63.27
N GLN G 110 17.46 5.62 63.05
CA GLN G 110 18.51 5.41 64.03
C GLN G 110 19.32 6.69 64.23
N PHE G 111 19.36 7.57 63.22
CA PHE G 111 19.96 8.87 63.39
C PHE G 111 19.09 9.77 64.25
N LEU G 112 17.76 9.68 64.10
CA LEU G 112 16.87 10.54 64.85
C LEU G 112 16.86 10.19 66.34
N ILE G 113 17.03 8.91 66.68
CA ILE G 113 17.03 8.52 68.08
C ILE G 113 18.42 8.53 68.70
N SER G 114 19.46 8.75 67.91
CA SER G 114 20.82 8.63 68.44
C SER G 114 21.11 9.58 69.59
N PRO G 115 20.51 10.76 69.71
CA PRO G 115 20.80 11.60 70.88
C PRO G 115 20.53 10.91 72.21
N ASP G 116 19.71 9.87 72.24
CA ASP G 116 19.45 9.17 73.49
C ASP G 116 20.38 7.99 73.71
N TYR G 117 20.74 7.26 72.65
CA TYR G 117 21.40 5.97 72.79
C TYR G 117 22.86 5.96 72.36
N VAL G 118 23.26 6.85 71.47
CA VAL G 118 24.63 6.92 70.98
C VAL G 118 25.41 7.90 71.86
N PRO G 119 26.52 7.50 72.46
CA PRO G 119 27.30 8.44 73.26
C PRO G 119 27.84 9.58 72.42
N LYS G 120 28.30 10.62 73.13
CA LYS G 120 28.68 11.87 72.48
C LYS G 120 29.92 11.68 71.62
N ASP G 121 30.92 10.97 72.16
CA ASP G 121 32.17 10.77 71.44
C ASP G 121 32.02 9.85 70.24
N ASP G 122 30.94 9.07 70.18
CA ASP G 122 30.68 8.19 69.05
C ASP G 122 29.72 8.80 68.04
N SER G 123 29.25 10.02 68.29
CA SER G 123 28.16 10.56 67.48
C SER G 123 28.60 10.87 66.06
N ASN G 124 29.78 11.47 65.89
CA ASN G 124 30.22 11.83 64.55
C ASN G 124 30.46 10.60 63.68
N GLU G 125 31.20 9.62 64.21
CA GLU G 125 31.39 8.37 63.48
C GLU G 125 30.06 7.71 63.16
N PHE G 126 29.11 7.78 64.10
CA PHE G 126 27.82 7.14 63.90
C PHE G 126 27.04 7.80 62.76
N ILE G 127 27.03 9.13 62.70
CA ILE G 127 26.30 9.82 61.65
C ILE G 127 26.93 9.56 60.29
N LYS G 128 28.26 9.51 60.23
CA LYS G 128 28.92 9.21 58.97
C LYS G 128 28.49 7.86 58.42
N ARG G 129 28.21 6.92 59.32
CA ARG G 129 27.83 5.55 58.88
C ARG G 129 26.41 5.57 58.32
N VAL G 130 25.48 6.30 58.98
CA VAL G 130 24.09 6.28 58.51
C VAL G 130 23.95 7.09 57.25
N GLN G 131 24.76 8.14 57.08
CA GLN G 131 24.68 8.93 55.85
C GLN G 131 25.24 8.15 54.67
N ALA G 132 26.29 7.36 54.90
CA ALA G 132 26.80 6.50 53.84
C ALA G 132 25.79 5.42 53.48
N MET G 133 25.09 4.88 54.48
CA MET G 133 24.06 3.89 54.20
C MET G 133 22.87 4.52 53.48
N ARG G 134 22.48 5.74 53.89
CA ARG G 134 21.38 6.41 53.21
C ARG G 134 21.75 6.77 51.78
N ARG G 135 23.03 7.05 51.53
CA ARG G 135 23.48 7.40 50.17
C ARG G 135 23.18 6.23 49.23
N ILE G 136 23.53 5.01 49.64
CA ILE G 136 23.29 3.82 48.81
C ILE G 136 21.80 3.61 48.61
N GLY G 137 21.02 3.75 49.68
CA GLY G 137 19.58 3.55 49.56
C GLY G 137 18.95 4.53 48.58
N GLN G 138 19.30 5.82 48.72
CA GLN G 138 18.73 6.82 47.82
C GLN G 138 19.24 6.66 46.40
N TYR G 139 20.43 6.08 46.23
CA TYR G 139 20.91 5.77 44.88
C TYR G 139 19.99 4.76 44.20
N ILE G 140 19.61 3.71 44.93
CA ILE G 140 18.76 2.67 44.37
C ILE G 140 17.41 3.25 43.97
N VAL G 141 16.82 4.06 44.83
CA VAL G 141 15.52 4.65 44.52
C VAL G 141 15.62 5.58 43.31
N ASP G 142 16.70 6.35 43.23
CA ASP G 142 16.87 7.23 42.08
C ASP G 142 17.09 6.43 40.80
N ALA G 143 17.77 5.29 40.90
CA ALA G 143 18.12 4.53 39.70
C ALA G 143 16.91 3.80 39.13
N VAL G 144 16.06 3.27 40.00
CA VAL G 144 14.92 2.47 39.55
C VAL G 144 13.68 3.33 39.41
N GLY G 145 13.39 4.16 40.43
CA GLY G 145 12.20 4.97 40.45
C GLY G 145 12.25 6.24 39.66
N GLY G 146 13.43 6.67 39.21
CA GLY G 146 13.57 7.87 38.42
C GLY G 146 13.88 9.12 39.22
N GLU G 147 13.48 9.15 40.49
CA GLU G 147 13.81 10.24 41.40
C GLU G 147 13.99 9.66 42.79
N ALA G 148 14.90 10.24 43.57
CA ALA G 148 15.11 9.77 44.93
C ALA G 148 13.88 9.99 45.79
N ILE G 149 13.40 11.24 45.78
CA ILE G 149 12.17 11.59 46.54
C ILE G 149 11.03 11.76 45.53
N HIS G 150 9.96 10.99 45.68
CA HIS G 150 8.80 11.01 44.78
C HIS G 150 9.20 10.44 43.41
N SER G 151 9.01 9.13 43.24
CA SER G 151 9.56 8.42 42.09
C SER G 151 8.51 8.30 41.00
N PRO G 152 8.65 9.01 39.87
CA PRO G 152 7.59 8.99 38.85
C PRO G 152 7.53 7.71 38.03
N ASN G 153 8.50 6.80 38.15
CA ASN G 153 8.48 5.57 37.36
C ASN G 153 7.56 4.51 37.96
N ILE G 154 7.10 4.69 39.19
CA ILE G 154 6.14 3.76 39.80
C ILE G 154 4.78 4.08 39.18
N LYS G 155 4.37 3.30 38.20
CA LYS G 155 3.17 3.59 37.44
C LYS G 155 2.22 2.39 37.45
N VAL G 156 0.96 2.68 37.14
CA VAL G 156 -0.02 1.62 36.93
C VAL G 156 0.45 0.79 35.74
N GLY G 157 0.73 -0.48 35.98
CA GLY G 157 1.19 -1.40 34.96
C GLY G 157 2.57 -1.97 35.20
N GLY G 158 3.32 -1.43 36.17
CA GLY G 158 4.65 -1.94 36.46
C GLY G 158 5.62 -0.87 36.89
N MET G 159 6.71 -0.73 36.15
CA MET G 159 7.70 0.32 36.32
C MET G 159 8.02 0.90 34.96
N ALA G 160 8.21 2.22 34.91
CA ALA G 160 8.24 2.90 33.62
C ALA G 160 9.52 2.59 32.85
N LYS G 161 10.66 2.58 33.52
CA LYS G 161 11.96 2.43 32.88
C LYS G 161 12.69 1.20 33.44
N GLN G 162 13.63 0.70 32.66
CA GLN G 162 14.49 -0.40 33.05
C GLN G 162 15.93 0.08 33.18
N ILE G 163 16.70 -0.63 34.01
CA ILE G 163 18.10 -0.27 34.26
C ILE G 163 19.00 -0.99 33.26
N THR G 164 20.26 -0.61 33.23
CA THR G 164 21.26 -1.20 32.35
C THR G 164 22.05 -2.28 33.08
N GLU G 165 22.71 -3.13 32.31
CA GLU G 165 23.57 -4.14 32.91
C GLU G 165 24.67 -3.50 33.75
N SER G 166 25.08 -2.28 33.38
CA SER G 166 26.12 -1.59 34.14
C SER G 166 25.60 -1.11 35.49
N THR G 167 24.46 -0.40 35.49
CA THR G 167 23.93 0.08 36.75
C THR G 167 23.50 -1.07 37.66
N LYS G 168 23.05 -2.17 37.07
CA LYS G 168 22.76 -3.36 37.88
C LYS G 168 24.00 -3.85 38.60
N ALA G 169 25.14 -3.88 37.90
CA ALA G 169 26.39 -4.26 38.54
C ALA G 169 26.82 -3.22 39.58
N LYS G 170 26.63 -1.94 39.28
CA LYS G 170 27.03 -0.91 40.22
C LYS G 170 26.15 -0.91 41.46
N MET G 171 24.91 -1.35 41.32
CA MET G 171 24.03 -1.45 42.47
C MET G 171 24.43 -2.62 43.35
N TYR G 172 24.71 -3.75 42.73
CA TYR G 172 25.05 -4.95 43.49
C TYR G 172 26.24 -4.69 44.41
N TYR G 173 27.29 -4.07 43.87
CA TYR G 173 28.49 -3.83 44.67
C TYR G 173 28.28 -2.71 45.68
N LYS G 174 27.37 -1.78 45.40
CA LYS G 174 26.95 -0.83 46.43
C LYS G 174 26.20 -1.55 47.55
N CYS G 175 25.40 -2.55 47.20
CA CYS G 175 24.68 -3.31 48.21
C CYS G 175 25.62 -4.11 49.09
N LYS G 176 26.73 -4.61 48.53
CA LYS G 176 27.72 -5.30 49.33
C LYS G 176 28.34 -4.35 50.35
N GLU G 177 28.62 -3.11 49.95
CA GLU G 177 29.13 -2.13 50.90
C GLU G 177 28.11 -1.80 51.97
N TYR G 178 26.83 -1.70 51.57
CA TYR G 178 25.77 -1.41 52.54
C TYR G 178 25.62 -2.55 53.53
N GLU G 179 25.79 -3.79 53.06
CA GLU G 179 25.76 -4.94 53.95
C GLU G 179 26.91 -4.92 54.94
N LYS G 180 28.06 -4.42 54.50
CA LYS G 180 29.22 -4.30 55.39
C LYS G 180 28.99 -3.24 56.45
N LEU G 181 28.44 -2.08 56.05
CA LEU G 181 28.12 -1.04 57.01
C LEU G 181 27.00 -1.46 57.94
N ALA G 182 26.04 -2.25 57.44
CA ALA G 182 24.91 -2.66 58.26
C ALA G 182 25.37 -3.58 59.39
N LYS G 183 26.24 -4.53 59.09
CA LYS G 183 26.78 -5.40 60.13
C LYS G 183 27.57 -4.60 61.15
N GLU G 184 28.28 -3.57 60.69
CA GLU G 184 28.97 -2.65 61.60
C GLU G 184 27.98 -1.95 62.51
N GLN G 185 26.91 -1.40 61.92
CA GLN G 185 25.89 -0.68 62.68
C GLN G 185 25.18 -1.61 63.66
N LEU G 186 24.86 -2.83 63.22
CA LEU G 186 24.10 -3.74 64.06
C LEU G 186 24.91 -4.19 65.26
N GLU G 187 26.17 -4.56 65.05
CA GLU G 187 27.02 -4.94 66.17
C GLU G 187 27.16 -3.81 67.18
N TYR G 188 26.96 -2.56 66.73
CA TYR G 188 27.09 -1.40 67.61
C TYR G 188 25.83 -1.17 68.42
N LEU G 189 24.66 -1.17 67.76
CA LEU G 189 23.43 -0.72 68.40
C LEU G 189 22.80 -1.80 69.26
N ILE G 190 22.79 -3.05 68.80
CA ILE G 190 22.11 -4.11 69.54
C ILE G 190 22.59 -4.19 70.99
N PRO G 191 23.89 -4.20 71.28
CA PRO G 191 24.30 -4.18 72.69
C PRO G 191 23.71 -3.03 73.48
N ILE G 192 23.46 -1.88 72.85
CA ILE G 192 22.90 -0.73 73.55
C ILE G 192 21.42 -0.94 73.81
N PHE G 193 20.67 -1.40 72.81
CA PHE G 193 19.24 -1.62 73.01
C PHE G 193 18.99 -2.71 74.05
N GLU G 194 19.83 -3.75 74.05
CA GLU G 194 19.71 -4.82 75.04
C GLU G 194 20.14 -4.36 76.43
N SER G 195 20.97 -3.33 76.53
CA SER G 195 21.38 -2.82 77.83
C SER G 195 20.25 -2.06 78.52
N ARG G 196 19.29 -1.55 77.76
CA ARG G 196 18.10 -0.88 78.28
C ARG G 196 18.40 0.49 78.90
N THR G 197 19.62 1.01 78.75
CA THR G 197 19.99 2.27 79.38
C THR G 197 20.35 3.31 78.32
N LEU G 198 19.97 4.56 78.61
CA LEU G 198 20.28 5.70 77.77
C LEU G 198 21.74 6.11 77.93
N ASN G 199 22.19 6.99 77.02
CA ASN G 199 23.58 7.42 76.98
C ASN G 199 23.96 8.31 78.15
N ASP G 200 22.97 8.80 78.91
CA ASP G 200 23.23 9.59 80.11
C ASP G 200 23.23 8.74 81.37
N GLY G 201 23.04 7.42 81.25
CA GLY G 201 23.08 6.52 82.38
C GLY G 201 21.73 6.09 82.91
N THR G 202 20.64 6.63 82.37
CA THR G 202 19.31 6.30 82.89
C THR G 202 18.91 4.91 82.42
N GLU G 203 18.60 4.03 83.37
CA GLU G 203 18.11 2.70 83.05
C GLU G 203 16.60 2.77 82.88
N LEU G 204 16.11 2.23 81.79
CA LEU G 204 14.69 2.23 81.46
C LEU G 204 14.03 1.01 82.08
N PRO G 205 12.72 1.07 82.32
CA PRO G 205 12.03 -0.08 82.91
C PRO G 205 12.03 -1.28 81.97
N GLU G 206 11.99 -2.47 82.57
CA GLU G 206 12.03 -3.70 81.77
C GLU G 206 10.78 -3.85 80.92
N LYS G 207 9.61 -3.50 81.46
CA LYS G 207 8.34 -3.61 80.76
C LYS G 207 7.93 -2.29 80.11
N LEU G 208 8.90 -1.46 79.73
CA LEU G 208 8.59 -0.22 79.05
C LEU G 208 8.00 -0.49 77.67
N GLY G 209 6.83 0.06 77.41
CA GLY G 209 6.21 -0.07 76.11
C GLY G 209 5.44 -1.34 75.87
N TYR G 210 5.14 -2.11 76.92
CA TYR G 210 4.32 -3.30 76.75
C TYR G 210 2.89 -2.92 76.42
N HIS G 211 2.27 -3.71 75.55
CA HIS G 211 0.84 -3.61 75.28
C HIS G 211 0.34 -5.01 74.96
N ASP G 212 -0.97 -5.13 74.76
CA ASP G 212 -1.62 -6.43 74.58
C ASP G 212 -2.32 -6.53 73.23
N PHE G 213 -1.70 -6.00 72.18
CA PHE G 213 -2.30 -5.99 70.85
C PHE G 213 -1.48 -6.83 69.88
N GLY G 214 -2.15 -7.29 68.83
CA GLY G 214 -1.55 -8.16 67.84
C GLY G 214 -0.79 -7.37 66.78
N TYR G 215 -0.45 -8.08 65.70
CA TYR G 215 0.33 -7.51 64.61
C TYR G 215 -0.32 -7.81 63.27
N ILE G 216 0.02 -6.99 62.27
CA ILE G 216 -0.37 -7.21 60.88
C ILE G 216 0.87 -7.08 60.02
N ALA G 217 1.10 -8.08 59.15
CA ALA G 217 2.20 -8.05 58.20
C ALA G 217 1.90 -9.09 57.12
N THR G 218 2.06 -8.69 55.85
CA THR G 218 1.74 -9.56 54.73
C THR G 218 2.96 -10.12 54.01
N HIS G 219 4.14 -9.53 54.21
CA HIS G 219 5.33 -9.93 53.49
C HIS G 219 6.54 -9.37 54.22
N PRO G 220 7.69 -10.04 54.14
CA PRO G 220 8.87 -9.51 54.84
C PRO G 220 9.53 -8.33 54.15
N THR G 221 9.39 -8.20 52.83
CA THR G 221 10.06 -7.13 52.11
C THR G 221 9.18 -6.39 51.11
N TYR G 222 8.00 -6.91 50.77
CA TYR G 222 7.16 -6.29 49.74
C TYR G 222 5.71 -6.21 50.21
N GLY G 223 4.83 -7.06 49.68
CA GLY G 223 3.43 -7.01 50.06
C GLY G 223 2.59 -8.11 49.43
N ASP G 224 1.54 -8.54 50.12
CA ASP G 224 0.71 -9.64 49.63
C ASP G 224 -0.72 -9.42 50.09
N ARG G 225 -1.59 -9.04 49.14
CA ARG G 225 -2.98 -8.71 49.46
C ARG G 225 -3.81 -9.93 49.84
N THR G 226 -3.33 -11.15 49.58
CA THR G 226 -4.05 -12.35 49.95
C THR G 226 -3.79 -12.78 51.39
N LYS G 227 -2.88 -12.12 52.09
CA LYS G 227 -2.60 -12.40 53.49
C LYS G 227 -3.45 -11.54 54.43
N ILE G 228 -4.48 -10.88 53.91
CA ILE G 228 -5.37 -10.07 54.72
C ILE G 228 -6.73 -10.04 54.06
N ASP G 229 -7.77 -9.96 54.87
CA ASP G 229 -9.16 -9.88 54.42
C ASP G 229 -9.65 -8.47 54.77
N GLN G 230 -9.64 -7.58 53.79
CA GLN G 230 -10.00 -6.19 54.05
C GLN G 230 -11.36 -6.03 54.70
N ASP G 231 -12.30 -6.92 54.38
CA ASP G 231 -13.61 -6.82 55.00
C ASP G 231 -13.53 -6.78 56.52
N LYS G 232 -12.42 -7.28 57.09
CA LYS G 232 -12.24 -7.33 58.53
C LYS G 232 -11.52 -6.09 59.09
N VAL G 233 -11.12 -5.19 58.19
CA VAL G 233 -10.49 -3.90 58.62
C VAL G 233 -11.62 -2.86 58.74
N VAL G 234 -11.75 -2.21 59.89
CA VAL G 234 -12.82 -1.26 60.14
C VAL G 234 -12.21 -0.01 60.75
N GLU G 235 -12.47 1.14 60.15
CA GLU G 235 -12.01 2.41 60.67
C GLU G 235 -13.08 3.00 61.58
N TYR G 236 -12.74 3.18 62.84
CA TYR G 236 -13.61 3.82 63.82
C TYR G 236 -13.17 5.27 64.01
N THR G 237 -13.93 6.01 64.83
CA THR G 237 -13.60 7.41 65.05
C THR G 237 -12.76 7.57 66.31
N PRO G 238 -12.09 8.70 66.47
CA PRO G 238 -11.31 8.91 67.70
C PRO G 238 -12.13 8.80 68.96
N PHE G 239 -13.46 8.98 68.88
CA PHE G 239 -14.29 8.88 70.07
C PHE G 239 -14.29 7.46 70.65
N ASP G 240 -13.75 6.49 69.94
CA ASP G 240 -13.70 5.12 70.40
C ASP G 240 -12.46 4.80 71.24
N VAL G 241 -11.47 5.70 71.26
CA VAL G 241 -10.20 5.40 71.94
C VAL G 241 -9.72 6.58 72.78
N TYR G 242 -10.36 7.73 72.65
CA TYR G 242 -10.01 8.91 73.43
C TYR G 242 -11.22 9.44 74.18
N ASP G 243 -10.96 10.22 75.22
CA ASP G 243 -12.02 10.98 75.86
C ASP G 243 -12.49 12.09 74.94
N LYS G 244 -13.74 12.51 75.10
CA LYS G 244 -14.33 13.50 74.16
C LYS G 244 -13.44 14.72 73.93
N ASP G 245 -12.90 15.34 74.99
CA ASP G 245 -12.18 16.58 74.79
C ASP G 245 -10.85 16.39 74.07
N VAL G 246 -10.29 15.18 74.12
CA VAL G 246 -9.04 14.91 73.35
C VAL G 246 -9.41 14.34 71.98
N ALA G 247 -10.54 13.65 71.90
CA ALA G 247 -10.88 12.98 70.65
C ALA G 247 -11.12 13.98 69.53
N ILE G 248 -11.78 15.10 69.84
CA ILE G 248 -12.07 16.10 68.84
C ILE G 248 -10.81 16.76 68.27
N GLN G 249 -9.65 16.49 68.88
CA GLN G 249 -8.39 17.03 68.38
C GLN G 249 -7.69 16.11 67.38
N SER G 250 -8.04 14.83 67.37
CA SER G 250 -7.31 13.87 66.57
C SER G 250 -7.60 14.08 65.08
N SER G 251 -6.55 14.00 64.26
CA SER G 251 -6.65 14.15 62.83
C SER G 251 -6.69 12.80 62.11
N THR G 252 -6.76 11.73 62.88
CA THR G 252 -6.65 10.40 62.24
C THR G 252 -7.74 9.47 62.68
N THR G 253 -8.08 8.51 61.82
CA THR G 253 -9.06 7.48 62.08
C THR G 253 -8.43 6.32 62.85
N VAL G 254 -9.28 5.51 63.48
CA VAL G 254 -8.75 4.40 64.33
C VAL G 254 -8.99 3.06 63.61
N PRO G 255 -7.97 2.48 62.96
CA PRO G 255 -8.13 1.22 62.25
C PRO G 255 -8.06 0.02 63.17
N THR G 256 -8.88 -0.97 62.87
CA THR G 256 -8.92 -2.20 63.66
C THR G 256 -9.00 -3.39 62.71
N TYR G 257 -8.52 -4.54 63.16
CA TYR G 257 -8.62 -5.79 62.43
C TYR G 257 -9.29 -6.83 63.33
N ASN G 258 -10.40 -7.39 62.85
CA ASN G 258 -11.17 -8.34 63.63
C ASN G 258 -11.61 -7.76 64.97
N GLY G 259 -11.76 -6.43 65.01
CA GLY G 259 -12.33 -5.75 66.15
C GLY G 259 -11.33 -5.14 67.12
N ARG G 260 -10.03 -5.33 66.90
CA ARG G 260 -9.02 -4.85 67.82
C ARG G 260 -8.02 -3.95 67.12
N LEU G 261 -7.35 -3.11 67.91
CA LEU G 261 -6.19 -2.38 67.44
C LEU G 261 -5.08 -3.35 67.09
N MET G 262 -4.25 -2.95 66.13
CA MET G 262 -3.15 -3.84 65.70
C MET G 262 -1.88 -3.01 65.40
N GLU G 263 -0.72 -3.51 65.80
CA GLU G 263 0.57 -2.89 65.54
C GLU G 263 1.07 -3.32 64.18
N VAL G 264 1.80 -2.41 63.52
CA VAL G 264 2.47 -2.69 62.27
C VAL G 264 3.91 -2.20 62.39
N GLY G 265 4.74 -2.63 61.45
CA GLY G 265 6.12 -2.21 61.40
C GLY G 265 7.10 -3.37 61.47
N PRO G 266 8.37 -3.05 61.73
CA PRO G 266 9.39 -4.11 61.74
C PRO G 266 9.10 -5.24 62.72
N ARG G 267 8.67 -4.93 63.93
CA ARG G 267 8.38 -6.00 64.88
C ARG G 267 7.22 -6.85 64.41
N ALA G 268 6.23 -6.25 63.75
CA ALA G 268 5.10 -7.00 63.21
C ALA G 268 5.58 -8.02 62.18
N ARG G 269 6.42 -7.58 61.24
CA ARG G 269 6.94 -8.49 60.22
C ARG G 269 7.78 -9.58 60.86
N PHE G 270 8.69 -9.19 61.77
CA PHE G 270 9.56 -10.19 62.39
C PHE G 270 8.76 -11.18 63.23
N SER G 271 7.60 -10.77 63.74
CA SER G 271 6.74 -11.71 64.44
C SER G 271 6.08 -12.69 63.48
N LYS G 272 5.74 -12.23 62.27
CA LYS G 272 5.00 -13.06 61.33
C LYS G 272 5.88 -13.94 60.46
N PHE G 273 7.18 -13.65 60.36
CA PHE G 273 8.05 -14.38 59.46
C PHE G 273 9.33 -14.89 60.12
N PHE G 274 9.76 -14.35 61.25
CA PHE G 274 10.99 -14.80 61.91
C PHE G 274 10.74 -15.17 63.37
N ASP G 275 9.49 -15.38 63.77
CA ASP G 275 9.14 -15.88 65.10
C ASP G 275 9.68 -14.98 66.22
N PHE G 276 9.72 -13.68 65.98
CA PHE G 276 10.19 -12.70 66.95
C PHE G 276 9.00 -12.20 67.74
N LYS G 277 8.96 -12.53 69.04
CA LYS G 277 7.76 -12.30 69.85
C LYS G 277 8.03 -11.41 71.07
N GLU G 278 9.15 -10.71 71.08
CA GLU G 278 9.53 -9.91 72.25
C GLU G 278 8.70 -8.63 72.32
N LYS G 279 8.18 -8.34 73.51
CA LYS G 279 7.37 -7.15 73.74
C LYS G 279 8.25 -6.00 74.23
N GLY G 280 7.72 -4.79 74.10
CA GLY G 280 8.36 -3.61 74.65
C GLY G 280 8.96 -2.72 73.57
N ALA G 281 9.36 -1.53 74.02
CA ALA G 281 9.91 -0.55 73.09
C ALA G 281 11.28 -0.96 72.57
N MET G 282 12.16 -1.44 73.46
CA MET G 282 13.50 -1.82 73.03
C MET G 282 13.44 -2.90 71.94
N ALA G 283 12.54 -3.87 72.10
CA ALA G 283 12.44 -4.93 71.10
C ALA G 283 12.06 -4.37 69.74
N LEU G 284 11.34 -3.25 69.72
CA LEU G 284 10.99 -2.62 68.42
C LEU G 284 12.28 -2.13 67.73
N HIS G 285 13.12 -1.41 68.46
CA HIS G 285 14.38 -0.94 67.90
C HIS G 285 15.23 -2.10 67.41
N ILE G 286 15.28 -3.18 68.19
CA ILE G 286 16.09 -4.34 67.81
C ILE G 286 15.57 -4.93 66.51
N ALA G 287 14.25 -5.13 66.41
CA ALA G 287 13.70 -5.72 65.19
C ALA G 287 14.03 -4.87 63.97
N ARG G 288 13.89 -3.55 64.09
CA ARG G 288 14.20 -2.66 62.97
C ARG G 288 15.66 -2.79 62.55
N ALA G 289 16.57 -2.87 63.53
CA ALA G 289 17.98 -3.03 63.22
C ALA G 289 18.23 -4.34 62.50
N TYR G 290 17.65 -5.44 63.02
CA TYR G 290 17.80 -6.74 62.38
C TYR G 290 17.25 -6.72 60.95
N GLU G 291 16.25 -5.89 60.70
CA GLU G 291 15.61 -5.88 59.39
C GLU G 291 16.50 -5.29 58.31
N ILE G 292 17.46 -4.43 58.69
CA ILE G 292 18.32 -3.80 57.69
C ILE G 292 19.07 -4.88 56.91
N SER G 293 19.53 -5.93 57.58
CA SER G 293 20.21 -7.02 56.89
C SER G 293 19.26 -7.73 55.93
N VAL G 294 18.02 -7.99 56.37
CA VAL G 294 17.05 -8.67 55.51
C VAL G 294 16.84 -7.86 54.23
N LEU G 295 16.78 -6.54 54.35
CA LEU G 295 16.48 -5.70 53.19
C LEU G 295 17.58 -5.82 52.14
N VAL G 296 18.84 -5.66 52.54
CA VAL G 296 19.91 -5.60 51.56
C VAL G 296 20.20 -6.99 51.00
N LYS G 297 20.04 -8.04 51.81
CA LYS G 297 20.15 -9.39 51.28
C LYS G 297 19.09 -9.64 50.21
N ARG G 298 17.87 -9.17 50.45
CA ARG G 298 16.79 -9.34 49.49
C ARG G 298 17.06 -8.54 48.23
N ALA G 299 17.62 -7.35 48.37
CA ALA G 299 17.95 -6.53 47.20
C ALA G 299 18.94 -7.23 46.29
N MET G 300 19.97 -7.83 46.89
CA MET G 300 20.98 -8.52 46.09
C MET G 300 20.39 -9.74 45.38
N GLU G 301 19.40 -10.39 46.00
CA GLU G 301 18.74 -11.52 45.34
C GLU G 301 17.88 -11.05 44.17
N ILE G 302 17.26 -9.87 44.29
CA ILE G 302 16.45 -9.35 43.19
C ILE G 302 17.36 -9.02 42.01
N LEU G 303 18.56 -8.51 42.28
CA LEU G 303 19.47 -8.15 41.21
C LEU G 303 19.96 -9.37 40.45
N ASP G 304 20.13 -10.50 41.14
CA ASP G 304 20.57 -11.70 40.45
C ASP G 304 19.44 -12.29 39.59
N GLU G 305 18.20 -12.19 40.06
CA GLU G 305 17.06 -12.72 39.31
C GLU G 305 16.66 -11.80 38.16
N LEU G 306 16.93 -10.50 38.26
CA LEU G 306 16.40 -9.53 37.32
C LEU G 306 16.99 -9.72 35.92
N ASN G 307 16.14 -9.54 34.92
CA ASN G 307 16.55 -9.47 33.51
C ASN G 307 16.41 -8.01 33.08
N VAL G 308 17.55 -7.34 32.86
CA VAL G 308 17.52 -5.92 32.54
C VAL G 308 16.83 -5.64 31.21
N ASN G 309 16.68 -6.66 30.35
CA ASN G 309 16.04 -6.49 29.05
C ASN G 309 14.58 -6.88 29.07
N GLY G 310 14.07 -7.40 30.18
CA GLY G 310 12.70 -7.87 30.20
C GLY G 310 11.69 -6.73 30.21
N LYS G 311 10.45 -7.10 29.89
CA LYS G 311 9.35 -6.14 29.91
C LYS G 311 9.10 -5.66 31.33
N THR G 312 8.80 -4.38 31.46
CA THR G 312 8.55 -3.76 32.76
C THR G 312 7.18 -3.09 32.88
N MET G 313 6.50 -2.84 31.76
CA MET G 313 5.18 -2.22 31.76
C MET G 313 4.21 -3.13 31.04
N SER G 314 3.03 -3.32 31.64
CA SER G 314 1.98 -4.10 31.01
C SER G 314 1.25 -3.25 29.97
N ASP G 315 0.86 -3.89 28.88
CA ASP G 315 0.09 -3.23 27.83
C ASP G 315 -1.40 -3.20 28.13
N GLU G 316 -1.85 -3.90 29.17
CA GLU G 316 -3.27 -3.96 29.48
C GLU G 316 -3.80 -2.55 29.76
N PRO G 317 -5.04 -2.28 29.38
CA PRO G 317 -5.58 -0.93 29.57
C PRO G 317 -6.06 -0.70 31.00
N ILE G 318 -6.11 0.58 31.37
CA ILE G 318 -6.58 0.98 32.70
C ILE G 318 -8.08 1.27 32.56
N VAL G 319 -8.88 0.21 32.69
CA VAL G 319 -10.33 0.31 32.63
C VAL G 319 -10.92 -0.53 33.75
N GLY G 320 -11.98 -0.01 34.37
CA GLY G 320 -12.64 -0.70 35.46
C GLY G 320 -14.15 -0.67 35.29
N ASP G 321 -14.83 -1.43 36.14
CA ASP G 321 -16.27 -1.56 36.08
C ASP G 321 -16.99 -0.51 36.91
N GLY G 322 -16.27 0.32 37.64
CA GLY G 322 -16.90 1.34 38.47
C GLY G 322 -17.48 0.82 39.77
N GLU G 323 -17.19 -0.42 40.14
CA GLU G 323 -17.71 -1.00 41.38
C GLU G 323 -16.65 -1.73 42.19
N LYS G 324 -15.77 -2.49 41.54
CA LYS G 324 -14.81 -3.28 42.29
C LYS G 324 -13.90 -2.39 43.13
N LEU G 325 -13.67 -2.79 44.37
CA LEU G 325 -12.81 -2.07 45.29
C LEU G 325 -11.43 -2.72 45.24
N GLY G 326 -10.54 -2.13 44.45
CA GLY G 326 -9.19 -2.63 44.38
C GLY G 326 -8.47 -2.47 45.70
N LEU G 327 -7.49 -3.35 45.91
CA LEU G 327 -6.71 -3.41 47.15
C LEU G 327 -5.23 -3.43 46.80
N GLY G 328 -4.48 -2.53 47.42
CA GLY G 328 -3.04 -2.52 47.27
C GLY G 328 -2.35 -2.41 48.62
N VAL G 329 -1.50 -3.38 48.97
CA VAL G 329 -0.82 -3.38 50.25
C VAL G 329 0.68 -3.44 50.02
N HIS G 330 1.42 -2.77 50.89
CA HIS G 330 2.87 -2.73 50.81
C HIS G 330 3.42 -2.50 52.22
N GLU G 331 4.49 -3.22 52.54
CA GLU G 331 5.12 -3.09 53.85
C GLU G 331 6.07 -1.90 53.78
N ALA G 332 5.54 -0.73 54.11
CA ALA G 332 6.38 0.45 54.22
C ALA G 332 7.41 0.24 55.34
N ALA G 333 8.38 1.15 55.41
CA ALA G 333 9.37 1.08 56.47
C ALA G 333 8.67 0.96 57.83
N ARG G 334 7.60 1.73 58.03
CA ARG G 334 6.92 1.82 59.32
C ARG G 334 5.70 0.91 59.42
N GLY G 335 5.43 0.10 58.40
CA GLY G 335 4.51 -1.00 58.53
C GLY G 335 3.55 -1.13 57.37
N HIS G 336 2.63 -2.07 57.53
CA HIS G 336 1.59 -2.37 56.54
C HIS G 336 0.84 -1.13 56.11
N ASN G 337 0.82 -0.88 54.80
CA ASN G 337 0.25 0.34 54.22
C ASN G 337 -0.75 -0.04 53.13
N THR G 338 -1.98 0.45 53.26
CA THR G 338 -3.09 0.03 52.42
C THR G 338 -3.64 1.19 51.61
N HIS G 339 -3.92 0.94 50.33
CA HIS G 339 -4.62 1.89 49.47
C HIS G 339 -5.76 1.16 48.77
N GLN G 340 -6.85 1.89 48.53
CA GLN G 340 -8.03 1.35 47.89
C GLN G 340 -8.50 2.32 46.82
N ALA G 341 -9.08 1.77 45.75
CA ALA G 341 -9.49 2.59 44.63
C ALA G 341 -10.55 1.86 43.82
N VAL G 342 -11.50 2.62 43.29
CA VAL G 342 -12.50 2.12 42.35
C VAL G 342 -12.36 2.92 41.07
N ILE G 343 -12.10 2.24 39.96
CA ILE G 343 -11.85 2.90 38.68
C ILE G 343 -13.01 2.60 37.75
N ASP G 344 -13.41 3.59 36.97
CA ASP G 344 -14.52 3.44 36.06
C ASP G 344 -14.02 3.06 34.66
N LYS G 345 -14.96 2.90 33.73
CA LYS G 345 -14.61 2.49 32.38
C LYS G 345 -13.71 3.50 31.67
N ASP G 346 -13.72 4.76 32.11
CA ASP G 346 -12.90 5.81 31.49
C ASP G 346 -11.49 5.88 32.08
N GLY G 347 -11.19 5.09 33.10
CA GLY G 347 -9.91 5.14 33.77
C GLY G 347 -9.81 6.17 34.87
N ASN G 348 -10.92 6.75 35.30
CA ASN G 348 -10.94 7.77 36.33
C ASN G 348 -11.27 7.18 37.69
N ILE G 349 -10.91 7.91 38.75
CA ILE G 349 -11.07 7.47 40.12
C ILE G 349 -12.46 7.86 40.60
N VAL G 350 -13.23 6.87 41.05
CA VAL G 350 -14.59 7.13 41.59
C VAL G 350 -14.52 7.15 43.12
N TYR G 351 -13.64 6.33 43.70
CA TYR G 351 -13.48 6.29 45.14
C TYR G 351 -12.02 5.99 45.48
N TYR G 352 -11.51 6.65 46.52
CA TYR G 352 -10.15 6.43 46.97
C TYR G 352 -10.08 6.49 48.48
N ASN G 353 -9.20 5.66 49.06
CA ASN G 353 -9.02 5.62 50.50
C ASN G 353 -7.62 5.10 50.81
N ALA G 354 -7.10 5.47 51.97
CA ALA G 354 -5.78 5.03 52.38
C ALA G 354 -5.75 4.82 53.88
N ILE G 355 -5.16 3.70 54.31
CA ILE G 355 -4.98 3.45 55.73
C ILE G 355 -3.49 3.30 55.94
N VAL G 356 -2.81 4.38 56.25
CA VAL G 356 -1.36 4.33 56.36
C VAL G 356 -0.83 3.62 57.61
N ALA G 357 0.41 3.16 57.57
CA ALA G 357 1.00 2.42 58.68
C ALA G 357 0.86 3.10 60.02
N THR G 358 1.44 4.31 60.19
CA THR G 358 1.42 4.91 61.51
C THR G 358 0.00 5.08 62.04
N THR G 359 -0.99 5.14 61.16
CA THR G 359 -2.37 5.21 61.62
C THR G 359 -2.72 4.02 62.50
N TRP G 360 -2.22 2.83 62.16
CA TRP G 360 -2.43 1.66 62.99
C TRP G 360 -1.74 1.81 64.35
N ASN G 361 -0.52 2.35 64.36
CA ASN G 361 0.28 2.37 65.56
C ASN G 361 -0.15 3.45 66.56
N ILE G 362 -0.79 4.53 66.09
CA ILE G 362 -1.11 5.65 66.98
C ILE G 362 -1.93 5.19 68.19
N PRO G 363 -3.05 4.47 68.01
CA PRO G 363 -3.82 4.05 69.20
C PRO G 363 -3.13 2.96 70.00
N VAL G 364 -2.19 2.22 69.41
CA VAL G 364 -1.40 1.27 70.18
C VAL G 364 -0.42 2.01 71.08
N ILE G 365 0.20 3.06 70.56
CA ILE G 365 1.12 3.87 71.36
C ILE G 365 0.41 4.47 72.55
N SER G 366 -0.84 4.90 72.37
CA SER G 366 -1.61 5.49 73.46
C SER G 366 -1.65 4.57 74.67
N LYS G 367 -1.74 3.26 74.43
CA LYS G 367 -1.80 2.27 75.50
C LYS G 367 -0.44 1.80 75.95
N ALA G 368 0.57 1.85 75.07
CA ALA G 368 1.89 1.35 75.44
C ALA G 368 2.57 2.26 76.45
N VAL G 369 2.24 3.55 76.46
CA VAL G 369 2.86 4.48 77.40
C VAL G 369 2.27 4.37 78.80
N GLU G 370 1.19 3.61 78.97
CA GLU G 370 0.60 3.41 80.29
C GLU G 370 1.45 2.44 81.09
N GLY G 371 1.56 2.71 82.40
CA GLY G 371 2.28 1.87 83.33
C GLY G 371 3.61 2.44 83.78
N THR G 372 4.23 3.27 82.96
CA THR G 372 5.54 3.83 83.25
C THR G 372 5.47 5.33 83.48
N HIS G 373 6.54 5.87 84.04
CA HIS G 373 6.63 7.30 84.29
C HIS G 373 6.49 8.08 82.99
N TYR G 374 5.99 9.31 83.09
CA TYR G 374 5.72 10.09 81.88
C TYR G 374 6.99 10.60 81.23
N LYS G 375 8.10 10.70 81.97
CA LYS G 375 9.38 11.09 81.38
C LYS G 375 9.94 10.03 80.45
N PHE G 376 9.26 8.88 80.30
CA PHE G 376 9.66 7.84 79.39
C PHE G 376 8.73 7.72 78.18
N ALA G 377 7.62 8.44 78.18
CA ALA G 377 6.61 8.24 77.13
C ALA G 377 7.17 8.50 75.74
N GLU G 378 7.97 9.57 75.59
CA GLU G 378 8.50 9.90 74.27
C GLU G 378 9.48 8.84 73.77
N HIS G 379 10.15 8.13 74.68
CA HIS G 379 11.00 7.03 74.26
C HIS G 379 10.17 5.90 73.67
N ILE G 380 9.01 5.63 74.26
CA ILE G 380 8.09 4.64 73.69
C ILE G 380 7.59 5.11 72.33
N VAL G 381 7.28 6.39 72.20
CA VAL G 381 6.77 6.92 70.94
C VAL G 381 7.82 6.74 69.84
N ARG G 382 9.07 7.09 70.13
CA ARG G 382 10.08 7.06 69.09
C ARG G 382 10.40 5.63 68.66
N ALA G 383 10.21 4.65 69.54
CA ALA G 383 10.49 3.28 69.16
C ALA G 383 9.62 2.84 67.98
N TYR G 384 8.45 3.45 67.82
CA TYR G 384 7.54 3.11 66.73
C TYR G 384 7.88 3.83 65.44
N ASP G 385 8.88 4.70 65.43
CA ASP G 385 9.28 5.45 64.25
C ASP G 385 8.06 6.11 63.60
N PRO G 386 7.29 6.89 64.35
CA PRO G 386 6.03 7.41 63.80
C PRO G 386 6.29 8.44 62.71
N CYS G 387 5.48 8.33 61.65
CA CYS G 387 5.45 9.32 60.57
C CYS G 387 4.03 9.89 60.54
N ILE G 388 3.88 11.12 61.00
CA ILE G 388 2.54 11.67 61.12
C ILE G 388 1.99 12.21 59.82
N SER G 389 2.79 12.94 59.08
CA SER G 389 2.31 13.36 57.77
C SER G 389 1.75 12.17 56.98
N CYS G 390 2.37 10.99 57.12
CA CYS G 390 1.77 9.79 56.55
C CYS G 390 0.44 9.48 57.23
N ALA G 391 0.43 9.49 58.56
CA ALA G 391 -0.74 9.00 59.28
C ALA G 391 -1.95 9.86 58.99
N THR G 392 -1.75 11.14 58.72
CA THR G 392 -2.85 12.08 58.54
C THR G 392 -3.26 12.20 57.08
N HIS G 393 -2.29 12.35 56.19
CA HIS G 393 -2.52 12.58 54.75
C HIS G 393 -3.80 13.38 54.49
N MET H 1 31.26 45.87 21.52
CA MET H 1 30.62 44.61 22.02
C MET H 1 31.48 43.39 21.67
N ASP H 2 31.77 42.58 22.68
CA ASP H 2 32.61 41.40 22.47
C ASP H 2 32.06 40.57 21.33
N PRO H 3 32.91 40.09 20.41
CA PRO H 3 32.39 39.28 19.29
C PRO H 3 32.16 37.82 19.65
N PHE H 4 33.12 37.18 20.32
CA PHE H 4 33.10 35.74 20.48
C PHE H 4 32.98 35.28 21.94
N GLY H 5 32.76 36.20 22.87
CA GLY H 5 32.81 35.79 24.26
C GLY H 5 34.23 35.43 24.66
N LYS H 6 34.32 34.73 25.79
CA LYS H 6 35.62 34.37 26.37
C LYS H 6 36.08 33.02 25.85
N TYR H 7 37.35 32.94 25.45
CA TYR H 7 37.91 31.69 24.97
C TYR H 7 39.43 31.70 25.20
N LYS H 8 40.00 30.50 25.23
CA LYS H 8 41.44 30.32 25.39
C LYS H 8 42.17 30.34 24.06
N THR H 9 41.77 29.45 23.15
CA THR H 9 42.40 29.44 21.83
C THR H 9 41.39 29.17 20.75
N VAL H 10 41.74 29.47 19.51
CA VAL H 10 40.90 29.24 18.33
C VAL H 10 41.77 28.65 17.23
N VAL H 11 41.30 27.56 16.64
CA VAL H 11 42.00 26.88 15.56
C VAL H 11 40.98 26.50 14.48
N SER H 12 41.51 26.15 13.32
CA SER H 12 40.79 25.40 12.31
C SER H 12 41.16 23.93 12.46
N ALA H 13 40.17 23.04 12.40
CA ALA H 13 40.44 21.65 12.69
C ALA H 13 39.51 20.75 11.90
N ARG H 14 39.87 19.46 11.86
CA ARG H 14 39.04 18.45 11.15
C ARG H 14 39.43 17.07 11.69
N ALA H 15 38.50 16.11 11.65
CA ALA H 15 38.74 14.78 12.17
C ALA H 15 39.79 14.07 11.33
N ALA H 16 40.63 13.29 12.00
CA ALA H 16 41.66 12.53 11.30
C ALA H 16 41.09 11.28 10.64
N ASP H 17 40.13 10.67 11.34
CA ASP H 17 39.46 9.49 10.80
C ASP H 17 38.72 9.86 9.54
N LYS H 18 38.90 9.05 8.49
CA LYS H 18 38.27 9.39 7.23
C LYS H 18 36.80 8.98 7.18
N THR H 19 36.40 7.97 7.95
CA THR H 19 34.98 7.54 7.87
C THR H 19 34.12 8.62 8.51
N ILE H 20 34.63 9.32 9.52
CA ILE H 20 33.88 10.41 10.10
C ILE H 20 33.65 11.50 9.08
N LEU H 21 34.70 11.84 8.34
CA LEU H 21 34.59 12.91 7.35
C LEU H 21 33.57 12.57 6.27
N LYS H 22 33.36 11.29 6.00
CA LYS H 22 32.41 10.91 4.94
C LYS H 22 30.97 11.21 5.35
N LYS H 23 30.66 11.20 6.65
CA LYS H 23 29.30 11.34 7.12
C LYS H 23 29.01 12.66 7.80
N CYS H 24 30.02 13.46 8.13
CA CYS H 24 29.82 14.65 8.92
C CYS H 24 29.47 15.84 8.05
N GLN H 25 29.15 16.97 8.70
CA GLN H 25 28.75 18.19 8.01
C GLN H 25 29.96 18.97 7.52
N ASP H 26 30.85 19.34 8.44
CA ASP H 26 32.01 20.16 8.12
C ASP H 26 33.30 19.41 8.37
N GLY H 27 33.92 19.58 9.54
CA GLY H 27 35.16 18.92 9.88
C GLY H 27 34.95 17.71 10.75
N GLY H 28 33.72 17.44 11.17
CA GLY H 28 33.48 16.29 12.02
C GLY H 28 34.03 16.44 13.42
N ILE H 29 34.06 17.66 13.94
CA ILE H 29 34.61 17.90 15.27
C ILE H 29 33.72 17.28 16.33
N VAL H 30 32.41 17.50 16.24
CA VAL H 30 31.50 16.95 17.25
C VAL H 30 31.61 15.43 17.28
N SER H 31 31.55 14.79 16.10
CA SER H 31 31.58 13.33 16.06
C SER H 31 32.93 12.79 16.52
N ALA H 32 34.03 13.48 16.19
CA ALA H 32 35.34 13.00 16.61
C ALA H 32 35.51 13.12 18.13
N ALA H 33 34.95 14.18 18.73
CA ALA H 33 35.02 14.33 20.17
C ALA H 33 34.21 13.25 20.87
N TYR H 34 32.98 13.01 20.37
CA TYR H 34 32.13 11.97 20.95
C TYR H 34 32.79 10.60 20.81
N ILE H 35 33.31 10.29 19.63
CA ILE H 35 33.86 8.97 19.37
C ILE H 35 35.13 8.75 20.18
N TYR H 36 35.97 9.79 20.29
CA TYR H 36 37.18 9.67 21.10
C TYR H 36 36.83 9.45 22.56
N GLY H 37 35.85 10.20 23.07
CA GLY H 37 35.47 10.03 24.46
C GLY H 37 34.94 8.65 24.76
N LEU H 38 34.07 8.14 23.88
CA LEU H 38 33.48 6.82 24.11
C LEU H 38 34.54 5.73 24.07
N GLU H 39 35.50 5.83 23.16
CA GLU H 39 36.48 4.77 22.96
C GLU H 39 37.60 4.77 23.99
N ASN H 40 37.87 5.91 24.64
CA ASN H 40 38.96 6.01 25.59
C ASN H 40 38.49 6.28 27.02
N GLY H 41 37.22 5.99 27.31
CA GLY H 41 36.73 6.08 28.67
C GLY H 41 36.57 7.48 29.23
N LEU H 42 36.47 8.49 28.36
CA LEU H 42 36.18 9.85 28.81
C LEU H 42 34.70 10.20 28.75
N LEU H 43 33.91 9.41 28.02
CA LEU H 43 32.46 9.56 27.96
C LEU H 43 31.84 8.17 27.95
N ASP H 44 30.71 8.02 28.62
CA ASP H 44 29.92 6.81 28.52
C ASP H 44 28.57 7.04 27.85
N GLY H 45 28.23 8.28 27.55
CA GLY H 45 27.03 8.59 26.79
C GLY H 45 27.13 9.99 26.23
N VAL H 46 26.47 10.20 25.10
CA VAL H 46 26.51 11.48 24.41
C VAL H 46 25.13 11.76 23.83
N ILE H 47 24.67 13.00 23.95
CA ILE H 47 23.38 13.42 23.41
C ILE H 47 23.57 13.79 21.95
N VAL H 48 22.70 13.26 21.09
CA VAL H 48 22.77 13.49 19.66
C VAL H 48 21.38 13.85 19.15
N ALA H 49 21.34 14.34 17.92
CA ALA H 49 20.10 14.69 17.22
C ALA H 49 20.00 13.80 15.99
N ASP H 50 19.06 12.86 16.07
CA ASP H 50 18.90 11.88 14.97
C ASP H 50 17.85 12.36 13.98
N LYS H 51 17.71 11.64 12.88
CA LYS H 51 16.70 11.93 11.86
C LYS H 51 16.13 10.64 11.32
N ASP H 52 14.92 10.72 10.78
CA ASP H 52 14.26 9.59 10.16
C ASP H 52 14.30 9.75 8.63
N ASP H 53 13.41 9.03 7.94
CA ASP H 53 13.40 9.06 6.48
C ASP H 53 13.00 10.44 5.95
N LYS H 54 12.19 11.18 6.71
CA LYS H 54 11.66 12.45 6.25
C LYS H 54 12.34 13.65 6.91
N LEU H 55 13.47 13.43 7.58
CA LEU H 55 14.25 14.53 8.18
C LEU H 55 13.72 15.07 9.51
N GLN H 56 12.73 14.38 10.09
CA GLN H 56 12.23 14.78 11.40
C GLN H 56 13.21 14.37 12.49
N THR H 57 13.48 15.27 13.42
CA THR H 57 14.53 15.07 14.40
C THR H 57 13.99 14.45 15.68
N THR H 58 14.89 13.81 16.42
CA THR H 58 14.59 13.22 17.72
C THR H 58 15.83 13.27 18.59
N PRO H 59 15.77 13.91 19.76
CA PRO H 59 16.94 13.90 20.66
C PRO H 59 17.11 12.52 21.27
N LYS H 60 18.35 12.03 21.25
CA LYS H 60 18.63 10.66 21.64
C LYS H 60 19.89 10.62 22.48
N VAL H 61 19.94 9.68 23.41
CA VAL H 61 21.14 9.39 24.18
C VAL H 61 21.84 8.22 23.50
N ALA H 62 23.00 8.50 22.93
CA ALA H 62 23.77 7.50 22.20
C ALA H 62 24.92 7.00 23.06
N THR H 63 25.23 5.70 22.94
CA THR H 63 26.30 5.10 23.70
C THR H 63 27.27 4.29 22.84
N THR H 64 27.06 4.23 21.53
CA THR H 64 27.95 3.52 20.63
C THR H 64 28.46 4.47 19.55
N VAL H 65 29.53 4.04 18.89
CA VAL H 65 30.13 4.86 17.83
C VAL H 65 29.21 4.91 16.61
N ASP H 66 28.54 3.79 16.30
CA ASP H 66 27.64 3.77 15.16
C ASP H 66 26.45 4.70 15.36
N GLU H 67 25.98 4.83 16.61
CA GLU H 67 24.93 5.80 16.90
C GLU H 67 25.41 7.23 16.68
N VAL H 68 26.70 7.48 16.92
CA VAL H 68 27.24 8.82 16.71
C VAL H 68 27.36 9.13 15.23
N LEU H 69 27.78 8.15 14.43
CA LEU H 69 27.95 8.38 13.01
C LEU H 69 26.61 8.59 12.32
N GLU H 70 25.57 7.88 12.75
CA GLU H 70 24.25 8.04 12.16
C GLU H 70 23.62 9.37 12.50
N ALA H 71 24.02 10.00 13.61
CA ALA H 71 23.54 11.32 13.98
C ALA H 71 24.44 12.43 13.45
N ALA H 72 25.52 12.09 12.75
CA ALA H 72 26.37 13.11 12.16
C ALA H 72 25.61 13.87 11.09
N GLY H 73 25.98 15.14 10.92
CA GLY H 73 25.35 16.00 9.95
C GLY H 73 24.37 16.97 10.58
N THR H 74 24.16 18.09 9.90
CA THR H 74 23.29 19.15 10.40
C THR H 74 21.87 18.93 9.92
N LYS H 75 20.92 18.99 10.84
CA LYS H 75 19.50 19.10 10.53
C LYS H 75 19.08 20.51 10.92
N TYR H 76 18.74 21.33 9.92
CA TYR H 76 18.40 22.73 10.13
C TYR H 76 16.92 22.75 10.53
N THR H 77 16.65 22.23 11.73
CA THR H 77 15.30 22.22 12.27
C THR H 77 15.46 22.01 13.78
N VAL H 78 14.47 22.48 14.54
CA VAL H 78 14.59 22.48 15.99
C VAL H 78 14.59 21.05 16.52
N CYS H 79 15.58 20.75 17.35
CA CYS H 79 15.68 19.44 18.02
C CYS H 79 16.02 19.68 19.48
N PRO H 80 15.08 19.45 20.41
CA PRO H 80 15.36 19.77 21.82
C PRO H 80 16.35 18.79 22.45
N THR H 81 17.64 19.04 22.29
CA THR H 81 18.62 18.06 22.76
C THR H 81 18.69 18.01 24.28
N ILE H 82 18.42 19.13 24.96
CA ILE H 82 18.51 19.15 26.41
C ILE H 82 17.36 18.41 27.09
N SER H 83 16.31 18.07 26.34
CA SER H 83 15.17 17.38 26.95
C SER H 83 15.53 15.98 27.41
N VAL H 84 16.65 15.42 26.95
CA VAL H 84 17.08 14.08 27.35
C VAL H 84 18.26 14.12 28.31
N ILE H 85 18.57 15.28 28.87
CA ILE H 85 19.77 15.40 29.70
C ILE H 85 19.57 14.72 31.04
N LYS H 86 18.36 14.75 31.60
CA LYS H 86 18.13 14.00 32.83
C LYS H 86 17.95 12.52 32.54
N SER H 87 17.33 12.20 31.40
CA SER H 87 17.15 10.78 31.01
C SER H 87 18.51 10.08 30.99
N ALA H 88 19.53 10.74 30.45
CA ALA H 88 20.84 10.10 30.32
C ALA H 88 21.43 9.80 31.69
N VAL H 89 21.28 10.73 32.64
CA VAL H 89 21.81 10.52 33.98
C VAL H 89 20.99 9.48 34.75
N ARG H 90 19.72 9.33 34.37
CA ARG H 90 18.82 8.43 35.14
C ARG H 90 18.85 7.00 34.56
N GLU H 91 17.93 6.69 33.65
CA GLU H 91 17.82 5.30 33.11
C GLU H 91 19.14 4.87 32.45
N TYR H 92 19.74 5.73 31.64
CA TYR H 92 20.97 5.34 30.89
C TYR H 92 22.13 5.14 31.85
N GLY H 93 22.02 5.71 33.07
CA GLY H 93 23.06 5.50 34.05
C GLY H 93 24.39 6.14 33.73
N CYS H 94 24.41 7.14 32.87
CA CYS H 94 25.66 7.79 32.50
C CYS H 94 26.22 8.60 33.66
N GLU H 95 27.56 8.70 33.68
CA GLU H 95 28.27 9.50 34.66
C GLU H 95 29.32 10.39 34.03
N LYS H 96 29.59 10.23 32.73
CA LYS H 96 30.46 11.13 31.95
C LYS H 96 29.70 11.42 30.66
N LEU H 97 28.78 12.38 30.73
CA LEU H 97 27.86 12.67 29.63
C LEU H 97 28.40 13.77 28.73
N GLY H 98 28.26 13.55 27.42
CA GLY H 98 28.55 14.57 26.44
C GLY H 98 27.26 15.20 25.95
N VAL H 99 27.26 16.51 25.82
CA VAL H 99 26.09 17.28 25.42
C VAL H 99 26.45 18.08 24.17
N VAL H 100 25.50 18.23 23.26
CA VAL H 100 25.68 19.07 22.09
C VAL H 100 24.41 19.89 21.88
N GLY H 101 24.58 21.09 21.34
CA GLY H 101 23.43 21.94 21.10
C GLY H 101 23.86 23.28 20.53
N THR H 102 22.87 24.00 20.01
CA THR H 102 23.06 25.36 19.53
C THR H 102 23.32 26.27 20.73
N PRO H 103 23.76 27.51 20.48
CA PRO H 103 24.07 28.40 21.60
C PRO H 103 22.97 28.48 22.65
N CYS H 104 21.71 28.66 22.23
CA CYS H 104 20.63 28.75 23.19
C CYS H 104 20.51 27.49 24.03
N GLN H 105 20.82 26.33 23.43
CA GLN H 105 20.77 25.08 24.18
C GLN H 105 21.96 24.92 25.11
N ILE H 106 23.11 25.50 24.77
CA ILE H 106 24.23 25.54 25.72
C ILE H 106 23.91 26.50 26.86
N ILE H 107 23.17 27.59 26.56
CA ILE H 107 22.73 28.50 27.61
C ILE H 107 21.81 27.78 28.57
N ALA H 108 20.84 27.04 28.03
CA ALA H 108 19.92 26.28 28.86
C ALA H 108 20.68 25.33 29.78
N THR H 109 21.82 24.82 29.33
CA THR H 109 22.61 23.93 30.17
C THR H 109 23.21 24.70 31.34
N ARG H 110 23.99 25.75 31.06
CA ARG H 110 24.61 26.51 32.14
C ARG H 110 23.57 26.97 33.15
N LYS H 111 22.38 27.33 32.68
CA LYS H 111 21.31 27.73 33.58
C LYS H 111 20.96 26.61 34.55
N LEU H 112 20.77 25.39 34.04
CA LEU H 112 20.40 24.28 34.91
C LEU H 112 21.55 23.83 35.80
N MET H 113 22.77 24.18 35.43
CA MET H 113 23.92 23.82 36.26
C MET H 113 24.04 24.81 37.43
N LYS H 114 23.81 26.09 37.17
CA LYS H 114 23.91 27.10 38.22
C LYS H 114 22.74 27.00 39.19
N TYR H 115 21.53 26.80 38.69
CA TYR H 115 20.31 26.72 39.51
C TYR H 115 19.63 25.38 39.23
N PRO H 116 20.13 24.29 39.81
CA PRO H 116 19.66 22.95 39.46
C PRO H 116 18.44 22.47 40.27
N ILE H 117 17.40 23.30 40.32
CA ILE H 117 16.23 22.95 41.14
C ILE H 117 15.71 21.57 40.78
N GLY H 118 15.44 21.35 39.48
CA GLY H 118 14.93 20.07 39.04
C GLY H 118 15.97 19.22 38.33
N PHE H 119 17.20 19.24 38.82
CA PHE H 119 18.29 18.53 38.16
C PHE H 119 19.22 17.90 39.19
N ARG H 120 18.62 17.21 40.16
CA ARG H 120 19.39 16.43 41.11
C ARG H 120 20.28 15.42 40.38
N HIS H 121 21.55 15.37 40.77
CA HIS H 121 22.56 14.45 40.25
C HIS H 121 22.95 14.72 38.80
N VAL H 122 22.49 15.81 38.19
CA VAL H 122 22.71 16.00 36.76
C VAL H 122 23.97 16.80 36.49
N PRO H 123 24.17 17.97 37.12
CA PRO H 123 25.28 18.83 36.67
C PRO H 123 26.64 18.18 36.79
N ASP H 124 26.90 17.49 37.89
CA ASP H 124 28.27 16.92 38.14
C ASP H 124 28.65 15.87 37.10
N LYS H 125 27.70 15.34 36.34
CA LYS H 125 27.99 14.29 35.37
C LYS H 125 28.14 14.81 33.96
N LEU H 126 28.16 16.12 33.75
CA LEU H 126 28.34 16.70 32.42
C LEU H 126 29.84 16.83 32.17
N ALA H 127 30.37 15.92 31.35
CA ALA H 127 31.81 15.80 31.13
C ALA H 127 32.31 16.66 29.98
N LEU H 128 31.49 16.89 28.95
CA LEU H 128 31.89 17.73 27.83
C LEU H 128 30.66 18.41 27.25
N ILE H 129 30.73 19.72 27.08
CA ILE H 129 29.62 20.52 26.56
C ILE H 129 30.09 21.14 25.26
N VAL H 130 29.53 20.67 24.14
CA VAL H 130 29.96 21.06 22.81
C VAL H 130 28.87 21.89 22.18
N GLY H 131 29.16 23.17 21.92
CA GLY H 131 28.25 24.03 21.19
C GLY H 131 28.61 24.09 19.72
N ILE H 132 27.59 24.25 18.88
CA ILE H 132 27.79 24.47 17.46
C ILE H 132 27.29 25.87 17.14
N PHE H 133 27.90 26.49 16.13
CA PHE H 133 27.47 27.82 15.72
C PHE H 133 26.04 27.76 15.19
N CYS H 134 25.37 28.91 15.22
CA CYS H 134 23.98 28.98 14.76
C CYS H 134 23.62 30.44 14.50
N MET H 135 23.05 30.69 13.31
CA MET H 135 22.50 32.00 12.96
C MET H 135 20.99 32.04 13.08
N GLU H 136 20.30 30.97 12.66
CA GLU H 136 18.86 30.86 12.77
C GLU H 136 18.51 29.37 12.86
N ASN H 137 17.25 29.10 13.16
CA ASN H 137 16.72 27.73 13.12
C ASN H 137 15.31 27.79 12.52
N PHE H 138 14.71 26.62 12.33
CA PHE H 138 13.45 26.52 11.61
C PHE H 138 12.54 25.48 12.26
N PRO H 139 11.23 25.71 12.25
CA PRO H 139 10.30 24.61 12.52
C PRO H 139 10.32 23.63 11.37
N TYR H 140 9.96 22.38 11.66
CA TYR H 140 10.09 21.33 10.66
C TYR H 140 9.31 21.69 9.39
N ASN H 141 8.03 22.04 9.54
CA ASN H 141 7.25 22.41 8.37
C ASN H 141 7.81 23.65 7.67
N GLY H 142 8.56 24.50 8.38
CA GLY H 142 9.27 25.57 7.71
C GLY H 142 10.31 25.04 6.75
N MET H 143 11.14 24.12 7.23
CA MET H 143 12.15 23.53 6.37
C MET H 143 11.51 22.70 5.26
N LYS H 144 10.36 22.11 5.54
CA LYS H 144 9.73 21.25 4.55
C LYS H 144 9.29 22.03 3.32
N THR H 145 8.80 23.26 3.54
CA THR H 145 8.39 24.14 2.41
C THR H 145 9.65 24.53 1.65
N ILE H 146 10.72 24.84 2.38
CA ILE H 146 11.96 25.29 1.72
C ILE H 146 12.49 24.20 0.80
N ILE H 147 12.55 22.97 1.28
CA ILE H 147 13.13 21.89 0.49
C ILE H 147 12.17 21.46 -0.61
N GLU H 148 10.92 21.15 -0.25
CA GLU H 148 10.00 20.54 -1.20
C GLU H 148 9.39 21.57 -2.16
N GLU H 149 9.09 22.77 -1.67
CA GLU H 149 8.39 23.75 -2.49
C GLU H 149 9.30 24.80 -3.11
N HIS H 150 10.45 25.10 -2.50
CA HIS H 150 11.39 26.05 -3.08
C HIS H 150 12.56 25.39 -3.78
N CYS H 151 13.01 24.23 -3.30
CA CYS H 151 14.09 23.51 -3.96
C CYS H 151 13.60 22.35 -4.82
N GLY H 152 12.37 21.89 -4.62
CA GLY H 152 11.78 20.89 -5.50
C GLY H 152 12.26 19.48 -5.27
N ILE H 153 12.63 19.15 -4.04
CA ILE H 153 13.10 17.81 -3.70
C ILE H 153 12.25 17.31 -2.54
N LYS H 154 11.85 16.05 -2.61
CA LYS H 154 11.14 15.43 -1.49
C LYS H 154 12.10 15.20 -0.32
N MET H 155 11.59 15.32 0.89
CA MET H 155 12.43 15.11 2.07
C MET H 155 13.02 13.71 2.07
N GLU H 156 12.27 12.74 1.57
CA GLU H 156 12.72 11.36 1.58
C GLU H 156 13.89 11.12 0.63
N ASP H 157 14.17 12.06 -0.26
CA ASP H 157 15.31 11.98 -1.17
C ASP H 157 16.45 12.91 -0.76
N VAL H 158 16.36 13.55 0.40
CA VAL H 158 17.41 14.46 0.84
C VAL H 158 18.50 13.66 1.54
N ALA H 159 19.75 13.84 1.08
CA ALA H 159 20.92 13.23 1.70
C ALA H 159 21.66 14.18 2.62
N LYS H 160 21.69 15.48 2.30
CA LYS H 160 22.41 16.45 3.11
C LYS H 160 21.90 17.84 2.76
N THR H 161 21.93 18.74 3.73
CA THR H 161 21.62 20.15 3.51
C THR H 161 22.71 20.99 4.16
N ASP H 162 23.00 22.13 3.55
CA ASP H 162 24.06 23.00 4.02
C ASP H 162 23.74 24.44 3.68
N ILE H 163 24.15 25.34 4.56
CA ILE H 163 24.02 26.79 4.35
C ILE H 163 25.42 27.34 4.11
N GLY H 164 25.60 28.01 2.98
CA GLY H 164 26.88 28.60 2.67
C GLY H 164 26.86 29.46 1.43
N LYS H 165 27.59 30.57 1.46
CA LYS H 165 27.81 31.41 0.29
C LYS H 165 26.49 32.03 -0.18
N GLY H 166 25.78 32.64 0.76
CA GLY H 166 24.54 33.33 0.47
C GLY H 166 23.42 32.43 -0.01
N LYS H 167 23.58 31.12 0.10
CA LYS H 167 22.63 30.18 -0.47
C LYS H 167 22.38 29.04 0.50
N PHE H 168 21.19 28.44 0.36
CA PHE H 168 20.83 27.19 1.03
C PHE H 168 20.90 26.06 0.03
N TRP H 169 21.44 24.92 0.45
CA TRP H 169 21.79 23.82 -0.43
C TRP H 169 21.06 22.55 -0.05
N VAL H 170 20.65 21.79 -1.06
CA VAL H 170 20.03 20.48 -0.88
C VAL H 170 20.75 19.51 -1.78
N TYR H 171 21.30 18.45 -1.20
CA TYR H 171 21.97 17.37 -1.93
C TYR H 171 21.04 16.16 -1.93
N SER H 172 20.84 15.58 -3.10
CA SER H 172 19.88 14.50 -3.27
C SER H 172 20.56 13.14 -3.15
N LYS H 173 19.78 12.15 -2.69
CA LYS H 173 20.25 10.77 -2.66
C LYS H 173 20.74 10.33 -4.03
N TRP H 174 20.20 10.91 -5.09
CA TRP H 174 20.42 10.45 -6.45
C TRP H 174 21.41 11.34 -7.21
N GLY H 175 22.19 12.16 -6.50
CA GLY H 175 23.25 12.93 -7.08
C GLY H 175 22.91 14.37 -7.38
N ASP H 176 21.63 14.73 -7.39
CA ASP H 176 21.23 16.07 -7.77
C ASP H 176 21.67 17.09 -6.74
N VAL H 177 21.83 18.33 -7.18
CA VAL H 177 22.18 19.46 -6.32
C VAL H 177 21.27 20.62 -6.67
N LYS H 178 20.58 21.16 -5.66
CA LYS H 178 19.70 22.31 -5.83
C LYS H 178 20.04 23.34 -4.77
N SER H 179 19.91 24.61 -5.15
CA SER H 179 20.28 25.70 -4.23
C SER H 179 19.43 26.95 -4.50
N ILE H 180 19.16 27.74 -3.46
CA ILE H 180 18.36 28.95 -3.55
C ILE H 180 19.04 30.06 -2.75
N LYS H 181 18.72 31.30 -3.10
CA LYS H 181 19.18 32.42 -2.29
C LYS H 181 18.61 32.34 -0.89
N LEU H 182 19.40 32.75 0.10
CA LEU H 182 18.95 32.67 1.49
C LEU H 182 17.81 33.64 1.79
N LYS H 183 17.59 34.66 0.95
CA LYS H 183 16.46 35.54 1.18
C LYS H 183 15.13 34.81 1.04
N GLU H 184 15.15 33.63 0.42
CA GLU H 184 13.91 32.84 0.23
C GLU H 184 13.56 32.07 1.50
N THR H 185 14.48 32.01 2.48
CA THR H 185 14.25 31.22 3.68
C THR H 185 13.88 32.06 4.89
N HIS H 186 14.13 33.36 4.88
CA HIS H 186 13.86 34.16 6.07
C HIS H 186 12.42 34.07 6.57
N PRO H 187 11.39 34.11 5.73
CA PRO H 187 10.02 34.05 6.28
C PRO H 187 9.71 32.77 7.04
N TYR H 188 10.53 31.73 6.93
CA TYR H 188 10.22 30.43 7.54
C TYR H 188 11.00 30.17 8.82
N GLU H 189 11.83 31.10 9.28
CA GLU H 189 12.68 30.83 10.44
C GLU H 189 11.95 31.11 11.75
N GLN H 190 12.31 30.33 12.76
CA GLN H 190 11.75 30.49 14.09
C GLN H 190 11.92 31.92 14.57
N GLN H 191 10.80 32.60 14.82
CA GLN H 191 10.84 34.01 15.14
C GLN H 191 11.44 34.29 16.51
N SER H 192 11.44 33.30 17.41
CA SER H 192 12.10 33.46 18.70
C SER H 192 13.61 33.51 18.58
N CYS H 193 14.17 33.21 17.41
CA CYS H 193 15.59 33.38 17.17
C CYS H 193 16.00 34.84 17.01
N HIS H 194 15.03 35.74 16.83
CA HIS H 194 15.33 37.14 16.59
C HIS H 194 15.64 37.91 17.87
N VAL H 195 15.72 37.23 19.01
CA VAL H 195 16.22 37.81 20.25
C VAL H 195 17.51 37.14 20.71
N CYS H 196 18.06 36.23 19.93
CA CYS H 196 19.27 35.51 20.33
C CYS H 196 20.49 36.43 20.23
N MET H 197 21.33 36.39 21.25
CA MET H 197 22.53 37.23 21.31
C MET H 197 23.80 36.40 21.33
N ASP H 198 23.75 35.18 20.80
CA ASP H 198 24.87 34.24 20.87
C ASP H 198 24.97 33.51 19.54
N TYR H 199 26.10 33.69 18.84
CA TYR H 199 26.33 33.08 17.55
C TYR H 199 27.32 31.92 17.59
N THR H 200 28.41 32.05 18.33
CA THR H 200 29.47 31.05 18.36
C THR H 200 29.36 30.11 19.58
N ALA H 201 28.17 30.02 20.18
CA ALA H 201 27.95 29.15 21.34
C ALA H 201 28.96 29.47 22.44
N GLU H 202 28.88 30.73 22.91
CA GLU H 202 29.97 31.31 23.70
C GLU H 202 30.14 30.65 25.05
N LEU H 203 29.17 29.89 25.54
CA LEU H 203 29.23 29.32 26.87
C LEU H 203 29.60 27.84 26.87
N ALA H 204 30.10 27.30 25.76
CA ALA H 204 30.43 25.89 25.70
C ALA H 204 31.86 25.65 26.16
N ASP H 205 32.16 24.37 26.45
CA ASP H 205 33.54 23.97 26.64
C ASP H 205 34.31 24.04 25.33
N ILE H 206 33.70 23.56 24.24
CA ILE H 206 34.25 23.64 22.90
C ILE H 206 33.12 24.06 21.96
N SER H 207 33.42 24.98 21.06
CA SER H 207 32.48 25.39 20.02
C SER H 207 33.07 25.07 18.65
N THR H 208 32.18 24.81 17.70
CA THR H 208 32.63 24.43 16.35
C THR H 208 31.62 24.91 15.33
N GLY H 209 32.09 25.24 14.13
CA GLY H 209 31.23 25.71 13.05
C GLY H 209 31.97 25.70 11.74
N SER H 210 31.25 26.03 10.68
CA SER H 210 31.81 26.03 9.33
C SER H 210 32.39 27.37 8.91
N VAL H 211 31.84 28.46 9.43
CA VAL H 211 32.30 29.78 9.06
C VAL H 211 33.75 30.02 9.41
N GLY H 212 34.49 30.66 8.51
CA GLY H 212 35.87 30.97 8.77
C GLY H 212 36.85 29.94 8.23
N SER H 213 36.46 28.68 8.16
CA SER H 213 37.31 27.62 7.66
C SER H 213 36.86 27.20 6.27
N PRO H 214 37.76 26.64 5.46
CA PRO H 214 37.36 26.18 4.13
C PRO H 214 36.46 24.95 4.20
N ASP H 215 36.03 24.49 3.02
CA ASP H 215 35.14 23.30 2.96
C ASP H 215 35.86 22.10 3.56
N GLY H 216 35.17 21.35 4.41
CA GLY H 216 35.75 20.17 5.03
C GLY H 216 36.48 20.43 6.33
N TRP H 217 36.55 21.69 6.77
CA TRP H 217 37.19 22.07 8.02
C TRP H 217 36.21 22.85 8.88
N SER H 218 36.57 23.01 10.15
CA SER H 218 35.72 23.66 11.13
C SER H 218 36.53 24.68 11.93
N THR H 219 35.90 25.82 12.23
CA THR H 219 36.45 26.75 13.21
C THR H 219 36.07 26.27 14.61
N VAL H 220 37.05 26.17 15.50
CA VAL H 220 36.86 25.55 16.81
C VAL H 220 37.33 26.53 17.88
N PHE H 221 36.42 26.91 18.78
CA PHE H 221 36.74 27.81 19.86
C PHE H 221 36.90 27.03 21.15
N ILE H 222 38.11 26.90 21.69
CA ILE H 222 38.28 26.25 22.98
C ILE H 222 38.04 27.29 24.04
N ARG H 223 37.28 26.98 25.09
CA ARG H 223 36.96 28.05 26.04
C ARG H 223 37.27 27.70 27.48
N THR H 224 36.93 26.50 27.94
CA THR H 224 37.08 26.13 29.34
C THR H 224 38.25 25.17 29.51
N ALA H 225 38.62 24.96 30.78
CA ALA H 225 39.63 23.96 31.08
C ALA H 225 39.13 22.59 30.64
N GLN H 226 37.88 22.25 30.97
CA GLN H 226 37.35 20.94 30.63
C GLN H 226 37.48 20.62 29.14
N GLY H 227 37.15 21.59 28.27
CA GLY H 227 37.35 21.40 26.85
C GLY H 227 38.80 21.48 26.42
N GLU H 228 39.64 22.14 27.22
CA GLU H 228 41.06 22.19 26.91
C GLU H 228 41.72 20.83 27.15
N GLU H 229 41.44 20.21 28.29
CA GLU H 229 41.99 18.90 28.58
C GLU H 229 41.54 17.91 27.53
N PHE H 230 40.26 17.92 27.20
CA PHE H 230 39.72 16.99 26.22
C PHE H 230 40.38 17.20 24.85
N PHE H 231 40.36 18.44 24.38
CA PHE H 231 40.98 18.74 23.09
C PHE H 231 42.44 18.28 23.05
N ASN H 232 43.20 18.63 24.08
CA ASN H 232 44.62 18.27 24.09
C ASN H 232 44.82 16.77 24.05
N LYS H 233 43.98 16.02 24.76
CA LYS H 233 44.03 14.57 24.68
C LYS H 233 43.76 14.09 23.26
N MET H 234 42.90 14.81 22.53
CA MET H 234 42.58 14.39 21.16
C MET H 234 43.75 14.62 20.22
N VAL H 235 44.35 15.82 20.27
CA VAL H 235 45.43 16.10 19.33
C VAL H 235 46.63 15.21 19.61
N GLU H 236 46.86 14.90 20.89
CA GLU H 236 48.01 14.05 21.27
C GLU H 236 47.80 12.68 20.63
N ALA H 237 46.58 12.13 20.77
CA ALA H 237 46.26 10.85 20.18
C ALA H 237 46.11 10.93 18.66
N GLY H 238 46.31 12.11 18.08
CA GLY H 238 46.26 12.26 16.63
C GLY H 238 44.88 12.22 16.03
N ALA H 239 43.85 12.41 16.85
CA ALA H 239 42.48 12.33 16.36
C ALA H 239 42.05 13.53 15.54
N LEU H 240 42.89 14.56 15.42
CA LEU H 240 42.51 15.78 14.72
C LEU H 240 43.68 16.36 13.94
N GLU H 241 43.33 17.02 12.84
CA GLU H 241 44.26 17.87 12.09
C GLU H 241 43.98 19.31 12.47
N VAL H 242 44.99 20.00 12.99
CA VAL H 242 44.84 21.36 13.50
C VAL H 242 45.71 22.31 12.69
N LYS H 243 45.09 23.39 12.21
CA LYS H 243 45.77 24.50 11.53
C LYS H 243 45.37 25.79 12.23
N PRO H 244 46.27 26.76 12.34
CA PRO H 244 45.88 28.06 12.90
C PRO H 244 44.91 28.79 11.99
N ILE H 245 43.94 29.49 12.59
CA ILE H 245 42.93 30.26 11.80
C ILE H 245 43.63 31.46 11.14
N GLU H 246 44.92 31.66 11.44
CA GLU H 246 45.67 32.78 10.92
C GLU H 246 46.21 32.48 9.53
N GLU H 247 46.34 31.19 9.21
CA GLU H 247 46.83 30.79 7.87
C GLU H 247 45.64 30.46 6.97
N VAL H 248 44.58 29.86 7.54
CA VAL H 248 43.46 29.44 6.71
C VAL H 248 42.58 30.65 6.37
N LYS H 249 41.92 30.55 5.23
CA LYS H 249 40.95 31.54 4.74
C LYS H 249 39.59 30.88 4.62
N PRO H 250 38.50 31.64 4.68
CA PRO H 250 38.36 33.11 4.83
C PRO H 250 39.00 33.68 6.08
N GLY H 251 38.88 33.01 7.22
CA GLY H 251 39.57 33.38 8.44
C GLY H 251 38.62 33.87 9.52
N LEU H 252 39.19 34.14 10.69
CA LEU H 252 38.36 34.56 11.85
C LEU H 252 37.60 35.86 11.51
N GLY H 253 38.15 36.70 10.63
CA GLY H 253 37.47 37.95 10.36
C GLY H 253 36.02 37.76 9.95
N LEU H 254 35.77 36.81 9.05
CA LEU H 254 34.40 36.52 8.64
C LEU H 254 33.53 36.11 9.82
N VAL H 255 34.12 35.41 10.80
CA VAL H 255 33.35 35.00 11.98
C VAL H 255 33.00 36.20 12.83
N GLU H 256 33.93 37.16 12.94
CA GLU H 256 33.66 38.36 13.73
C GLU H 256 32.61 39.23 13.06
N LYS H 257 32.58 39.26 11.74
CA LYS H 257 31.52 39.96 11.02
C LYS H 257 30.19 39.34 11.40
N LEU H 258 29.96 38.09 10.97
CA LEU H 258 28.66 37.45 11.15
C LEU H 258 28.18 37.54 12.59
N SER H 259 29.07 37.28 13.56
CA SER H 259 28.65 37.30 14.95
C SER H 259 28.14 38.68 15.35
N LEU H 260 28.85 39.73 14.91
CA LEU H 260 28.47 41.11 15.30
C LEU H 260 27.16 41.50 14.59
N THR H 261 27.06 41.19 13.29
CA THR H 261 25.84 41.61 12.54
C THR H 261 24.65 41.04 13.27
N LYS H 262 24.74 39.76 13.66
CA LYS H 262 23.63 39.10 14.34
C LYS H 262 23.32 39.80 15.65
N LYS H 263 24.33 40.06 16.48
CA LYS H 263 24.09 40.74 17.75
C LYS H 263 23.49 42.12 17.50
N GLU H 264 23.93 42.78 16.44
CA GLU H 264 23.43 44.15 16.16
C GLU H 264 21.97 44.06 15.70
N LYS H 265 21.64 43.08 14.86
CA LYS H 265 20.30 42.97 14.33
C LYS H 265 19.31 42.55 15.40
N ASN H 266 19.69 41.59 16.25
CA ASN H 266 18.76 41.04 17.22
C ASN H 266 18.65 41.92 18.46
N ALA H 267 19.68 42.72 18.76
CA ALA H 267 19.55 43.68 19.85
C ALA H 267 18.49 44.73 19.53
N LYS H 268 18.32 45.04 18.25
CA LYS H 268 17.25 45.96 17.86
C LYS H 268 15.88 45.34 18.11
N GLU H 269 15.74 44.03 17.88
CA GLU H 269 14.49 43.36 18.17
C GLU H 269 14.20 43.37 19.66
N ILE H 270 15.24 43.21 20.49
CA ILE H 270 15.04 43.22 21.94
C ILE H 270 14.55 44.59 22.38
N GLU H 271 15.17 45.65 21.88
CA GLU H 271 14.73 47.00 22.23
C GLU H 271 13.35 47.30 21.67
N HIS H 272 13.04 46.75 20.50
CA HIS H 272 11.69 46.89 19.94
C HIS H 272 10.67 46.29 20.90
N ARG H 273 10.93 45.08 21.37
CA ARG H 273 10.00 44.43 22.30
C ARG H 273 9.86 45.21 23.59
N LYS H 274 10.98 45.68 24.14
CA LYS H 274 10.91 46.43 25.40
C LYS H 274 9.96 47.62 25.27
N GLU H 275 10.03 48.35 24.16
CA GLU H 275 9.23 49.57 24.02
C GLU H 275 7.75 49.25 23.88
N ILE H 276 7.39 48.25 23.06
CA ILE H 276 5.98 47.94 22.85
C ILE H 276 5.38 47.16 24.01
N GLY H 277 6.19 46.70 24.95
CA GLY H 277 5.69 46.06 26.15
C GLY H 277 5.85 44.56 26.21
N LEU H 278 6.63 43.95 25.31
CA LEU H 278 6.80 42.51 25.36
C LEU H 278 7.98 42.13 26.26
N PRO H 279 7.89 41.00 26.95
CA PRO H 279 8.96 40.60 27.86
C PRO H 279 10.18 40.08 27.12
N VAL H 280 11.33 40.27 27.75
CA VAL H 280 12.61 39.77 27.22
C VAL H 280 13.43 39.22 28.37
N PRO H 281 14.37 38.32 28.07
CA PRO H 281 15.19 37.74 29.15
C PRO H 281 16.05 38.80 29.83
N TYR H 282 16.44 38.49 31.07
CA TYR H 282 17.32 39.39 31.82
C TYR H 282 17.94 38.68 33.02
N VAL I 2 23.83 32.43 61.35
CA VAL I 2 24.55 31.36 62.02
C VAL I 2 23.58 30.51 62.83
N LYS I 3 22.29 30.83 62.77
CA LYS I 3 21.26 30.13 63.54
C LYS I 3 20.13 29.71 62.60
N ILE I 4 20.23 28.50 62.05
CA ILE I 4 19.24 27.98 61.12
C ILE I 4 18.14 27.29 61.91
N ALA I 5 16.90 27.42 61.44
CA ALA I 5 15.75 26.73 61.99
C ALA I 5 14.94 26.13 60.85
N HIS I 6 14.51 24.88 61.07
CA HIS I 6 13.65 24.20 60.06
C HIS I 6 12.22 24.16 60.58
N ILE I 7 11.37 25.02 60.01
CA ILE I 7 9.95 25.07 60.36
C ILE I 7 9.20 24.12 59.41
N HIS I 8 8.27 23.36 59.97
CA HIS I 8 7.49 22.38 59.20
C HIS I 8 6.00 22.66 59.39
N LEU I 9 5.36 23.14 58.34
CA LEU I 9 3.93 23.42 58.34
C LEU I 9 3.21 22.29 57.62
N CYS I 10 2.36 22.55 56.62
CA CYS I 10 1.62 21.52 55.91
C CYS I 10 2.45 21.02 54.73
N GLY I 11 3.48 20.24 55.06
CA GLY I 11 4.33 19.64 54.07
C GLY I 11 4.45 18.14 54.28
N CYS I 12 5.46 17.53 53.67
CA CYS I 12 5.68 16.09 53.76
C CYS I 12 7.05 15.74 54.31
N THR I 13 7.91 16.74 54.57
CA THR I 13 9.28 16.57 55.04
C THR I 13 10.20 16.18 53.90
N GLY I 14 9.69 16.02 52.68
CA GLY I 14 10.56 15.70 51.56
C GLY I 14 11.64 16.73 51.32
N CYS I 15 11.36 18.00 51.57
CA CYS I 15 12.38 19.02 51.36
C CYS I 15 13.47 18.92 52.42
N LEU I 16 13.10 18.58 53.65
CA LEU I 16 14.11 18.35 54.69
C LEU I 16 14.98 17.14 54.35
N ILE I 17 14.37 16.07 53.84
CA ILE I 17 15.13 14.91 53.39
C ILE I 17 16.06 15.32 52.25
N SER I 18 15.57 16.18 51.35
CA SER I 18 16.43 16.69 50.29
C SER I 18 17.64 17.41 50.86
N LEU I 19 17.44 18.13 51.98
CA LEU I 19 18.56 18.74 52.68
C LEU I 19 19.47 17.68 53.29
N ALA I 20 18.88 16.64 53.89
CA ALA I 20 19.68 15.58 54.47
C ALA I 20 20.48 14.83 53.43
N ASP I 21 20.05 14.85 52.18
CA ASP I 21 20.75 14.16 51.11
C ASP I 21 21.93 14.95 50.57
N THR I 22 22.37 15.98 51.29
CA THR I 22 23.68 16.57 51.03
C THR I 22 24.80 15.79 51.73
N TYR I 23 24.45 14.90 52.66
CA TYR I 23 25.37 13.95 53.27
C TYR I 23 26.60 14.62 53.85
N GLU I 24 27.78 14.36 53.28
CA GLU I 24 29.02 14.95 53.77
C GLU I 24 28.93 16.46 53.94
N GLN I 25 28.08 17.11 53.15
CA GLN I 25 27.97 18.56 53.13
C GLN I 25 27.01 19.08 54.18
N LEU I 26 26.16 18.19 54.71
CA LEU I 26 25.30 18.52 55.84
C LEU I 26 26.09 18.65 57.14
N LEU I 27 27.18 17.89 57.29
CA LEU I 27 27.99 17.98 58.50
C LEU I 27 28.92 19.19 58.48
N ASP I 28 29.20 19.77 57.31
CA ASP I 28 29.86 21.07 57.26
C ASP I 28 28.87 22.20 57.50
N ILE I 29 27.62 22.03 57.08
CA ILE I 29 26.62 23.06 57.34
C ILE I 29 26.29 23.12 58.82
N LEU I 30 26.20 21.96 59.49
CA LEU I 30 25.80 21.92 60.88
C LEU I 30 26.92 22.34 61.85
N ASN I 31 28.19 22.31 61.42
CA ASN I 31 29.25 22.88 62.24
C ASN I 31 29.53 24.34 61.89
N SER I 32 29.14 24.78 60.70
CA SER I 32 29.20 26.21 60.36
C SER I 32 28.06 26.99 60.98
N VAL I 33 26.95 26.33 61.28
CA VAL I 33 25.72 26.98 61.72
C VAL I 33 25.11 26.18 62.86
N GLU I 34 24.67 26.88 63.89
CA GLU I 34 23.99 26.27 65.02
C GLU I 34 22.51 26.10 64.69
N LEU I 35 22.01 24.86 64.80
CA LEU I 35 20.63 24.54 64.48
C LEU I 35 19.79 24.71 65.74
N VAL I 36 18.99 25.79 65.78
CA VAL I 36 18.30 26.17 67.00
C VAL I 36 16.89 25.60 67.12
N TYR I 37 16.26 25.23 66.01
CA TYR I 37 14.91 24.68 66.07
C TYR I 37 14.70 23.73 64.90
N ALA I 38 14.12 22.57 65.20
CA ALA I 38 13.68 21.61 64.20
C ALA I 38 13.01 20.47 64.95
N LEU I 39 11.69 20.41 64.94
CA LEU I 39 11.01 19.41 65.74
C LEU I 39 11.43 18.00 65.36
N THR I 40 11.84 17.79 64.11
CA THR I 40 12.25 16.47 63.65
C THR I 40 13.68 16.11 64.06
N LEU I 41 14.48 17.07 64.55
CA LEU I 41 15.90 16.88 64.77
C LEU I 41 16.37 17.18 66.18
N VAL I 42 15.84 18.23 66.82
CA VAL I 42 16.34 18.68 68.11
C VAL I 42 15.18 18.95 69.06
N ASP I 43 15.45 18.86 70.36
CA ASP I 43 14.44 18.97 71.41
C ASP I 43 14.32 20.38 71.95
N GLU I 44 14.19 21.37 71.08
CA GLU I 44 14.13 22.76 71.54
C GLU I 44 12.96 23.46 70.88
N LYS I 45 12.45 24.51 71.53
CA LYS I 45 12.91 25.02 72.84
C LYS I 45 11.89 24.62 73.91
N THR I 46 12.35 23.79 74.85
CA THR I 46 11.44 23.20 75.85
C THR I 46 11.16 24.12 77.01
N GLU I 47 9.89 24.25 77.38
CA GLU I 47 9.46 25.01 78.55
C GLU I 47 8.34 24.22 79.24
N ILE I 48 8.26 24.36 80.58
CA ILE I 48 7.25 23.61 81.39
C ILE I 48 6.26 24.63 82.01
N ARG I 49 4.95 24.51 81.75
CA ARG I 49 3.91 25.41 82.24
C ARG I 49 2.97 24.61 83.14
N GLU I 50 2.95 24.93 84.42
CA GLU I 50 2.19 24.18 85.41
C GLU I 50 1.08 25.03 85.98
N THR I 51 -0.16 24.56 85.86
CA THR I 51 -1.31 25.15 86.52
C THR I 51 -1.87 24.14 87.52
N ASP I 52 -2.99 24.51 88.15
CA ASP I 52 -3.58 23.63 89.15
C ASP I 52 -3.96 22.28 88.55
N ASP I 53 -4.23 22.24 87.25
CA ASP I 53 -4.79 21.05 86.61
C ASP I 53 -3.74 20.20 85.90
N LYS I 54 -2.97 20.86 85.02
CA LYS I 54 -2.05 20.05 84.20
C LYS I 54 -0.67 20.66 84.00
N ILE I 55 0.33 19.81 83.82
CA ILE I 55 1.71 20.19 83.51
C ILE I 55 1.86 20.11 81.99
N LEU I 56 2.29 21.20 81.38
CA LEU I 56 2.39 21.31 79.92
C LEU I 56 3.87 21.46 79.55
N ILE I 57 4.42 20.44 78.91
CA ILE I 57 5.79 20.46 78.42
C ILE I 57 5.72 20.82 76.94
N GLU I 58 5.97 22.10 76.66
CA GLU I 58 5.80 22.60 75.28
C GLU I 58 7.13 22.95 74.62
N ARG I 59 7.26 22.66 73.33
CA ARG I 59 8.43 23.01 72.54
C ARG I 59 8.07 24.21 71.67
N GLU I 60 8.72 25.34 71.93
CA GLU I 60 8.43 26.61 71.28
C GLU I 60 9.49 26.95 70.24
N ILE I 61 9.10 27.77 69.27
CA ILE I 61 10.10 28.25 68.28
C ILE I 61 10.96 29.28 69.02
N PRO I 62 12.31 29.15 69.03
CA PRO I 62 13.16 30.06 69.82
C PRO I 62 13.24 31.44 69.20
N ASP I 63 13.96 32.34 69.84
CA ASP I 63 14.23 33.67 69.29
C ASP I 63 15.61 33.69 68.64
N ASP I 64 15.86 34.76 67.88
CA ASP I 64 17.14 34.96 67.19
C ASP I 64 17.43 33.79 66.25
N ILE I 65 16.60 33.69 65.21
CA ILE I 65 16.85 32.80 64.09
C ILE I 65 17.38 33.66 62.95
N ASP I 66 18.56 33.32 62.44
CA ASP I 66 19.13 34.08 61.35
C ASP I 66 18.55 33.66 60.00
N ILE I 67 18.39 32.36 59.79
CA ILE I 67 17.78 31.80 58.59
C ILE I 67 16.73 30.78 59.02
N ALA I 68 15.55 30.88 58.43
CA ALA I 68 14.42 30.00 58.74
C ALA I 68 14.00 29.31 57.44
N LEU I 69 14.22 28.01 57.37
CA LEU I 69 13.77 27.21 56.24
C LEU I 69 12.37 26.69 56.57
N VAL I 70 11.36 27.30 55.93
CA VAL I 70 9.96 26.98 56.18
C VAL I 70 9.47 26.05 55.08
N GLU I 71 9.00 24.87 55.49
CA GLU I 71 8.56 23.86 54.50
C GLU I 71 7.07 23.58 54.68
N GLY I 72 6.30 23.63 53.60
CA GLY I 72 4.89 23.34 53.63
C GLY I 72 4.03 24.60 53.62
N SER I 73 2.76 24.41 53.31
CA SER I 73 1.80 25.50 53.21
C SER I 73 1.08 25.70 54.55
N VAL I 74 0.19 26.69 54.58
CA VAL I 74 -0.51 27.10 55.80
C VAL I 74 -1.98 26.74 55.65
N CYS I 75 -2.53 26.06 56.65
CA CYS I 75 -3.96 25.75 56.66
C CYS I 75 -4.71 26.84 57.42
N LEU I 76 -5.57 27.56 56.71
CA LEU I 76 -6.27 28.70 57.31
C LEU I 76 -7.33 28.27 58.32
N GLU I 77 -7.69 26.99 58.39
CA GLU I 77 -8.66 26.50 59.35
C GLU I 77 -8.03 25.89 60.58
N ASP I 78 -6.71 25.93 60.70
CA ASP I 78 -5.99 25.41 61.85
C ASP I 78 -5.32 26.58 62.56
N GLU I 79 -5.73 26.84 63.80
CA GLU I 79 -5.14 27.94 64.55
C GLU I 79 -3.63 27.75 64.71
N HIS I 80 -3.23 26.53 65.05
CA HIS I 80 -1.79 26.27 65.31
C HIS I 80 -0.99 26.54 64.03
N SER I 81 -1.53 26.14 62.87
CA SER I 81 -0.80 26.31 61.62
C SER I 81 -0.49 27.79 61.37
N MET I 82 -1.50 28.63 61.54
CA MET I 82 -1.33 30.09 61.33
C MET I 82 -0.38 30.61 62.43
N LYS I 83 -0.62 30.24 63.69
CA LYS I 83 0.22 30.71 64.77
C LYS I 83 1.70 30.48 64.51
N ASP I 84 2.05 29.37 63.85
CA ASP I 84 3.45 29.03 63.63
C ASP I 84 4.06 29.80 62.48
N VAL I 85 3.28 30.17 61.46
CA VAL I 85 3.86 30.90 60.34
C VAL I 85 4.15 32.34 60.74
N PHE I 86 3.29 32.90 61.61
CA PHE I 86 3.50 34.29 62.08
C PHE I 86 4.62 34.28 63.14
N ASP I 87 4.72 33.20 63.92
CA ASP I 87 5.81 33.08 64.94
C ASP I 87 7.15 33.01 64.20
N ALA I 88 7.24 32.17 63.18
CA ALA I 88 8.50 31.99 62.47
C ALA I 88 8.96 33.28 61.82
N ARG I 89 8.03 34.12 61.36
CA ARG I 89 8.41 35.37 60.73
C ARG I 89 9.01 36.33 61.74
N ARG I 90 8.32 36.57 62.86
CA ARG I 90 8.78 37.58 63.80
C ARG I 90 10.11 37.19 64.45
N LYS I 91 10.42 35.90 64.52
CA LYS I 91 11.61 35.42 65.23
C LYS I 91 12.78 35.11 64.30
N SER I 92 12.61 35.25 62.99
CA SER I 92 13.67 34.99 62.03
C SER I 92 13.93 36.25 61.22
N LYS I 93 15.19 36.50 60.87
CA LYS I 93 15.52 37.64 60.02
C LYS I 93 15.37 37.30 58.55
N ILE I 94 15.76 36.06 58.21
CA ILE I 94 15.65 35.62 56.79
C ILE I 94 14.73 34.39 56.71
N VAL I 95 13.56 34.55 56.11
CA VAL I 95 12.59 33.49 55.94
C VAL I 95 12.69 32.98 54.52
N VAL I 96 12.89 31.67 54.37
CA VAL I 96 13.05 31.02 53.08
C VAL I 96 11.89 30.07 52.89
N ALA I 97 11.18 30.22 51.78
CA ALA I 97 10.08 29.33 51.41
C ALA I 97 10.71 28.10 50.75
N LEU I 98 10.79 27.01 51.50
CA LEU I 98 11.51 25.81 51.06
C LEU I 98 10.53 24.86 50.39
N GLY I 99 10.57 24.79 49.08
CA GLY I 99 9.74 23.88 48.32
C GLY I 99 8.51 24.58 47.74
N ALA I 100 7.82 23.84 46.87
CA ALA I 100 6.65 24.41 46.19
C ALA I 100 5.51 24.65 47.16
N CYS I 101 5.31 23.75 48.14
CA CYS I 101 4.21 23.94 49.08
C CYS I 101 4.33 25.29 49.77
N ALA I 102 5.52 25.62 50.28
CA ALA I 102 5.69 26.88 50.99
C ALA I 102 5.73 28.08 50.03
N ALA I 103 6.32 27.89 48.85
CA ALA I 103 6.57 29.02 47.96
C ALA I 103 5.31 29.43 47.20
N THR I 104 4.59 28.46 46.63
CA THR I 104 3.45 28.75 45.78
C THR I 104 2.23 27.87 46.03
N GLY I 105 2.29 26.95 46.99
CA GLY I 105 1.16 26.06 47.24
C GLY I 105 1.43 24.63 46.80
N GLY I 106 1.83 24.45 45.54
CA GLY I 106 2.17 23.12 45.08
C GLY I 106 0.97 22.19 45.12
N ILE I 107 1.21 20.95 45.54
CA ILE I 107 0.12 19.92 45.54
C ILE I 107 -1.02 20.39 46.45
N THR I 108 -0.70 21.13 47.51
CA THR I 108 -1.76 21.48 48.47
C THR I 108 -2.75 22.48 47.88
N ARG I 109 -2.51 22.98 46.67
CA ARG I 109 -3.53 23.77 45.97
C ARG I 109 -4.75 22.94 45.65
N PHE I 110 -4.57 21.63 45.48
CA PHE I 110 -5.67 20.73 45.13
C PHE I 110 -6.55 20.36 46.32
N CYS I 111 -6.15 20.69 47.54
CA CYS I 111 -6.96 20.35 48.69
C CYS I 111 -8.33 21.05 48.62
N ARG I 112 -9.36 20.42 49.14
CA ARG I 112 -10.71 21.04 49.12
C ARG I 112 -11.57 20.54 50.28
N GLY I 113 -11.04 19.58 51.07
CA GLY I 113 -11.78 19.14 52.27
C GLY I 113 -12.70 17.97 52.01
N GLY I 114 -13.58 17.64 52.95
CA GLY I 114 -14.53 16.57 52.78
C GLY I 114 -14.01 15.29 53.31
N GLN I 115 -12.98 15.37 54.13
CA GLN I 115 -12.35 14.18 54.62
C GLN I 115 -12.25 14.22 56.07
N MET I 116 -12.86 13.28 56.77
CA MET I 116 -12.65 13.24 58.20
C MET I 116 -11.15 13.04 58.32
N SER I 117 -10.56 13.28 59.49
CA SER I 117 -11.30 13.59 60.70
C SER I 117 -11.45 15.09 60.96
N LYS I 118 -10.72 15.92 60.24
CA LYS I 118 -10.91 17.36 60.32
C LYS I 118 -11.69 17.78 59.10
N PRO I 119 -13.03 17.66 59.17
CA PRO I 119 -13.80 17.94 57.97
C PRO I 119 -13.77 19.38 57.47
N VAL I 120 -13.26 20.30 58.28
CA VAL I 120 -13.31 21.75 57.91
C VAL I 120 -12.03 22.16 57.18
N HIS I 121 -10.96 21.37 57.28
CA HIS I 121 -9.70 21.73 56.67
C HIS I 121 -9.81 21.62 55.14
N SER I 122 -9.57 22.74 54.45
CA SER I 122 -9.73 22.75 53.00
C SER I 122 -8.99 23.90 52.33
N SER I 123 -8.46 24.83 53.11
CA SER I 123 -7.90 26.08 52.60
C SER I 123 -6.41 26.12 52.91
N PHE I 124 -5.59 25.95 51.88
CA PHE I 124 -4.14 25.90 52.02
C PHE I 124 -3.50 26.93 51.12
N VAL I 125 -2.68 27.80 51.70
CA VAL I 125 -2.03 28.89 50.98
C VAL I 125 -0.53 28.85 51.23
N PRO I 126 0.31 29.28 50.28
CA PRO I 126 1.73 29.41 50.57
C PRO I 126 1.96 30.45 51.67
N ILE I 127 3.11 30.35 52.32
CA ILE I 127 3.41 31.25 53.44
C ILE I 127 3.44 32.70 52.97
N GLY I 128 3.80 32.94 51.70
CA GLY I 128 3.86 34.29 51.19
C GLY I 128 2.54 35.02 51.23
N ASP I 129 1.43 34.28 51.34
CA ASP I 129 0.12 34.90 51.40
C ASP I 129 -0.19 35.49 52.78
N LEU I 130 0.69 35.30 53.76
CA LEU I 130 0.43 35.79 55.11
C LEU I 130 1.62 36.53 55.70
N ILE I 131 2.83 36.12 55.32
CA ILE I 131 4.05 36.74 55.83
C ILE I 131 4.96 37.11 54.67
N LYS I 132 5.85 38.06 54.95
CA LYS I 132 6.83 38.50 53.94
C LYS I 132 7.93 37.44 53.81
N VAL I 133 8.16 36.96 52.60
CA VAL I 133 9.16 35.93 52.33
C VAL I 133 10.38 36.59 51.70
N ASP I 134 11.56 36.14 52.11
CA ASP I 134 12.81 36.74 51.66
C ASP I 134 13.40 36.02 50.45
N LEU I 135 13.43 34.68 50.50
CA LEU I 135 13.91 33.86 49.39
C LEU I 135 12.94 32.69 49.21
N ALA I 136 12.80 32.22 47.97
CA ALA I 136 11.89 31.14 47.66
C ALA I 136 12.56 30.14 46.75
N LEU I 137 12.52 28.86 47.16
CA LEU I 137 13.04 27.76 46.37
C LEU I 137 11.88 26.94 45.82
N PRO I 138 11.68 26.87 44.51
CA PRO I 138 10.61 26.02 43.98
C PRO I 138 11.00 24.56 43.96
N GLY I 139 10.25 23.74 43.23
CA GLY I 139 10.53 22.33 43.14
C GLY I 139 9.81 21.52 44.21
N CYS I 140 9.75 20.21 43.98
CA CYS I 140 9.00 19.30 44.85
C CYS I 140 9.71 17.96 44.91
N PRO I 141 10.83 17.89 45.64
CA PRO I 141 11.52 18.96 46.34
C PRO I 141 12.66 19.55 45.54
N PRO I 142 13.14 20.75 45.87
CA PRO I 142 14.35 21.26 45.22
C PRO I 142 15.53 20.36 45.49
N SER I 143 16.42 20.24 44.50
CA SER I 143 17.51 19.29 44.60
C SER I 143 18.44 19.65 45.77
N PRO I 144 19.22 18.67 46.25
CA PRO I 144 20.21 19.01 47.28
C PRO I 144 21.26 19.99 46.77
N GLU I 145 21.65 19.87 45.50
CA GLU I 145 22.61 20.81 44.93
C GLU I 145 22.08 22.24 45.02
N ALA I 146 20.82 22.44 44.62
CA ALA I 146 20.22 23.77 44.72
C ALA I 146 20.13 24.23 46.16
N LEU I 147 20.08 23.30 47.11
CA LEU I 147 19.99 23.69 48.51
C LEU I 147 21.32 24.20 49.04
N VAL I 148 22.42 23.49 48.73
CA VAL I 148 23.71 23.95 49.24
C VAL I 148 24.07 25.29 48.62
N ASN I 149 23.66 25.53 47.37
CA ASN I 149 23.92 26.82 46.74
C ASN I 149 23.12 27.93 47.42
N LEU I 150 21.91 27.61 47.88
CA LEU I 150 21.12 28.60 48.63
C LEU I 150 21.79 28.95 49.94
N ILE I 151 22.29 27.94 50.66
CA ILE I 151 22.84 28.18 52.00
C ILE I 151 24.22 28.82 51.92
N THR I 152 25.07 28.32 51.03
CA THR I 152 26.42 28.90 50.88
C THR I 152 26.28 30.36 50.54
N ALA I 153 25.48 30.69 49.52
CA ALA I 153 25.33 32.06 49.07
C ALA I 153 24.69 32.93 50.15
N ALA I 154 23.80 32.36 50.95
CA ALA I 154 23.18 33.12 52.03
C ALA I 154 24.19 33.50 53.10
N LEU I 155 25.13 32.60 53.40
CA LEU I 155 26.13 32.86 54.42
C LEU I 155 27.25 33.76 53.91
N ASN I 156 27.53 33.70 52.61
CA ASN I 156 28.60 34.48 51.99
C ASN I 156 28.13 35.86 51.53
N GLY I 157 26.85 36.17 51.66
CA GLY I 157 26.33 37.44 51.17
C GLY I 157 26.36 37.57 49.67
N ASP I 158 26.24 36.45 48.95
CA ASP I 158 26.22 36.46 47.48
C ASP I 158 24.82 36.84 47.02
N THR I 159 24.52 38.14 47.13
CA THR I 159 23.20 38.63 46.74
C THR I 159 22.95 38.45 45.24
N GLU I 160 23.99 38.54 44.42
CA GLU I 160 23.81 38.41 42.98
C GLU I 160 23.24 37.05 42.62
N TYR I 161 23.75 35.99 43.26
CA TYR I 161 23.23 34.66 43.00
C TYR I 161 21.80 34.52 43.52
N LEU I 162 21.54 34.96 44.74
CA LEU I 162 20.23 34.78 45.35
C LEU I 162 19.16 35.67 44.73
N GLU I 163 19.52 36.57 43.81
CA GLU I 163 18.55 37.53 43.30
C GLU I 163 17.36 36.83 42.64
N ILE I 164 17.60 35.71 41.96
CA ILE I 164 16.50 35.05 41.26
C ILE I 164 15.52 34.45 42.25
N TYR I 165 15.99 34.02 43.43
CA TYR I 165 15.11 33.44 44.44
C TYR I 165 14.44 34.52 45.28
N ALA I 166 15.07 35.68 45.45
CA ALA I 166 14.41 36.79 46.12
C ALA I 166 13.31 37.36 45.24
N GLU I 167 13.52 37.38 43.93
CA GLU I 167 12.48 37.79 43.00
C GLU I 167 11.32 36.81 43.04
N LEU I 168 11.63 35.52 43.18
CA LEU I 168 10.56 34.49 43.22
C LEU I 168 9.72 34.68 44.49
N ALA I 169 10.34 35.06 45.60
CA ALA I 169 9.61 35.17 46.86
C ALA I 169 8.47 36.17 46.79
N LYS I 170 8.48 37.05 45.80
CA LYS I 170 7.41 38.03 45.64
C LYS I 170 6.18 37.44 44.96
N LYS I 171 6.33 36.33 44.24
CA LYS I 171 5.24 35.69 43.54
C LYS I 171 4.79 34.44 44.30
N THR I 172 3.48 34.21 44.32
CA THR I 172 2.90 33.11 45.10
C THR I 172 2.07 32.16 44.25
N GLU I 173 2.16 32.24 42.92
CA GLU I 173 1.34 31.41 42.04
C GLU I 173 2.22 30.81 40.94
N ALA I 174 2.32 29.49 40.94
CA ALA I 174 3.06 28.76 39.92
C ALA I 174 2.19 27.65 39.35
N CYS I 175 2.60 27.18 38.18
CA CYS I 175 1.84 26.19 37.41
CA CYS I 175 1.88 26.14 37.46
C CYS I 175 2.70 25.77 36.22
N GLY I 176 2.19 24.84 35.43
CA GLY I 176 2.82 24.57 34.14
C GLY I 176 2.48 25.60 33.10
N CYS I 177 1.43 26.39 33.33
CA CYS I 177 0.97 27.39 32.38
C CYS I 177 1.87 28.62 32.33
N ASP I 178 2.82 28.73 33.26
CA ASP I 178 3.80 29.85 33.19
C ASP I 178 4.57 29.72 31.88
N LEU I 179 4.93 28.49 31.50
CA LEU I 179 5.70 28.28 30.28
C LEU I 179 4.97 28.80 29.06
N LEU I 180 3.68 28.51 28.98
CA LEU I 180 2.88 28.92 27.80
C LEU I 180 2.68 30.44 27.79
N VAL I 181 2.10 30.98 28.87
CA VAL I 181 1.73 32.43 28.91
C VAL I 181 2.96 33.36 28.85
N ASN I 182 4.15 32.86 29.19
CA ASN I 182 5.31 33.72 29.27
C ASN I 182 6.38 33.45 28.23
N VAL I 183 6.38 32.28 27.60
CA VAL I 183 7.45 31.87 26.68
C VAL I 183 6.91 31.51 25.30
N ILE I 184 5.88 30.67 25.25
CA ILE I 184 5.35 30.24 23.96
C ILE I 184 4.47 31.32 23.34
N ASN I 185 3.57 31.89 24.15
CA ASN I 185 2.68 32.93 23.66
C ASN I 185 3.41 34.24 23.40
N LYS I 186 4.54 34.47 24.05
CA LYS I 186 5.29 35.69 23.89
C LYS I 186 6.44 35.56 22.88
N SER I 187 6.41 34.51 22.05
CA SER I 187 7.42 34.32 20.99
C SER I 187 8.84 34.37 21.54
N LEU I 188 9.05 33.69 22.66
CA LEU I 188 10.38 33.55 23.25
C LEU I 188 10.90 32.13 23.26
N CYS I 189 10.02 31.13 23.17
CA CYS I 189 10.45 29.74 23.28
C CYS I 189 11.21 29.32 22.02
N MET I 190 12.39 28.76 22.22
CA MET I 190 13.20 28.30 21.10
C MET I 190 13.26 26.78 21.02
N GLY I 191 12.75 26.08 22.04
CA GLY I 191 12.71 24.63 21.99
C GLY I 191 13.93 23.89 22.48
N CYS I 192 14.60 24.40 23.52
CA CYS I 192 15.76 23.70 24.05
C CYS I 192 15.37 22.39 24.71
N GLY I 193 14.21 22.34 25.34
CA GLY I 193 13.76 21.16 26.02
C GLY I 193 14.23 21.02 27.46
N SER I 194 14.98 21.99 27.98
CA SER I 194 15.45 21.89 29.36
C SER I 194 14.28 21.84 30.34
N CYS I 195 13.19 22.56 30.04
CA CYS I 195 12.04 22.55 30.95
C CYS I 195 11.45 21.15 31.07
N ALA I 196 11.44 20.39 29.99
CA ALA I 196 10.95 19.02 30.07
C ALA I 196 11.84 18.17 30.96
N ALA I 197 13.16 18.42 30.92
CA ALA I 197 14.08 17.65 31.73
C ALA I 197 14.02 18.00 33.21
N SER I 198 13.44 19.16 33.55
CA SER I 198 13.39 19.57 34.95
C SER I 198 12.18 19.03 35.69
N CYS I 199 11.15 18.61 34.97
CA CYS I 199 9.87 18.31 35.62
C CYS I 199 9.98 17.06 36.48
N PRO I 200 9.59 17.11 37.76
CA PRO I 200 9.65 15.91 38.60
C PRO I 200 8.55 14.92 38.30
N THR I 201 7.50 15.35 37.59
CA THR I 201 6.34 14.48 37.33
C THR I 201 6.25 14.12 35.86
N ARG I 202 7.29 14.45 35.07
CA ARG I 202 7.32 14.06 33.66
C ARG I 202 6.03 14.50 32.96
N ALA I 203 5.52 15.67 33.36
CA ALA I 203 4.30 16.23 32.80
C ALA I 203 4.54 17.10 31.58
N ILE I 204 5.78 17.25 31.13
CA ILE I 204 6.10 18.08 29.97
C ILE I 204 6.65 17.18 28.88
N GLU I 205 6.13 17.35 27.66
CA GLU I 205 6.43 16.47 26.54
C GLU I 205 6.70 17.33 25.32
N MET I 206 7.90 17.23 24.77
CA MET I 206 8.28 18.03 23.63
C MET I 206 7.55 17.55 22.38
N ILE I 207 6.80 18.45 21.75
CA ILE I 207 6.05 18.16 20.53
C ILE I 207 6.18 19.37 19.60
N ASP I 208 6.65 19.14 18.38
CA ASP I 208 6.90 20.21 17.41
C ASP I 208 7.88 21.24 17.97
N GLY I 209 8.85 20.80 18.77
CA GLY I 209 9.84 21.70 19.30
C GLY I 209 9.32 22.68 20.33
N LYS I 210 8.18 22.38 20.95
CA LYS I 210 7.56 23.20 21.97
C LYS I 210 7.13 22.29 23.11
N PRO I 211 7.24 22.75 24.36
CA PRO I 211 6.78 21.92 25.48
C PRO I 211 5.26 21.82 25.48
N ASN I 212 4.78 20.59 25.67
CA ASN I 212 3.33 20.34 25.79
C ASN I 212 3.08 19.85 27.22
N VAL I 213 2.28 20.59 27.99
CA VAL I 213 2.03 20.28 29.40
C VAL I 213 0.80 19.39 29.49
N LEU I 214 0.97 18.22 30.11
CA LEU I 214 -0.14 17.33 30.44
C LEU I 214 -0.71 17.80 31.77
N LYS I 215 -1.78 18.60 31.71
CA LYS I 215 -2.21 19.32 32.90
C LYS I 215 -2.65 18.39 34.02
N GLU I 216 -3.25 17.24 33.69
CA GLU I 216 -3.69 16.33 34.73
C GLU I 216 -2.53 15.76 35.55
N LEU I 217 -1.30 16.02 35.11
CA LEU I 217 -0.10 15.48 35.81
C LEU I 217 0.65 16.59 36.56
N CYS I 218 0.52 17.85 36.10
CA CYS I 218 1.25 18.94 36.74
C CYS I 218 0.83 19.12 38.19
N ILE I 219 1.83 19.24 39.07
CA ILE I 219 1.60 19.48 40.50
C ILE I 219 1.99 20.89 40.90
N LYS I 220 2.29 21.76 39.93
CA LYS I 220 2.49 23.19 40.18
C LYS I 220 3.69 23.44 41.09
N CYS I 221 4.82 22.80 40.76
CA CYS I 221 6.04 22.96 41.55
C CYS I 221 6.89 24.14 41.09
N GLY I 222 6.76 24.56 39.83
CA GLY I 222 7.48 25.71 39.32
C GLY I 222 8.89 25.45 38.88
N ALA I 223 9.30 24.19 38.73
CA ALA I 223 10.68 23.89 38.36
C ALA I 223 10.95 24.25 36.91
N CYS I 224 9.95 24.11 36.03
CA CYS I 224 10.16 24.38 34.61
C CYS I 224 10.30 25.87 34.35
N SER I 225 9.39 26.68 34.90
CA SER I 225 9.48 28.13 34.70
C SER I 225 10.72 28.71 35.36
N LEU I 226 11.18 28.12 36.46
CA LEU I 226 12.45 28.55 37.04
C LEU I 226 13.61 28.22 36.11
N GLN I 227 13.51 27.11 35.38
CA GLN I 227 14.60 26.66 34.52
C GLN I 227 14.67 27.44 33.23
N CYS I 228 13.53 27.87 32.69
CA CYS I 228 13.49 28.42 31.35
C CYS I 228 14.49 29.57 31.21
N PRO I 229 15.51 29.42 30.35
CA PRO I 229 16.49 30.51 30.19
C PRO I 229 15.96 31.72 29.45
N ARG I 230 14.77 31.63 28.85
CA ARG I 230 14.16 32.78 28.18
C ARG I 230 13.31 33.61 29.12
N ILE I 231 13.10 33.16 30.36
CA ILE I 231 12.45 33.96 31.39
C ILE I 231 13.53 34.74 32.13
N ARG I 232 14.40 34.00 32.81
CA ARG I 232 15.47 34.63 33.63
C ARG I 232 16.83 34.07 33.23
N PHE I 233 17.72 34.94 32.73
CA PHE I 233 19.08 34.56 32.35
C PHE I 233 20.02 35.62 32.89
N PRO I 234 20.29 35.61 34.20
CA PRO I 234 21.17 36.63 34.77
C PRO I 234 22.59 36.52 34.21
N LYS I 235 23.24 37.67 34.08
CA LYS I 235 24.60 37.70 33.53
C LYS I 235 25.57 36.86 34.34
N LEU I 236 25.21 36.55 35.59
CA LEU I 236 26.19 35.80 36.44
C LEU I 236 26.46 34.42 35.82
N ILE I 237 25.48 33.86 35.10
CA ILE I 237 25.66 32.53 34.52
C ILE I 237 26.70 32.51 33.41
N GLU I 238 26.97 33.66 32.79
CA GLU I 238 27.89 33.70 31.65
C GLU I 238 29.34 33.53 32.08
N GLU I 239 29.66 33.74 33.35
CA GLU I 239 31.03 33.59 33.85
C GLU I 239 31.28 32.13 34.16
N ILE I 240 32.12 31.48 33.35
CA ILE I 240 32.46 30.07 33.49
C ILE I 240 33.98 29.93 33.41
N GLU I 241 34.46 28.78 33.86
CA GLU I 241 35.90 28.54 33.92
C GLU I 241 36.40 27.74 32.72
N GLY J 2 -3.05 45.43 -19.56
CA GLY J 2 -2.36 44.91 -18.39
C GLY J 2 -2.37 45.86 -17.21
N LYS J 3 -2.72 45.31 -16.04
CA LYS J 3 -2.75 46.06 -14.79
C LYS J 3 -3.14 45.08 -13.69
N ILE J 4 -2.77 45.42 -12.46
CA ILE J 4 -3.03 44.59 -11.30
C ILE J 4 -4.01 45.32 -10.39
N VAL J 5 -4.97 44.57 -9.84
CA VAL J 5 -5.98 45.10 -8.93
C VAL J 5 -5.95 44.24 -7.68
N GLU J 6 -5.84 44.88 -6.52
CA GLU J 6 -5.78 44.18 -5.24
C GLU J 6 -6.83 44.76 -4.31
N ILE J 7 -7.75 43.92 -3.84
CA ILE J 7 -8.80 44.32 -2.92
C ILE J 7 -8.51 43.64 -1.58
N HIS J 8 -8.20 44.43 -0.56
CA HIS J 8 -7.83 43.86 0.71
C HIS J 8 -8.09 44.79 1.88
N PRO J 9 -8.86 44.37 2.90
CA PRO J 9 -9.60 43.10 3.02
C PRO J 9 -10.92 43.12 2.25
N THR J 10 -11.44 41.97 1.85
CA THR J 10 -12.78 41.92 1.28
C THR J 10 -13.81 41.90 2.41
N THR J 11 -15.02 42.34 2.09
CA THR J 11 -15.98 42.74 3.10
C THR J 11 -17.24 41.90 3.09
N ARG J 12 -18.00 42.06 4.17
CA ARG J 12 -19.32 41.44 4.36
C ARG J 12 -19.28 39.94 4.11
N HIS J 13 -18.29 39.31 4.73
CA HIS J 13 -18.27 37.88 4.99
C HIS J 13 -17.44 37.68 6.25
N GLU J 14 -17.30 36.44 6.68
CA GLU J 14 -16.59 36.12 7.90
C GLU J 14 -15.09 35.96 7.60
N GLY J 15 -14.26 36.71 8.32
CA GLY J 15 -12.83 36.51 8.29
C GLY J 15 -12.06 37.58 7.55
N HIS J 16 -10.86 37.21 7.11
CA HIS J 16 -9.85 38.14 6.60
C HIS J 16 -9.21 37.54 5.35
N THR J 17 -9.52 38.10 4.18
CA THR J 17 -9.02 37.58 2.91
C THR J 17 -8.54 38.72 2.02
N LYS J 18 -8.04 38.34 0.85
CA LYS J 18 -7.43 39.27 -0.10
C LYS J 18 -7.74 38.80 -1.51
N LEU J 19 -7.97 39.76 -2.41
CA LEU J 19 -8.15 39.49 -3.83
C LEU J 19 -6.98 40.09 -4.60
N VAL J 20 -6.40 39.30 -5.49
CA VAL J 20 -5.32 39.73 -6.36
C VAL J 20 -5.72 39.37 -7.78
N LEU J 21 -5.86 40.37 -8.64
CA LEU J 21 -6.50 40.21 -9.94
C LEU J 21 -5.62 40.82 -11.02
N LYS J 22 -5.08 39.98 -11.89
CA LYS J 22 -4.54 40.48 -13.15
C LYS J 22 -5.70 40.90 -14.04
N VAL J 23 -5.64 42.15 -14.47
CA VAL J 23 -6.75 42.67 -15.31
C VAL J 23 -6.14 43.28 -16.57
N ASP J 24 -6.94 43.34 -17.63
CA ASP J 24 -6.53 43.97 -18.88
C ASP J 24 -6.83 45.48 -18.81
N ASP J 25 -6.56 46.19 -19.91
CA ASP J 25 -6.77 47.64 -19.91
C ASP J 25 -8.24 48.04 -19.74
N GLU J 26 -9.15 47.03 -19.68
CA GLU J 26 -10.59 47.25 -19.79
C GLU J 26 -11.33 46.90 -18.50
N GLY J 27 -10.66 46.32 -17.51
CA GLY J 27 -11.27 45.95 -16.25
C GLY J 27 -11.50 44.46 -16.09
N ILE J 28 -11.52 43.75 -17.22
CA ILE J 28 -11.78 42.28 -17.22
C ILE J 28 -10.60 41.56 -16.54
N VAL J 29 -10.90 40.70 -15.56
CA VAL J 29 -9.84 39.91 -14.88
C VAL J 29 -9.42 38.73 -15.75
N GLU J 30 -8.13 38.58 -15.97
CA GLU J 30 -7.63 37.45 -16.75
C GLU J 30 -7.11 36.32 -15.87
N LYS J 31 -6.52 36.65 -14.73
CA LYS J 31 -6.03 35.69 -13.74
C LYS J 31 -6.48 36.17 -12.37
N GLY J 32 -7.16 35.31 -11.63
CA GLY J 32 -7.71 35.68 -10.33
C GLY J 32 -7.06 34.88 -9.21
N ALA J 33 -7.00 35.50 -8.03
CA ALA J 33 -6.40 34.85 -6.87
C ALA J 33 -7.14 35.35 -5.62
N TYR J 34 -7.91 34.45 -5.00
CA TYR J 34 -8.60 34.72 -3.74
C TYR J 34 -7.98 33.83 -2.68
N LEU J 35 -7.50 34.44 -1.59
CA LEU J 35 -6.70 33.69 -0.63
C LEU J 35 -6.94 34.22 0.78
N SER J 36 -6.78 33.32 1.74
CA SER J 36 -6.84 33.69 3.15
C SER J 36 -5.48 34.17 3.62
N VAL J 37 -5.50 35.20 4.47
CA VAL J 37 -4.30 35.71 5.11
C VAL J 37 -4.45 35.74 6.63
N THR J 38 -5.55 35.23 7.17
CA THR J 38 -5.74 35.19 8.61
C THR J 38 -4.61 34.40 9.26
N PRO J 39 -4.12 34.81 10.43
CA PRO J 39 -3.11 34.01 11.11
C PRO J 39 -3.64 32.63 11.49
N VAL J 40 -2.79 31.63 11.27
CA VAL J 40 -3.20 30.22 11.56
C VAL J 40 -3.04 29.93 13.05
N ARG J 41 -4.11 29.50 13.71
CA ARG J 41 -4.06 29.16 15.12
C ARG J 41 -3.55 27.74 15.35
N GLY J 42 -3.80 26.83 14.41
CA GLY J 42 -3.24 25.49 14.48
C GLY J 42 -3.90 24.61 15.52
N PHE J 43 -5.22 24.52 15.47
CA PHE J 43 -5.95 23.70 16.43
C PHE J 43 -5.49 22.25 16.35
N GLU J 44 -5.60 21.66 15.14
CA GLU J 44 -5.27 20.23 14.94
C GLU J 44 -3.92 19.88 15.58
N LYS J 45 -2.98 20.83 15.63
CA LYS J 45 -1.65 20.51 16.13
C LYS J 45 -1.57 20.55 17.65
N PHE J 46 -2.33 21.41 18.32
CA PHE J 46 -2.30 21.41 19.78
C PHE J 46 -3.32 20.43 20.38
N LEU J 47 -4.09 19.73 19.55
CA LEU J 47 -4.94 18.65 20.05
C LEU J 47 -4.16 17.37 20.28
N VAL J 48 -2.95 17.26 19.73
CA VAL J 48 -2.16 16.04 19.89
C VAL J 48 -1.77 15.90 21.36
N GLY J 49 -2.02 14.71 21.91
CA GLY J 49 -1.77 14.44 23.31
C GLY J 49 -2.94 14.69 24.24
N LYS J 50 -3.88 15.53 23.78
CA LYS J 50 -5.06 15.87 24.62
C LYS J 50 -6.07 14.72 24.54
N PRO J 51 -6.91 14.51 25.57
CA PRO J 51 -7.93 13.46 25.54
C PRO J 51 -8.96 13.72 24.43
N ALA J 52 -9.59 12.62 24.00
CA ALA J 52 -10.52 12.71 22.87
C ALA J 52 -11.69 13.63 23.17
N GLU J 53 -12.15 13.64 24.42
CA GLU J 53 -13.31 14.46 24.78
C GLU J 53 -13.05 15.94 24.58
N PHE J 54 -11.79 16.37 24.59
CA PHE J 54 -11.47 17.79 24.41
C PHE J 54 -11.64 18.24 22.97
N ALA J 55 -11.57 17.32 22.00
CA ALA J 55 -11.60 17.71 20.59
C ALA J 55 -12.86 18.49 20.21
N PRO J 56 -14.07 17.99 20.45
CA PRO J 56 -15.26 18.78 20.06
C PRO J 56 -15.34 20.11 20.78
N ILE J 57 -14.84 20.19 22.01
CA ILE J 57 -14.79 21.46 22.72
C ILE J 57 -13.90 22.45 21.97
N ALA J 58 -12.74 21.98 21.53
CA ALA J 58 -11.75 22.88 20.94
C ALA J 58 -12.09 23.27 19.51
N VAL J 59 -12.38 22.29 18.66
CA VAL J 59 -12.64 22.59 17.25
C VAL J 59 -13.91 23.42 17.08
N SER J 60 -14.79 23.43 18.08
CA SER J 60 -15.95 24.30 18.03
C SER J 60 -15.53 25.76 17.90
N ARG J 61 -14.38 26.11 18.46
CA ARG J 61 -13.86 27.47 18.43
C ARG J 61 -13.18 27.82 17.11
N PHE J 62 -13.19 26.91 16.13
CA PHE J 62 -12.83 27.31 14.77
C PHE J 62 -13.57 28.57 14.37
N CYS J 63 -14.88 28.58 14.61
CA CYS J 63 -15.78 29.58 14.07
C CYS J 63 -17.06 29.61 14.89
N GLY J 64 -17.55 30.81 15.18
CA GLY J 64 -18.75 31.00 15.95
C GLY J 64 -20.04 31.09 15.17
N ILE J 65 -19.94 31.13 13.83
CA ILE J 65 -21.13 31.09 12.99
C ILE J 65 -21.64 29.67 12.84
N CYS J 66 -20.74 28.68 12.79
CA CYS J 66 -21.14 27.31 12.55
C CYS J 66 -20.40 26.33 13.47
N PRO J 67 -20.24 26.64 14.74
CA PRO J 67 -19.45 25.75 15.60
C PRO J 67 -20.00 24.33 15.64
N VAL J 68 -21.30 24.15 15.43
CA VAL J 68 -21.89 22.82 15.48
C VAL J 68 -21.30 21.92 14.41
N ALA J 69 -20.91 22.49 13.27
CA ALA J 69 -20.39 21.67 12.18
C ALA J 69 -19.08 20.97 12.56
N HIS J 70 -18.25 21.61 13.38
CA HIS J 70 -16.96 21.05 13.74
C HIS J 70 -17.05 20.10 14.91
N ALA J 71 -17.90 20.40 15.89
CA ALA J 71 -18.12 19.45 16.97
C ALA J 71 -18.71 18.15 16.43
N THR J 72 -19.60 18.25 15.44
CA THR J 72 -20.21 17.06 14.86
C THR J 72 -19.17 16.22 14.12
N SER J 73 -18.43 16.85 13.19
CA SER J 73 -17.41 16.10 12.46
C SER J 73 -16.36 15.53 13.40
N ALA J 74 -16.04 16.25 14.48
CA ALA J 74 -15.03 15.77 15.42
C ALA J 74 -15.48 14.48 16.09
N VAL J 75 -16.72 14.45 16.59
CA VAL J 75 -17.19 13.27 17.32
C VAL J 75 -17.47 12.14 16.34
N GLU J 76 -17.79 12.45 15.09
CA GLU J 76 -17.98 11.40 14.09
C GLU J 76 -16.66 10.74 13.73
N ALA J 77 -15.58 11.53 13.65
CA ALA J 77 -14.27 10.97 13.36
C ALA J 77 -13.78 10.13 14.53
N ILE J 78 -13.92 10.62 15.75
CA ILE J 78 -13.45 9.88 16.93
C ILE J 78 -14.25 8.61 17.10
N GLU J 79 -15.57 8.68 16.92
CA GLU J 79 -16.40 7.48 16.98
C GLU J 79 -15.96 6.46 15.95
N ASP J 80 -15.67 6.91 14.73
CA ASP J 80 -15.25 5.98 13.69
C ASP J 80 -13.91 5.33 14.05
N ALA J 81 -12.99 6.11 14.63
CA ALA J 81 -11.70 5.56 15.03
C ALA J 81 -11.82 4.57 16.18
N CYS J 82 -12.86 4.72 17.01
CA CYS J 82 -13.06 3.85 18.17
C CYS J 82 -14.19 2.84 17.97
N ASP J 83 -14.82 2.83 16.79
CA ASP J 83 -15.93 1.91 16.51
C ASP J 83 -17.05 2.08 17.53
N ILE J 84 -17.39 3.34 17.82
CA ILE J 84 -18.51 3.67 18.69
C ILE J 84 -19.73 3.97 17.83
N THR J 85 -20.89 3.49 18.27
CA THR J 85 -22.14 3.70 17.56
C THR J 85 -23.12 4.45 18.45
N PRO J 86 -23.46 5.70 18.14
CA PRO J 86 -24.39 6.44 19.00
C PRO J 86 -25.81 5.89 18.83
N PRO J 87 -26.65 6.01 19.86
CA PRO J 87 -27.99 5.44 19.78
C PRO J 87 -28.88 6.17 18.77
N LYS J 88 -30.00 5.51 18.48
CA LYS J 88 -30.96 6.05 17.51
C LYS J 88 -31.31 7.50 17.81
N ASP J 89 -31.72 7.78 19.05
CA ASP J 89 -32.23 9.11 19.38
C ASP J 89 -31.11 10.12 19.60
N GLY J 90 -29.94 9.68 20.06
CA GLY J 90 -28.81 10.59 20.10
C GLY J 90 -28.44 11.09 18.72
N LEU J 91 -28.48 10.21 17.72
CA LEU J 91 -28.10 10.63 16.35
C LEU J 91 -29.17 11.57 15.79
N LEU J 92 -30.44 11.35 16.15
CA LEU J 92 -31.48 12.25 15.71
C LEU J 92 -31.27 13.65 16.30
N LEU J 93 -31.02 13.72 17.61
CA LEU J 93 -30.78 15.01 18.24
C LEU J 93 -29.57 15.71 17.63
N ARG J 94 -28.55 14.93 17.28
CA ARG J 94 -27.31 15.54 16.73
C ARG J 94 -27.61 16.21 15.39
N GLU J 95 -28.34 15.52 14.51
CA GLU J 95 -28.68 16.11 13.21
C GLU J 95 -29.60 17.31 13.38
N LEU J 96 -30.55 17.22 14.32
CA LEU J 96 -31.40 18.36 14.61
C LEU J 96 -30.59 19.57 15.05
N CYS J 97 -29.51 19.33 15.81
CA CYS J 97 -28.66 20.43 16.26
C CYS J 97 -27.95 21.09 15.09
N GLY J 98 -27.40 20.28 14.18
CA GLY J 98 -26.72 20.84 13.02
C GLY J 98 -27.66 21.57 12.08
N ILE J 99 -28.92 21.12 12.01
CA ILE J 99 -29.90 21.81 11.18
C ILE J 99 -30.22 23.17 11.77
N GLY J 100 -30.52 23.21 13.07
CA GLY J 100 -30.78 24.48 13.73
C GLY J 100 -29.69 25.51 13.46
N ASN J 101 -28.44 25.07 13.46
CA ASN J 101 -27.34 25.99 13.17
C ASN J 101 -27.40 26.50 11.74
N LYS J 102 -27.69 25.63 10.78
CA LYS J 102 -27.83 26.07 9.39
C LYS J 102 -29.08 26.92 9.20
N MET J 103 -30.06 26.78 10.07
CA MET J 103 -31.27 27.61 9.99
C MET J 103 -30.96 29.04 10.40
N HIS J 104 -29.84 29.25 11.06
CA HIS J 104 -29.41 30.58 11.46
C HIS J 104 -28.32 31.14 10.56
N SER J 105 -27.51 30.29 9.94
CA SER J 105 -26.43 30.77 9.07
C SER J 105 -26.95 31.28 7.74
N HIS J 106 -27.83 30.52 7.09
CA HIS J 106 -28.32 30.94 5.78
C HIS J 106 -29.06 32.27 5.84
N PRO J 107 -30.04 32.47 6.73
CA PRO J 107 -30.61 33.82 6.86
C PRO J 107 -29.59 34.87 7.24
N LEU J 108 -28.60 34.51 8.05
CA LEU J 108 -27.53 35.45 8.37
C LEU J 108 -26.78 35.88 7.12
N HIS J 109 -26.51 34.93 6.22
CA HIS J 109 -25.77 35.27 5.02
C HIS J 109 -26.57 36.18 4.11
N GLN J 110 -27.88 35.94 4.01
CA GLN J 110 -28.74 36.82 3.23
C GLN J 110 -28.80 38.21 3.83
N PHE J 111 -28.54 38.34 5.14
CA PHE J 111 -28.43 39.65 5.75
C PHE J 111 -27.10 40.31 5.40
N LEU J 112 -26.04 39.53 5.27
CA LEU J 112 -24.74 40.11 4.93
C LEU J 112 -24.73 40.60 3.48
N ILE J 113 -25.39 39.88 2.57
CA ILE J 113 -25.42 40.32 1.18
C ILE J 113 -26.52 41.34 0.92
N SER J 114 -27.36 41.62 1.91
CA SER J 114 -28.54 42.44 1.64
C SER J 114 -28.20 43.86 1.19
N PRO J 115 -27.06 44.46 1.56
CA PRO J 115 -26.72 45.77 0.98
C PRO J 115 -26.68 45.77 -0.54
N ASP J 116 -26.37 44.64 -1.17
CA ASP J 116 -26.26 44.62 -2.63
C ASP J 116 -27.62 44.47 -3.29
N TYR J 117 -28.49 43.60 -2.76
CA TYR J 117 -29.67 43.15 -3.48
C TYR J 117 -30.98 43.65 -2.91
N VAL J 118 -31.06 43.96 -1.63
CA VAL J 118 -32.30 44.37 -0.98
C VAL J 118 -32.40 45.88 -1.05
N PRO J 119 -33.48 46.45 -1.61
CA PRO J 119 -33.61 47.91 -1.64
C PRO J 119 -33.62 48.51 -0.24
N LYS J 120 -33.36 49.81 -0.20
CA LYS J 120 -33.23 50.51 1.07
C LYS J 120 -34.55 50.53 1.84
N ASP J 121 -35.66 50.76 1.13
CA ASP J 121 -36.96 50.82 1.77
C ASP J 121 -37.41 49.46 2.30
N ASP J 122 -36.90 48.37 1.74
CA ASP J 122 -37.23 47.03 2.21
C ASP J 122 -36.30 46.53 3.30
N SER J 123 -35.24 47.30 3.60
CA SER J 123 -34.18 46.82 4.53
C SER J 123 -34.71 46.43 5.91
N ASN J 124 -35.42 47.32 6.59
CA ASN J 124 -35.82 47.06 7.97
C ASN J 124 -36.74 45.84 8.05
N GLU J 125 -37.73 45.76 7.17
CA GLU J 125 -38.60 44.59 7.13
C GLU J 125 -37.80 43.33 6.80
N PHE J 126 -36.81 43.45 5.92
CA PHE J 126 -36.00 42.30 5.53
C PHE J 126 -35.15 41.79 6.69
N ILE J 127 -34.61 42.72 7.48
CA ILE J 127 -33.75 42.34 8.59
C ILE J 127 -34.58 41.78 9.74
N LYS J 128 -35.76 42.37 9.99
CA LYS J 128 -36.64 41.82 11.01
C LYS J 128 -36.97 40.36 10.72
N ARG J 129 -37.24 40.05 9.45
CA ARG J 129 -37.56 38.68 9.08
C ARG J 129 -36.35 37.76 9.28
N VAL J 130 -35.16 38.21 8.87
CA VAL J 130 -33.96 37.39 9.07
C VAL J 130 -33.77 37.09 10.55
N GLN J 131 -33.81 38.13 11.39
CA GLN J 131 -33.59 37.94 12.82
C GLN J 131 -34.65 37.05 13.45
N ALA J 132 -35.90 37.13 12.96
CA ALA J 132 -36.94 36.25 13.47
C ALA J 132 -36.62 34.80 13.15
N MET J 133 -36.01 34.55 12.00
CA MET J 133 -35.63 33.18 11.64
C MET J 133 -34.42 32.72 12.44
N ARG J 134 -33.40 33.58 12.55
CA ARG J 134 -32.22 33.21 13.33
C ARG J 134 -32.56 32.95 14.78
N ARG J 135 -33.59 33.62 15.30
CA ARG J 135 -33.99 33.41 16.71
C ARG J 135 -34.44 31.96 16.89
N ILE J 136 -35.23 31.44 15.95
CA ILE J 136 -35.72 30.07 16.04
C ILE J 136 -34.59 29.07 15.85
N GLY J 137 -33.69 29.32 14.90
CA GLY J 137 -32.57 28.43 14.70
C GLY J 137 -31.66 28.36 15.91
N GLN J 138 -31.33 29.51 16.49
CA GLN J 138 -30.50 29.55 17.69
C GLN J 138 -31.21 28.91 18.88
N TYR J 139 -32.55 28.97 18.92
CA TYR J 139 -33.28 28.31 19.98
C TYR J 139 -33.07 26.80 19.93
N ILE J 140 -32.98 26.26 18.72
CA ILE J 140 -32.83 24.81 18.58
C ILE J 140 -31.44 24.37 19.00
N VAL J 141 -30.41 25.14 18.61
CA VAL J 141 -29.06 24.80 19.00
C VAL J 141 -28.90 24.94 20.51
N ASP J 142 -29.57 25.91 21.11
CA ASP J 142 -29.43 26.14 22.54
C ASP J 142 -30.10 25.03 23.34
N ALA J 143 -31.25 24.55 22.88
CA ALA J 143 -32.00 23.55 23.65
C ALA J 143 -31.41 22.16 23.48
N VAL J 144 -30.92 21.82 22.29
CA VAL J 144 -30.37 20.49 22.02
C VAL J 144 -28.89 20.44 22.35
N GLY J 145 -28.13 21.45 21.92
CA GLY J 145 -26.70 21.49 22.13
C GLY J 145 -26.25 22.01 23.47
N GLY J 146 -27.13 22.65 24.23
CA GLY J 146 -26.80 23.20 25.52
C GLY J 146 -26.29 24.63 25.50
N GLU J 147 -25.81 25.11 24.36
CA GLU J 147 -25.43 26.50 24.17
C GLU J 147 -25.66 26.86 22.71
N ALA J 148 -26.04 28.11 22.46
CA ALA J 148 -26.29 28.53 21.09
C ALA J 148 -25.01 28.64 20.28
N ILE J 149 -23.97 29.18 20.92
CA ILE J 149 -22.64 29.30 20.26
C ILE J 149 -21.69 28.38 21.02
N HIS J 150 -21.19 27.32 20.36
CA HIS J 150 -20.30 26.31 20.94
C HIS J 150 -21.11 25.41 21.87
N SER J 151 -21.53 24.25 21.36
CA SER J 151 -22.49 23.41 22.05
C SER J 151 -21.79 22.30 22.82
N PRO J 152 -21.84 22.28 24.15
CA PRO J 152 -21.12 21.24 24.89
C PRO J 152 -21.78 19.86 24.87
N ASN J 153 -23.05 19.76 24.49
CA ASN J 153 -23.74 18.47 24.49
C ASN J 153 -23.30 17.56 23.35
N ILE J 154 -22.72 18.12 22.29
CA ILE J 154 -22.19 17.31 21.19
C ILE J 154 -20.95 16.60 21.71
N LYS J 155 -21.06 15.31 21.99
CA LYS J 155 -19.97 14.56 22.60
C LYS J 155 -19.75 13.25 21.85
N VAL J 156 -18.54 12.71 22.03
CA VAL J 156 -18.19 11.40 21.50
C VAL J 156 -19.12 10.38 22.17
N GLY J 157 -19.99 9.78 21.37
CA GLY J 157 -20.97 8.83 21.85
C GLY J 157 -22.41 9.18 21.54
N GLY J 158 -22.68 10.41 21.10
CA GLY J 158 -24.05 10.83 20.83
C GLY J 158 -24.30 12.27 21.23
N MET J 159 -25.37 12.49 22.01
CA MET J 159 -25.68 13.80 22.56
C MET J 159 -25.85 13.65 24.07
N ALA J 160 -25.38 14.66 24.80
CA ALA J 160 -25.26 14.52 26.26
C ALA J 160 -26.62 14.51 26.94
N LYS J 161 -27.52 15.41 26.51
CA LYS J 161 -28.78 15.56 27.27
C LYS J 161 -30.01 15.22 26.42
N GLN J 162 -31.12 14.92 27.10
CA GLN J 162 -32.40 14.60 26.42
C GLN J 162 -33.31 15.82 26.50
N ILE J 163 -34.16 16.01 25.49
CA ILE J 163 -35.15 17.13 25.56
C ILE J 163 -36.46 16.57 26.15
N THR J 164 -37.30 17.44 26.69
CA THR J 164 -38.59 17.00 27.23
C THR J 164 -39.64 16.99 26.12
N GLU J 165 -40.76 16.32 26.41
CA GLU J 165 -41.87 16.34 25.45
C GLU J 165 -42.38 17.76 25.24
N SER J 166 -42.23 18.62 26.24
CA SER J 166 -42.65 20.00 26.09
C SER J 166 -41.69 20.77 25.18
N THR J 167 -40.38 20.64 25.42
CA THR J 167 -39.42 21.29 24.53
C THR J 167 -39.60 20.82 23.09
N LYS J 168 -39.94 19.54 22.91
CA LYS J 168 -40.14 19.00 21.56
C LYS J 168 -41.32 19.66 20.87
N ALA J 169 -42.45 19.77 21.58
CA ALA J 169 -43.63 20.41 20.98
C ALA J 169 -43.35 21.89 20.70
N LYS J 170 -42.69 22.57 21.63
CA LYS J 170 -42.38 23.99 21.42
C LYS J 170 -41.49 24.17 20.20
N MET J 171 -40.56 23.26 20.02
CA MET J 171 -39.68 23.33 18.85
C MET J 171 -40.47 23.12 17.57
N TYR J 172 -41.39 22.16 17.57
CA TYR J 172 -42.14 21.86 16.36
C TYR J 172 -42.92 23.07 15.88
N TYR J 173 -43.67 23.71 16.78
CA TYR J 173 -44.45 24.88 16.39
C TYR J 173 -43.58 26.08 16.09
N LYS J 174 -42.34 26.07 16.60
CA LYS J 174 -41.39 27.15 16.26
C LYS J 174 -40.92 26.89 14.82
N CYS J 175 -40.79 25.62 14.43
CA CYS J 175 -40.38 25.30 13.07
C CYS J 175 -41.49 25.64 12.08
N LYS J 176 -42.74 25.45 12.47
CA LYS J 176 -43.85 25.86 11.61
C LYS J 176 -43.80 27.36 11.34
N GLU J 177 -43.46 28.15 12.37
CA GLU J 177 -43.28 29.59 12.16
C GLU J 177 -42.11 29.86 11.23
N TYR J 178 -40.98 29.19 11.47
CA TYR J 178 -39.83 29.36 10.60
C TYR J 178 -40.16 29.02 9.16
N GLU J 179 -41.00 28.01 8.96
CA GLU J 179 -41.36 27.60 7.59
C GLU J 179 -42.16 28.70 6.90
N LYS J 180 -43.05 29.38 7.62
CA LYS J 180 -43.79 30.49 7.04
C LYS J 180 -42.89 31.67 6.73
N LEU J 181 -41.96 31.98 7.63
CA LEU J 181 -40.99 33.04 7.35
C LEU J 181 -40.15 32.70 6.13
N ALA J 182 -39.83 31.42 5.95
CA ALA J 182 -38.99 31.01 4.84
C ALA J 182 -39.71 31.20 3.52
N LYS J 183 -40.97 30.75 3.43
CA LYS J 183 -41.74 30.97 2.20
C LYS J 183 -41.87 32.45 1.89
N GLU J 184 -41.98 33.28 2.93
CA GLU J 184 -42.04 34.73 2.73
C GLU J 184 -40.71 35.26 2.21
N GLN J 185 -39.60 34.73 2.73
CA GLN J 185 -38.27 35.20 2.32
C GLN J 185 -37.93 34.74 0.91
N LEU J 186 -38.24 33.47 0.63
CA LEU J 186 -37.98 32.89 -0.72
C LEU J 186 -38.75 33.73 -1.75
N GLU J 187 -40.06 33.88 -1.54
CA GLU J 187 -40.88 34.69 -2.45
C GLU J 187 -40.22 36.01 -2.80
N TYR J 188 -39.46 36.58 -1.86
CA TYR J 188 -38.89 37.91 -2.01
C TYR J 188 -37.54 37.90 -2.71
N LEU J 189 -36.67 36.94 -2.38
CA LEU J 189 -35.30 36.96 -2.87
C LEU J 189 -35.14 36.28 -4.23
N ILE J 190 -35.82 35.15 -4.46
CA ILE J 190 -35.62 34.44 -5.72
C ILE J 190 -35.82 35.34 -6.93
N PRO J 191 -36.87 36.17 -6.99
CA PRO J 191 -37.00 37.07 -8.15
C PRO J 191 -35.83 38.01 -8.31
N ILE J 192 -35.21 38.45 -7.22
CA ILE J 192 -34.07 39.37 -7.32
C ILE J 192 -32.85 38.65 -7.88
N PHE J 193 -32.57 37.45 -7.37
CA PHE J 193 -31.44 36.69 -7.89
C PHE J 193 -31.65 36.30 -9.35
N GLU J 194 -32.91 36.09 -9.74
CA GLU J 194 -33.22 35.75 -11.14
C GLU J 194 -33.08 37.02 -12.01
N SER J 195 -33.31 38.18 -11.40
CA SER J 195 -33.21 39.47 -12.14
C SER J 195 -31.76 39.73 -12.57
N ARG J 196 -30.80 39.25 -11.77
CA ARG J 196 -29.35 39.48 -12.07
C ARG J 196 -29.07 40.98 -11.99
N THR J 197 -29.86 41.71 -11.20
CA THR J 197 -29.67 43.19 -11.11
C THR J 197 -29.56 43.58 -9.65
N LEU J 198 -28.49 44.29 -9.31
CA LEU J 198 -28.34 44.79 -7.95
C LEU J 198 -29.34 45.92 -7.69
N ASN J 199 -29.41 46.33 -6.42
CA ASN J 199 -30.40 47.33 -6.00
C ASN J 199 -30.08 48.74 -6.49
N ASP J 200 -28.90 48.96 -7.06
CA ASP J 200 -28.56 50.24 -7.66
C ASP J 200 -28.79 50.27 -9.17
N GLY J 201 -29.26 49.15 -9.75
CA GLY J 201 -29.56 49.09 -11.17
C GLY J 201 -28.55 48.36 -12.01
N THR J 202 -27.40 47.98 -11.44
CA THR J 202 -26.34 47.36 -12.22
C THR J 202 -26.73 45.94 -12.61
N GLU J 203 -26.81 45.66 -13.91
CA GLU J 203 -27.10 44.31 -14.38
C GLU J 203 -25.79 43.52 -14.49
N LEU J 204 -25.71 42.44 -13.74
CA LEU J 204 -24.53 41.59 -13.70
C LEU J 204 -24.47 40.72 -14.95
N PRO J 205 -23.27 40.34 -15.38
CA PRO J 205 -23.16 39.49 -16.58
C PRO J 205 -23.85 38.15 -16.37
N GLU J 206 -24.25 37.54 -17.49
CA GLU J 206 -24.98 36.27 -17.42
C GLU J 206 -24.08 35.15 -16.92
N LYS J 207 -22.85 35.08 -17.42
CA LYS J 207 -21.90 34.05 -17.05
C LYS J 207 -21.05 34.44 -15.85
N LEU J 208 -21.58 35.27 -14.96
CA LEU J 208 -20.84 35.72 -13.79
C LEU J 208 -20.63 34.55 -12.84
N GLY J 209 -19.38 34.21 -12.58
CA GLY J 209 -19.06 33.17 -11.63
C GLY J 209 -18.94 31.78 -12.19
N TYR J 210 -18.94 31.62 -13.52
CA TYR J 210 -18.82 30.31 -14.11
C TYR J 210 -17.44 29.72 -13.84
N HIS J 211 -17.41 28.42 -13.55
CA HIS J 211 -16.16 27.68 -13.38
C HIS J 211 -16.39 26.25 -13.85
N ASP J 212 -15.29 25.55 -14.12
CA ASP J 212 -15.37 24.21 -14.68
C ASP J 212 -14.98 23.15 -13.65
N PHE J 213 -15.53 23.24 -12.43
CA PHE J 213 -15.19 22.30 -11.37
C PHE J 213 -16.44 21.59 -10.86
N GLY J 214 -16.24 20.38 -10.34
CA GLY J 214 -17.34 19.56 -9.86
C GLY J 214 -17.74 19.88 -8.44
N TYR J 215 -18.51 18.97 -7.85
CA TYR J 215 -19.09 19.18 -6.53
C TYR J 215 -18.85 17.96 -5.63
N ILE J 216 -18.83 18.23 -4.32
CA ILE J 216 -18.75 17.20 -3.29
C ILE J 216 -19.88 17.43 -2.30
N ALA J 217 -20.66 16.39 -2.04
CA ALA J 217 -21.70 16.43 -1.01
C ALA J 217 -22.07 14.99 -0.69
N THR J 218 -22.22 14.70 0.61
CA THR J 218 -22.52 13.36 1.07
C THR J 218 -23.95 13.17 1.55
N HIS J 219 -24.69 14.26 1.79
CA HIS J 219 -26.03 14.17 2.37
C HIS J 219 -26.75 15.50 2.19
N PRO J 220 -28.08 15.49 2.06
CA PRO J 220 -28.78 16.78 1.94
C PRO J 220 -28.83 17.58 3.23
N THR J 221 -28.80 16.92 4.39
CA THR J 221 -28.97 17.61 5.66
C THR J 221 -28.01 17.21 6.77
N TYR J 222 -27.28 16.09 6.65
CA TYR J 222 -26.43 15.66 7.74
C TYR J 222 -25.03 15.30 7.26
N GLY J 223 -24.79 14.04 6.89
CA GLY J 223 -23.49 13.62 6.42
C GLY J 223 -23.39 12.12 6.31
N ASP J 224 -22.57 11.62 5.38
CA ASP J 224 -22.44 10.18 5.17
C ASP J 224 -21.01 9.88 4.73
N ARG J 225 -20.22 9.32 5.65
CA ARG J 225 -18.81 9.05 5.35
C ARG J 225 -18.64 8.03 4.23
N THR J 226 -19.66 7.23 3.94
CA THR J 226 -19.52 6.19 2.92
C THR J 226 -19.73 6.73 1.51
N LYS J 227 -20.15 7.98 1.36
CA LYS J 227 -20.34 8.59 0.04
C LYS J 227 -19.08 9.32 -0.42
N ILE J 228 -17.93 9.04 0.17
CA ILE J 228 -16.67 9.66 -0.21
C ILE J 228 -15.55 8.70 0.15
N ASP J 229 -14.51 8.66 -0.68
CA ASP J 229 -13.31 7.86 -0.44
C ASP J 229 -12.19 8.83 -0.08
N GLN J 230 -11.91 8.95 1.21
CA GLN J 230 -10.90 9.90 1.65
C GLN J 230 -9.55 9.66 0.98
N ASP J 231 -9.23 8.40 0.70
CA ASP J 231 -7.95 8.13 0.09
C ASP J 231 -7.72 8.99 -1.14
N LYS J 232 -8.81 9.44 -1.78
CA LYS J 232 -8.72 10.26 -2.97
C LYS J 232 -8.73 11.75 -2.67
N VAL J 233 -8.89 12.14 -1.40
CA VAL J 233 -8.75 13.53 -1.00
C VAL J 233 -7.27 13.80 -0.73
N VAL J 234 -6.73 14.80 -1.42
CA VAL J 234 -5.30 15.15 -1.33
C VAL J 234 -5.20 16.65 -1.15
N GLU J 235 -4.45 17.08 -0.14
CA GLU J 235 -4.22 18.50 0.12
C GLU J 235 -2.87 18.90 -0.48
N TYR J 236 -2.92 19.84 -1.42
CA TYR J 236 -1.71 20.36 -2.05
C TYR J 236 -1.35 21.71 -1.42
N THR J 237 -0.23 22.27 -1.86
CA THR J 237 0.26 23.53 -1.32
C THR J 237 -0.25 24.71 -2.12
N PRO J 238 -0.23 25.91 -1.56
CA PRO J 238 -0.66 27.08 -2.33
C PRO J 238 0.14 27.30 -3.60
N PHE J 239 1.36 26.74 -3.69
CA PHE J 239 2.15 26.92 -4.90
C PHE J 239 1.54 26.21 -6.10
N ASP J 240 0.58 25.29 -5.87
CA ASP J 240 -0.05 24.56 -6.96
C ASP J 240 -1.14 25.35 -7.66
N VAL J 241 -1.61 26.45 -7.07
CA VAL J 241 -2.70 27.23 -7.64
C VAL J 241 -2.40 28.71 -7.76
N TYR J 242 -1.40 29.24 -7.06
CA TYR J 242 -1.04 30.65 -7.16
C TYR J 242 0.36 30.80 -7.72
N ASP J 243 0.71 32.03 -8.07
CA ASP J 243 2.10 32.35 -8.38
C ASP J 243 2.89 32.44 -7.07
N LYS J 244 4.23 32.40 -7.21
CA LYS J 244 5.08 32.25 -6.02
C LYS J 244 4.90 33.40 -5.04
N ASP J 245 4.87 34.63 -5.55
CA ASP J 245 4.79 35.81 -4.69
C ASP J 245 3.45 35.91 -3.96
N VAL J 246 2.42 35.25 -4.47
CA VAL J 246 1.10 35.27 -3.77
C VAL J 246 0.93 33.98 -2.95
N ALA J 247 1.57 32.91 -3.40
CA ALA J 247 1.38 31.62 -2.75
C ALA J 247 1.94 31.62 -1.34
N ILE J 248 3.01 32.41 -1.10
CA ILE J 248 3.61 32.50 0.23
C ILE J 248 2.76 33.33 1.16
N GLN J 249 1.63 33.84 0.68
CA GLN J 249 0.70 34.59 1.51
C GLN J 249 -0.50 33.76 1.94
N SER J 250 -0.79 32.65 1.26
CA SER J 250 -1.97 31.87 1.58
C SER J 250 -1.81 31.17 2.92
N SER J 251 -2.88 31.16 3.70
CA SER J 251 -2.88 30.52 5.01
C SER J 251 -3.49 29.13 4.99
N THR J 252 -4.13 28.74 3.89
CA THR J 252 -4.83 27.47 3.79
C THR J 252 -4.08 26.53 2.86
N THR J 253 -4.55 25.28 2.83
CA THR J 253 -4.08 24.28 1.89
C THR J 253 -5.04 24.22 0.71
N VAL J 254 -4.72 23.38 -0.27
CA VAL J 254 -5.50 23.29 -1.50
C VAL J 254 -6.08 21.89 -1.63
N PRO J 255 -7.31 21.62 -1.11
CA PRO J 255 -7.89 20.29 -1.14
C PRO J 255 -8.40 19.91 -2.52
N THR J 256 -8.19 18.66 -2.90
CA THR J 256 -8.67 18.14 -4.17
C THR J 256 -9.37 16.81 -3.93
N TYR J 257 -10.16 16.40 -4.93
CA TYR J 257 -10.76 15.08 -4.96
C TYR J 257 -10.53 14.50 -6.35
N ASN J 258 -10.00 13.27 -6.39
CA ASN J 258 -9.62 12.60 -7.63
C ASN J 258 -8.68 13.47 -8.47
N GLY J 259 -7.98 14.40 -7.83
CA GLY J 259 -7.00 15.21 -8.52
C GLY J 259 -7.53 16.51 -9.08
N ARG J 260 -8.65 17.02 -8.59
CA ARG J 260 -9.21 18.27 -9.09
C ARG J 260 -9.84 19.05 -7.95
N LEU J 261 -9.88 20.37 -8.12
CA LEU J 261 -10.60 21.22 -7.20
C LEU J 261 -12.09 20.92 -7.28
N MET J 262 -12.78 21.09 -6.14
CA MET J 262 -14.23 20.79 -6.10
C MET J 262 -14.97 21.80 -5.21
N GLU J 263 -16.08 22.34 -5.69
CA GLU J 263 -16.92 23.26 -4.93
C GLU J 263 -17.77 22.47 -3.95
N VAL J 264 -17.99 23.09 -2.79
CA VAL J 264 -18.85 22.49 -1.74
C VAL J 264 -19.87 23.57 -1.33
N GLY J 265 -20.95 23.19 -0.68
CA GLY J 265 -21.98 24.11 -0.23
C GLY J 265 -23.36 23.78 -0.74
N PRO J 266 -24.29 24.74 -0.61
CA PRO J 266 -25.69 24.45 -0.99
C PRO J 266 -25.88 24.03 -2.43
N ARG J 267 -25.15 24.64 -3.37
CA ARG J 267 -25.30 24.24 -4.77
C ARG J 267 -24.75 22.84 -5.01
N ALA J 268 -23.70 22.47 -4.29
CA ALA J 268 -23.17 21.11 -4.41
C ALA J 268 -24.20 20.09 -3.96
N ARG J 269 -24.87 20.34 -2.83
CA ARG J 269 -25.89 19.42 -2.35
C ARG J 269 -27.05 19.32 -3.33
N PHE J 270 -27.57 20.48 -3.77
CA PHE J 270 -28.68 20.47 -4.70
C PHE J 270 -28.30 19.81 -6.02
N SER J 271 -27.03 19.86 -6.40
CA SER J 271 -26.59 19.16 -7.60
C SER J 271 -26.63 17.65 -7.40
N LYS J 272 -26.26 17.17 -6.21
CA LYS J 272 -26.16 15.75 -5.95
C LYS J 272 -27.48 15.09 -5.58
N PHE J 273 -28.46 15.85 -5.11
CA PHE J 273 -29.67 15.24 -4.59
C PHE J 273 -30.94 15.77 -5.23
N PHE J 274 -30.90 16.99 -5.75
CA PHE J 274 -32.06 17.62 -6.36
C PHE J 274 -31.82 17.98 -7.82
N ASP J 275 -30.71 17.51 -8.42
CA ASP J 275 -30.46 17.63 -9.86
C ASP J 275 -30.34 19.09 -10.31
N PHE J 276 -29.93 19.97 -9.39
CA PHE J 276 -29.75 21.39 -9.67
C PHE J 276 -28.38 21.59 -10.32
N LYS J 277 -28.36 21.93 -11.60
CA LYS J 277 -27.11 22.00 -12.36
C LYS J 277 -26.86 23.38 -12.95
N GLU J 278 -27.34 24.43 -12.29
CA GLU J 278 -27.14 25.78 -12.78
C GLU J 278 -25.79 26.32 -12.33
N LYS J 279 -25.03 26.86 -13.28
CA LYS J 279 -23.73 27.46 -13.01
C LYS J 279 -23.88 28.96 -12.73
N GLY J 280 -22.85 29.52 -12.12
CA GLY J 280 -22.78 30.95 -11.89
C GLY J 280 -22.99 31.31 -10.43
N ALA J 281 -22.81 32.60 -10.15
CA ALA J 281 -22.89 33.10 -8.78
C ALA J 281 -24.33 33.16 -8.29
N MET J 282 -25.22 33.73 -9.11
CA MET J 282 -26.63 33.88 -8.72
C MET J 282 -27.20 32.50 -8.35
N ALA J 283 -26.90 31.48 -9.16
CA ALA J 283 -27.44 30.15 -8.91
C ALA J 283 -27.03 29.62 -7.55
N LEU J 284 -25.86 30.04 -7.06
CA LEU J 284 -25.43 29.62 -5.70
C LEU J 284 -26.40 30.24 -4.69
N HIS J 285 -26.62 31.56 -4.78
CA HIS J 285 -27.57 32.20 -3.89
C HIS J 285 -28.93 31.51 -3.94
N ILE J 286 -29.37 31.13 -5.13
CA ILE J 286 -30.69 30.51 -5.29
C ILE J 286 -30.73 29.17 -4.59
N ALA J 287 -29.68 28.37 -4.70
CA ALA J 287 -29.67 27.07 -4.05
C ALA J 287 -29.69 27.23 -2.53
N ARG J 288 -28.95 28.21 -2.00
CA ARG J 288 -28.94 28.43 -0.55
C ARG J 288 -30.33 28.84 -0.06
N ALA J 289 -31.03 29.68 -0.82
CA ALA J 289 -32.39 30.07 -0.43
C ALA J 289 -33.33 28.88 -0.49
N TYR J 290 -33.26 28.10 -1.58
CA TYR J 290 -34.11 26.93 -1.69
C TYR J 290 -33.84 25.94 -0.56
N GLU J 291 -32.62 25.94 -0.02
CA GLU J 291 -32.27 24.94 0.99
C GLU J 291 -32.93 25.24 2.33
N ILE J 292 -33.23 26.52 2.61
CA ILE J 292 -33.85 26.86 3.88
C ILE J 292 -35.11 26.02 4.10
N SER J 293 -35.86 25.77 3.02
CA SER J 293 -37.08 24.97 3.15
C SER J 293 -36.76 23.51 3.46
N VAL J 294 -35.73 22.96 2.82
CA VAL J 294 -35.36 21.57 3.08
C VAL J 294 -34.99 21.40 4.55
N LEU J 295 -34.30 22.38 5.12
CA LEU J 295 -33.79 22.24 6.49
C LEU J 295 -34.94 22.19 7.50
N VAL J 296 -35.89 23.13 7.40
CA VAL J 296 -36.94 23.20 8.40
C VAL J 296 -37.88 22.01 8.26
N LYS J 297 -38.16 21.58 7.03
CA LYS J 297 -38.99 20.38 6.85
C LYS J 297 -38.31 19.17 7.50
N ARG J 298 -37.00 19.03 7.29
CA ARG J 298 -36.28 17.91 7.88
C ARG J 298 -36.31 17.97 9.41
N ALA J 299 -36.22 19.16 9.98
CA ALA J 299 -36.23 19.30 11.43
C ALA J 299 -37.54 18.79 12.01
N MET J 300 -38.66 19.19 11.41
CA MET J 300 -39.97 18.71 11.88
C MET J 300 -40.12 17.21 11.69
N GLU J 301 -39.53 16.64 10.63
CA GLU J 301 -39.57 15.19 10.46
C GLU J 301 -38.73 14.50 11.53
N ILE J 302 -37.65 15.14 11.98
CA ILE J 302 -36.86 14.56 13.06
C ILE J 302 -37.64 14.60 14.36
N LEU J 303 -38.40 15.67 14.59
CA LEU J 303 -39.17 15.78 15.82
C LEU J 303 -40.26 14.72 15.89
N ASP J 304 -40.85 14.35 14.74
CA ASP J 304 -41.89 13.32 14.75
C ASP J 304 -41.31 11.95 15.08
N GLU J 305 -40.11 11.64 14.56
CA GLU J 305 -39.49 10.34 14.79
C GLU J 305 -38.81 10.25 16.15
N LEU J 306 -38.43 11.38 16.74
CA LEU J 306 -37.64 11.36 17.96
C LEU J 306 -38.46 10.80 19.12
N ASN J 307 -37.77 10.03 19.97
CA ASN J 307 -38.37 9.51 21.24
C ASN J 307 -37.61 10.22 22.35
N VAL J 308 -38.23 11.20 23.02
CA VAL J 308 -37.55 12.03 23.99
C VAL J 308 -37.03 11.26 25.19
N ASN J 309 -37.45 10.01 25.37
CA ASN J 309 -36.98 9.16 26.46
C ASN J 309 -35.89 8.18 26.04
N GLY J 310 -35.56 8.12 24.75
CA GLY J 310 -34.59 7.16 24.30
C GLY J 310 -33.17 7.53 24.67
N LYS J 311 -32.33 6.50 24.69
CA LYS J 311 -30.90 6.69 25.03
C LYS J 311 -30.27 7.65 24.03
N THR J 312 -29.42 8.55 24.51
CA THR J 312 -28.74 9.52 23.67
C THR J 312 -27.23 9.41 23.70
N MET J 313 -26.64 8.78 24.72
CA MET J 313 -25.21 8.58 24.81
C MET J 313 -24.89 7.10 24.84
N SER J 314 -23.90 6.69 24.05
CA SER J 314 -23.47 5.31 24.03
C SER J 314 -22.58 5.02 25.22
N ASP J 315 -22.61 3.77 25.67
CA ASP J 315 -21.77 3.31 26.76
C ASP J 315 -20.41 2.78 26.28
N GLU J 316 -20.26 2.55 24.99
CA GLU J 316 -19.00 2.02 24.47
C GLU J 316 -17.84 2.93 24.88
N PRO J 317 -16.70 2.37 25.27
CA PRO J 317 -15.60 3.21 25.75
C PRO J 317 -14.83 3.85 24.61
N ILE J 318 -14.14 4.93 24.95
CA ILE J 318 -13.36 5.68 23.95
C ILE J 318 -11.94 5.14 24.03
N VAL J 319 -11.71 4.03 23.33
CA VAL J 319 -10.38 3.46 23.16
C VAL J 319 -10.18 3.19 21.68
N GLY J 320 -8.93 3.36 21.22
CA GLY J 320 -8.57 3.07 19.85
C GLY J 320 -7.33 2.19 19.81
N ASP J 321 -6.92 1.88 18.58
CA ASP J 321 -5.74 1.06 18.35
C ASP J 321 -4.50 1.88 18.04
N GLY J 322 -4.60 3.20 18.05
CA GLY J 322 -3.47 4.04 17.73
C GLY J 322 -3.07 4.04 16.28
N GLU J 323 -3.88 3.44 15.39
CA GLU J 323 -3.55 3.34 13.98
C GLU J 323 -4.69 3.74 13.06
N LYS J 324 -5.92 3.32 13.34
CA LYS J 324 -7.02 3.59 12.42
C LYS J 324 -7.27 5.09 12.31
N LEU J 325 -7.45 5.56 11.07
CA LEU J 325 -7.68 6.98 10.79
C LEU J 325 -9.19 7.19 10.67
N GLY J 326 -9.82 7.52 11.79
CA GLY J 326 -11.24 7.76 11.79
C GLY J 326 -11.61 8.93 10.89
N LEU J 327 -12.83 8.87 10.36
CA LEU J 327 -13.34 9.84 9.40
C LEU J 327 -14.69 10.35 9.86
N GLY J 328 -14.83 11.67 9.94
CA GLY J 328 -16.09 12.27 10.32
C GLY J 328 -16.46 13.43 9.40
N VAL J 329 -17.49 13.24 8.56
CA VAL J 329 -17.91 14.25 7.61
C VAL J 329 -19.25 14.82 8.05
N HIS J 330 -19.48 16.08 7.68
CA HIS J 330 -20.73 16.76 7.99
C HIS J 330 -20.92 17.89 7.00
N GLU J 331 -22.16 18.04 6.51
CA GLU J 331 -22.51 19.09 5.58
C GLU J 331 -22.76 20.36 6.39
N ALA J 332 -21.67 21.08 6.68
CA ALA J 332 -21.79 22.39 7.29
C ALA J 332 -22.64 23.30 6.40
N ALA J 333 -23.12 24.41 6.98
CA ALA J 333 -23.86 25.38 6.19
C ALA J 333 -23.20 25.65 4.86
N ARG J 334 -21.87 25.79 4.87
CA ARG J 334 -21.11 26.19 3.70
C ARG J 334 -20.53 25.00 2.94
N GLY J 335 -20.76 23.76 3.39
CA GLY J 335 -20.50 22.60 2.59
C GLY J 335 -19.80 21.50 3.35
N HIS J 336 -19.44 20.45 2.60
CA HIS J 336 -18.75 19.27 3.10
C HIS J 336 -17.58 19.64 4.00
N ASN J 337 -17.59 19.10 5.21
CA ASN J 337 -16.63 19.45 6.26
C ASN J 337 -16.08 18.16 6.86
N THR J 338 -14.76 18.02 6.85
CA THR J 338 -14.11 16.77 7.22
C THR J 338 -13.19 16.97 8.41
N HIS J 339 -13.25 16.05 9.37
CA HIS J 339 -12.29 15.95 10.46
C HIS J 339 -11.77 14.52 10.51
N GLN J 340 -10.51 14.36 10.91
CA GLN J 340 -9.87 13.06 11.00
C GLN J 340 -9.14 12.95 12.32
N ALA J 341 -9.10 11.73 12.86
CA ALA J 341 -8.54 11.53 14.20
C ALA J 341 -8.05 10.10 14.34
N VAL J 342 -6.90 9.95 14.97
CA VAL J 342 -6.37 8.65 15.39
C VAL J 342 -6.33 8.65 16.91
N ILE J 343 -6.91 7.63 17.52
CA ILE J 343 -7.05 7.57 18.97
C ILE J 343 -6.32 6.32 19.47
N ASP J 344 -5.54 6.49 20.53
CA ASP J 344 -4.78 5.38 21.09
C ASP J 344 -5.61 4.65 22.15
N LYS J 345 -5.00 3.62 22.76
CA LYS J 345 -5.72 2.81 23.73
C LYS J 345 -6.11 3.58 24.99
N ASP J 346 -5.42 4.68 25.28
CA ASP J 346 -5.74 5.49 26.45
C ASP J 346 -6.84 6.50 26.21
N GLY J 347 -7.29 6.65 24.97
CA GLY J 347 -8.29 7.65 24.64
C GLY J 347 -7.74 9.01 24.34
N ASN J 348 -6.45 9.14 24.06
CA ASN J 348 -5.82 10.40 23.70
C ASN J 348 -5.64 10.50 22.20
N ILE J 349 -5.47 11.73 21.71
CA ILE J 349 -5.38 12.00 20.29
C ILE J 349 -3.93 11.82 19.84
N VAL J 350 -3.73 10.91 18.89
CA VAL J 350 -2.41 10.68 18.31
C VAL J 350 -2.18 11.58 17.10
N TYR J 351 -3.19 11.74 16.26
CA TYR J 351 -3.10 12.57 15.05
C TYR J 351 -4.46 13.21 14.83
N TYR J 352 -4.44 14.44 14.30
CA TYR J 352 -5.68 15.15 14.03
C TYR J 352 -5.49 16.06 12.82
N ASN J 353 -6.55 16.17 12.01
CA ASN J 353 -6.51 16.98 10.81
C ASN J 353 -7.94 17.39 10.49
N ALA J 354 -8.07 18.51 9.76
CA ALA J 354 -9.36 19.01 9.35
C ALA J 354 -9.26 19.62 7.96
N ILE J 355 -10.27 19.37 7.13
CA ILE J 355 -10.40 19.96 5.81
C ILE J 355 -11.76 20.65 5.79
N VAL J 356 -11.78 21.97 5.98
CA VAL J 356 -13.01 22.69 6.25
C VAL J 356 -13.67 23.07 4.94
N ALA J 357 -14.96 23.44 5.02
CA ALA J 357 -15.78 23.64 3.83
C ALA J 357 -15.19 24.70 2.89
N THR J 358 -15.12 25.95 3.36
CA THR J 358 -14.62 27.06 2.52
C THR J 358 -13.28 26.70 1.92
N THR J 359 -12.45 25.95 2.64
CA THR J 359 -11.12 25.62 2.14
C THR J 359 -11.21 25.04 0.73
N TRP J 360 -12.20 24.18 0.49
CA TRP J 360 -12.45 23.69 -0.85
C TRP J 360 -12.79 24.84 -1.81
N ASN J 361 -13.57 25.82 -1.33
CA ASN J 361 -14.13 26.84 -2.21
C ASN J 361 -13.11 27.90 -2.62
N ILE J 362 -12.07 28.16 -1.81
CA ILE J 362 -11.19 29.29 -2.08
C ILE J 362 -10.50 29.16 -3.44
N PRO J 363 -9.87 28.03 -3.79
CA PRO J 363 -9.25 27.94 -5.13
C PRO J 363 -10.24 27.95 -6.27
N VAL J 364 -11.50 27.55 -6.03
CA VAL J 364 -12.52 27.68 -7.07
C VAL J 364 -12.85 29.15 -7.29
N ILE J 365 -12.97 29.92 -6.20
CA ILE J 365 -13.31 31.33 -6.32
C ILE J 365 -12.24 32.06 -7.13
N SER J 366 -10.97 31.70 -6.93
CA SER J 366 -9.90 32.32 -7.69
C SER J 366 -10.14 32.18 -9.19
N LYS J 367 -10.67 31.03 -9.60
CA LYS J 367 -10.89 30.78 -11.05
C LYS J 367 -12.29 31.26 -11.46
N ALA J 368 -13.21 31.42 -10.49
CA ALA J 368 -14.57 31.80 -10.82
C ALA J 368 -14.70 33.30 -11.07
N VAL J 369 -13.83 34.11 -10.48
CA VAL J 369 -13.87 35.54 -10.74
C VAL J 369 -13.33 35.87 -12.13
N GLU J 370 -12.58 34.96 -12.73
CA GLU J 370 -11.98 35.22 -14.04
C GLU J 370 -13.06 35.37 -15.11
N GLY J 371 -12.87 36.30 -16.05
CA GLY J 371 -13.81 36.46 -17.18
C GLY J 371 -14.75 37.65 -17.04
N THR J 372 -14.78 38.25 -15.84
CA THR J 372 -15.71 39.37 -15.60
C THR J 372 -14.94 40.55 -15.09
N HIS J 373 -15.56 41.74 -15.12
CA HIS J 373 -14.92 42.94 -14.61
C HIS J 373 -14.60 42.79 -13.12
N TYR J 374 -13.53 43.46 -12.69
CA TYR J 374 -13.04 43.26 -11.32
C TYR J 374 -13.98 43.83 -10.28
N LYS J 375 -14.79 44.82 -10.64
CA LYS J 375 -15.78 45.35 -9.71
C LYS J 375 -16.98 44.42 -9.52
N PHE J 376 -16.94 43.22 -10.10
CA PHE J 376 -17.89 42.17 -9.82
C PHE J 376 -17.27 41.05 -8.99
N ALA J 377 -15.96 41.11 -8.72
CA ALA J 377 -15.28 39.99 -8.08
C ALA J 377 -15.86 39.71 -6.70
N GLU J 378 -16.07 40.77 -5.90
CA GLU J 378 -16.57 40.55 -4.55
C GLU J 378 -17.99 40.01 -4.55
N HIS J 379 -18.77 40.27 -5.61
CA HIS J 379 -20.10 39.68 -5.70
C HIS J 379 -20.04 38.18 -5.93
N ILE J 380 -19.01 37.72 -6.65
CA ILE J 380 -18.80 36.28 -6.80
C ILE J 380 -18.31 35.68 -5.48
N VAL J 381 -17.40 36.38 -4.80
CA VAL J 381 -16.88 35.88 -3.53
C VAL J 381 -18.01 35.64 -2.54
N ARG J 382 -18.84 36.67 -2.33
CA ARG J 382 -19.91 36.57 -1.35
C ARG J 382 -20.91 35.48 -1.69
N ALA J 383 -21.04 35.09 -2.96
CA ALA J 383 -21.98 34.03 -3.30
C ALA J 383 -21.62 32.73 -2.62
N TYR J 384 -20.34 32.53 -2.31
CA TYR J 384 -19.86 31.31 -1.68
C TYR J 384 -19.93 31.36 -0.17
N ASP J 385 -20.49 32.42 0.40
CA ASP J 385 -20.68 32.55 1.84
C ASP J 385 -19.38 32.20 2.58
N PRO J 386 -18.26 32.87 2.21
CA PRO J 386 -16.98 32.46 2.80
C PRO J 386 -16.80 32.62 4.29
N CYS J 387 -16.32 31.57 4.94
CA CYS J 387 -16.02 31.61 6.36
C CYS J 387 -14.53 31.33 6.48
N ILE J 388 -13.75 32.39 6.62
CA ILE J 388 -12.30 32.24 6.60
C ILE J 388 -11.71 31.72 7.91
N SER J 389 -12.24 32.13 9.06
CA SER J 389 -11.77 31.54 10.33
C SER J 389 -11.91 30.02 10.20
N CYS J 390 -13.03 29.57 9.62
CA CYS J 390 -13.20 28.15 9.35
C CYS J 390 -12.12 27.64 8.42
N ALA J 391 -11.95 28.30 7.27
CA ALA J 391 -11.03 27.80 6.26
C ALA J 391 -9.61 27.70 6.79
N THR J 392 -9.25 28.54 7.76
CA THR J 392 -7.87 28.62 8.25
C THR J 392 -7.64 27.81 9.51
N HIS J 393 -8.49 28.00 10.51
CA HIS J 393 -8.36 27.33 11.81
C HIS J 393 -6.92 27.14 12.25
N MET K 1 -26.55 49.93 61.85
CA MET K 1 -26.47 48.84 60.84
C MET K 1 -27.85 48.27 60.54
N ASP K 2 -28.24 48.29 59.27
CA ASP K 2 -29.56 47.82 58.88
C ASP K 2 -29.73 46.36 59.30
N PRO K 3 -30.77 46.03 60.06
CA PRO K 3 -30.92 44.64 60.50
C PRO K 3 -31.35 43.72 59.38
N PHE K 4 -32.42 44.07 58.66
CA PHE K 4 -33.08 43.13 57.75
C PHE K 4 -32.97 43.51 56.29
N GLY K 5 -32.14 44.50 55.94
CA GLY K 5 -32.17 44.96 54.57
C GLY K 5 -33.51 45.60 54.25
N LYS K 6 -33.81 45.68 52.95
CA LYS K 6 -35.06 46.26 52.49
C LYS K 6 -36.13 45.20 52.36
N TYR K 7 -37.38 45.60 52.65
CA TYR K 7 -38.53 44.72 52.49
C TYR K 7 -39.79 45.58 52.45
N LYS K 8 -40.87 44.98 51.97
CA LYS K 8 -42.17 45.63 51.91
C LYS K 8 -43.01 45.33 53.15
N THR K 9 -43.15 44.06 53.49
CA THR K 9 -43.89 43.68 54.69
C THR K 9 -43.39 42.38 55.28
N VAL K 10 -43.62 42.19 56.57
CA VAL K 10 -43.23 40.97 57.26
C VAL K 10 -44.46 40.40 57.97
N VAL K 11 -44.63 39.09 57.85
CA VAL K 11 -45.84 38.43 58.42
C VAL K 11 -45.49 37.01 58.88
N SER K 12 -46.11 36.54 59.96
CA SER K 12 -45.98 35.16 60.40
C SER K 12 -46.97 34.31 59.61
N ALA K 13 -46.50 33.24 59.00
CA ALA K 13 -47.32 32.48 58.07
C ALA K 13 -47.07 30.99 58.21
N ARG K 14 -48.01 30.20 57.69
CA ARG K 14 -47.86 28.76 57.59
C ARG K 14 -48.74 28.28 56.45
N ALA K 15 -48.39 27.13 55.87
CA ALA K 15 -49.16 26.60 54.75
C ALA K 15 -50.54 26.17 55.21
N ALA K 16 -51.50 26.27 54.30
CA ALA K 16 -52.87 25.82 54.57
C ALA K 16 -53.04 24.34 54.30
N ASP K 17 -52.34 23.79 53.31
CA ASP K 17 -52.43 22.37 52.99
C ASP K 17 -51.76 21.55 54.10
N LYS K 18 -52.53 20.65 54.72
CA LYS K 18 -52.06 19.95 55.91
C LYS K 18 -51.05 18.86 55.61
N THR K 19 -51.09 18.31 54.39
CA THR K 19 -50.08 17.32 53.98
C THR K 19 -48.73 18.00 53.99
N ILE K 20 -48.68 19.25 53.53
CA ILE K 20 -47.42 19.99 53.48
C ILE K 20 -46.83 20.13 54.87
N LEU K 21 -47.70 20.47 55.84
CA LEU K 21 -47.22 20.69 57.22
C LEU K 21 -46.66 19.38 57.80
N LYS K 22 -47.09 18.23 57.28
CA LYS K 22 -46.63 16.95 57.83
C LYS K 22 -45.21 16.61 57.41
N LYS K 23 -44.71 17.22 56.33
CA LYS K 23 -43.38 16.93 55.83
C LYS K 23 -42.42 18.11 55.89
N CYS K 24 -42.92 19.33 56.09
CA CYS K 24 -42.07 20.50 56.03
C CYS K 24 -41.34 20.71 57.36
N GLN K 25 -40.41 21.66 57.35
CA GLN K 25 -39.58 21.95 58.52
C GLN K 25 -40.31 22.84 59.51
N ASP K 26 -40.69 24.04 59.08
CA ASP K 26 -41.37 25.00 59.94
C ASP K 26 -42.82 25.27 59.56
N GLY K 27 -43.06 26.31 58.76
CA GLY K 27 -44.41 26.62 58.34
C GLY K 27 -44.70 26.02 56.98
N GLY K 28 -43.67 25.60 56.25
CA GLY K 28 -43.87 25.08 54.92
C GLY K 28 -44.09 26.14 53.87
N ILE K 29 -43.43 27.29 54.02
CA ILE K 29 -43.59 28.37 53.05
C ILE K 29 -42.96 27.99 51.72
N VAL K 30 -41.77 27.39 51.75
CA VAL K 30 -41.06 27.09 50.51
C VAL K 30 -41.85 26.11 49.67
N SER K 31 -42.38 25.05 50.30
CA SER K 31 -43.15 24.07 49.54
C SER K 31 -44.49 24.64 49.09
N ALA K 32 -45.15 25.42 49.94
CA ALA K 32 -46.47 25.95 49.56
C ALA K 32 -46.36 26.88 48.36
N ALA K 33 -45.29 27.68 48.30
CA ALA K 33 -45.10 28.55 47.14
C ALA K 33 -44.77 27.73 45.90
N TYR K 34 -43.89 26.74 46.03
CA TYR K 34 -43.53 25.90 44.89
C TYR K 34 -44.74 25.15 44.36
N ILE K 35 -45.53 24.56 45.26
CA ILE K 35 -46.68 23.76 44.84
C ILE K 35 -47.76 24.64 44.25
N TYR K 36 -48.01 25.80 44.85
CA TYR K 36 -49.02 26.70 44.31
C TYR K 36 -48.64 27.18 42.92
N GLY K 37 -47.36 27.51 42.73
CA GLY K 37 -46.92 27.94 41.41
C GLY K 37 -47.05 26.84 40.36
N LEU K 38 -46.68 25.62 40.73
CA LEU K 38 -46.74 24.52 39.77
C LEU K 38 -48.18 24.20 39.38
N GLU K 39 -49.11 24.29 40.34
CA GLU K 39 -50.49 23.89 40.09
C GLU K 39 -51.32 24.96 39.39
N ASN K 40 -50.91 26.23 39.47
CA ASN K 40 -51.65 27.33 38.89
C ASN K 40 -50.86 28.06 37.81
N GLY K 41 -49.97 27.33 37.12
CA GLY K 41 -49.30 27.86 35.96
C GLY K 41 -48.39 29.05 36.20
N LEU K 42 -47.93 29.25 37.43
CA LEU K 42 -46.99 30.32 37.71
C LEU K 42 -45.54 29.85 37.67
N LEU K 43 -45.29 28.57 37.94
CA LEU K 43 -43.97 27.97 37.87
C LEU K 43 -44.10 26.66 37.10
N ASP K 44 -43.11 26.37 36.25
CA ASP K 44 -43.03 25.11 35.54
C ASP K 44 -41.85 24.26 35.98
N GLY K 45 -41.04 24.77 36.89
CA GLY K 45 -39.91 24.03 37.44
C GLY K 45 -39.39 24.78 38.65
N VAL K 46 -38.89 24.05 39.64
CA VAL K 46 -38.41 24.64 40.88
C VAL K 46 -37.16 23.88 41.32
N ILE K 47 -36.18 24.61 41.82
CA ILE K 47 -34.94 24.00 42.29
C ILE K 47 -35.11 23.63 43.75
N VAL K 48 -34.69 22.41 44.10
CA VAL K 48 -34.84 21.88 45.45
C VAL K 48 -33.56 21.17 45.86
N ALA K 49 -33.48 20.85 47.14
CA ALA K 49 -32.34 20.13 47.72
C ALA K 49 -32.89 18.83 48.30
N ASP K 50 -32.64 17.73 47.59
CA ASP K 50 -33.10 16.42 48.03
C ASP K 50 -32.01 15.73 48.86
N LYS K 51 -32.39 14.62 49.49
CA LYS K 51 -31.49 13.87 50.35
C LYS K 51 -31.64 12.38 50.05
N ASP K 52 -30.60 11.63 50.36
CA ASP K 52 -30.67 10.17 50.25
C ASP K 52 -30.87 9.57 51.65
N ASP K 53 -30.80 8.24 51.73
CA ASP K 53 -31.00 7.55 52.99
C ASP K 53 -29.95 7.90 54.04
N LYS K 54 -28.79 8.44 53.64
CA LYS K 54 -27.76 8.86 54.59
C LYS K 54 -27.66 10.38 54.68
N LEU K 55 -28.67 11.11 54.23
CA LEU K 55 -28.70 12.58 54.38
C LEU K 55 -27.73 13.35 53.48
N GLN K 56 -27.23 12.70 52.45
CA GLN K 56 -26.36 13.38 51.48
C GLN K 56 -27.24 14.12 50.48
N THR K 57 -26.93 15.39 50.25
CA THR K 57 -27.81 16.28 49.51
C THR K 57 -27.46 16.29 48.03
N THR K 58 -28.45 16.71 47.23
CA THR K 58 -28.31 16.79 45.79
C THR K 58 -29.22 17.86 45.21
N PRO K 59 -28.70 18.90 44.58
CA PRO K 59 -29.57 19.88 43.93
C PRO K 59 -30.28 19.26 42.75
N LYS K 60 -31.56 19.63 42.58
CA LYS K 60 -32.42 18.96 41.63
C LYS K 60 -33.47 19.92 41.12
N VAL K 61 -33.87 19.73 39.86
CA VAL K 61 -34.91 20.54 39.24
C VAL K 61 -36.19 19.72 39.27
N ALA K 62 -37.10 20.09 40.18
CA ALA K 62 -38.37 19.41 40.34
C ALA K 62 -39.42 20.02 39.42
N THR K 63 -40.35 19.16 38.97
CA THR K 63 -41.45 19.60 38.11
C THR K 63 -42.81 19.12 38.60
N THR K 64 -42.86 18.32 39.66
CA THR K 64 -44.12 17.80 40.19
C THR K 64 -44.21 18.15 41.66
N VAL K 65 -45.44 18.06 42.16
CA VAL K 65 -45.70 18.36 43.55
C VAL K 65 -45.04 17.35 44.47
N ASP K 66 -45.03 16.09 44.07
CA ASP K 66 -44.40 15.05 44.87
C ASP K 66 -42.89 15.22 45.00
N GLU K 67 -42.23 15.67 43.93
CA GLU K 67 -40.82 16.01 44.05
C GLU K 67 -40.60 17.12 45.07
N VAL K 68 -41.53 18.08 45.12
CA VAL K 68 -41.41 19.17 46.09
C VAL K 68 -41.59 18.66 47.51
N LEU K 69 -42.54 17.73 47.69
CA LEU K 69 -42.82 17.19 49.05
C LEU K 69 -41.62 16.40 49.55
N GLU K 70 -41.04 15.54 48.69
CA GLU K 70 -39.91 14.73 49.09
C GLU K 70 -38.68 15.58 49.40
N ALA K 71 -38.63 16.81 48.91
CA ALA K 71 -37.53 17.73 49.20
C ALA K 71 -37.80 18.63 50.39
N ALA K 72 -39.00 18.57 50.96
CA ALA K 72 -39.31 19.39 52.13
C ALA K 72 -38.38 19.02 53.29
N GLY K 73 -38.32 19.91 54.27
CA GLY K 73 -37.44 19.74 55.40
C GLY K 73 -36.05 20.28 55.15
N THR K 74 -35.36 20.60 56.24
CA THR K 74 -34.03 21.21 56.16
C THR K 74 -32.95 20.14 56.24
N LYS K 75 -31.97 20.23 55.35
CA LYS K 75 -30.72 19.48 55.45
C LYS K 75 -29.65 20.48 55.83
N TYR K 76 -29.10 20.35 57.04
CA TYR K 76 -28.14 21.33 57.53
C TYR K 76 -26.75 21.01 57.01
N THR K 77 -26.62 20.88 55.69
CA THR K 77 -25.34 20.68 55.03
C THR K 77 -25.36 21.46 53.72
N VAL K 78 -24.16 21.69 53.17
CA VAL K 78 -24.03 22.51 51.97
C VAL K 78 -24.60 21.76 50.76
N CYS K 79 -25.55 22.39 50.07
CA CYS K 79 -26.12 21.86 48.84
C CYS K 79 -26.08 22.94 47.77
N PRO K 80 -25.29 22.78 46.69
CA PRO K 80 -25.17 23.85 45.70
C PRO K 80 -26.40 23.96 44.80
N THR K 81 -27.41 24.71 45.22
CA THR K 81 -28.65 24.75 44.47
C THR K 81 -28.50 25.52 43.16
N ILE K 82 -27.61 26.51 43.12
CA ILE K 82 -27.45 27.33 41.92
C ILE K 82 -26.67 26.61 40.83
N SER K 83 -26.10 25.44 41.13
CA SER K 83 -25.37 24.69 40.12
C SER K 83 -26.26 24.11 39.04
N VAL K 84 -27.57 24.01 39.30
CA VAL K 84 -28.51 23.46 38.34
C VAL K 84 -29.34 24.54 37.67
N ILE K 85 -29.03 25.82 37.91
CA ILE K 85 -29.90 26.88 37.42
C ILE K 85 -29.87 26.97 35.90
N LYS K 86 -28.74 26.66 35.28
CA LYS K 86 -28.70 26.69 33.82
C LYS K 86 -29.34 25.42 33.24
N SER K 87 -29.10 24.27 33.87
CA SER K 87 -29.73 23.04 33.40
C SER K 87 -31.25 23.16 33.41
N ALA K 88 -31.81 23.92 34.36
CA ALA K 88 -33.25 24.06 34.44
C ALA K 88 -33.81 24.76 33.20
N VAL K 89 -33.07 25.71 32.65
CA VAL K 89 -33.52 26.45 31.47
C VAL K 89 -32.93 25.88 30.19
N ARG K 90 -32.25 24.73 30.27
CA ARG K 90 -31.66 24.12 29.09
C ARG K 90 -32.42 22.84 28.75
N GLU K 91 -32.02 21.68 29.28
CA GLU K 91 -32.69 20.44 28.90
C GLU K 91 -34.08 20.39 29.52
N TYR K 92 -34.23 20.87 30.75
CA TYR K 92 -35.54 20.86 31.39
C TYR K 92 -36.52 21.81 30.70
N GLY K 93 -36.02 22.84 30.03
CA GLY K 93 -36.88 23.73 29.28
C GLY K 93 -37.77 24.62 30.11
N CYS K 94 -37.36 24.92 31.34
CA CYS K 94 -38.16 25.78 32.20
C CYS K 94 -38.10 27.24 31.73
N GLU K 95 -39.21 27.94 31.90
CA GLU K 95 -39.30 29.36 31.61
C GLU K 95 -39.91 30.18 32.74
N LYS K 96 -40.44 29.52 33.77
CA LYS K 96 -40.90 30.17 35.00
C LYS K 96 -40.29 29.35 36.13
N LEU K 97 -39.03 29.63 36.43
CA LEU K 97 -38.23 28.82 37.33
C LEU K 97 -38.30 29.36 38.75
N GLY K 98 -38.48 28.45 39.71
CA GLY K 98 -38.39 28.77 41.12
C GLY K 98 -37.02 28.42 41.64
N VAL K 99 -36.47 29.30 42.48
CA VAL K 99 -35.13 29.14 43.03
C VAL K 99 -35.26 29.22 44.55
N VAL K 100 -34.55 28.34 45.26
CA VAL K 100 -34.47 28.41 46.71
C VAL K 100 -33.00 28.30 47.10
N GLY K 101 -32.64 29.00 48.16
CA GLY K 101 -31.27 28.94 48.64
C GLY K 101 -31.08 29.77 49.89
N THR K 102 -29.96 29.51 50.56
CA THR K 102 -29.52 30.31 51.68
C THR K 102 -29.16 31.71 51.18
N PRO K 103 -28.98 32.68 52.08
CA PRO K 103 -28.66 34.04 51.61
C PRO K 103 -27.51 34.10 50.63
N CYS K 104 -26.41 33.38 50.89
CA CYS K 104 -25.27 33.43 49.98
C CYS K 104 -25.63 32.88 48.60
N GLN K 105 -26.59 31.96 48.53
CA GLN K 105 -27.03 31.43 47.24
C GLN K 105 -27.95 32.42 46.52
N ILE K 106 -28.75 33.19 47.27
CA ILE K 106 -29.53 34.26 46.65
C ILE K 106 -28.61 35.34 46.13
N ILE K 107 -27.56 35.66 46.90
CA ILE K 107 -26.58 36.66 46.48
C ILE K 107 -25.98 36.25 45.14
N ALA K 108 -25.58 34.98 45.03
CA ALA K 108 -25.02 34.50 43.77
C ALA K 108 -26.02 34.62 42.62
N THR K 109 -27.31 34.52 42.93
CA THR K 109 -28.33 34.61 41.88
C THR K 109 -28.47 36.04 41.38
N ARG K 110 -28.41 37.02 42.28
CA ARG K 110 -28.46 38.42 41.85
C ARG K 110 -27.20 38.80 41.09
N LYS K 111 -26.05 38.24 41.48
CA LYS K 111 -24.82 38.48 40.74
C LYS K 111 -24.95 38.01 39.30
N LEU K 112 -25.40 36.78 39.09
CA LEU K 112 -25.47 36.25 37.73
C LEU K 112 -26.53 36.96 36.90
N MET K 113 -27.54 37.57 37.53
CA MET K 113 -28.51 38.32 36.76
C MET K 113 -27.96 39.69 36.34
N LYS K 114 -27.20 40.33 37.23
CA LYS K 114 -26.67 41.65 36.90
C LYS K 114 -25.55 41.55 35.85
N TYR K 115 -24.71 40.52 35.96
CA TYR K 115 -23.58 40.32 35.05
C TYR K 115 -23.66 38.90 34.48
N PRO K 116 -24.56 38.65 33.53
CA PRO K 116 -24.84 37.29 33.06
C PRO K 116 -23.89 36.77 31.99
N ILE K 117 -22.58 36.93 32.21
CA ILE K 117 -21.59 36.59 31.21
C ILE K 117 -21.82 35.17 30.68
N GLY K 118 -21.88 34.20 31.57
CA GLY K 118 -22.09 32.82 31.17
C GLY K 118 -23.48 32.32 31.52
N PHE K 119 -24.49 33.17 31.35
CA PHE K 119 -25.86 32.83 31.71
C PHE K 119 -26.82 33.31 30.64
N ARG K 120 -26.50 33.01 29.39
CA ARG K 120 -27.39 33.34 28.28
C ARG K 120 -28.75 32.68 28.49
N HIS K 121 -29.82 33.48 28.35
CA HIS K 121 -31.20 33.03 28.44
C HIS K 121 -31.64 32.62 29.84
N VAL K 122 -30.87 32.95 30.88
CA VAL K 122 -31.17 32.46 32.21
C VAL K 122 -31.92 33.49 33.05
N PRO K 123 -31.42 34.73 33.20
CA PRO K 123 -32.05 35.62 34.18
C PRO K 123 -33.52 35.88 33.93
N ASP K 124 -33.93 36.10 32.69
CA ASP K 124 -35.36 36.51 32.44
C ASP K 124 -36.33 35.33 32.65
N LYS K 125 -35.84 34.15 33.03
CA LYS K 125 -36.72 33.02 33.31
C LYS K 125 -36.85 32.72 34.80
N LEU K 126 -36.29 33.56 35.66
CA LEU K 126 -36.40 33.38 37.10
C LEU K 126 -37.69 34.04 37.57
N ALA K 127 -38.70 33.21 37.88
CA ALA K 127 -40.01 33.69 38.25
C ALA K 127 -40.17 33.93 39.74
N LEU K 128 -39.49 33.16 40.58
CA LEU K 128 -39.59 33.34 42.02
C LEU K 128 -38.27 32.96 42.68
N ILE K 129 -37.76 33.83 43.54
CA ILE K 129 -36.50 33.64 44.23
C ILE K 129 -36.82 33.62 45.72
N VAL K 130 -36.84 32.42 46.30
CA VAL K 130 -37.19 32.21 47.69
C VAL K 130 -35.90 31.98 48.49
N GLY K 131 -35.63 32.84 49.45
CA GLY K 131 -34.50 32.67 50.34
C GLY K 131 -34.94 32.18 51.71
N ILE K 132 -34.09 31.39 52.34
CA ILE K 132 -34.33 30.89 53.69
C ILE K 132 -33.30 31.54 54.61
N PHE K 133 -33.64 31.64 55.90
CA PHE K 133 -32.71 32.21 56.85
C PHE K 133 -31.56 31.23 57.06
N CYS K 134 -30.42 31.74 57.48
CA CYS K 134 -29.25 30.90 57.69
C CYS K 134 -28.27 31.62 58.59
N MET K 135 -27.78 30.93 59.61
CA MET K 135 -26.71 31.41 60.48
C MET K 135 -25.38 30.74 60.18
N GLU K 136 -25.38 29.43 59.98
CA GLU K 136 -24.19 28.67 59.61
C GLU K 136 -24.60 27.51 58.72
N ASN K 137 -23.60 26.88 58.10
CA ASN K 137 -23.80 25.65 57.35
C ASN K 137 -22.64 24.71 57.70
N PHE K 138 -22.70 23.49 57.18
CA PHE K 138 -21.75 22.46 57.57
C PHE K 138 -21.38 21.60 56.38
N PRO K 139 -20.13 21.12 56.33
CA PRO K 139 -19.81 20.03 55.41
C PRO K 139 -20.54 18.76 55.84
N TYR K 140 -20.77 17.87 54.88
CA TYR K 140 -21.51 16.65 55.20
C TYR K 140 -20.84 15.89 56.34
N ASN K 141 -19.53 15.64 56.22
CA ASN K 141 -18.82 14.93 57.26
C ASN K 141 -18.80 15.70 58.57
N GLY K 142 -19.05 17.01 58.53
CA GLY K 142 -19.22 17.74 59.78
C GLY K 142 -20.52 17.40 60.47
N MET K 143 -21.60 17.36 59.72
CA MET K 143 -22.87 16.96 60.29
C MET K 143 -22.85 15.50 60.70
N LYS K 144 -22.15 14.67 59.93
CA LYS K 144 -22.12 13.24 60.25
C LYS K 144 -21.49 13.01 61.62
N THR K 145 -20.47 13.80 61.97
CA THR K 145 -19.87 13.67 63.29
C THR K 145 -20.80 14.22 64.37
N ILE K 146 -21.54 15.28 64.05
CA ILE K 146 -22.48 15.85 65.02
C ILE K 146 -23.60 14.84 65.31
N ILE K 147 -24.11 14.18 64.28
CA ILE K 147 -25.25 13.30 64.46
C ILE K 147 -24.82 11.95 65.03
N GLU K 148 -23.83 11.31 64.40
CA GLU K 148 -23.48 9.95 64.76
C GLU K 148 -22.59 9.87 66.01
N GLU K 149 -21.71 10.85 66.22
CA GLU K 149 -20.76 10.79 67.32
C GLU K 149 -21.17 11.64 68.52
N HIS K 150 -21.88 12.75 68.30
CA HIS K 150 -22.31 13.59 69.40
C HIS K 150 -23.75 13.34 69.82
N CYS K 151 -24.61 12.91 68.90
CA CYS K 151 -25.99 12.56 69.23
C CYS K 151 -26.23 11.07 69.30
N GLY K 152 -25.32 10.25 68.77
CA GLY K 152 -25.43 8.81 68.90
C GLY K 152 -26.52 8.18 68.07
N ILE K 153 -26.76 8.70 66.87
CA ILE K 153 -27.78 8.19 65.96
C ILE K 153 -27.14 8.03 64.59
N LYS K 154 -27.36 6.88 63.96
CA LYS K 154 -26.86 6.67 62.62
C LYS K 154 -27.62 7.55 61.63
N MET K 155 -26.94 7.96 60.56
CA MET K 155 -27.58 8.83 59.58
C MET K 155 -28.80 8.17 58.96
N GLU K 156 -28.73 6.86 58.76
CA GLU K 156 -29.84 6.17 58.11
C GLU K 156 -31.10 6.15 58.97
N ASP K 157 -30.97 6.43 60.27
CA ASP K 157 -32.09 6.44 61.19
C ASP K 157 -32.62 7.84 61.45
N VAL K 158 -32.13 8.85 60.72
CA VAL K 158 -32.54 10.23 60.96
C VAL K 158 -33.80 10.53 60.15
N ALA K 159 -34.84 10.99 60.83
CA ALA K 159 -36.07 11.43 60.21
C ALA K 159 -36.13 12.94 60.01
N LYS K 160 -35.61 13.71 60.95
CA LYS K 160 -35.63 15.16 60.87
C LYS K 160 -34.58 15.74 61.80
N THR K 161 -34.01 16.87 61.41
CA THR K 161 -33.12 17.64 62.27
C THR K 161 -33.65 19.07 62.36
N ASP K 162 -33.23 19.77 63.42
CA ASP K 162 -33.73 21.11 63.66
C ASP K 162 -32.79 21.82 64.61
N ILE K 163 -32.76 23.15 64.51
CA ILE K 163 -31.95 23.99 65.43
C ILE K 163 -32.96 24.90 66.16
N GLY K 164 -32.79 25.06 67.47
CA GLY K 164 -33.72 25.87 68.25
C GLY K 164 -33.51 25.78 69.73
N LYS K 165 -33.86 26.85 70.44
CA LYS K 165 -33.71 26.92 71.89
C LYS K 165 -32.28 26.56 72.30
N GLY K 166 -31.32 27.06 71.53
CA GLY K 166 -29.91 26.86 71.84
C GLY K 166 -29.44 25.43 71.76
N LYS K 167 -30.15 24.56 71.04
CA LYS K 167 -29.78 23.16 70.94
C LYS K 167 -29.98 22.69 69.51
N PHE K 168 -29.27 21.60 69.18
CA PHE K 168 -29.42 20.91 67.91
C PHE K 168 -30.17 19.61 68.16
N TRP K 169 -31.19 19.35 67.35
CA TRP K 169 -32.14 18.28 67.59
C TRP K 169 -32.06 17.25 66.48
N VAL K 170 -32.11 15.98 66.87
CA VAL K 170 -32.14 14.85 65.95
C VAL K 170 -33.35 14.01 66.31
N TYR K 171 -34.23 13.80 65.34
CA TYR K 171 -35.44 13.01 65.52
C TYR K 171 -35.27 11.72 64.74
N SER K 172 -35.56 10.60 65.39
CA SER K 172 -35.27 9.29 64.84
C SER K 172 -36.47 8.70 64.12
N LYS K 173 -36.17 7.83 63.15
CA LYS K 173 -37.22 7.05 62.50
C LYS K 173 -38.04 6.26 63.51
N TRP K 174 -37.43 5.91 64.65
CA TRP K 174 -38.02 5.02 65.63
C TRP K 174 -38.53 5.74 66.87
N GLY K 175 -38.83 7.04 66.75
CA GLY K 175 -39.46 7.78 67.82
C GLY K 175 -38.51 8.49 68.78
N ASP K 176 -37.22 8.16 68.75
CA ASP K 176 -36.29 8.76 69.69
C ASP K 176 -36.06 10.23 69.35
N VAL K 177 -35.74 11.01 70.39
CA VAL K 177 -35.37 12.42 70.24
C VAL K 177 -34.13 12.67 71.08
N LYS K 178 -33.10 13.23 70.46
CA LYS K 178 -31.84 13.55 71.13
C LYS K 178 -31.42 14.96 70.77
N SER K 179 -30.81 15.65 71.73
CA SER K 179 -30.45 17.04 71.55
C SER K 179 -29.09 17.31 72.21
N ILE K 180 -28.34 18.22 71.61
CA ILE K 180 -27.00 18.58 72.16
C ILE K 180 -26.87 20.11 72.12
N LYS K 181 -26.18 20.69 73.11
CA LYS K 181 -25.98 22.12 73.16
C LYS K 181 -25.32 22.60 71.88
N LEU K 182 -25.81 23.74 71.36
CA LEU K 182 -25.33 24.24 70.08
C LEU K 182 -23.84 24.56 70.11
N LYS K 183 -23.26 24.74 71.29
CA LYS K 183 -21.83 25.06 71.36
C LYS K 183 -20.97 23.90 70.88
N GLU K 184 -21.50 22.67 70.95
CA GLU K 184 -20.67 21.49 70.58
C GLU K 184 -20.64 21.31 69.05
N THR K 185 -21.35 22.17 68.29
CA THR K 185 -21.31 22.07 66.84
C THR K 185 -20.38 23.08 66.19
N HIS K 186 -19.95 24.12 66.92
CA HIS K 186 -19.23 25.21 66.29
C HIS K 186 -17.95 24.80 65.58
N PRO K 187 -17.09 23.93 66.13
CA PRO K 187 -15.87 23.56 65.40
C PRO K 187 -16.13 22.82 64.09
N TYR K 188 -17.38 22.44 63.81
CA TYR K 188 -17.71 21.66 62.63
C TYR K 188 -18.31 22.48 61.50
N GLU K 189 -18.50 23.78 61.68
CA GLU K 189 -19.19 24.59 60.69
C GLU K 189 -18.23 25.12 59.64
N GLN K 190 -18.72 25.19 58.40
CA GLN K 190 -17.95 25.69 57.27
C GLN K 190 -17.38 27.07 57.58
N GLN K 191 -16.05 27.16 57.69
CA GLN K 191 -15.43 28.44 58.11
C GLN K 191 -15.83 29.59 57.17
N SER K 192 -15.92 29.33 55.87
CA SER K 192 -16.22 30.44 54.97
C SER K 192 -17.50 31.16 55.35
N CYS K 193 -18.32 30.59 56.23
CA CYS K 193 -19.54 31.25 56.69
C CYS K 193 -19.26 32.40 57.65
N HIS K 194 -18.05 32.50 58.19
CA HIS K 194 -17.74 33.53 59.17
C HIS K 194 -17.46 34.89 58.55
N VAL K 195 -17.69 35.06 57.26
CA VAL K 195 -17.62 36.34 56.57
C VAL K 195 -18.96 36.73 55.95
N CYS K 196 -20.01 35.96 56.24
CA CYS K 196 -21.32 36.21 55.66
C CYS K 196 -22.02 37.36 56.39
N MET K 197 -22.50 38.34 55.64
CA MET K 197 -23.14 39.52 56.21
C MET K 197 -24.65 39.52 56.02
N ASP K 198 -25.25 38.35 55.81
CA ASP K 198 -26.65 38.24 55.42
C ASP K 198 -27.27 37.08 56.17
N TYR K 199 -28.22 37.38 57.07
CA TYR K 199 -28.89 36.36 57.86
C TYR K 199 -30.31 36.05 57.39
N THR K 200 -31.03 37.05 56.87
CA THR K 200 -32.44 36.88 56.50
C THR K 200 -32.64 36.78 55.00
N ALA K 201 -31.59 36.46 54.24
CA ALA K 201 -31.66 36.38 52.79
C ALA K 201 -32.23 37.68 52.20
N GLU K 202 -31.41 38.73 52.35
CA GLU K 202 -31.87 40.09 52.15
C GLU K 202 -32.06 40.47 50.68
N LEU K 203 -31.75 39.58 49.74
CA LEU K 203 -31.87 39.90 48.32
C LEU K 203 -32.89 39.02 47.61
N ALA K 204 -33.76 38.33 48.33
CA ALA K 204 -34.73 37.44 47.73
C ALA K 204 -36.05 38.16 47.45
N ASP K 205 -36.90 37.50 46.65
CA ASP K 205 -38.27 37.97 46.50
C ASP K 205 -39.07 37.72 47.77
N ILE K 206 -38.88 36.56 48.38
CA ILE K 206 -39.53 36.20 49.64
C ILE K 206 -38.51 35.47 50.50
N SER K 207 -38.46 35.81 51.79
CA SER K 207 -37.58 35.14 52.74
C SER K 207 -38.43 34.49 53.82
N THR K 208 -37.99 33.32 54.30
CA THR K 208 -38.72 32.62 55.34
C THR K 208 -37.74 31.97 56.31
N GLY K 209 -38.14 31.91 57.58
CA GLY K 209 -37.34 31.30 58.61
C GLY K 209 -38.20 30.86 59.78
N SER K 210 -37.60 30.05 60.66
CA SER K 210 -38.32 29.59 61.83
C SER K 210 -38.30 30.60 62.96
N VAL K 211 -37.17 31.32 63.07
CA VAL K 211 -37.00 32.25 64.22
C VAL K 211 -38.06 33.35 64.17
N GLY K 212 -38.46 33.81 65.35
CA GLY K 212 -39.45 34.85 65.48
C GLY K 212 -40.88 34.33 65.48
N SER K 213 -41.13 33.23 64.81
CA SER K 213 -42.45 32.63 64.79
C SER K 213 -42.49 31.40 65.67
N PRO K 214 -43.66 31.04 66.19
CA PRO K 214 -43.75 29.84 67.03
C PRO K 214 -43.55 28.56 66.24
N ASP K 215 -43.56 27.42 66.94
CA ASP K 215 -43.35 26.14 66.28
C ASP K 215 -44.47 25.87 65.29
N GLY K 216 -44.10 25.44 64.09
CA GLY K 216 -45.05 25.20 63.03
C GLY K 216 -45.39 26.42 62.19
N TRP K 217 -44.80 27.57 62.49
CA TRP K 217 -45.00 28.81 61.74
C TRP K 217 -43.65 29.33 61.26
N SER K 218 -43.70 30.32 60.37
CA SER K 218 -42.51 30.86 59.75
C SER K 218 -42.59 32.38 59.68
N THR K 219 -41.49 33.06 60.00
CA THR K 219 -41.38 34.50 59.80
C THR K 219 -41.01 34.76 58.34
N VAL K 220 -41.87 35.50 57.64
CA VAL K 220 -41.78 35.64 56.18
C VAL K 220 -41.65 37.12 55.84
N PHE K 221 -40.68 37.43 54.99
CA PHE K 221 -40.45 38.80 54.57
C PHE K 221 -40.79 38.99 53.11
N ILE K 222 -41.80 39.79 52.80
CA ILE K 222 -42.09 40.10 51.41
C ILE K 222 -41.15 41.22 51.03
N ARG K 223 -40.42 41.07 49.92
CA ARG K 223 -39.42 42.08 49.60
C ARG K 223 -39.68 42.75 48.26
N THR K 224 -39.74 41.98 47.18
CA THR K 224 -39.85 42.53 45.83
C THR K 224 -41.29 42.51 45.35
N ALA K 225 -41.53 43.20 44.23
CA ALA K 225 -42.85 43.15 43.62
C ALA K 225 -43.15 41.79 43.03
N GLN K 226 -42.12 41.08 42.54
CA GLN K 226 -42.35 39.72 42.03
C GLN K 226 -42.80 38.78 43.14
N GLY K 227 -42.18 38.90 44.32
CA GLY K 227 -42.64 38.15 45.47
C GLY K 227 -43.91 38.68 46.08
N GLU K 228 -44.24 39.95 45.81
CA GLU K 228 -45.48 40.52 46.33
C GLU K 228 -46.69 39.98 45.57
N GLU K 229 -46.61 39.97 44.24
CA GLU K 229 -47.70 39.39 43.45
C GLU K 229 -47.89 37.92 43.76
N PHE K 230 -46.79 37.17 43.82
CA PHE K 230 -46.88 35.73 44.10
C PHE K 230 -47.50 35.49 45.48
N PHE K 231 -47.06 36.25 46.49
CA PHE K 231 -47.58 36.05 47.84
C PHE K 231 -49.06 36.42 47.92
N ASN K 232 -49.46 37.52 47.28
CA ASN K 232 -50.85 37.95 47.35
C ASN K 232 -51.77 36.99 46.60
N LYS K 233 -51.29 36.40 45.51
CA LYS K 233 -52.07 35.36 44.84
C LYS K 233 -52.29 34.17 45.75
N MET K 234 -51.32 33.88 46.60
CA MET K 234 -51.47 32.68 47.45
C MET K 234 -52.50 32.97 48.54
N VAL K 235 -52.36 34.11 49.23
CA VAL K 235 -53.27 34.39 50.32
C VAL K 235 -54.70 34.56 49.82
N GLU K 236 -54.86 35.13 48.62
CA GLU K 236 -56.21 35.22 48.04
C GLU K 236 -56.80 33.83 47.81
N ALA K 237 -56.00 32.93 47.23
CA ALA K 237 -56.46 31.56 47.03
C ALA K 237 -56.54 30.77 48.33
N GLY K 238 -56.12 31.35 49.45
CA GLY K 238 -56.22 30.70 50.73
C GLY K 238 -55.13 29.68 51.04
N ALA K 239 -54.05 29.67 50.25
CA ALA K 239 -53.00 28.68 50.45
C ALA K 239 -52.14 28.95 51.68
N LEU K 240 -52.34 30.08 52.35
CA LEU K 240 -51.51 30.46 53.49
C LEU K 240 -52.37 31.01 54.62
N GLU K 241 -51.85 30.88 55.84
CA GLU K 241 -52.50 31.37 57.06
C GLU K 241 -51.57 32.40 57.66
N VAL K 242 -51.99 33.67 57.64
CA VAL K 242 -51.13 34.80 57.95
C VAL K 242 -51.60 35.46 59.23
N LYS K 243 -50.66 35.77 60.12
CA LYS K 243 -50.84 36.51 61.35
C LYS K 243 -49.78 37.59 61.43
N PRO K 244 -50.12 38.82 61.80
CA PRO K 244 -49.09 39.86 61.94
C PRO K 244 -48.07 39.49 63.01
N ILE K 245 -46.81 39.82 62.74
CA ILE K 245 -45.70 39.48 63.69
C ILE K 245 -45.95 40.16 65.05
N GLU K 246 -46.69 41.26 65.06
CA GLU K 246 -46.91 41.99 66.31
C GLU K 246 -47.67 41.13 67.30
N GLU K 247 -48.46 40.18 66.81
CA GLU K 247 -49.28 39.32 67.65
C GLU K 247 -48.56 38.04 68.07
N VAL K 248 -47.60 37.57 67.28
CA VAL K 248 -46.93 36.31 67.55
C VAL K 248 -45.71 36.56 68.43
N LYS K 249 -45.35 35.55 69.22
CA LYS K 249 -44.15 35.53 70.02
C LYS K 249 -43.27 34.37 69.56
N PRO K 250 -41.93 34.49 69.68
CA PRO K 250 -41.15 35.57 70.32
C PRO K 250 -41.22 36.92 69.60
N GLY K 251 -41.40 36.94 68.29
CA GLY K 251 -41.63 38.17 67.56
C GLY K 251 -40.41 38.61 66.77
N LEU K 252 -40.58 39.75 66.10
CA LEU K 252 -39.54 40.29 65.23
C LEU K 252 -38.30 40.70 66.00
N GLY K 253 -38.41 40.96 67.30
CA GLY K 253 -37.25 41.40 68.06
C GLY K 253 -36.14 40.37 68.07
N LEU K 254 -36.50 39.10 68.21
CA LEU K 254 -35.48 38.02 68.19
C LEU K 254 -34.76 38.06 66.85
N VAL K 255 -35.51 38.20 65.76
CA VAL K 255 -34.90 38.18 64.43
C VAL K 255 -33.89 39.32 64.31
N GLU K 256 -34.20 40.47 64.93
CA GLU K 256 -33.28 41.59 64.90
C GLU K 256 -32.03 41.31 65.74
N LYS K 257 -32.21 40.65 66.89
CA LYS K 257 -31.07 40.33 67.74
C LYS K 257 -30.14 39.36 67.02
N LEU K 258 -30.69 38.26 66.51
CA LEU K 258 -29.85 37.26 65.85
C LEU K 258 -29.18 37.82 64.60
N SER K 259 -29.91 38.63 63.85
CA SER K 259 -29.34 39.16 62.61
C SER K 259 -28.15 40.06 62.91
N LEU K 260 -28.30 40.98 63.87
CA LEU K 260 -27.21 41.88 64.20
C LEU K 260 -26.07 41.16 64.92
N THR K 261 -26.37 40.08 65.65
CA THR K 261 -25.31 39.30 66.26
C THR K 261 -24.41 38.70 65.18
N LYS K 262 -25.02 38.16 64.12
CA LYS K 262 -24.23 37.58 63.03
C LYS K 262 -23.43 38.65 62.30
N LYS K 263 -24.03 39.82 62.04
CA LYS K 263 -23.33 40.85 61.30
C LYS K 263 -22.17 41.41 62.10
N GLU K 264 -22.34 41.54 63.41
CA GLU K 264 -21.26 42.10 64.23
C GLU K 264 -20.12 41.11 64.37
N LYS K 265 -20.43 39.83 64.63
CA LYS K 265 -19.38 38.85 64.85
C LYS K 265 -18.54 38.67 63.58
N ASN K 266 -19.20 38.42 62.46
CA ASN K 266 -18.47 38.17 61.22
C ASN K 266 -17.79 39.41 60.68
N ALA K 267 -18.22 40.61 61.08
CA ALA K 267 -17.53 41.81 60.64
C ALA K 267 -16.14 41.89 61.24
N LYS K 268 -15.99 41.40 62.47
CA LYS K 268 -14.66 41.29 63.06
C LYS K 268 -13.79 40.32 62.26
N GLU K 269 -14.40 39.25 61.72
CA GLU K 269 -13.62 38.30 60.94
C GLU K 269 -13.17 38.92 59.62
N ILE K 270 -14.02 39.73 59.01
CA ILE K 270 -13.63 40.40 57.76
C ILE K 270 -12.48 41.34 58.02
N GLU K 271 -12.59 42.17 59.06
CA GLU K 271 -11.50 43.09 59.40
C GLU K 271 -10.25 42.32 59.82
N HIS K 272 -10.42 41.17 60.46
CA HIS K 272 -9.25 40.37 60.83
C HIS K 272 -8.50 39.90 59.59
N ARG K 273 -9.23 39.43 58.58
CA ARG K 273 -8.61 39.01 57.33
C ARG K 273 -7.89 40.17 56.66
N LYS K 274 -8.57 41.32 56.54
CA LYS K 274 -7.93 42.49 55.96
C LYS K 274 -6.62 42.82 56.69
N GLU K 275 -6.61 42.61 58.00
CA GLU K 275 -5.41 42.97 58.80
C GLU K 275 -4.23 42.07 58.42
N ILE K 276 -4.43 40.75 58.39
CA ILE K 276 -3.31 39.79 58.12
C ILE K 276 -3.00 39.74 56.62
N GLY K 277 -3.90 40.23 55.76
CA GLY K 277 -3.64 40.24 54.34
C GLY K 277 -4.46 39.27 53.51
N LEU K 278 -5.52 38.68 54.07
CA LEU K 278 -6.34 37.76 53.32
C LEU K 278 -7.43 38.50 52.54
N PRO K 279 -7.78 38.00 51.36
CA PRO K 279 -8.78 38.69 50.54
C PRO K 279 -10.18 38.49 51.08
N VAL K 280 -11.01 39.53 50.93
CA VAL K 280 -12.42 39.49 51.29
C VAL K 280 -13.22 40.07 50.13
N PRO K 281 -14.47 39.65 49.92
CA PRO K 281 -15.26 40.22 48.83
C PRO K 281 -15.45 41.72 49.01
N TYR K 282 -15.71 42.41 47.90
CA TYR K 282 -15.94 43.85 47.95
C TYR K 282 -16.72 44.35 46.75
N VAL L 2 -22.55 58.63 18.52
CA VAL L 2 -21.57 57.64 19.08
C VAL L 2 -21.08 56.75 17.92
N LYS L 3 -19.77 56.71 17.70
CA LYS L 3 -19.22 55.90 16.62
C LYS L 3 -18.70 54.59 17.19
N ILE L 4 -19.30 53.49 16.70
CA ILE L 4 -18.88 52.16 17.22
C ILE L 4 -18.20 51.37 16.09
N ALA L 5 -17.27 50.49 16.46
CA ALA L 5 -16.49 49.70 15.52
C ALA L 5 -16.25 48.30 16.07
N HIS L 6 -16.34 47.32 15.18
CA HIS L 6 -16.06 45.91 15.55
C HIS L 6 -14.77 45.48 14.84
N ILE L 7 -13.70 45.34 15.63
CA ILE L 7 -12.41 44.95 15.10
C ILE L 7 -12.22 43.46 15.32
N HIS L 8 -11.81 42.74 14.29
CA HIS L 8 -11.68 41.26 14.39
C HIS L 8 -10.23 40.84 14.17
N LEU L 9 -9.59 40.35 15.23
CA LEU L 9 -8.22 39.84 15.19
C LEU L 9 -8.26 38.33 15.11
N CYS L 10 -7.48 37.57 15.89
CA CYS L 10 -7.47 36.11 15.84
C CYS L 10 -8.61 35.58 16.71
N GLY L 11 -9.82 35.79 16.23
CA GLY L 11 -11.01 35.30 16.90
C GLY L 11 -11.76 34.31 16.04
N CYS L 12 -13.04 34.10 16.35
CA CYS L 12 -13.88 33.19 15.59
C CYS L 12 -15.20 33.82 15.19
N THR L 13 -15.46 35.07 15.53
CA THR L 13 -16.67 35.82 15.24
C THR L 13 -17.82 35.39 16.15
N GLY L 14 -17.60 34.40 17.01
CA GLY L 14 -18.65 33.99 17.94
C GLY L 14 -19.13 35.12 18.82
N CYS L 15 -18.21 36.00 19.26
CA CYS L 15 -18.63 37.13 20.09
C CYS L 15 -19.47 38.11 19.28
N LEU L 16 -19.14 38.30 18.00
CA LEU L 16 -19.99 39.15 17.16
C LEU L 16 -21.37 38.53 16.98
N ILE L 17 -21.42 37.20 16.76
CA ILE L 17 -22.71 36.52 16.62
C ILE L 17 -23.53 36.68 17.89
N SER L 18 -22.87 36.62 19.06
CA SER L 18 -23.60 36.81 20.31
C SER L 18 -24.19 38.22 20.38
N LEU L 19 -23.49 39.21 19.83
CA LEU L 19 -24.07 40.54 19.72
C LEU L 19 -25.29 40.53 18.79
N ALA L 20 -25.20 39.79 17.69
CA ALA L 20 -26.32 39.68 16.77
C ALA L 20 -27.49 38.95 17.38
N ASP L 21 -27.27 38.18 18.45
CA ASP L 21 -28.33 37.46 19.12
C ASP L 21 -29.04 38.31 20.15
N THR L 22 -29.01 39.62 19.97
CA THR L 22 -29.92 40.52 20.65
C THR L 22 -31.15 40.80 19.80
N TYR L 23 -31.10 40.49 18.51
CA TYR L 23 -32.22 40.48 17.57
C TYR L 23 -32.86 41.89 17.74
N GLU L 24 -34.11 41.94 18.22
CA GLU L 24 -34.80 43.20 18.32
C GLU L 24 -34.05 44.35 19.00
N GLN L 25 -33.36 44.07 20.11
CA GLN L 25 -32.51 45.07 20.73
C GLN L 25 -31.37 45.50 19.82
N LEU L 26 -31.02 44.69 18.81
CA LEU L 26 -29.93 45.06 17.92
C LEU L 26 -30.32 46.20 16.98
N LEU L 27 -31.58 46.24 16.57
CA LEU L 27 -32.04 47.36 15.75
C LEU L 27 -32.08 48.64 16.57
N ASP L 28 -32.53 48.54 17.83
CA ASP L 28 -32.44 49.67 18.75
C ASP L 28 -30.99 50.13 18.88
N ILE L 29 -30.08 49.18 19.07
CA ILE L 29 -28.69 49.51 19.35
C ILE L 29 -28.03 50.16 18.14
N LEU L 30 -28.36 49.65 16.95
CA LEU L 30 -27.69 50.11 15.69
C LEU L 30 -28.14 51.51 15.25
N ASN L 31 -29.28 52.01 15.75
CA ASN L 31 -29.70 53.37 15.40
C ASN L 31 -29.29 54.40 16.44
N SER L 32 -28.91 53.95 17.66
CA SER L 32 -28.42 54.88 18.67
C SER L 32 -26.93 55.17 18.48
N VAL L 33 -26.16 54.17 18.05
CA VAL L 33 -24.78 54.35 17.67
C VAL L 33 -24.69 54.18 16.15
N GLU L 34 -23.57 54.63 15.59
CA GLU L 34 -23.32 54.57 14.15
C GLU L 34 -22.13 53.64 13.91
N LEU L 35 -22.40 52.46 13.37
CA LEU L 35 -21.35 51.47 13.12
C LEU L 35 -20.47 51.94 11.96
N VAL L 36 -19.30 52.48 12.28
CA VAL L 36 -18.41 53.01 11.26
C VAL L 36 -17.43 51.97 10.70
N TYR L 37 -17.14 50.91 11.44
CA TYR L 37 -16.20 49.90 10.97
C TYR L 37 -16.63 48.53 11.46
N ALA L 38 -16.63 47.57 10.54
CA ALA L 38 -16.87 46.16 10.85
C ALA L 38 -16.75 45.40 9.54
N LEU L 39 -15.62 44.73 9.32
CA LEU L 39 -15.39 44.12 8.02
C LEU L 39 -16.47 43.11 7.68
N THR L 40 -17.12 42.52 8.69
CA THR L 40 -18.15 41.52 8.43
C THR L 40 -19.49 42.14 8.06
N LEU L 41 -19.70 43.43 8.32
CA LEU L 41 -21.01 44.06 8.20
C LEU L 41 -21.07 45.25 7.24
N VAL L 42 -20.00 46.04 7.13
CA VAL L 42 -20.01 47.27 6.34
C VAL L 42 -18.82 47.28 5.40
N ASP L 43 -18.88 48.14 4.40
CA ASP L 43 -17.81 48.30 3.42
C ASP L 43 -16.92 49.49 3.74
N GLU L 44 -16.49 49.61 4.99
CA GLU L 44 -15.68 50.75 5.42
C GLU L 44 -14.35 50.26 5.99
N LYS L 45 -13.30 51.07 5.81
CA LYS L 45 -13.32 52.35 5.10
C LYS L 45 -12.49 52.27 3.81
N THR L 46 -13.16 52.40 2.67
CA THR L 46 -12.55 52.10 1.39
C THR L 46 -11.69 53.27 0.91
N GLU L 47 -10.45 52.97 0.52
CA GLU L 47 -9.52 53.96 0.00
C GLU L 47 -8.80 53.36 -1.19
N ILE L 48 -8.74 54.09 -2.30
CA ILE L 48 -8.16 53.60 -3.54
C ILE L 48 -6.91 54.41 -3.87
N ARG L 49 -5.87 53.73 -4.34
CA ARG L 49 -4.61 54.36 -4.73
C ARG L 49 -4.15 53.70 -6.01
N GLU L 50 -4.19 54.45 -7.11
CA GLU L 50 -3.96 53.92 -8.45
C GLU L 50 -2.66 54.48 -9.01
N THR L 51 -1.75 53.59 -9.37
CA THR L 51 -0.54 53.91 -10.10
C THR L 51 -0.70 53.41 -11.54
N ASP L 52 0.42 53.37 -12.27
CA ASP L 52 0.39 52.93 -13.65
C ASP L 52 0.27 51.42 -13.78
N ASP L 53 0.60 50.67 -12.73
CA ASP L 53 0.55 49.22 -12.76
C ASP L 53 -0.44 48.60 -11.81
N LYS L 54 -0.89 49.33 -10.78
CA LYS L 54 -1.70 48.73 -9.73
C LYS L 54 -2.86 49.63 -9.33
N ILE L 55 -3.94 48.99 -8.90
CA ILE L 55 -5.08 49.67 -8.29
C ILE L 55 -5.30 49.03 -6.93
N LEU L 56 -5.00 49.80 -5.87
CA LEU L 56 -5.08 49.25 -4.49
C LEU L 56 -6.37 49.71 -3.80
N ILE L 57 -7.31 48.80 -3.60
CA ILE L 57 -8.57 49.07 -2.92
C ILE L 57 -8.46 48.48 -1.52
N GLU L 58 -8.21 49.35 -0.54
CA GLU L 58 -7.98 48.95 0.83
C GLU L 58 -9.16 49.35 1.71
N ARG L 59 -9.45 48.54 2.72
CA ARG L 59 -10.46 48.86 3.74
C ARG L 59 -9.71 49.09 5.05
N GLU L 60 -9.57 50.36 5.42
CA GLU L 60 -8.81 50.76 6.60
C GLU L 60 -9.75 51.06 7.77
N ILE L 61 -9.15 51.20 8.94
CA ILE L 61 -9.89 51.54 10.16
C ILE L 61 -10.12 53.04 10.18
N PRO L 62 -11.35 53.51 10.35
CA PRO L 62 -11.62 54.96 10.34
C PRO L 62 -11.20 55.62 11.66
N ASP L 63 -11.29 56.94 11.71
CA ASP L 63 -10.89 57.65 12.95
C ASP L 63 -12.14 58.07 13.72
N ASP L 64 -11.97 58.83 14.80
CA ASP L 64 -13.11 59.33 15.63
C ASP L 64 -13.85 58.17 16.29
N ILE L 65 -13.27 56.97 16.27
CA ILE L 65 -14.03 55.82 16.83
C ILE L 65 -14.18 56.05 18.33
N ASP L 66 -15.42 56.00 18.82
CA ASP L 66 -15.69 56.26 20.22
C ASP L 66 -15.58 55.00 21.07
N ILE L 67 -16.18 53.90 20.62
CA ILE L 67 -16.08 52.61 21.30
C ILE L 67 -15.72 51.55 20.26
N ALA L 68 -14.66 50.78 20.54
CA ALA L 68 -14.19 49.75 19.63
C ALA L 68 -14.26 48.41 20.32
N LEU L 69 -15.14 47.53 19.83
CA LEU L 69 -15.26 46.17 20.33
C LEU L 69 -14.23 45.30 19.59
N VAL L 70 -13.14 44.96 20.28
CA VAL L 70 -12.02 44.23 19.69
C VAL L 70 -12.13 42.77 20.09
N GLU L 71 -12.23 41.91 19.08
CA GLU L 71 -12.46 40.46 19.35
C GLU L 71 -11.26 39.63 18.89
N GLY L 72 -10.82 38.69 19.73
CA GLY L 72 -9.72 37.81 19.41
C GLY L 72 -8.40 38.29 19.94
N SER L 73 -7.42 37.39 19.88
CA SER L 73 -6.06 37.65 20.34
C SER L 73 -5.20 38.13 19.18
N VAL L 74 -3.94 38.42 19.48
CA VAL L 74 -2.99 38.97 18.52
C VAL L 74 -1.93 37.91 18.23
N CYS L 75 -1.60 37.73 16.95
CA CYS L 75 -0.52 36.84 16.55
C CYS L 75 0.74 37.66 16.38
N LEU L 76 1.73 37.42 17.26
CA LEU L 76 2.95 38.21 17.24
C LEU L 76 3.77 38.00 15.98
N GLU L 77 3.58 36.86 15.30
CA GLU L 77 4.38 36.53 14.09
C GLU L 77 3.66 37.02 12.82
N ASP L 78 2.56 37.76 12.96
CA ASP L 78 1.83 38.30 11.81
C ASP L 78 1.84 39.81 11.90
N GLU L 79 2.44 40.46 10.89
CA GLU L 79 2.58 41.91 10.93
C GLU L 79 1.22 42.60 10.89
N HIS L 80 0.32 42.10 10.06
CA HIS L 80 -1.02 42.76 9.93
C HIS L 80 -1.74 42.69 11.27
N SER L 81 -1.66 41.54 11.95
CA SER L 81 -2.38 41.38 13.20
C SER L 81 -1.95 42.40 14.22
N MET L 82 -0.63 42.64 14.34
CA MET L 82 -0.13 43.63 15.29
C MET L 82 -0.34 45.05 14.80
N LYS L 83 -0.29 45.26 13.48
CA LYS L 83 -0.57 46.60 12.96
C LYS L 83 -1.99 47.03 13.30
N ASP L 84 -2.93 46.08 13.32
CA ASP L 84 -4.33 46.41 13.53
C ASP L 84 -4.68 46.59 15.00
N VAL L 85 -3.93 45.98 15.92
CA VAL L 85 -4.27 46.15 17.33
C VAL L 85 -3.75 47.49 17.84
N PHE L 86 -2.57 47.91 17.38
CA PHE L 86 -2.12 49.27 17.69
C PHE L 86 -2.95 50.30 16.93
N ASP L 87 -3.46 49.94 15.76
CA ASP L 87 -4.30 50.85 15.02
C ASP L 87 -5.60 51.13 15.77
N ALA L 88 -6.27 50.09 16.23
CA ALA L 88 -7.55 50.28 16.91
C ALA L 88 -7.39 51.11 18.17
N ARG L 89 -6.30 50.91 18.91
CA ARG L 89 -6.07 51.70 20.12
C ARG L 89 -5.92 53.18 19.78
N ARG L 90 -5.13 53.49 18.75
CA ARG L 90 -4.88 54.89 18.43
C ARG L 90 -6.15 55.58 17.96
N LYS L 91 -6.96 54.90 17.16
CA LYS L 91 -8.12 55.52 16.53
C LYS L 91 -9.38 55.42 17.37
N SER L 92 -9.32 54.82 18.56
CA SER L 92 -10.49 54.68 19.41
C SER L 92 -10.23 55.32 20.77
N LYS L 93 -11.29 55.90 21.35
CA LYS L 93 -11.21 56.48 22.69
C LYS L 93 -11.42 55.43 23.77
N ILE L 94 -12.37 54.52 23.58
CA ILE L 94 -12.60 53.40 24.49
C ILE L 94 -12.38 52.11 23.69
N VAL L 95 -11.50 51.25 24.19
CA VAL L 95 -11.23 49.96 23.58
C VAL L 95 -11.74 48.87 24.52
N VAL L 96 -12.65 48.04 24.02
CA VAL L 96 -13.26 46.96 24.79
C VAL L 96 -12.69 45.65 24.29
N ALA L 97 -12.04 44.92 25.19
CA ALA L 97 -11.63 43.54 24.91
C ALA L 97 -12.87 42.66 24.96
N LEU L 98 -13.37 42.27 23.80
CA LEU L 98 -14.61 41.51 23.69
C LEU L 98 -14.28 40.02 23.64
N GLY L 99 -14.58 39.31 24.70
CA GLY L 99 -14.41 37.87 24.73
C GLY L 99 -13.06 37.45 25.31
N ALA L 100 -12.99 36.17 25.68
CA ALA L 100 -11.81 35.64 26.35
C ALA L 100 -10.57 35.71 25.47
N CYS L 101 -10.72 35.53 24.16
CA CYS L 101 -9.55 35.57 23.28
C CYS L 101 -8.84 36.92 23.38
N ALA L 102 -9.61 38.01 23.33
CA ALA L 102 -9.02 39.34 23.40
C ALA L 102 -8.64 39.72 24.81
N ALA L 103 -9.41 39.29 25.81
CA ALA L 103 -9.22 39.77 27.17
C ALA L 103 -8.11 39.03 27.89
N THR L 104 -7.98 37.73 27.63
CA THR L 104 -7.07 36.90 28.41
C THR L 104 -6.39 35.81 27.59
N GLY L 105 -6.62 35.72 26.29
CA GLY L 105 -6.03 34.67 25.48
C GLY L 105 -7.04 33.59 25.12
N GLY L 106 -7.72 33.05 26.13
CA GLY L 106 -8.75 32.07 25.86
C GLY L 106 -8.16 30.83 25.21
N ILE L 107 -8.86 30.32 24.20
CA ILE L 107 -8.45 29.05 23.57
C ILE L 107 -7.11 29.20 22.88
N THR L 108 -6.78 30.41 22.39
CA THR L 108 -5.52 30.59 21.67
C THR L 108 -4.31 30.45 22.57
N ARG L 109 -4.49 30.40 23.88
CA ARG L 109 -3.37 30.08 24.77
C ARG L 109 -2.74 28.74 24.41
N PHE L 110 -3.54 27.83 23.87
CA PHE L 110 -3.06 26.50 23.51
C PHE L 110 -2.31 26.48 22.19
N CYS L 111 -2.25 27.59 21.45
CA CYS L 111 -1.56 27.62 20.17
C CYS L 111 -0.06 27.41 20.37
N ARG L 112 0.52 26.50 19.59
CA ARG L 112 1.97 26.20 19.74
C ARG L 112 2.61 26.12 18.34
N GLY L 113 1.80 26.18 17.28
CA GLY L 113 2.32 26.17 15.91
C GLY L 113 2.56 24.76 15.41
N GLY L 114 3.30 24.60 14.33
CA GLY L 114 3.62 23.30 13.81
C GLY L 114 2.72 22.93 12.71
N GLN L 115 1.83 23.83 12.37
CA GLN L 115 0.86 23.52 11.37
C GLN L 115 1.08 24.39 10.22
N MET L 116 1.22 23.81 9.04
CA MET L 116 1.29 24.65 7.87
C MET L 116 -0.07 25.35 7.92
N SER L 117 -0.30 26.39 7.13
CA SER L 117 0.56 26.79 6.06
C SER L 117 1.47 27.92 6.51
N LYS L 118 1.16 28.55 7.62
CA LYS L 118 2.05 29.53 8.20
C LYS L 118 2.71 28.86 9.37
N PRO L 119 3.70 28.00 9.08
CA PRO L 119 4.30 27.22 10.15
C PRO L 119 4.90 28.03 11.29
N VAL L 120 5.10 29.33 11.07
CA VAL L 120 5.82 30.16 12.08
C VAL L 120 4.83 30.79 13.08
N HIS L 121 3.52 30.71 12.81
CA HIS L 121 2.53 31.30 13.70
C HIS L 121 2.34 30.41 14.92
N SER L 122 2.69 30.91 16.10
CA SER L 122 2.65 30.09 17.29
C SER L 122 2.47 30.88 18.58
N SER L 123 2.58 32.21 18.50
CA SER L 123 2.59 33.08 19.68
C SER L 123 1.38 34.00 19.62
N PHE L 124 0.40 33.74 20.49
CA PHE L 124 -0.83 34.52 20.55
C PHE L 124 -0.99 35.09 21.96
N VAL L 125 -1.28 36.38 22.04
CA VAL L 125 -1.42 37.06 23.34
C VAL L 125 -2.72 37.87 23.33
N PRO L 126 -3.34 38.09 24.49
CA PRO L 126 -4.49 39.00 24.54
C PRO L 126 -4.05 40.42 24.20
N ILE L 127 -5.02 41.22 23.74
CA ILE L 127 -4.70 42.58 23.32
C ILE L 127 -4.17 43.42 24.48
N GLY L 128 -4.50 43.05 25.72
CA GLY L 128 -4.00 43.80 26.86
C GLY L 128 -2.51 43.73 27.04
N ASP L 129 -1.85 42.74 26.44
CA ASP L 129 -0.40 42.60 26.53
C ASP L 129 0.35 43.58 25.63
N LEU L 130 -0.36 44.30 24.77
CA LEU L 130 0.26 45.23 23.81
C LEU L 130 -0.29 46.63 23.90
N ILE L 131 -1.59 46.79 24.11
CA ILE L 131 -2.21 48.11 24.16
C ILE L 131 -2.95 48.27 25.47
N LYS L 132 -3.50 49.46 25.70
CA LYS L 132 -4.33 49.70 26.87
C LYS L 132 -5.76 49.23 26.58
N VAL L 133 -6.35 48.52 27.53
CA VAL L 133 -7.73 48.06 27.46
C VAL L 133 -8.53 48.78 28.53
N ASP L 134 -9.70 49.29 28.16
CA ASP L 134 -10.56 50.05 29.05
C ASP L 134 -11.65 49.21 29.70
N LEU L 135 -12.22 48.27 28.96
CA LEU L 135 -13.20 47.34 29.49
C LEU L 135 -12.93 45.96 28.90
N ALA L 136 -13.23 44.92 29.69
CA ALA L 136 -12.97 43.54 29.28
C ALA L 136 -14.17 42.68 29.60
N LEU L 137 -14.64 41.91 28.60
CA LEU L 137 -15.74 40.99 28.77
C LEU L 137 -15.21 39.55 28.68
N PRO L 138 -15.23 38.79 29.77
CA PRO L 138 -14.82 37.38 29.66
C PRO L 138 -15.90 36.54 28.98
N GLY L 139 -15.77 35.22 29.07
CA GLY L 139 -16.72 34.31 28.44
C GLY L 139 -16.31 33.94 27.02
N CYS L 140 -16.89 32.85 26.55
CA CYS L 140 -16.56 32.30 25.22
C CYS L 140 -17.81 31.75 24.57
N PRO L 141 -18.70 32.62 24.07
CA PRO L 141 -18.68 34.08 24.15
C PRO L 141 -19.50 34.61 25.32
N PRO L 142 -19.31 35.86 25.73
CA PRO L 142 -20.21 36.46 26.72
C PRO L 142 -21.62 36.54 26.16
N SER L 143 -22.60 36.45 27.04
CA SER L 143 -23.98 36.35 26.61
C SER L 143 -24.46 37.64 25.96
N PRO L 144 -25.45 37.55 25.07
CA PRO L 144 -26.05 38.79 24.55
C PRO L 144 -26.57 39.72 25.63
N GLU L 145 -27.16 39.18 26.69
CA GLU L 145 -27.66 40.02 27.78
C GLU L 145 -26.53 40.79 28.44
N ALA L 146 -25.42 40.10 28.75
CA ALA L 146 -24.24 40.79 29.29
C ALA L 146 -23.69 41.81 28.31
N LEU L 147 -23.97 41.64 27.03
CA LEU L 147 -23.49 42.58 26.03
C LEU L 147 -24.32 43.85 26.06
N VAL L 148 -25.63 43.73 26.03
CA VAL L 148 -26.46 44.92 25.99
C VAL L 148 -26.24 45.74 27.25
N ASN L 149 -25.98 45.10 28.38
CA ASN L 149 -25.73 45.85 29.60
C ASN L 149 -24.43 46.65 29.49
N LEU L 150 -23.38 46.06 28.91
CA LEU L 150 -22.15 46.80 28.70
C LEU L 150 -22.40 48.01 27.79
N ILE L 151 -23.06 47.79 26.66
CA ILE L 151 -23.28 48.87 25.70
C ILE L 151 -24.17 49.95 26.28
N THR L 152 -25.21 49.56 27.03
CA THR L 152 -26.11 50.56 27.62
C THR L 152 -25.38 51.39 28.66
N ALA L 153 -24.64 50.73 29.56
CA ALA L 153 -23.90 51.44 30.58
C ALA L 153 -22.87 52.38 29.96
N ALA L 154 -22.21 51.94 28.89
CA ALA L 154 -21.19 52.77 28.26
C ALA L 154 -21.80 54.04 27.67
N LEU L 155 -23.02 53.92 27.15
CA LEU L 155 -23.71 55.10 26.55
C LEU L 155 -24.31 55.97 27.66
N ASN L 156 -24.71 55.35 28.78
CA ASN L 156 -25.35 56.11 29.88
C ASN L 156 -24.32 56.50 30.94
N GLY L 157 -23.03 56.25 30.67
CA GLY L 157 -21.96 56.62 31.63
C GLY L 157 -22.15 55.93 32.96
N ASP L 158 -22.79 54.76 32.96
CA ASP L 158 -22.98 53.99 34.20
C ASP L 158 -21.63 53.40 34.60
N THR L 159 -20.76 54.26 35.13
CA THR L 159 -19.42 53.83 35.52
C THR L 159 -19.44 52.88 36.71
N GLU L 160 -20.48 52.94 37.55
CA GLU L 160 -20.58 52.01 38.67
C GLU L 160 -20.78 50.58 38.17
N TYR L 161 -21.58 50.41 37.11
CA TYR L 161 -21.81 49.08 36.57
C TYR L 161 -20.57 48.54 35.87
N LEU L 162 -19.89 49.40 35.10
CA LEU L 162 -18.74 48.98 34.32
C LEU L 162 -17.47 48.81 35.15
N GLU L 163 -17.50 49.19 36.43
CA GLU L 163 -16.28 49.12 37.24
C GLU L 163 -15.71 47.71 37.26
N ILE L 164 -16.57 46.70 37.31
CA ILE L 164 -16.08 45.34 37.43
C ILE L 164 -15.33 44.93 36.16
N TYR L 165 -15.77 45.40 35.01
CA TYR L 165 -15.08 45.10 33.75
C TYR L 165 -13.85 45.97 33.56
N ALA L 166 -13.86 47.21 34.02
CA ALA L 166 -12.69 48.07 33.90
C ALA L 166 -11.55 47.53 34.74
N GLU L 167 -11.84 47.15 35.99
CA GLU L 167 -10.86 46.45 36.81
C GLU L 167 -10.39 45.18 36.13
N LEU L 168 -11.30 44.49 35.44
CA LEU L 168 -10.94 43.26 34.74
C LEU L 168 -10.01 43.52 33.56
N ALA L 169 -10.04 44.73 33.01
CA ALA L 169 -9.19 45.05 31.87
C ALA L 169 -7.70 45.09 32.25
N LYS L 170 -7.40 45.29 33.54
CA LYS L 170 -6.00 45.31 33.97
C LYS L 170 -5.39 43.93 34.05
N LYS L 171 -6.21 42.87 34.09
CA LYS L 171 -5.74 41.50 34.21
C LYS L 171 -5.82 40.82 32.86
N THR L 172 -4.71 40.17 32.45
CA THR L 172 -4.62 39.52 31.15
C THR L 172 -4.55 38.01 31.25
N GLU L 173 -4.79 37.45 32.45
CA GLU L 173 -4.69 35.97 32.62
C GLU L 173 -6.02 35.39 33.15
N ALA L 174 -6.50 34.30 32.54
CA ALA L 174 -7.74 33.67 32.98
C ALA L 174 -7.54 32.16 32.97
N CYS L 175 -8.12 31.49 33.97
CA CYS L 175 -8.05 30.04 34.07
CA CYS L 175 -8.12 30.03 34.01
C CYS L 175 -9.06 29.58 35.11
N GLY L 176 -9.40 28.29 35.08
CA GLY L 176 -10.28 27.72 36.08
C GLY L 176 -9.66 27.64 37.45
N CYS L 177 -8.33 27.67 37.52
CA CYS L 177 -7.64 27.70 38.80
C CYS L 177 -7.83 29.02 39.54
N ASP L 178 -8.44 30.02 38.90
CA ASP L 178 -8.75 31.26 39.62
C ASP L 178 -9.76 31.02 40.73
N LEU L 179 -10.63 30.02 40.56
CA LEU L 179 -11.56 29.67 41.64
C LEU L 179 -10.83 29.05 42.82
N LEU L 180 -9.87 28.16 42.55
CA LEU L 180 -9.13 27.54 43.64
C LEU L 180 -8.23 28.55 44.33
N VAL L 181 -7.37 29.23 43.56
CA VAL L 181 -6.35 30.09 44.15
C VAL L 181 -7.00 31.19 45.00
N ASN L 182 -8.12 31.72 44.55
CA ASN L 182 -8.69 32.91 45.16
C ASN L 182 -9.88 32.65 46.08
N VAL L 183 -10.47 31.46 46.02
CA VAL L 183 -11.69 31.21 46.78
C VAL L 183 -11.52 29.98 47.68
N ILE L 184 -11.32 28.82 47.09
CA ILE L 184 -11.21 27.59 47.88
C ILE L 184 -10.00 27.68 48.82
N ASN L 185 -8.84 28.07 48.27
CA ASN L 185 -7.63 28.12 49.08
C ASN L 185 -7.66 29.23 50.12
N LYS L 186 -8.47 30.25 49.90
CA LYS L 186 -8.52 31.40 50.81
C LYS L 186 -9.65 31.32 51.82
N SER L 187 -10.30 30.16 51.91
CA SER L 187 -11.37 29.95 52.89
C SER L 187 -12.52 30.92 52.67
N LEU L 188 -12.92 31.10 51.41
CA LEU L 188 -14.04 31.95 51.06
C LEU L 188 -15.19 31.21 50.39
N CYS L 189 -14.96 30.01 49.87
CA CYS L 189 -15.98 29.31 49.10
C CYS L 189 -17.04 28.73 50.00
N MET L 190 -18.29 29.09 49.76
CA MET L 190 -19.40 28.58 50.56
C MET L 190 -20.16 27.48 49.84
N GLY L 191 -19.82 27.21 48.57
CA GLY L 191 -20.46 26.13 47.86
C GLY L 191 -21.82 26.42 47.26
N CYS L 192 -22.01 27.62 46.70
CA CYS L 192 -23.28 27.95 46.07
C CYS L 192 -23.49 27.16 44.79
N GLY L 193 -22.42 26.95 44.02
CA GLY L 193 -22.48 26.21 42.78
C GLY L 193 -22.73 27.04 41.54
N SER L 194 -22.82 28.37 41.67
CA SER L 194 -23.11 29.20 40.50
C SER L 194 -21.95 29.20 39.52
N CYS L 195 -20.72 29.06 40.00
CA CYS L 195 -19.59 29.00 39.08
C CYS L 195 -19.70 27.80 38.15
N ALA L 196 -20.24 26.69 38.64
CA ALA L 196 -20.46 25.53 37.77
C ALA L 196 -21.50 25.85 36.71
N ALA L 197 -22.54 26.59 37.08
CA ALA L 197 -23.61 26.91 36.13
C ALA L 197 -23.16 27.90 35.07
N SER L 198 -22.06 28.62 35.29
CA SER L 198 -21.61 29.62 34.32
C SER L 198 -20.71 29.04 33.23
N CYS L 199 -20.15 27.85 33.45
CA CYS L 199 -19.09 27.36 32.59
C CYS L 199 -19.65 26.94 31.24
N PRO L 200 -19.05 27.39 30.12
CA PRO L 200 -19.58 27.02 28.80
C PRO L 200 -19.23 25.61 28.36
N THR L 201 -18.14 25.05 28.87
CA THR L 201 -17.71 23.71 28.50
C THR L 201 -18.09 22.65 29.52
N ARG L 202 -18.81 23.04 30.58
CA ARG L 202 -19.23 22.09 31.64
C ARG L 202 -17.97 21.47 32.28
N ALA L 203 -16.91 22.25 32.43
CA ALA L 203 -15.67 21.78 33.03
C ALA L 203 -15.68 21.77 34.55
N ILE L 204 -16.72 22.33 35.20
CA ILE L 204 -16.77 22.42 36.65
C ILE L 204 -17.82 21.44 37.17
N GLU L 205 -17.48 20.78 38.28
CA GLU L 205 -18.30 19.70 38.84
C GLU L 205 -18.31 19.86 40.35
N MET L 206 -19.48 20.08 40.93
CA MET L 206 -19.58 20.26 42.37
C MET L 206 -19.42 18.91 43.08
N ILE L 207 -18.37 18.79 43.89
CA ILE L 207 -18.10 17.59 44.67
C ILE L 207 -17.76 18.02 46.08
N ASP L 208 -18.43 17.43 47.07
CA ASP L 208 -18.23 17.81 48.48
C ASP L 208 -18.53 19.28 48.71
N GLY L 209 -19.46 19.85 47.95
CA GLY L 209 -19.82 21.24 48.11
C GLY L 209 -18.78 22.23 47.63
N LYS L 210 -17.81 21.78 46.85
CA LYS L 210 -16.78 22.64 46.30
C LYS L 210 -16.67 22.40 44.80
N PRO L 211 -16.29 23.40 44.03
CA PRO L 211 -16.10 23.19 42.59
C PRO L 211 -14.83 22.38 42.32
N ASN L 212 -14.93 21.48 41.35
CA ASN L 212 -13.82 20.62 40.93
C ASN L 212 -13.65 20.82 39.42
N VAL L 213 -12.51 21.40 39.03
CA VAL L 213 -12.29 21.77 37.64
C VAL L 213 -11.63 20.61 36.92
N LEU L 214 -12.32 20.08 35.91
CA LEU L 214 -11.74 19.11 34.98
C LEU L 214 -10.80 19.86 34.06
N LYS L 215 -9.50 19.86 34.41
CA LYS L 215 -8.55 20.77 33.78
C LYS L 215 -8.44 20.55 32.27
N GLU L 216 -8.59 19.31 31.81
CA GLU L 216 -8.44 19.05 30.38
C GLU L 216 -9.63 19.52 29.56
N LEU L 217 -10.67 20.08 30.20
CA LEU L 217 -11.82 20.63 29.50
C LEU L 217 -11.93 22.15 29.61
N CYS L 218 -11.13 22.78 30.45
CA CYS L 218 -11.18 24.23 30.63
C CYS L 218 -10.54 24.93 29.45
N ILE L 219 -11.21 25.96 28.94
CA ILE L 219 -10.69 26.77 27.83
C ILE L 219 -10.27 28.15 28.28
N LYS L 220 -10.19 28.38 29.59
CA LYS L 220 -9.62 29.61 30.14
C LYS L 220 -10.42 30.83 29.69
N CYS L 221 -11.75 30.73 29.76
CA CYS L 221 -12.63 31.82 29.35
C CYS L 221 -12.86 32.84 30.46
N GLY L 222 -12.69 32.45 31.72
CA GLY L 222 -12.83 33.35 32.84
C GLY L 222 -14.25 33.67 33.26
N ALA L 223 -15.23 32.89 32.80
CA ALA L 223 -16.61 33.18 33.17
C ALA L 223 -16.90 32.79 34.62
N CYS L 224 -16.21 31.76 35.13
CA CYS L 224 -16.50 31.29 36.48
C CYS L 224 -15.96 32.26 37.53
N SER L 225 -14.73 32.74 37.34
CA SER L 225 -14.18 33.68 38.31
C SER L 225 -14.88 35.03 38.24
N LEU L 226 -15.44 35.39 37.09
CA LEU L 226 -16.24 36.61 37.03
C LEU L 226 -17.55 36.44 37.79
N GLN L 227 -18.10 35.22 37.81
CA GLN L 227 -19.38 34.99 38.44
C GLN L 227 -19.27 34.87 39.96
N CYS L 228 -18.15 34.38 40.47
CA CYS L 228 -18.06 34.07 41.89
C CYS L 228 -18.40 35.29 42.73
N PRO L 229 -19.45 35.23 43.56
CA PRO L 229 -19.79 36.39 44.40
C PRO L 229 -18.88 36.57 45.61
N ARG L 230 -17.92 35.67 45.80
CA ARG L 230 -16.93 35.82 46.87
C ARG L 230 -15.65 36.50 46.39
N ILE L 231 -15.52 36.72 45.08
CA ILE L 231 -14.41 37.50 44.54
C ILE L 231 -14.85 38.96 44.47
N ARG L 232 -15.79 39.26 43.57
CA ARG L 232 -16.33 40.60 43.42
C ARG L 232 -17.83 40.58 43.70
N PHE L 233 -18.28 41.52 44.53
CA PHE L 233 -19.70 41.68 44.83
C PHE L 233 -19.96 43.15 45.06
N PRO L 234 -20.12 43.93 43.98
CA PRO L 234 -20.36 45.36 44.15
C PRO L 234 -21.71 45.63 44.81
N LYS L 235 -21.75 46.73 45.57
CA LYS L 235 -22.95 47.06 46.32
C LYS L 235 -24.15 47.31 45.42
N LEU L 236 -23.94 47.71 44.16
CA LEU L 236 -25.05 48.02 43.28
C LEU L 236 -25.95 46.82 43.06
N ILE L 237 -25.43 45.60 43.22
CA ILE L 237 -26.24 44.41 43.02
C ILE L 237 -27.29 44.29 44.11
N GLU L 238 -27.01 44.81 45.30
CA GLU L 238 -27.95 44.67 46.44
C GLU L 238 -29.22 45.51 46.21
N GLU L 239 -29.22 46.38 45.20
CA GLU L 239 -30.37 47.23 44.91
C GLU L 239 -31.28 46.50 43.93
N ILE L 240 -32.46 46.09 44.41
CA ILE L 240 -33.42 45.33 43.61
C ILE L 240 -34.82 45.88 43.86
N GLU L 241 -35.69 45.70 42.86
CA GLU L 241 -37.07 46.17 42.96
C GLU L 241 -38.03 45.02 43.15
S SO4 M . -6.93 -55.14 -42.90
O1 SO4 M . -6.43 -54.92 -44.29
O2 SO4 M . -6.09 -56.20 -42.24
O3 SO4 M . -6.81 -53.86 -42.12
O4 SO4 M . -8.36 -55.58 -42.93
S SO4 N . 14.08 -55.06 -4.92
O1 SO4 N . 13.31 -54.49 -6.08
O2 SO4 N . 14.76 -56.33 -5.35
O3 SO4 N . 15.12 -54.06 -4.47
O4 SO4 N . 13.16 -55.36 -3.79
FE NFU O . 12.06 -49.96 -27.69
NI NFU O . 12.45 -49.78 -30.30
C1 NFU O . 11.10 -51.52 -27.86
N1 NFU O . 10.46 -52.46 -27.92
C2 NFU O . 13.53 -50.94 -27.28
N2 NFU O . 14.46 -51.53 -26.96
C3 NFU O . 11.06 -49.04 -26.45
O3 NFU O . 10.44 -48.42 -25.59
PA FAD P . -30.71 -34.35 -49.54
O1A FAD P . -31.64 -35.46 -49.13
O2A FAD P . -31.41 -33.01 -49.38
O5B FAD P . -29.38 -34.31 -48.65
C5B FAD P . -28.54 -33.16 -48.74
C4B FAD P . -27.13 -33.53 -48.31
O4B FAD P . -26.25 -32.42 -48.51
C3B FAD P . -27.06 -33.90 -46.84
O3B FAD P . -26.67 -35.26 -46.70
C2B FAD P . -26.01 -32.99 -46.24
O2B FAD P . -25.08 -33.78 -45.51
C1B FAD P . -25.31 -32.36 -47.43
N9A FAD P . -24.94 -30.95 -47.19
C8A FAD P . -25.80 -29.95 -46.85
N7A FAD P . -25.15 -28.77 -46.69
C5A FAD P . -23.84 -29.01 -46.95
C6A FAD P . -22.61 -28.19 -46.97
N6A FAD P . -22.64 -26.87 -46.68
N1A FAD P . -21.45 -28.82 -47.28
C2A FAD P . -21.42 -30.13 -47.56
N3A FAD P . -22.50 -30.93 -47.57
C4A FAD P . -23.72 -30.44 -47.27
N1 FAD P . -27.40 -27.17 -56.52
C2 FAD P . -27.65 -26.58 -57.72
O2 FAD P . -28.33 -27.20 -58.56
N3 FAD P . -27.19 -25.36 -58.06
C4 FAD P . -26.44 -24.63 -57.23
O4 FAD P . -26.04 -23.50 -57.57
C4X FAD P . -26.13 -25.19 -55.88
N5 FAD P . -25.38 -24.50 -54.99
C5X FAD P . -25.10 -25.03 -53.78
C6 FAD P . -24.33 -24.30 -52.88
C7 FAD P . -24.03 -24.84 -51.63
C7M FAD P . -23.19 -24.05 -50.67
C8 FAD P . -24.53 -26.19 -51.26
C8M FAD P . -24.22 -26.77 -49.90
C9 FAD P . -25.30 -26.91 -52.15
C9A FAD P . -25.61 -26.38 -53.40
N10 FAD P . -26.40 -27.12 -54.32
C10 FAD P . -26.66 -26.54 -55.57
C1' FAD P . -26.88 -28.46 -53.94
C2' FAD P . -28.40 -28.54 -53.85
O2' FAD P . -28.91 -27.37 -53.18
C3' FAD P . -28.81 -29.78 -53.06
O3' FAD P . -28.06 -29.83 -51.84
C4' FAD P . -28.54 -31.08 -53.81
O4' FAD P . -29.43 -31.20 -54.93
C5' FAD P . -28.73 -32.27 -52.88
O5' FAD P . -30.07 -32.28 -52.38
P FAD P . -30.87 -33.68 -52.27
O1P FAD P . -32.33 -33.41 -51.97
O2P FAD P . -30.73 -34.42 -53.57
O3P FAD P . -30.28 -34.57 -51.07
S SO4 Q . -46.25 -35.91 -57.04
O1 SO4 Q . -45.44 -35.36 -58.18
O2 SO4 Q . -46.55 -37.36 -57.28
O3 SO4 Q . -45.48 -35.77 -55.76
O4 SO4 Q . -47.53 -35.14 -56.93
S SO4 R . -41.55 -11.21 -50.62
O1 SO4 R . -40.44 -10.20 -50.66
O2 SO4 R . -42.59 -10.86 -51.64
O3 SO4 R . -41.00 -12.57 -50.91
O4 SO4 R . -42.18 -11.22 -49.25
C1 GOL S . -31.04 -28.05 -31.65
O1 GOL S . -30.89 -28.50 -33.00
C2 GOL S . -29.70 -27.95 -30.94
O2 GOL S . -29.20 -26.63 -31.04
C3 GOL S . -28.68 -28.94 -31.45
O3 GOL S . -27.38 -28.68 -30.92
FE1 SF4 T . -16.23 -25.30 -53.11
FE2 SF4 T . -16.27 -24.11 -55.57
FE3 SF4 T . -16.70 -22.60 -53.32
FE4 SF4 T . -18.60 -24.38 -54.15
S1 SF4 T . -17.89 -22.53 -55.26
S2 SF4 T . -17.84 -24.10 -52.03
S3 SF4 T . -17.29 -26.06 -54.98
S4 SF4 T . -14.78 -23.72 -53.87
S SO4 U . 0.23 -45.22 -59.65
O1 SO4 U . -0.85 -44.50 -58.91
O2 SO4 U . -0.17 -45.40 -61.09
O3 SO4 U . 1.50 -44.42 -59.58
O4 SO4 U . 0.46 -46.57 -59.03
FE1 SF4 V . 10.37 -41.80 -37.85
FE2 SF4 V . 11.27 -39.57 -39.17
FE3 SF4 V . 8.59 -39.91 -38.71
FE4 SF4 V . 9.88 -41.50 -40.53
S1 SF4 V . 9.58 -39.25 -40.66
S2 SF4 V . 8.40 -42.18 -38.94
S3 SF4 V . 11.92 -41.72 -39.54
S4 SF4 V . 10.22 -39.65 -37.14
FE1 SF4 W . 2.07 -30.18 -38.56
FE2 SF4 W . 0.65 -30.43 -40.88
FE3 SF4 W . -0.01 -31.96 -38.71
FE4 SF4 W . 2.30 -32.44 -40.08
S1 SF4 W . 0.17 -32.66 -40.87
S2 SF4 W . 2.06 -32.34 -37.82
S3 SF4 W . 2.91 -30.32 -40.67
S4 SF4 W . -0.14 -29.69 -38.88
FE1 SF4 X . -7.27 -27.22 -45.54
FE2 SF4 X . -8.31 -25.00 -46.73
FE3 SF4 X . -8.81 -27.49 -47.76
FE4 SF4 X . -6.31 -26.43 -47.97
S1 SF4 X . -8.20 -25.62 -48.93
S2 SF4 X . -6.86 -28.55 -47.34
S3 SF4 X . -6.20 -25.27 -46.00
S4 SF4 X . -9.47 -26.68 -45.73
S SO4 Y . -27.43 1.58 -14.83
O1 SO4 Y . -27.27 2.93 -15.27
O2 SO4 Y . -26.19 0.86 -15.01
O3 SO4 Y . -27.79 1.56 -13.45
O4 SO4 Y . -28.46 0.94 -15.61
S SO4 Z . -20.60 -14.22 -33.47
O1 SO4 Z . -19.45 -13.39 -33.99
O2 SO4 Z . -21.83 -13.38 -33.46
O3 SO4 Z . -20.27 -14.70 -32.09
O4 SO4 Z . -20.81 -15.40 -34.38
S SO4 AA . -23.99 30.54 -33.74
O1 SO4 AA . -22.66 30.75 -33.08
O2 SO4 AA . -24.73 29.42 -33.07
O3 SO4 AA . -23.79 30.22 -35.18
O4 SO4 AA . -24.81 31.80 -33.62
C1 GOL BA . 15.44 8.02 -21.85
O1 GOL BA . 14.81 6.74 -21.93
C2 GOL BA . 14.80 8.91 -20.82
O2 GOL BA . 13.64 9.53 -21.35
C3 GOL BA . 15.73 9.95 -20.24
O3 GOL BA . 16.81 9.34 -19.53
C1 GOL CA . -22.01 -16.46 -26.97
O1 GOL CA . -21.52 -17.20 -28.08
C2 GOL CA . -21.68 -17.14 -25.66
O2 GOL CA . -20.76 -18.20 -25.86
C3 GOL CA . -21.15 -16.18 -24.60
O3 GOL CA . -20.66 -16.88 -23.47
C1 GOL DA . -21.64 -16.68 -16.33
O1 GOL DA . -21.12 -15.53 -17.01
C2 GOL DA . -21.75 -16.43 -14.84
O2 GOL DA . -21.04 -17.44 -14.12
C3 GOL DA . -21.29 -15.06 -14.42
O3 GOL DA . -21.44 -14.86 -13.02
C1 GOL EA . -12.53 20.22 -47.23
O1 GOL EA . -11.14 20.35 -47.54
C2 GOL EA . -12.87 20.89 -45.92
O2 GOL EA . -13.25 22.25 -46.16
C3 GOL EA . -13.94 20.17 -45.13
O3 GOL EA . -13.59 18.81 -44.90
C1 GOL FA . -23.25 26.14 -49.61
O1 GOL FA . -22.78 24.79 -49.62
C2 GOL FA . -22.19 27.09 -49.07
O2 GOL FA . -22.51 27.45 -47.74
C3 GOL FA . -20.79 26.54 -49.16
O3 GOL FA . -19.92 27.19 -48.24
C1 GOL GA . -2.18 31.43 -38.40
O1 GOL GA . -2.25 31.05 -39.78
C2 GOL GA . -1.60 32.82 -38.24
O2 GOL GA . -2.07 33.42 -37.04
C3 GOL GA . -0.09 32.87 -38.29
O3 GOL GA . 0.49 32.46 -37.05
C1 GOL HA . -35.39 1.74 -46.64
O1 GOL HA . -36.47 1.13 -47.34
C2 GOL HA . -34.13 0.91 -46.73
O2 GOL HA . -33.67 0.85 -48.08
C3 GOL HA . -33.02 1.38 -45.81
O3 GOL HA . -32.12 2.25 -46.50
FE NFU IA . -8.30 2.80 -28.26
NI NFU IA . -6.41 3.32 -30.05
C1 NFU IA . -7.83 4.24 -27.21
N1 NFU IA . -7.54 5.10 -26.47
C2 NFU IA . -9.69 3.65 -29.07
N2 NFU IA . -10.63 4.13 -29.52
C3 NFU IA . -8.61 1.46 -27.04
O3 NFU IA . -8.78 0.63 -26.15
PA FAD JA . 37.96 -11.72 -13.69
O1A FAD JA . 38.45 -13.14 -13.50
O2A FAD JA . 37.94 -10.98 -12.37
O5B FAD JA . 36.46 -11.77 -14.27
C5B FAD JA . 36.08 -12.77 -15.20
C4B FAD JA . 34.81 -12.31 -15.91
O4B FAD JA . 34.51 -13.17 -17.00
C3B FAD JA . 33.60 -12.34 -14.98
O3B FAD JA . 33.17 -11.02 -14.68
C2B FAD JA . 32.52 -13.14 -15.69
O2B FAD JA . 31.35 -12.33 -15.84
C1B FAD JA . 33.11 -13.42 -17.08
N9A FAD JA . 32.85 -14.83 -17.45
C8A FAD JA . 33.24 -15.92 -16.77
N7A FAD JA . 32.83 -17.06 -17.40
C5A FAD JA . 32.15 -16.69 -18.50
C6A FAD JA . 31.46 -17.37 -19.61
N6A FAD JA . 31.39 -18.73 -19.67
N1A FAD JA . 30.88 -16.61 -20.56
C2A FAD JA . 30.93 -15.27 -20.52
N3A FAD JA . 31.55 -14.58 -19.55
C4A FAD JA . 32.17 -15.22 -18.53
N1 FAD JA . 41.81 -15.82 -22.29
C2 FAD JA . 42.93 -16.02 -23.04
O2 FAD JA . 43.91 -15.25 -22.89
N3 FAD JA . 43.02 -16.99 -23.96
C4 FAD JA . 42.03 -17.85 -24.19
O4 FAD JA . 42.15 -18.75 -25.06
C4X FAD JA . 40.78 -17.71 -23.41
N5 FAD JA . 39.73 -18.54 -23.59
C5X FAD JA . 38.61 -18.40 -22.87
C6 FAD JA . 37.54 -19.27 -23.08
C7 FAD JA . 36.37 -19.13 -22.34
C7M FAD JA . 35.23 -20.07 -22.57
C8 FAD JA . 36.25 -18.06 -21.33
C8M FAD JA . 34.98 -17.91 -20.53
C9 FAD JA . 37.32 -17.18 -21.12
C9A FAD JA . 38.49 -17.31 -21.85
N10 FAD JA . 39.57 -16.43 -21.65
C10 FAD JA . 40.74 -16.62 -22.42
C1' FAD JA . 39.49 -15.35 -20.65
C2' FAD JA . 40.13 -15.76 -19.34
O2' FAD JA . 39.74 -17.09 -18.99
C3' FAD JA . 39.73 -14.79 -18.23
O3' FAD JA . 38.33 -14.96 -17.96
C4' FAD JA . 39.97 -13.35 -18.64
O4' FAD JA . 41.38 -13.14 -18.86
C5' FAD JA . 39.48 -12.39 -17.57
O5' FAD JA . 40.04 -12.72 -16.30
P FAD JA . 40.31 -11.58 -15.21
O1P FAD JA . 41.03 -12.19 -14.02
O2P FAD JA . 41.16 -10.49 -15.82
O3P FAD JA . 38.91 -10.95 -14.73
S SO4 KA . 21.85 -33.83 -16.90
O1 SO4 KA . 22.39 -35.08 -16.27
O2 SO4 KA . 21.57 -34.10 -18.35
O3 SO4 KA . 22.86 -32.74 -16.78
O4 SO4 KA . 20.58 -33.43 -16.22
S SO4 LA . 28.98 3.61 -34.92
O1 SO4 LA . 29.29 4.65 -35.86
O2 SO4 LA . 28.79 4.18 -33.62
O3 SO4 LA . 30.07 2.67 -34.88
O4 SO4 LA . 27.78 2.93 -35.33
S SO4 MA . 53.50 -9.50 -5.95
O1 SO4 MA . 53.66 -8.03 -6.06
O2 SO4 MA . 53.69 -10.14 -7.29
O3 SO4 MA . 54.53 -10.04 -4.99
O4 SO4 MA . 52.13 -9.83 -5.44
FE1 SF4 NA . 32.22 -17.48 -29.25
FE2 SF4 NA . 34.28 -17.98 -30.97
FE3 SF4 NA . 33.08 -20.06 -29.65
FE4 SF4 NA . 34.65 -18.29 -28.27
S1 SF4 NA . 35.32 -19.72 -29.92
S2 SF4 NA . 32.60 -19.07 -27.65
S3 SF4 NA . 34.19 -16.35 -29.37
S4 SF4 NA . 32.12 -18.68 -31.20
FE1 SF4 OA . 1.47 -2.36 -35.31
FE2 SF4 OA . 1.94 -4.06 -37.41
FE3 SF4 OA . 3.43 -4.26 -35.11
FE4 SF4 OA . 3.77 -2.12 -36.78
S1 SF4 OA . 4.21 -4.30 -37.25
S2 SF4 OA . 3.57 -2.06 -34.50
S3 SF4 OA . 1.62 -1.82 -37.51
S4 SF4 OA . 1.19 -4.63 -35.33
FE1 SF4 PA . 8.84 -14.37 -32.69
FE2 SF4 PA . 11.48 -13.82 -33.05
FE3 SF4 PA . 10.19 -12.93 -30.81
FE4 SF4 PA . 9.65 -11.81 -33.22
S1 SF4 PA . 11.63 -11.75 -32.12
S2 SF4 PA . 8.13 -12.46 -31.64
S3 SF4 PA . 9.83 -13.62 -34.60
S4 SF4 PA . 10.56 -15.10 -31.41
FE1 SF4 QA . 20.46 -16.41 -30.86
FE2 SF4 QA . 22.27 -18.37 -31.36
FE3 SF4 QA . 23.12 -15.83 -30.77
FE4 SF4 QA . 21.91 -16.34 -33.17
S1 SF4 QA . 23.91 -17.17 -32.43
S2 SF4 QA . 21.50 -14.59 -31.77
S3 SF4 QA . 20.39 -17.92 -32.56
S4 SF4 QA . 21.98 -17.26 -29.40
S SO4 RA . -7.66 -13.73 59.78
O1 SO4 RA . -8.28 -12.70 58.89
O2 SO4 RA . -8.75 -14.30 60.65
O3 SO4 RA . -6.61 -13.09 60.63
O4 SO4 RA . -7.06 -14.81 58.94
S SO4 SA . -16.15 9.33 53.80
O1 SO4 SA . -17.09 10.21 53.03
O2 SO4 SA . -16.83 8.87 55.07
O3 SO4 SA . -15.80 8.14 52.95
O4 SO4 SA . -14.91 10.08 54.14
C1 GOL TA . 9.30 7.91 26.70
O1 GOL TA . 10.28 8.80 27.16
C2 GOL TA . 8.41 7.47 27.86
O2 GOL TA . 7.82 8.61 28.43
C3 GOL TA . 7.36 6.49 27.39
O3 GOL TA . 7.97 5.22 27.25
C1 GOL UA . 26.07 9.01 41.91
O1 GOL UA . 25.56 10.19 42.54
C2 GOL UA . 26.76 8.10 42.90
O2 GOL UA . 26.20 8.28 44.21
C3 GOL UA . 28.26 8.28 42.94
O3 GOL UA . 28.93 7.02 43.09
C1 GOL VA . -17.81 2.03 46.33
O1 GOL VA . -17.97 0.89 45.49
C2 GOL VA . -17.57 1.64 47.76
O2 GOL VA . -16.33 0.93 47.87
C3 GOL VA . -17.58 2.81 48.72
O3 GOL VA . -17.35 2.40 50.07
FE NFU WA . 4.74 5.96 55.81
NI NFU WA . 6.26 8.12 55.78
C1 NFU WA . 6.21 4.95 56.13
N1 NFU WA . 7.12 4.28 56.35
C2 NFU WA . 4.25 5.95 57.56
N2 NFU WA . 3.87 5.88 58.63
C3 NFU WA . 3.91 4.93 54.57
O3 NFU WA . 3.37 4.21 53.75
PA FAD XA . 29.27 16.43 12.98
O1A FAD XA . 30.16 15.21 12.96
O2A FAD XA . 28.67 16.68 11.61
O5B FAD XA . 28.07 16.20 14.02
C5B FAD XA . 27.19 17.31 14.28
C4B FAD XA . 26.44 17.03 15.57
O4B FAD XA . 25.45 18.04 15.78
C3B FAD XA . 25.73 15.70 15.50
O3B FAD XA . 26.28 14.81 16.47
C2B FAD XA . 24.28 16.00 15.83
O2B FAD XA . 23.88 15.19 16.93
C1B FAD XA . 24.23 17.46 16.23
N9A FAD XA . 23.06 18.14 15.59
C8A FAD XA . 22.69 18.05 14.30
N7A FAD XA . 21.59 18.80 14.06
C5A FAD XA . 21.23 19.39 15.22
C6A FAD XA . 20.17 20.31 15.67
N6A FAD XA . 19.22 20.75 14.81
N1A FAD XA . 20.16 20.68 16.96
C2A FAD XA . 21.10 20.24 17.83
N3A FAD XA . 22.09 19.41 17.49
C4A FAD XA . 22.22 18.95 16.23
N1 FAD XA . 27.58 26.77 11.71
C2 FAD XA . 28.12 27.92 11.24
O2 FAD XA . 29.36 27.98 11.14
N3 FAD XA . 27.38 28.99 10.90
C4 FAD XA . 26.04 28.98 10.99
O4 FAD XA . 25.38 29.99 10.65
C4X FAD XA . 25.37 27.76 11.49
N5 FAD XA . 24.03 27.66 11.62
C5X FAD XA . 23.46 26.52 12.09
C6 FAD XA . 22.07 26.45 12.22
C7 FAD XA . 21.47 25.28 12.70
C7M FAD XA . 19.97 25.21 12.83
C8 FAD XA . 22.31 24.13 13.08
C8M FAD XA . 21.66 22.87 13.60
C9 FAD XA . 23.69 24.19 12.96
C9A FAD XA . 24.29 25.35 12.48
N10 FAD XA . 25.69 25.43 12.35
C10 FAD XA . 26.25 26.62 11.86
C1' FAD XA . 26.52 24.28 12.74
C2' FAD XA . 27.14 23.60 11.53
O2' FAD XA . 26.17 23.50 10.49
C3' FAD XA . 27.60 22.20 11.94
O3' FAD XA . 26.49 21.52 12.51
C4' FAD XA . 28.72 22.23 12.97
O4' FAD XA . 29.93 22.71 12.37
C5' FAD XA . 28.96 20.83 13.51
O5' FAD XA . 29.29 19.97 12.43
P FAD XA . 30.52 18.93 12.55
O1P FAD XA . 30.87 18.40 11.19
O2P FAD XA . 31.69 19.66 13.16
O3P FAD XA . 30.12 17.70 13.50
S SO4 YA . 42.60 16.28 1.54
O1 SO4 YA . 41.81 15.20 2.20
O2 SO4 YA . 44.04 16.17 1.95
O3 SO4 YA . 42.49 16.15 0.05
O4 SO4 YA . 42.07 17.62 1.96
FE1 SF4 ZA . 18.81 28.98 19.42
FE2 SF4 ZA . 19.79 31.42 18.75
FE3 SF4 ZA . 17.68 30.39 17.37
FE4 SF4 ZA . 20.16 29.31 17.04
S1 SF4 ZA . 19.50 31.41 16.48
S2 SF4 ZA . 18.21 28.18 17.37
S3 SF4 ZA . 21.00 29.54 19.15
S4 SF4 ZA . 17.72 30.96 19.59
FE1 SF4 AB . 6.74 17.63 50.08
FE2 SF4 AB . 5.76 20.09 49.41
FE3 SF4 AB . 7.13 18.62 47.55
FE4 SF4 AB . 8.47 19.70 49.67
S1 SF4 AB . 7.40 20.83 47.99
S2 SF4 AB . 8.68 17.59 48.87
S3 SF4 AB . 6.90 19.54 51.31
S4 SF4 AB . 5.13 18.09 48.54
FE1 SF4 BB . 4.04 21.22 36.53
FE2 SF4 BB . 6.23 22.56 35.57
FE3 SF4 BB . 6.30 19.84 35.85
FE4 SF4 BB . 6.29 21.45 38.07
S1 SF4 BB . 7.92 21.33 36.47
S2 SF4 BB . 5.04 19.58 37.74
S3 SF4 BB . 4.93 23.14 37.35
S4 SF4 BB . 4.97 21.02 34.44
FE1 SF4 CB . 11.05 25.06 27.70
FE2 SF4 CB . 10.82 26.72 25.54
FE3 SF4 CB . 13.30 25.99 26.45
FE4 SF4 CB . 11.74 27.69 27.94
S1 SF4 CB . 12.61 28.09 25.87
S2 SF4 CB . 12.92 25.90 28.70
S3 SF4 CB . 9.67 26.86 27.50
S4 SF4 CB . 11.72 24.62 25.57
S SO4 DB . 1.81 17.48 8.85
O1 SO4 DB . 0.92 16.94 7.77
O2 SO4 DB . 1.69 16.59 10.07
O3 SO4 DB . 3.23 17.49 8.37
O4 SO4 DB . 1.39 18.87 9.20
S SO4 EB . -13.95 51.06 -15.51
O1 SO4 EB . -15.18 50.21 -15.52
O2 SO4 EB . -12.87 50.39 -16.29
O3 SO4 EB . -14.26 52.39 -16.13
O4 SO4 EB . -13.49 51.26 -14.09
S SO4 FB . -16.37 8.82 -6.85
O1 SO4 FB . -17.10 7.58 -7.25
O2 SO4 FB . -14.89 8.59 -6.95
O3 SO4 FB . -16.77 9.94 -7.77
O4 SO4 FB . -16.75 9.18 -5.45
S SO4 GB . -29.38 8.48 5.72
O1 SO4 GB . -28.64 9.29 6.74
O2 SO4 GB . -30.56 9.26 5.22
O3 SO4 GB . -28.46 8.18 4.57
O4 SO4 GB . -29.85 7.20 6.34
S SO4 HB . -36.57 32.23 22.69
O1 SO4 HB . -35.49 33.09 23.09
O2 SO4 HB . -37.78 33.00 22.59
O3 SO4 HB . -36.27 31.64 21.41
O4 SO4 HB . -36.75 31.19 23.67
C1 GOL IB . -31.74 0.19 17.68
O1 GOL IB . -33.06 0.03 17.22
C2 GOL IB . -31.16 1.46 17.09
O2 GOL IB . -30.99 1.27 15.70
C3 GOL IB . -29.85 1.83 17.77
O3 GOL IB . -30.15 2.48 19.00
C1 GOL JB . -1.74 8.68 10.17
O1 GOL JB . -2.65 7.95 9.33
C2 GOL JB . -0.83 9.56 9.34
O2 GOL JB . -1.60 10.43 8.50
C3 GOL JB . 0.14 10.38 10.18
O3 GOL JB . 0.90 11.28 9.37
C1 GOL KB . -40.59 2.78 25.64
O1 GOL KB . -39.71 1.79 26.16
C2 GOL KB . -40.43 4.10 26.36
O2 GOL KB . -41.60 4.91 26.19
C3 GOL KB . -39.20 4.87 25.93
O3 GOL KB . -38.10 3.99 25.65
C1 GOL LB . 5.41 32.94 -10.83
O1 GOL LB . 5.42 32.03 -9.72
C2 GOL LB . 6.02 34.27 -10.45
O2 GOL LB . 4.99 35.19 -10.03
C3 GOL LB . 7.10 34.18 -9.41
O3 GOL LB . 6.94 35.16 -8.38
FE NFU MB . -17.70 26.43 8.39
NI NFU MB . -17.83 28.73 9.59
C1 NFU MB . -19.45 26.55 7.86
N1 NFU MB . -20.55 26.64 7.51
C2 NFU MB . -17.09 27.05 6.79
N2 NFU MB . -16.65 27.51 5.83
C3 NFU MB . -17.61 24.66 8.91
O3 NFU MB . -17.59 23.49 9.22
PA FAD NB . -40.15 23.55 53.67
O1A FAD NB . -41.43 22.94 53.17
O2A FAD NB . -39.68 22.87 54.93
O5B FAD NB . -39.03 23.38 52.54
C5B FAD NB . -37.66 23.70 52.81
C4B FAD NB . -36.93 23.86 51.48
O4B FAD NB . -35.57 24.23 51.70
C3B FAD NB . -36.93 22.56 50.70
O3B FAD NB . -37.78 22.66 49.57
C2B FAD NB . -35.48 22.33 50.28
O2B FAD NB . -35.38 22.27 48.85
C1B FAD NB . -34.71 23.54 50.79
N9A FAD NB . -33.48 23.10 51.48
C8A FAD NB . -33.40 22.21 52.49
N7A FAD NB . -32.10 22.04 52.88
C5A FAD NB . -31.34 22.85 52.12
C6A FAD NB . -29.90 23.17 52.01
N6A FAD NB . -28.99 22.58 52.81
N1A FAD NB . -29.53 24.07 51.07
C2A FAD NB . -30.42 24.66 50.26
N3A FAD NB . -31.74 24.42 50.31
C4A FAD NB . -32.25 23.54 51.20
N1 FAD NB . -34.16 29.48 59.58
C2 FAD NB . -34.11 30.30 60.66
O2 FAD NB . -35.16 30.90 61.01
N3 FAD NB . -33.00 30.53 61.36
C4 FAD NB . -31.83 29.94 61.05
O4 FAD NB . -30.80 30.16 61.72
C4X FAD NB . -31.79 29.01 59.89
N5 FAD NB . -30.67 28.39 59.52
C5X FAD NB . -30.66 27.56 58.45
C6 FAD NB . -29.47 26.92 58.08
C7 FAD NB . -29.46 26.07 56.99
C7M FAD NB . -28.18 25.37 56.60
C8 FAD NB . -30.69 25.83 56.22
C8M FAD NB . -30.67 24.89 55.03
C9 FAD NB . -31.88 26.45 56.58
C9A FAD NB . -31.90 27.32 57.67
N10 FAD NB . -33.09 27.96 58.04
C10 FAD NB . -33.06 28.82 59.16
C1' FAD NB . -34.33 27.75 57.30
C2' FAD NB . -35.20 26.73 58.02
O2' FAD NB . -34.41 25.63 58.45
C3' FAD NB . -36.30 26.24 57.10
O3' FAD NB . -35.72 25.43 56.06
C4' FAD NB . -37.05 27.41 56.45
O4' FAD NB . -37.79 28.11 57.45
C5' FAD NB . -38.00 26.90 55.38
O5' FAD NB . -38.81 25.85 55.91
P FAD NB . -40.35 25.71 55.46
O1P FAD NB . -41.04 24.76 56.40
O2P FAD NB . -41.00 27.07 55.48
O3P FAD NB . -40.39 25.11 53.95
S SO4 OB . -53.67 23.48 64.48
O1 SO4 OB . -54.61 23.50 63.31
O2 SO4 OB . -52.33 22.94 64.03
O3 SO4 OB . -54.23 22.59 65.55
O4 SO4 OB . -53.50 24.87 65.01
FE1 SF4 PB . -24.23 30.81 53.07
FE2 SF4 PB . -23.81 32.69 54.99
FE3 SF4 PB . -22.81 30.16 55.30
FE4 SF4 PB . -25.51 30.59 55.48
S1 SF4 PB . -23.89 31.40 56.88
S2 SF4 PB . -24.47 28.94 54.32
S3 SF4 PB . -25.78 32.25 53.95
S4 SF4 PB . -22.23 31.67 53.70
FE1 SF4 QB . -14.78 32.90 19.55
FE2 SF4 QB . -12.75 33.84 21.12
FE3 SF4 QB . -14.77 32.38 22.25
FE4 SF4 QB . -15.26 34.92 21.35
S1 SF4 QB . -13.89 34.31 23.06
S2 SF4 QB . -16.55 33.07 20.99
S3 SF4 QB . -13.88 35.00 19.52
S4 SF4 QB . -13.24 31.67 20.70
FE1 SF4 RB . -12.59 27.14 32.53
FE2 SF4 RB . -14.06 28.68 34.25
FE3 SF4 RB . -15.30 26.86 32.64
FE4 SF4 RB . -14.21 29.13 31.57
S1 SF4 RB . -15.95 29.01 33.03
S2 SF4 RB . -14.01 27.01 30.76
S3 SF4 RB . -12.39 29.38 32.91
S4 SF4 RB . -13.82 26.41 34.30
FE1 SF4 SB . -18.18 28.58 43.04
FE2 SF4 SB . -17.38 28.56 45.65
FE3 SF4 SB . -19.76 29.72 44.94
FE4 SF4 SB . -17.41 30.91 44.24
S1 SF4 SB . -18.17 30.58 46.34
S2 SF4 SB . -19.24 30.59 42.91
S3 SF4 SB . -16.10 29.08 43.84
S4 SF4 SB . -19.20 27.51 44.78
#